data_6ZOC
#
_entry.id   6ZOC
#
_cell.length_a   145.327
_cell.length_b   161.26
_cell.length_c   244.023
_cell.angle_alpha   90
_cell.angle_beta   90
_cell.angle_gamma   90
#
_symmetry.space_group_name_H-M   'P 21 21 21'
#
loop_
_entity.id
_entity.type
_entity.pdbx_description
1 polymer 'Multidrug efflux pump subunit AcrB'
2 polymer DARPIN
3 non-polymer TETRADECANE
4 non-polymer DODECYL-BETA-D-MALTOSIDE
5 non-polymer 'ERYTHROMYCIN A'
6 non-polymer 1,2-ETHANEDIOL
7 non-polymer GLYCEROL
8 non-polymer DODECANE
9 non-polymer N-OCTANE
10 non-polymer HEXANE
11 non-polymer '(2S,12Z,14E,16S,17S,18R,19R,20R,21S,22R,23S,24E)-8-formyl-5,6,9,17,19-pentahydroxy-23-methoxy-2,4,12,16,18,20,22-heptam ethyl-1,11-dioxo-1,2-dihydro-2,7-(epoxypentadeca[1,11,13]trienoimino)naphtho[2,1-b]furan-21-yl acetate'
12 non-polymer DECYLAMINE-N,N-DIMETHYL-N-OXIDE
13 non-polymer 'SULFATE ION'
14 non-polymer 'TETRAETHYLENE GLYCOL'
15 non-polymer PHOSPHATIDYLETHANOLAMINE
16 water water
#
loop_
_entity_poly.entity_id
_entity_poly.type
_entity_poly.pdbx_seq_one_letter_code
_entity_poly.pdbx_strand_id
1 'polypeptide(L)'
;MPNFFIDRPIFAWVIAIIIMLAGGLAILKLPVAQYPTIAPPAVTISASYPGADAKTVQDTVTQVIEQNMNGIDNLMYMSS
NSDSTGTVQITLTFESGTDADIAQVQVQNKLQLAMPLLPQEVQQQGVSVEKSSSSFLMVVGVINTDGTMTQEDISDYVAA
NMKDAISRTSGVGDVQLFGSQYAMRIWMNPNELNKFQLTPVDVITAIKAQNAQVAAGQLGGTPPVKGQQLNASIIAQTRL
TSTEEFGKILLKVNQDGSRVLLRDVAKIELGGENYDIIAEFNGQPASGLGIKLATGANALDTAAAIRAELAKMEPFFPSG
LKIVYPYDTTPFVKISIHEVVKTLVEAIILVFLVMYLFLQNFRATLIPTIAVPVVLLGTFAVLAAFGFSINTLTMFGMVL
AIGLLVDDAIVVVENVERVMAEEGLPPKEATRKSMGQIQGALVGIAMVLSAVFVPMAFFGGSTGAIYRQFSITIVSAMAL
SVLVALILTPALCATMLKPIAKGDHGEGKKGFFGWFNRMFEKSTHHYTDSVGGILRSTGRYLVLYLIIVVGMAYLFVRLP
SSFLPDEDQGVFMTMVQLPAGATQERTQKVLNEVTHYYLTKEKNNVESVFAVNGFPFAGRGQNTGIAFVSLKDWADRPGE
ENKVEAITMRATRAFSQIKDAMVFAFNLPAIVELGTATGFDFELIDQAGLGHEKLTQARNQLLAEAAKHPDMLTSVRPNG
LEDTPQFKIDIDQEKAQALGVSINDINTTLGAAWGGSYVNDFIDRGRVKKVYVMSEAKYRMLPDDIGDWYVRAADGQMVP
FSAFSSSRWEYGSPRLERYNGLPSMEILGQAAPGKSTGEAMELMEQLASKLPTGVGYDWTGMSYQERLSGNQAPSLYAIS
LIVVFLCLAALYESWSIPFSVMLVVPLGVIGALLAATFRGLTNDVYFQVGLLTTIGLSAKNAILIVEFAKDLMDKEGKGL
IEATLDAVRMRLRPILMTSLAFILGVMPLVISTGAGSGAQNAVGTGVMGGMVTATVLAIFFVPVFFVVVRRRFSRKNEDI
EHSHTVDHHLEHHHHHH
;
A,B,C
2 'polypeptide(L)'
;MRGSHHHHHHGSDLGKKLLEAARAGRDDEVRILMANGADVNAADVVGWTPLHLAAYWGHLEIVEVLLKNGADVNAYDTLG
STPLHLAAHFGHLEIVEVLLKNGADVNAKDDNGITPLHLAANRGHLEIVEVLLKYGADVNAQDKFGKTAFDISINNGNED
LAEILQKLN
;
D,E
#
# COMPACT_ATOMS: atom_id res chain seq x y z
N MET A 1 26.40 -40.71 -1.86
CA MET A 1 25.84 -40.11 -0.66
C MET A 1 25.28 -41.13 0.35
N PRO A 2 24.54 -42.19 -0.07
CA PRO A 2 24.02 -43.15 0.93
C PRO A 2 25.12 -43.85 1.70
N ASN A 3 26.27 -44.11 1.05
CA ASN A 3 27.42 -44.77 1.69
C ASN A 3 28.03 -43.90 2.80
N PHE A 4 27.96 -42.57 2.66
CA PHE A 4 28.45 -41.63 3.67
C PHE A 4 27.58 -41.72 4.92
N PHE A 5 26.26 -41.83 4.74
CA PHE A 5 25.33 -41.91 5.86
C PHE A 5 25.18 -43.32 6.45
N ILE A 6 25.66 -44.36 5.76
CA ILE A 6 25.63 -45.71 6.31
C ILE A 6 26.68 -45.82 7.42
N ASP A 7 27.88 -45.24 7.19
CA ASP A 7 28.95 -45.21 8.18
C ASP A 7 28.67 -44.17 9.30
N ARG A 8 27.85 -43.15 9.01
CA ARG A 8 27.51 -42.11 9.98
C ARG A 8 25.99 -42.06 10.24
N PRO A 9 25.44 -42.97 11.07
CA PRO A 9 23.99 -42.95 11.32
C PRO A 9 23.52 -41.76 12.16
N ILE A 10 24.39 -41.22 13.02
CA ILE A 10 24.03 -40.07 13.85
C ILE A 10 23.94 -38.79 13.02
N PHE A 11 24.77 -38.66 11.97
CA PHE A 11 24.71 -37.51 11.06
C PHE A 11 23.35 -37.50 10.34
N ALA A 12 22.90 -38.69 9.88
CA ALA A 12 21.62 -38.83 9.20
C ALA A 12 20.46 -38.53 10.15
N TRP A 13 20.57 -38.96 11.41
CA TRP A 13 19.55 -38.71 12.41
C TRP A 13 19.45 -37.22 12.73
N VAL A 14 20.60 -36.54 12.80
CA VAL A 14 20.64 -35.10 13.06
C VAL A 14 19.93 -34.34 11.95
N ILE A 15 20.13 -34.74 10.69
CA ILE A 15 19.48 -34.13 9.55
C ILE A 15 17.96 -34.30 9.63
N ALA A 16 17.50 -35.50 9.97
CA ALA A 16 16.08 -35.78 10.11
C ALA A 16 15.47 -34.96 11.25
N ILE A 17 16.20 -34.82 12.36
CA ILE A 17 15.73 -34.05 13.51
C ILE A 17 15.65 -32.55 13.18
N ILE A 18 16.62 -32.03 12.43
CA ILE A 18 16.62 -30.61 12.01
C ILE A 18 15.47 -30.35 11.02
N ILE A 19 15.20 -31.31 10.12
CA ILE A 19 14.09 -31.20 9.16
C ILE A 19 12.74 -31.21 9.91
N MET A 20 12.61 -32.07 10.93
CA MET A 20 11.40 -32.14 11.73
C MET A 20 11.24 -30.90 12.62
N LEU A 21 12.35 -30.30 13.06
CA LEU A 21 12.36 -29.09 13.88
C LEU A 21 11.88 -27.92 13.02
N ALA A 22 12.40 -27.81 11.78
CA ALA A 22 12.01 -26.74 10.85
C ALA A 22 10.53 -26.86 10.47
N GLY A 23 10.06 -28.08 10.30
CA GLY A 23 8.67 -28.35 9.97
C GLY A 23 7.73 -28.07 11.12
N GLY A 24 8.18 -28.37 12.33
CA GLY A 24 7.41 -28.12 13.54
C GLY A 24 7.28 -26.63 13.80
N LEU A 25 8.39 -25.89 13.62
CA LEU A 25 8.39 -24.44 13.77
C LEU A 25 7.51 -23.78 12.71
N ALA A 26 7.47 -24.35 11.50
CA ALA A 26 6.65 -23.83 10.41
C ALA A 26 5.16 -23.92 10.75
N ILE A 27 4.71 -25.05 11.32
CA ILE A 27 3.30 -25.24 11.69
C ILE A 27 2.82 -24.18 12.69
N LEU A 28 3.66 -23.82 13.65
CA LEU A 28 3.32 -22.82 14.67
C LEU A 28 3.24 -21.39 14.10
N LYS A 29 3.87 -21.13 12.93
CA LYS A 29 3.88 -19.79 12.33
C LYS A 29 3.19 -19.72 10.94
N LEU A 30 2.58 -20.81 10.48
CA LEU A 30 1.94 -20.83 9.16
C LEU A 30 0.49 -20.40 9.22
N PRO A 31 0.05 -19.52 8.31
CA PRO A 31 -1.34 -19.09 8.32
C PRO A 31 -2.29 -20.23 7.95
N VAL A 32 -3.42 -20.34 8.66
CA VAL A 32 -4.37 -21.40 8.39
C VAL A 32 -5.66 -20.85 7.77
N ALA A 33 -6.05 -21.40 6.63
CA ALA A 33 -7.26 -20.99 5.91
C ALA A 33 -7.92 -22.23 5.25
N GLN A 34 -9.16 -22.09 4.72
CA GLN A 34 -9.82 -23.22 4.07
C GLN A 34 -9.29 -23.37 2.65
N TYR A 35 -9.23 -22.26 1.91
CA TYR A 35 -8.72 -22.24 0.53
C TYR A 35 -7.86 -20.98 0.33
N PRO A 36 -6.91 -21.00 -0.63
CA PRO A 36 -6.13 -19.77 -0.91
C PRO A 36 -7.00 -18.63 -1.49
N THR A 37 -6.45 -17.42 -1.57
CA THR A 37 -7.20 -16.27 -2.08
C THR A 37 -7.52 -16.40 -3.57
N ILE A 38 -8.79 -16.65 -3.87
CA ILE A 38 -9.28 -16.83 -5.24
C ILE A 38 -10.02 -15.57 -5.72
N ALA A 39 -10.79 -14.96 -4.81
CA ALA A 39 -11.59 -13.77 -5.08
C ALA A 39 -10.75 -12.55 -5.46
N PRO A 40 -11.19 -11.79 -6.48
CA PRO A 40 -10.47 -10.57 -6.84
C PRO A 40 -10.79 -9.41 -5.90
N PRO A 41 -9.84 -8.50 -5.66
CA PRO A 41 -10.10 -7.38 -4.73
C PRO A 41 -11.24 -6.47 -5.16
N ALA A 42 -12.03 -5.98 -4.19
CA ALA A 42 -13.14 -5.09 -4.50
C ALA A 42 -13.17 -3.92 -3.53
N VAL A 43 -13.24 -2.69 -4.06
CA VAL A 43 -13.29 -1.48 -3.25
C VAL A 43 -14.70 -0.90 -3.32
N THR A 44 -15.34 -0.66 -2.16
CA THR A 44 -16.71 -0.15 -2.15
C THR A 44 -16.85 1.24 -1.53
N ILE A 45 -17.39 2.19 -2.32
CA ILE A 45 -17.64 3.54 -1.85
C ILE A 45 -19.08 3.63 -1.38
N SER A 46 -19.30 4.06 -0.14
CA SER A 46 -20.64 4.17 0.41
C SER A 46 -20.94 5.60 0.84
N ALA A 47 -22.06 6.16 0.36
CA ALA A 47 -22.44 7.52 0.71
C ALA A 47 -23.88 7.56 1.28
N SER A 48 -24.27 8.66 1.96
CA SER A 48 -25.60 8.76 2.54
C SER A 48 -26.24 10.15 2.45
N TYR A 49 -27.44 10.23 1.87
CA TYR A 49 -28.22 11.46 1.74
C TYR A 49 -29.52 11.22 2.53
N PRO A 50 -29.65 11.80 3.74
CA PRO A 50 -30.85 11.53 4.56
C PRO A 50 -32.16 12.07 3.98
N GLY A 51 -33.12 11.17 3.82
CA GLY A 51 -34.44 11.53 3.29
C GLY A 51 -34.46 11.76 1.79
N ALA A 52 -33.49 11.21 1.06
CA ALA A 52 -33.43 11.38 -0.39
C ALA A 52 -33.85 10.12 -1.11
N ASP A 53 -34.60 10.27 -2.20
CA ASP A 53 -35.07 9.15 -3.01
C ASP A 53 -33.95 8.57 -3.91
N ALA A 54 -34.23 7.46 -4.62
CA ALA A 54 -33.25 6.79 -5.48
C ALA A 54 -32.74 7.67 -6.61
N LYS A 55 -33.56 8.59 -7.14
CA LYS A 55 -33.11 9.46 -8.23
C LYS A 55 -32.30 10.66 -7.73
N THR A 56 -32.67 11.25 -6.57
CA THR A 56 -31.91 12.36 -5.97
C THR A 56 -30.49 11.89 -5.64
N VAL A 57 -30.38 10.68 -5.08
CA VAL A 57 -29.12 10.05 -4.72
C VAL A 57 -28.25 9.76 -5.97
N GLN A 58 -28.87 9.25 -7.03
CA GLN A 58 -28.14 8.92 -8.24
C GLN A 58 -27.67 10.16 -8.99
N ASP A 59 -28.56 11.14 -9.20
CA ASP A 59 -28.23 12.33 -9.97
C ASP A 59 -27.35 13.35 -9.23
N THR A 60 -27.25 13.28 -7.89
CA THR A 60 -26.41 14.21 -7.14
C THR A 60 -25.18 13.58 -6.50
N VAL A 61 -25.19 12.24 -6.34
CA VAL A 61 -24.07 11.56 -5.71
C VAL A 61 -23.46 10.47 -6.61
N THR A 62 -24.25 9.44 -6.97
CA THR A 62 -23.78 8.30 -7.76
C THR A 62 -23.08 8.70 -9.06
N GLN A 63 -23.74 9.54 -9.88
CA GLN A 63 -23.20 9.98 -11.16
C GLN A 63 -21.96 10.86 -10.97
N VAL A 64 -21.98 11.73 -9.95
CA VAL A 64 -20.86 12.61 -9.66
C VAL A 64 -19.59 11.80 -9.31
N ILE A 65 -19.74 10.76 -8.48
CA ILE A 65 -18.62 9.92 -8.09
C ILE A 65 -18.16 9.02 -9.25
N GLU A 66 -19.11 8.39 -9.96
CA GLU A 66 -18.80 7.50 -11.09
C GLU A 66 -17.98 8.19 -12.18
N GLN A 67 -18.28 9.46 -12.46
CA GLN A 67 -17.57 10.22 -13.48
C GLN A 67 -16.11 10.47 -13.08
N ASN A 68 -15.85 10.66 -11.78
CA ASN A 68 -14.50 10.88 -11.28
C ASN A 68 -13.69 9.59 -11.17
N MET A 69 -14.37 8.42 -11.11
CA MET A 69 -13.70 7.12 -11.05
C MET A 69 -13.12 6.76 -12.41
N ASN A 70 -11.92 7.25 -12.70
CA ASN A 70 -11.26 6.99 -13.98
C ASN A 70 -9.75 7.04 -13.83
N GLY A 71 -9.05 6.25 -14.63
CA GLY A 71 -7.60 6.19 -14.56
C GLY A 71 -7.14 5.40 -13.34
N ILE A 72 -7.88 4.34 -13.00
CA ILE A 72 -7.55 3.48 -11.87
C ILE A 72 -7.04 2.14 -12.40
N ASP A 73 -5.80 1.78 -12.06
CA ASP A 73 -5.14 0.56 -12.55
C ASP A 73 -5.87 -0.72 -12.21
N ASN A 74 -5.81 -1.70 -13.13
CA ASN A 74 -6.36 -3.05 -12.97
C ASN A 74 -7.86 -3.12 -12.64
N LEU A 75 -8.64 -2.12 -13.08
CA LEU A 75 -10.08 -2.13 -12.82
C LEU A 75 -10.82 -2.94 -13.89
N MET A 76 -11.57 -3.98 -13.48
CA MET A 76 -12.32 -4.81 -14.42
C MET A 76 -13.68 -4.19 -14.75
N TYR A 77 -14.50 -3.91 -13.71
CA TYR A 77 -15.83 -3.32 -13.89
C TYR A 77 -16.31 -2.54 -12.66
N MET A 78 -17.32 -1.68 -12.84
CA MET A 78 -17.82 -0.84 -11.75
C MET A 78 -19.36 -0.84 -11.65
N SER A 79 -19.92 -1.59 -10.69
CA SER A 79 -21.38 -1.62 -10.49
C SER A 79 -21.80 -0.70 -9.34
N SER A 80 -22.98 -0.05 -9.43
CA SER A 80 -23.43 0.85 -8.38
C SER A 80 -24.93 0.81 -8.13
N ASN A 81 -25.35 0.94 -6.86
CA ASN A 81 -26.76 0.90 -6.48
C ASN A 81 -27.18 2.18 -5.76
N SER A 82 -28.29 2.77 -6.18
CA SER A 82 -28.81 3.98 -5.56
C SER A 82 -30.21 3.69 -5.03
N ASP A 83 -30.38 3.61 -3.70
CA ASP A 83 -31.67 3.24 -3.12
C ASP A 83 -32.44 4.42 -2.53
N SER A 84 -33.77 4.26 -2.37
CA SER A 84 -34.66 5.28 -1.79
C SER A 84 -34.41 5.53 -0.28
N THR A 85 -33.62 4.67 0.37
CA THR A 85 -33.18 4.90 1.75
C THR A 85 -32.31 6.18 1.80
N GLY A 86 -31.54 6.41 0.74
CA GLY A 86 -30.63 7.53 0.61
C GLY A 86 -29.21 7.02 0.70
N THR A 87 -28.91 5.88 0.03
CA THR A 87 -27.60 5.25 0.11
C THR A 87 -27.03 4.87 -1.25
N VAL A 88 -25.72 5.07 -1.42
CA VAL A 88 -25.00 4.71 -2.65
C VAL A 88 -24.04 3.56 -2.34
N GLN A 89 -23.87 2.62 -3.27
CA GLN A 89 -22.95 1.51 -3.08
C GLN A 89 -22.20 1.24 -4.37
N ILE A 90 -21.07 1.94 -4.57
CA ILE A 90 -20.27 1.77 -5.79
C ILE A 90 -19.15 0.77 -5.57
N THR A 91 -19.23 -0.40 -6.20
CA THR A 91 -18.21 -1.44 -6.04
C THR A 91 -17.32 -1.57 -7.26
N LEU A 92 -16.06 -1.23 -7.11
CA LEU A 92 -15.08 -1.34 -8.17
C LEU A 92 -14.34 -2.67 -8.03
N THR A 93 -14.55 -3.60 -8.97
CA THR A 93 -13.90 -4.92 -8.90
C THR A 93 -12.61 -4.91 -9.70
N PHE A 94 -11.50 -5.29 -9.05
CA PHE A 94 -10.17 -5.29 -9.66
C PHE A 94 -9.71 -6.68 -10.13
N GLU A 95 -8.60 -6.73 -10.89
CA GLU A 95 -8.05 -8.00 -11.39
C GLU A 95 -7.43 -8.81 -10.25
N SER A 96 -7.31 -10.14 -10.44
CA SER A 96 -6.70 -11.00 -9.43
C SER A 96 -5.20 -10.68 -9.34
N GLY A 97 -4.72 -10.43 -8.13
CA GLY A 97 -3.33 -10.06 -7.91
C GLY A 97 -3.12 -8.58 -7.65
N THR A 98 -4.19 -7.77 -7.73
CA THR A 98 -4.13 -6.34 -7.48
C THR A 98 -3.91 -6.08 -6.00
N ASP A 99 -2.96 -5.20 -5.67
CA ASP A 99 -2.70 -4.87 -4.26
C ASP A 99 -3.88 -4.03 -3.77
N ALA A 100 -4.70 -4.61 -2.87
CA ALA A 100 -5.90 -3.95 -2.34
C ALA A 100 -5.61 -2.62 -1.66
N ASP A 101 -4.43 -2.49 -1.04
CA ASP A 101 -4.04 -1.24 -0.37
C ASP A 101 -3.84 -0.14 -1.40
N ILE A 102 -3.21 -0.46 -2.54
CA ILE A 102 -2.99 0.50 -3.60
C ILE A 102 -4.28 0.78 -4.38
N ALA A 103 -5.12 -0.25 -4.56
CA ALA A 103 -6.41 -0.11 -5.23
C ALA A 103 -7.32 0.84 -4.45
N GLN A 104 -7.29 0.76 -3.11
CA GLN A 104 -8.08 1.65 -2.26
C GLN A 104 -7.56 3.09 -2.35
N VAL A 105 -6.22 3.27 -2.37
CA VAL A 105 -5.57 4.58 -2.46
C VAL A 105 -5.92 5.27 -3.79
N GLN A 106 -6.00 4.50 -4.89
CA GLN A 106 -6.34 5.06 -6.20
C GLN A 106 -7.80 5.49 -6.26
N VAL A 107 -8.72 4.64 -5.76
CA VAL A 107 -10.15 4.94 -5.71
C VAL A 107 -10.42 6.16 -4.81
N GLN A 108 -9.72 6.21 -3.67
CA GLN A 108 -9.84 7.30 -2.70
C GLN A 108 -9.36 8.63 -3.30
N ASN A 109 -8.25 8.61 -4.04
CA ASN A 109 -7.69 9.81 -4.67
C ASN A 109 -8.69 10.43 -5.64
N LYS A 110 -9.42 9.58 -6.38
CA LYS A 110 -10.42 10.05 -7.33
C LYS A 110 -11.67 10.52 -6.62
N LEU A 111 -12.05 9.87 -5.50
CA LEU A 111 -13.20 10.28 -4.72
C LEU A 111 -12.99 11.65 -4.09
N GLN A 112 -11.75 11.95 -3.64
CA GLN A 112 -11.43 13.26 -3.06
C GLN A 112 -11.70 14.42 -4.03
N LEU A 113 -11.61 14.16 -5.35
CA LEU A 113 -11.89 15.17 -6.36
C LEU A 113 -13.40 15.42 -6.51
N ALA A 114 -14.22 14.36 -6.33
CA ALA A 114 -15.67 14.46 -6.45
C ALA A 114 -16.36 14.88 -5.13
N MET A 115 -15.65 14.74 -3.99
CA MET A 115 -16.18 15.07 -2.67
C MET A 115 -16.74 16.50 -2.54
N PRO A 116 -16.03 17.57 -3.00
CA PRO A 116 -16.60 18.92 -2.86
C PRO A 116 -17.85 19.15 -3.73
N LEU A 117 -18.01 18.37 -4.81
CA LEU A 117 -19.19 18.47 -5.67
C LEU A 117 -20.42 17.81 -5.04
N LEU A 118 -20.23 16.87 -4.09
CA LEU A 118 -21.33 16.18 -3.41
C LEU A 118 -22.06 17.13 -2.46
N PRO A 119 -23.37 16.92 -2.25
CA PRO A 119 -24.13 17.82 -1.35
C PRO A 119 -23.56 17.87 0.07
N GLN A 120 -23.82 18.96 0.79
CA GLN A 120 -23.33 19.12 2.16
C GLN A 120 -23.93 18.07 3.11
N GLU A 121 -25.18 17.65 2.86
CA GLU A 121 -25.84 16.62 3.66
C GLU A 121 -25.13 15.26 3.51
N VAL A 122 -24.60 14.98 2.32
CA VAL A 122 -23.89 13.73 2.05
C VAL A 122 -22.49 13.76 2.67
N GLN A 123 -21.81 14.91 2.61
CA GLN A 123 -20.47 15.07 3.17
C GLN A 123 -20.47 14.91 4.69
N GLN A 124 -21.43 15.57 5.38
CA GLN A 124 -21.55 15.49 6.83
C GLN A 124 -21.92 14.09 7.32
N GLN A 125 -22.58 13.27 6.48
CA GLN A 125 -22.94 11.91 6.84
C GLN A 125 -21.72 10.98 6.91
N GLY A 126 -20.73 11.25 6.06
CA GLY A 126 -19.51 10.45 6.04
C GLY A 126 -19.45 9.47 4.89
N VAL A 127 -18.58 9.72 3.92
CA VAL A 127 -18.39 8.80 2.80
C VAL A 127 -17.30 7.81 3.19
N SER A 128 -17.55 6.51 2.98
CA SER A 128 -16.57 5.49 3.36
C SER A 128 -16.04 4.73 2.17
N VAL A 129 -14.74 4.41 2.21
CA VAL A 129 -14.08 3.61 1.18
C VAL A 129 -13.50 2.38 1.86
N GLU A 130 -13.95 1.18 1.46
CA GLU A 130 -13.47 -0.04 2.12
C GLU A 130 -13.03 -1.13 1.16
N LYS A 131 -12.04 -1.91 1.57
CA LYS A 131 -11.55 -3.03 0.78
C LYS A 131 -11.93 -4.33 1.49
N SER A 132 -13.23 -4.58 1.62
CA SER A 132 -13.73 -5.77 2.31
C SER A 132 -14.26 -6.83 1.33
N SER A 133 -14.43 -8.07 1.81
CA SER A 133 -14.98 -9.16 1.01
C SER A 133 -16.51 -9.00 0.90
N SER A 134 -17.12 -9.64 -0.11
CA SER A 134 -18.56 -9.52 -0.32
C SER A 134 -19.39 -10.26 0.74
N SER A 135 -18.85 -11.34 1.31
CA SER A 135 -19.59 -12.13 2.29
C SER A 135 -19.17 -11.85 3.75
N PHE A 136 -20.04 -12.18 4.71
CA PHE A 136 -19.75 -11.98 6.13
C PHE A 136 -18.85 -13.06 6.67
N LEU A 137 -17.75 -12.66 7.33
CA LEU A 137 -16.83 -13.59 7.97
C LEU A 137 -17.55 -14.21 9.17
N MET A 138 -18.19 -13.37 10.00
CA MET A 138 -18.92 -13.80 11.18
C MET A 138 -19.90 -12.71 11.65
N VAL A 139 -20.91 -13.11 12.42
CA VAL A 139 -21.88 -12.19 13.00
C VAL A 139 -21.82 -12.32 14.52
N VAL A 140 -21.44 -11.25 15.22
CA VAL A 140 -21.36 -11.29 16.69
C VAL A 140 -22.64 -10.77 17.30
N GLY A 141 -23.54 -11.68 17.64
CA GLY A 141 -24.81 -11.32 18.24
C GLY A 141 -24.68 -10.93 19.70
N VAL A 142 -25.49 -9.98 20.15
CA VAL A 142 -25.46 -9.51 21.52
C VAL A 142 -26.89 -9.51 22.08
N ILE A 143 -27.13 -10.30 23.12
CA ILE A 143 -28.46 -10.42 23.73
C ILE A 143 -28.47 -10.00 25.22
N ASN A 144 -29.66 -9.79 25.79
CA ASN A 144 -29.77 -9.50 27.22
C ASN A 144 -30.60 -10.61 27.88
N THR A 145 -29.93 -11.51 28.63
CA THR A 145 -30.59 -12.63 29.30
C THR A 145 -31.49 -12.19 30.48
N ASP A 146 -31.29 -10.99 31.01
CA ASP A 146 -32.11 -10.47 32.10
C ASP A 146 -33.36 -9.72 31.62
N GLY A 147 -33.35 -9.27 30.36
CA GLY A 147 -34.46 -8.49 29.81
C GLY A 147 -34.44 -7.02 30.21
N THR A 148 -33.38 -6.60 30.95
CA THR A 148 -33.19 -5.23 31.42
C THR A 148 -33.14 -4.23 30.25
N MET A 149 -32.49 -4.63 29.16
CA MET A 149 -32.34 -3.76 28.00
C MET A 149 -33.21 -4.16 26.81
N THR A 150 -33.81 -3.17 26.15
CA THR A 150 -34.64 -3.38 24.96
C THR A 150 -33.76 -3.55 23.70
N GLN A 151 -34.37 -3.86 22.52
CA GLN A 151 -33.62 -4.01 21.27
C GLN A 151 -32.84 -2.74 20.93
N GLU A 152 -33.45 -1.57 21.16
CA GLU A 152 -32.85 -0.26 20.92
C GLU A 152 -31.71 0.02 21.89
N ASP A 153 -31.88 -0.39 23.16
CA ASP A 153 -30.87 -0.20 24.20
C ASP A 153 -29.63 -1.04 23.92
N ILE A 154 -29.82 -2.31 23.50
CA ILE A 154 -28.71 -3.20 23.19
C ILE A 154 -27.95 -2.67 21.98
N SER A 155 -28.69 -2.23 20.94
CA SER A 155 -28.11 -1.69 19.72
C SER A 155 -27.23 -0.47 20.01
N ASP A 156 -27.66 0.37 20.96
CA ASP A 156 -26.87 1.54 21.33
C ASP A 156 -25.59 1.12 22.05
N TYR A 157 -25.68 0.19 23.01
CA TYR A 157 -24.50 -0.26 23.75
C TYR A 157 -23.47 -0.88 22.82
N VAL A 158 -23.91 -1.72 21.88
CA VAL A 158 -23.04 -2.39 20.93
C VAL A 158 -22.28 -1.36 20.08
N ALA A 159 -22.97 -0.33 19.60
CA ALA A 159 -22.35 0.70 18.77
C ALA A 159 -21.44 1.64 19.55
N ALA A 160 -21.83 1.99 20.77
CA ALA A 160 -21.07 2.95 21.56
C ALA A 160 -19.90 2.35 22.34
N ASN A 161 -19.95 1.05 22.63
CA ASN A 161 -18.90 0.43 23.45
C ASN A 161 -18.21 -0.78 22.83
N MET A 162 -18.66 -1.26 21.66
CA MET A 162 -18.07 -2.45 21.06
C MET A 162 -17.67 -2.30 19.58
N LYS A 163 -18.47 -1.57 18.79
CA LYS A 163 -18.27 -1.45 17.35
C LYS A 163 -16.94 -0.81 16.94
N ASP A 164 -16.62 0.37 17.46
CA ASP A 164 -15.41 1.09 17.07
C ASP A 164 -14.12 0.29 17.25
N ALA A 165 -13.99 -0.41 18.38
CA ALA A 165 -12.79 -1.21 18.64
C ALA A 165 -12.69 -2.41 17.70
N ILE A 166 -13.84 -3.00 17.34
CA ILE A 166 -13.88 -4.13 16.40
C ILE A 166 -13.55 -3.66 14.97
N SER A 167 -13.99 -2.45 14.61
CA SER A 167 -13.71 -1.87 13.30
C SER A 167 -12.23 -1.53 13.14
N ARG A 168 -11.54 -1.18 14.24
CA ARG A 168 -10.11 -0.87 14.21
C ARG A 168 -9.23 -2.14 14.20
N THR A 169 -9.81 -3.32 14.54
CA THR A 169 -9.08 -4.59 14.55
C THR A 169 -8.55 -4.91 13.16
N SER A 170 -7.26 -5.29 13.05
CA SER A 170 -6.66 -5.60 11.76
C SER A 170 -7.34 -6.81 11.13
N GLY A 171 -7.55 -6.73 9.84
CA GLY A 171 -8.24 -7.79 9.12
C GLY A 171 -9.75 -7.60 9.06
N VAL A 172 -10.28 -6.55 9.71
CA VAL A 172 -11.70 -6.27 9.68
C VAL A 172 -11.99 -5.15 8.69
N GLY A 173 -12.42 -5.55 7.49
CA GLY A 173 -12.70 -4.61 6.41
C GLY A 173 -13.93 -3.75 6.61
N ASP A 174 -15.00 -4.34 7.13
CA ASP A 174 -16.25 -3.61 7.34
C ASP A 174 -17.03 -4.17 8.52
N VAL A 175 -17.66 -3.31 9.32
CA VAL A 175 -18.48 -3.75 10.44
C VAL A 175 -19.89 -3.24 10.25
N GLN A 176 -20.86 -4.16 10.17
CA GLN A 176 -22.25 -3.76 9.98
C GLN A 176 -23.03 -3.86 11.29
N LEU A 177 -23.42 -2.73 11.85
CA LEU A 177 -24.20 -2.71 13.07
C LEU A 177 -25.64 -3.13 12.74
N PHE A 178 -26.09 -4.26 13.29
CA PHE A 178 -27.45 -4.74 13.06
C PHE A 178 -28.42 -4.04 14.00
N GLY A 179 -28.44 -2.73 13.92
CA GLY A 179 -29.28 -1.86 14.73
C GLY A 179 -28.91 -0.43 14.48
N SER A 180 -28.90 0.40 15.52
CA SER A 180 -28.54 1.80 15.36
C SER A 180 -28.10 2.43 16.66
N GLN A 181 -27.04 3.24 16.60
CA GLN A 181 -26.55 3.97 17.76
C GLN A 181 -27.56 5.08 18.09
N TYR A 182 -27.68 5.44 19.38
CA TYR A 182 -28.62 6.47 19.80
C TYR A 182 -28.30 7.84 19.20
N ALA A 183 -29.34 8.64 19.01
CA ALA A 183 -29.26 9.98 18.47
C ALA A 183 -30.31 10.83 19.17
N MET A 184 -30.00 12.10 19.45
CA MET A 184 -30.95 12.99 20.12
C MET A 184 -32.12 13.30 19.19
N ARG A 185 -33.22 12.55 19.35
CA ARG A 185 -34.37 12.71 18.49
C ARG A 185 -35.29 13.82 18.92
N ILE A 186 -35.53 14.77 18.03
CA ILE A 186 -36.44 15.87 18.29
C ILE A 186 -37.68 15.61 17.41
N TRP A 187 -38.76 15.09 18.01
CA TRP A 187 -39.96 14.75 17.24
C TRP A 187 -40.94 15.92 17.15
N MET A 188 -40.85 16.71 16.09
CA MET A 188 -41.64 17.92 15.87
C MET A 188 -43.15 17.70 15.75
N ASN A 189 -43.90 18.69 16.25
CA ASN A 189 -45.35 18.69 16.20
C ASN A 189 -45.78 19.89 15.38
N PRO A 190 -46.32 19.68 14.18
CA PRO A 190 -46.72 20.82 13.33
C PRO A 190 -47.85 21.66 13.90
N ASN A 191 -48.64 21.09 14.83
CA ASN A 191 -49.73 21.83 15.46
C ASN A 191 -49.17 22.81 16.48
N GLU A 192 -48.21 22.36 17.29
CA GLU A 192 -47.57 23.21 18.29
C GLU A 192 -46.65 24.24 17.62
N LEU A 193 -45.97 23.85 16.52
CA LEU A 193 -45.10 24.75 15.80
C LEU A 193 -45.89 25.91 15.19
N ASN A 194 -47.03 25.62 14.53
CA ASN A 194 -47.87 26.65 13.94
C ASN A 194 -48.54 27.53 15.02
N LYS A 195 -48.82 26.95 16.20
CA LYS A 195 -49.42 27.68 17.30
C LYS A 195 -48.56 28.87 17.73
N PHE A 196 -47.24 28.65 17.86
CA PHE A 196 -46.33 29.72 18.28
C PHE A 196 -45.60 30.40 17.11
N GLN A 197 -46.15 30.28 15.88
CA GLN A 197 -45.55 30.86 14.67
C GLN A 197 -44.08 30.45 14.50
N LEU A 198 -43.82 29.14 14.54
CA LEU A 198 -42.48 28.59 14.41
C LEU A 198 -42.42 27.51 13.31
N THR A 199 -41.24 27.27 12.76
CA THR A 199 -41.06 26.29 11.69
C THR A 199 -39.91 25.32 12.01
N PRO A 200 -39.78 24.19 11.28
CA PRO A 200 -38.62 23.31 11.51
C PRO A 200 -37.28 24.03 11.31
N VAL A 201 -37.28 25.16 10.59
CA VAL A 201 -36.08 25.97 10.34
C VAL A 201 -35.66 26.69 11.64
N ASP A 202 -36.64 27.17 12.42
CA ASP A 202 -36.39 27.83 13.70
C ASP A 202 -35.84 26.83 14.73
N VAL A 203 -36.33 25.58 14.67
CA VAL A 203 -35.88 24.50 15.54
C VAL A 203 -34.41 24.19 15.28
N ILE A 204 -34.03 24.05 13.99
CA ILE A 204 -32.65 23.76 13.61
C ILE A 204 -31.72 24.91 13.99
N THR A 205 -32.18 26.15 13.82
CA THR A 205 -31.41 27.35 14.16
C THR A 205 -31.16 27.43 15.68
N ALA A 206 -32.17 27.15 16.49
CA ALA A 206 -32.03 27.18 17.96
C ALA A 206 -31.17 26.03 18.47
N ILE A 207 -31.23 24.86 17.81
CA ILE A 207 -30.41 23.73 18.22
C ILE A 207 -28.94 23.98 17.87
N LYS A 208 -28.68 24.59 16.71
CA LYS A 208 -27.32 24.92 16.30
C LYS A 208 -26.72 25.98 17.23
N ALA A 209 -27.53 26.95 17.66
CA ALA A 209 -27.06 28.04 18.51
C ALA A 209 -26.92 27.68 19.99
N GLN A 210 -27.82 26.82 20.51
CA GLN A 210 -27.78 26.49 21.95
C GLN A 210 -27.11 25.15 22.27
N ASN A 211 -26.92 24.28 21.27
CA ASN A 211 -26.19 23.03 21.46
C ASN A 211 -24.86 23.17 20.72
N ALA A 212 -23.98 24.06 21.22
CA ALA A 212 -22.71 24.33 20.57
C ALA A 212 -21.56 24.34 21.55
N GLN A 213 -20.42 23.79 21.14
CA GLN A 213 -19.21 23.78 21.96
C GLN A 213 -18.37 24.98 21.54
N VAL A 214 -18.39 26.05 22.35
CA VAL A 214 -17.76 27.32 22.02
C VAL A 214 -16.30 27.44 22.50
N ALA A 215 -15.42 27.94 21.62
CA ALA A 215 -14.03 28.22 21.96
C ALA A 215 -13.97 29.66 22.51
N ALA A 216 -14.06 29.81 23.83
CA ALA A 216 -14.13 31.13 24.45
C ALA A 216 -12.81 31.84 24.68
N GLY A 217 -11.70 31.12 24.62
CA GLY A 217 -10.39 31.71 24.83
C GLY A 217 -9.83 31.52 26.23
N GLN A 218 -8.98 32.46 26.67
CA GLN A 218 -8.35 32.36 27.98
C GLN A 218 -8.25 33.70 28.71
N LEU A 219 -8.14 33.64 30.04
CA LEU A 219 -7.92 34.80 30.90
C LEU A 219 -6.41 34.92 31.05
N GLY A 220 -5.87 36.07 30.66
CA GLY A 220 -4.44 36.28 30.74
C GLY A 220 -3.66 35.46 29.73
N GLY A 221 -4.26 35.24 28.57
CA GLY A 221 -3.65 34.46 27.50
C GLY A 221 -2.53 35.18 26.79
N THR A 222 -1.70 34.44 26.05
CA THR A 222 -0.57 34.99 25.34
C THR A 222 -1.00 35.69 24.04
N PRO A 223 -0.43 36.87 23.72
CA PRO A 223 0.57 37.62 24.50
C PRO A 223 -0.03 38.34 25.70
N PRO A 224 0.45 38.04 26.92
CA PRO A 224 -0.12 38.67 28.11
C PRO A 224 0.54 39.98 28.50
N VAL A 225 -0.08 40.72 29.43
CA VAL A 225 0.49 41.98 29.90
C VAL A 225 1.60 41.75 30.94
N LYS A 226 2.46 42.75 31.16
CA LYS A 226 3.51 42.65 32.16
C LYS A 226 2.86 42.80 33.54
N GLY A 227 3.00 41.79 34.38
CA GLY A 227 2.42 41.78 35.71
C GLY A 227 1.16 40.93 35.82
N GLN A 228 0.99 39.97 34.91
CA GLN A 228 -0.19 39.10 34.94
C GLN A 228 0.06 37.90 35.83
N GLN A 229 -0.90 37.61 36.73
CA GLN A 229 -0.76 36.49 37.66
C GLN A 229 -1.84 35.39 37.45
N LEU A 230 -2.91 35.70 36.70
CA LEU A 230 -3.99 34.76 36.45
C LEU A 230 -3.96 34.17 35.03
N ASN A 231 -4.05 32.84 34.94
CA ASN A 231 -4.14 32.14 33.66
C ASN A 231 -5.16 31.01 33.78
N ALA A 232 -6.34 31.19 33.18
CA ALA A 232 -7.40 30.19 33.26
C ALA A 232 -8.16 30.11 31.94
N SER A 233 -8.58 28.90 31.54
CA SER A 233 -9.33 28.73 30.31
C SER A 233 -10.77 29.23 30.49
N ILE A 234 -11.32 29.93 29.50
CA ILE A 234 -12.70 30.42 29.59
C ILE A 234 -13.63 29.34 29.04
N ILE A 235 -14.67 28.99 29.79
CA ILE A 235 -15.59 27.94 29.35
C ILE A 235 -16.96 28.52 29.02
N ALA A 236 -17.27 28.63 27.74
CA ALA A 236 -18.57 29.12 27.28
C ALA A 236 -19.54 27.87 27.06
N GLN A 237 -20.67 28.00 26.29
CA GLN A 237 -21.61 26.90 26.04
C GLN A 237 -20.92 25.59 25.61
N THR A 238 -21.40 24.47 26.12
CA THR A 238 -20.89 23.13 25.76
C THR A 238 -22.00 22.28 25.10
N ARG A 239 -21.63 21.16 24.46
CA ARG A 239 -22.62 20.28 23.83
C ARG A 239 -23.53 19.69 24.89
N LEU A 240 -24.86 19.81 24.68
CA LEU A 240 -25.84 19.30 25.63
C LEU A 240 -25.72 17.78 25.78
N THR A 241 -25.93 17.26 27.00
CA THR A 241 -25.73 15.85 27.27
C THR A 241 -27.01 15.06 27.53
N SER A 242 -28.08 15.72 27.98
CA SER A 242 -29.31 15.03 28.31
C SER A 242 -30.52 15.51 27.50
N THR A 243 -31.60 14.71 27.49
CA THR A 243 -32.85 15.07 26.83
C THR A 243 -33.50 16.29 27.52
N GLU A 244 -33.28 16.44 28.85
CA GLU A 244 -33.81 17.56 29.62
C GLU A 244 -33.16 18.87 29.20
N GLU A 245 -31.84 18.85 28.89
CA GLU A 245 -31.14 20.05 28.44
C GLU A 245 -31.63 20.48 27.05
N PHE A 246 -31.96 19.51 26.19
CA PHE A 246 -32.50 19.78 24.86
C PHE A 246 -33.95 20.30 24.95
N GLY A 247 -34.71 19.77 25.90
CA GLY A 247 -36.09 20.17 26.11
C GLY A 247 -36.25 21.63 26.50
N LYS A 248 -35.30 22.18 27.28
CA LYS A 248 -35.39 23.57 27.70
C LYS A 248 -34.65 24.54 26.77
N ILE A 249 -34.49 24.17 25.49
CA ILE A 249 -33.88 25.07 24.51
C ILE A 249 -34.88 26.18 24.19
N LEU A 250 -34.52 27.44 24.47
CA LEU A 250 -35.43 28.56 24.26
C LEU A 250 -35.57 28.95 22.80
N LEU A 251 -36.73 28.67 22.20
CA LEU A 251 -36.98 29.02 20.81
C LEU A 251 -37.33 30.50 20.65
N LYS A 252 -38.29 31.00 21.45
CA LYS A 252 -38.70 32.39 21.36
C LYS A 252 -39.33 32.89 22.66
N VAL A 253 -39.34 34.21 22.85
CA VAL A 253 -39.98 34.83 24.01
C VAL A 253 -41.19 35.62 23.53
N ASN A 254 -42.40 35.21 23.93
CA ASN A 254 -43.64 35.86 23.50
C ASN A 254 -43.76 37.30 24.02
N GLN A 255 -44.68 38.09 23.44
CA GLN A 255 -44.91 39.48 23.83
C GLN A 255 -45.32 39.60 25.30
N ASP A 256 -46.10 38.62 25.79
CA ASP A 256 -46.54 38.62 27.18
C ASP A 256 -45.49 38.12 28.20
N GLY A 257 -44.27 37.85 27.73
CA GLY A 257 -43.18 37.40 28.58
C GLY A 257 -43.09 35.91 28.79
N SER A 258 -43.97 35.12 28.14
CA SER A 258 -43.94 33.67 28.29
C SER A 258 -42.88 33.04 27.38
N ARG A 259 -42.29 31.92 27.82
CA ARG A 259 -41.23 31.26 27.07
C ARG A 259 -41.73 30.09 26.25
N VAL A 260 -41.18 29.92 25.04
CA VAL A 260 -41.51 28.79 24.18
C VAL A 260 -40.28 27.89 24.06
N LEU A 261 -40.30 26.75 24.75
CA LEU A 261 -39.17 25.84 24.74
C LEU A 261 -39.30 24.75 23.65
N LEU A 262 -38.22 24.02 23.39
CA LEU A 262 -38.23 22.94 22.40
C LEU A 262 -39.18 21.81 22.80
N ARG A 263 -39.33 21.56 24.10
CA ARG A 263 -40.26 20.53 24.58
C ARG A 263 -41.73 20.89 24.39
N ASP A 264 -42.04 22.18 24.24
CA ASP A 264 -43.41 22.63 24.01
C ASP A 264 -43.87 22.32 22.57
N VAL A 265 -42.94 22.32 21.62
CA VAL A 265 -43.27 22.06 20.21
C VAL A 265 -42.77 20.70 19.69
N ALA A 266 -42.02 19.93 20.51
CA ALA A 266 -41.48 18.65 20.07
C ALA A 266 -41.25 17.65 21.21
N LYS A 267 -41.32 16.35 20.89
CA LYS A 267 -41.07 15.30 21.88
C LYS A 267 -39.59 14.92 21.80
N ILE A 268 -38.84 15.23 22.86
CA ILE A 268 -37.41 14.95 22.88
C ILE A 268 -37.12 13.60 23.52
N GLU A 269 -36.54 12.67 22.75
CA GLU A 269 -36.21 11.35 23.26
C GLU A 269 -34.90 10.81 22.68
N LEU A 270 -34.30 9.81 23.33
CA LEU A 270 -33.07 9.21 22.86
C LEU A 270 -33.37 7.96 22.04
N GLY A 271 -33.42 8.10 20.73
CA GLY A 271 -33.70 6.99 19.83
C GLY A 271 -32.67 6.88 18.73
N GLY A 272 -32.54 5.68 18.17
CA GLY A 272 -31.55 5.38 17.13
C GLY A 272 -31.56 6.29 15.91
N GLU A 273 -30.39 6.45 15.26
CA GLU A 273 -30.27 7.29 14.06
C GLU A 273 -31.13 6.72 12.94
N ASN A 274 -31.12 5.40 12.79
CA ASN A 274 -31.85 4.70 11.74
C ASN A 274 -32.82 3.69 12.36
N TYR A 275 -34.12 3.85 12.12
CA TYR A 275 -35.12 2.92 12.64
C TYR A 275 -35.44 1.80 11.64
N ASP A 276 -34.55 1.53 10.68
CA ASP A 276 -34.78 0.50 9.66
C ASP A 276 -34.27 -0.86 10.11
N ILE A 277 -33.13 -0.90 10.80
CA ILE A 277 -32.54 -2.18 11.20
C ILE A 277 -32.99 -2.65 12.59
N ILE A 278 -33.65 -3.81 12.65
CA ILE A 278 -34.12 -4.41 13.90
C ILE A 278 -33.75 -5.92 13.88
N ALA A 279 -32.89 -6.36 14.80
CA ALA A 279 -32.47 -7.77 14.84
C ALA A 279 -33.15 -8.57 15.97
N GLU A 280 -33.18 -9.92 15.83
CA GLU A 280 -33.81 -10.80 16.81
C GLU A 280 -33.07 -12.14 16.87
N PHE A 281 -32.59 -12.53 18.05
CA PHE A 281 -31.89 -13.80 18.22
C PHE A 281 -32.82 -14.80 18.87
N ASN A 282 -33.31 -15.80 18.09
CA ASN A 282 -34.23 -16.83 18.60
C ASN A 282 -35.52 -16.22 19.18
N GLY A 283 -35.97 -15.11 18.61
CA GLY A 283 -37.16 -14.42 19.08
C GLY A 283 -36.88 -13.29 20.05
N GLN A 284 -35.75 -13.36 20.78
CA GLN A 284 -35.38 -12.33 21.75
C GLN A 284 -34.89 -11.06 21.07
N PRO A 285 -35.21 -9.88 21.62
CA PRO A 285 -34.69 -8.64 21.03
C PRO A 285 -33.18 -8.60 21.15
N ALA A 286 -32.47 -8.36 20.04
CA ALA A 286 -31.02 -8.42 20.04
C ALA A 286 -30.37 -7.45 19.03
N SER A 287 -29.05 -7.21 19.16
CA SER A 287 -28.26 -6.44 18.21
C SER A 287 -27.09 -7.35 17.71
N GLY A 288 -26.29 -6.87 16.76
CA GLY A 288 -25.18 -7.66 16.24
C GLY A 288 -24.16 -6.91 15.43
N LEU A 289 -23.02 -7.57 15.16
CA LEU A 289 -21.96 -6.99 14.37
C LEU A 289 -21.63 -7.89 13.19
N GLY A 290 -22.06 -7.51 12.01
CA GLY A 290 -21.77 -8.24 10.79
C GLY A 290 -20.38 -7.92 10.31
N ILE A 291 -19.40 -8.72 10.72
CA ILE A 291 -18.01 -8.48 10.39
C ILE A 291 -17.61 -9.01 9.02
N LYS A 292 -17.10 -8.13 8.16
CA LYS A 292 -16.63 -8.50 6.83
C LYS A 292 -15.12 -8.57 6.86
N LEU A 293 -14.57 -9.68 6.36
CA LEU A 293 -13.13 -9.89 6.34
C LEU A 293 -12.47 -8.97 5.32
N ALA A 294 -11.34 -8.34 5.68
CA ALA A 294 -10.62 -7.46 4.76
C ALA A 294 -10.04 -8.25 3.59
N THR A 295 -9.78 -7.58 2.47
CA THR A 295 -9.25 -8.24 1.27
C THR A 295 -7.85 -8.81 1.51
N GLY A 296 -7.74 -10.13 1.38
CA GLY A 296 -6.47 -10.83 1.56
C GLY A 296 -6.14 -11.23 2.99
N ALA A 297 -6.92 -10.72 3.96
CA ALA A 297 -6.68 -11.04 5.37
C ALA A 297 -7.00 -12.49 5.69
N ASN A 298 -6.33 -13.06 6.71
CA ASN A 298 -6.58 -14.45 7.11
C ASN A 298 -7.88 -14.52 7.89
N ALA A 299 -8.73 -15.50 7.58
CA ALA A 299 -10.02 -15.65 8.25
C ALA A 299 -9.87 -16.08 9.71
N LEU A 300 -8.98 -17.03 9.98
CA LEU A 300 -8.78 -17.54 11.34
C LEU A 300 -8.05 -16.57 12.25
N ASP A 301 -7.04 -15.86 11.71
CA ASP A 301 -6.26 -14.89 12.50
C ASP A 301 -7.10 -13.67 12.88
N THR A 302 -8.00 -13.25 11.97
CA THR A 302 -8.88 -12.11 12.22
C THR A 302 -9.96 -12.47 13.25
N ALA A 303 -10.55 -13.67 13.12
CA ALA A 303 -11.57 -14.13 14.07
C ALA A 303 -11.01 -14.25 15.47
N ALA A 304 -9.75 -14.70 15.59
CA ALA A 304 -9.07 -14.82 16.87
C ALA A 304 -8.84 -13.45 17.50
N ALA A 305 -8.48 -12.46 16.67
CA ALA A 305 -8.25 -11.10 17.13
C ALA A 305 -9.56 -10.44 17.57
N ILE A 306 -10.67 -10.75 16.88
CA ILE A 306 -11.99 -10.20 17.23
C ILE A 306 -12.44 -10.75 18.58
N ARG A 307 -12.29 -12.07 18.79
CA ARG A 307 -12.65 -12.74 20.05
C ARG A 307 -11.80 -12.23 21.22
N ALA A 308 -10.53 -11.89 20.95
CA ALA A 308 -9.64 -11.33 21.97
C ALA A 308 -10.07 -9.91 22.38
N GLU A 309 -10.61 -9.14 21.41
CA GLU A 309 -11.09 -7.79 21.67
C GLU A 309 -12.43 -7.83 22.41
N LEU A 310 -13.30 -8.78 22.06
CA LEU A 310 -14.60 -8.96 22.73
C LEU A 310 -14.39 -9.36 24.20
N ALA A 311 -13.31 -10.11 24.49
CA ALA A 311 -12.97 -10.55 25.84
C ALA A 311 -12.63 -9.36 26.75
N LYS A 312 -12.06 -8.29 26.19
CA LYS A 312 -11.72 -7.10 26.96
C LYS A 312 -12.97 -6.28 27.36
N MET A 313 -14.05 -6.40 26.59
CA MET A 313 -15.29 -5.67 26.84
C MET A 313 -16.20 -6.40 27.82
N GLU A 314 -16.19 -7.75 27.77
CA GLU A 314 -17.05 -8.60 28.61
C GLU A 314 -17.08 -8.24 30.11
N PRO A 315 -15.93 -7.97 30.79
CA PRO A 315 -15.99 -7.65 32.22
C PRO A 315 -16.69 -6.32 32.55
N PHE A 316 -17.00 -5.50 31.54
CA PHE A 316 -17.65 -4.21 31.78
C PHE A 316 -19.05 -4.12 31.16
N PHE A 317 -19.67 -5.27 30.87
CA PHE A 317 -21.00 -5.31 30.28
C PHE A 317 -22.08 -4.99 31.30
N PRO A 318 -23.21 -4.41 30.88
CA PRO A 318 -24.31 -4.17 31.82
C PRO A 318 -24.97 -5.49 32.28
N SER A 319 -25.87 -5.39 33.26
CA SER A 319 -26.58 -6.56 33.79
C SER A 319 -27.36 -7.30 32.70
N GLY A 320 -26.96 -8.54 32.43
CA GLY A 320 -27.66 -9.39 31.47
C GLY A 320 -27.04 -9.46 30.09
N LEU A 321 -26.11 -8.54 29.75
CA LEU A 321 -25.50 -8.56 28.42
C LEU A 321 -24.65 -9.80 28.17
N LYS A 322 -24.86 -10.46 27.03
CA LYS A 322 -24.17 -11.70 26.70
C LYS A 322 -23.84 -11.77 25.21
N ILE A 323 -22.64 -12.25 24.87
CA ILE A 323 -22.24 -12.40 23.47
C ILE A 323 -22.59 -13.80 22.95
N VAL A 324 -23.35 -13.86 21.86
CA VAL A 324 -23.69 -15.12 21.19
C VAL A 324 -23.11 -15.13 19.78
N TYR A 325 -22.92 -16.31 19.20
CA TYR A 325 -22.37 -16.41 17.84
C TYR A 325 -23.34 -17.12 16.89
N PRO A 326 -24.31 -16.37 16.33
CA PRO A 326 -25.30 -17.00 15.44
C PRO A 326 -24.78 -17.32 14.05
N TYR A 327 -23.65 -16.75 13.64
CA TYR A 327 -23.07 -17.02 12.34
C TYR A 327 -21.56 -16.93 12.43
N ASP A 328 -20.86 -18.00 12.05
CA ASP A 328 -19.41 -18.01 12.10
C ASP A 328 -18.88 -19.06 11.12
N THR A 329 -18.12 -18.62 10.12
CA THR A 329 -17.54 -19.53 9.13
C THR A 329 -16.17 -20.10 9.56
N THR A 330 -15.56 -19.54 10.62
CA THR A 330 -14.24 -19.95 11.10
C THR A 330 -14.21 -21.29 11.89
N PRO A 331 -15.26 -21.69 12.67
CA PRO A 331 -15.19 -22.98 13.36
C PRO A 331 -15.12 -24.15 12.40
N PHE A 332 -15.74 -24.03 11.21
CA PHE A 332 -15.70 -25.08 10.21
C PHE A 332 -14.27 -25.23 9.67
N VAL A 333 -13.58 -24.10 9.44
CA VAL A 333 -12.20 -24.12 8.96
C VAL A 333 -11.31 -24.77 10.01
N LYS A 334 -11.49 -24.38 11.28
CA LYS A 334 -10.71 -24.90 12.40
C LYS A 334 -10.93 -26.40 12.61
N ILE A 335 -12.17 -26.88 12.44
CA ILE A 335 -12.46 -28.30 12.64
C ILE A 335 -12.08 -29.16 11.44
N SER A 336 -12.53 -28.81 10.23
CA SER A 336 -12.25 -29.58 9.01
C SER A 336 -10.75 -29.76 8.73
N ILE A 337 -9.92 -28.77 9.07
CA ILE A 337 -8.47 -28.89 8.90
C ILE A 337 -7.95 -29.92 9.91
N HIS A 338 -8.36 -29.78 11.17
CA HIS A 338 -7.97 -30.68 12.26
C HIS A 338 -8.49 -32.13 12.06
N GLU A 339 -9.50 -32.31 11.18
CA GLU A 339 -10.03 -33.62 10.82
C GLU A 339 -9.05 -34.32 9.87
N VAL A 340 -8.44 -33.55 8.94
CA VAL A 340 -7.45 -34.07 8.00
C VAL A 340 -6.13 -34.38 8.74
N VAL A 341 -5.79 -33.58 9.77
CA VAL A 341 -4.62 -33.82 10.62
C VAL A 341 -4.76 -35.17 11.33
N LYS A 342 -5.98 -35.47 11.82
CA LYS A 342 -6.31 -36.73 12.47
C LYS A 342 -6.15 -37.90 11.50
N THR A 343 -6.55 -37.70 10.23
CA THR A 343 -6.44 -38.71 9.17
C THR A 343 -4.97 -39.00 8.84
N LEU A 344 -4.09 -37.98 8.93
CA LEU A 344 -2.65 -38.16 8.69
C LEU A 344 -2.06 -39.06 9.78
N VAL A 345 -2.47 -38.85 11.05
CA VAL A 345 -2.01 -39.65 12.18
C VAL A 345 -2.55 -41.08 12.05
N GLU A 346 -3.81 -41.23 11.64
CA GLU A 346 -4.44 -42.53 11.43
C GLU A 346 -3.76 -43.32 10.30
N ALA A 347 -3.29 -42.60 9.26
CA ALA A 347 -2.61 -43.23 8.14
C ALA A 347 -1.23 -43.72 8.55
N ILE A 348 -0.51 -42.94 9.37
CA ILE A 348 0.82 -43.33 9.84
C ILE A 348 0.74 -44.57 10.74
N ILE A 349 -0.32 -44.68 11.55
CA ILE A 349 -0.53 -45.84 12.41
C ILE A 349 -0.96 -47.06 11.57
N LEU A 350 -1.75 -46.83 10.52
CA LEU A 350 -2.23 -47.92 9.66
C LEU A 350 -1.13 -48.46 8.73
N VAL A 351 -0.20 -47.61 8.27
CA VAL A 351 0.93 -48.10 7.47
C VAL A 351 1.94 -48.87 8.37
N PHE A 352 1.97 -48.54 9.68
CA PHE A 352 2.80 -49.22 10.68
C PHE A 352 2.29 -50.66 10.88
N LEU A 353 0.96 -50.87 10.82
CA LEU A 353 0.38 -52.20 10.97
C LEU A 353 0.67 -53.07 9.74
N VAL A 354 0.69 -52.45 8.55
CA VAL A 354 0.99 -53.18 7.31
C VAL A 354 2.49 -53.54 7.25
N MET A 355 3.37 -52.67 7.77
CA MET A 355 4.81 -52.97 7.79
C MET A 355 5.11 -54.11 8.76
N TYR A 356 4.38 -54.19 9.88
CA TYR A 356 4.59 -55.26 10.85
C TYR A 356 4.07 -56.62 10.33
N LEU A 357 3.13 -56.61 9.38
CA LEU A 357 2.58 -57.81 8.77
C LEU A 357 3.58 -58.45 7.80
N PHE A 358 4.35 -57.62 7.08
CA PHE A 358 5.30 -58.12 6.08
C PHE A 358 6.74 -58.26 6.61
N LEU A 359 7.25 -57.26 7.35
CA LEU A 359 8.62 -57.32 7.88
C LEU A 359 8.70 -58.16 9.15
N GLN A 360 7.64 -58.13 9.98
CA GLN A 360 7.52 -58.92 11.22
C GLN A 360 8.60 -58.61 12.26
N ASN A 361 9.09 -57.38 12.28
CA ASN A 361 10.09 -56.95 13.27
C ASN A 361 9.79 -55.50 13.66
N PHE A 362 9.75 -55.20 14.96
CA PHE A 362 9.41 -53.86 15.45
C PHE A 362 10.35 -52.76 14.96
N ARG A 363 11.67 -52.98 15.07
CA ARG A 363 12.65 -51.98 14.62
C ARG A 363 12.72 -51.86 13.09
N ALA A 364 12.38 -52.95 12.37
CA ALA A 364 12.33 -52.92 10.91
C ALA A 364 11.09 -52.12 10.44
N THR A 365 9.97 -52.28 11.16
CA THR A 365 8.70 -51.61 10.91
C THR A 365 8.80 -50.08 11.13
N LEU A 366 9.70 -49.64 12.02
CA LEU A 366 9.86 -48.22 12.33
C LEU A 366 10.56 -47.42 11.25
N ILE A 367 11.24 -48.07 10.28
CA ILE A 367 11.93 -47.33 9.21
C ILE A 367 10.96 -46.49 8.33
N PRO A 368 9.94 -47.09 7.65
CA PRO A 368 9.01 -46.26 6.87
C PRO A 368 8.13 -45.39 7.77
N THR A 369 7.81 -45.87 8.99
CA THR A 369 6.99 -45.14 9.95
C THR A 369 7.71 -43.87 10.49
N ILE A 370 9.06 -43.83 10.44
CA ILE A 370 9.82 -42.65 10.86
C ILE A 370 10.04 -41.72 9.66
N ALA A 371 10.27 -42.28 8.46
CA ALA A 371 10.51 -41.51 7.25
C ALA A 371 9.34 -40.63 6.84
N VAL A 372 8.10 -41.16 6.90
CA VAL A 372 6.90 -40.40 6.52
C VAL A 372 6.76 -39.06 7.32
N PRO A 373 6.79 -39.07 8.67
CA PRO A 373 6.69 -37.78 9.39
C PRO A 373 7.85 -36.82 9.13
N VAL A 374 9.06 -37.34 8.86
CA VAL A 374 10.21 -36.47 8.56
C VAL A 374 9.94 -35.68 7.28
N VAL A 375 9.44 -36.36 6.25
CA VAL A 375 9.15 -35.72 4.97
C VAL A 375 7.90 -34.84 5.04
N LEU A 376 6.86 -35.29 5.76
CA LEU A 376 5.64 -34.49 5.91
C LEU A 376 5.91 -33.20 6.67
N LEU A 377 6.72 -33.26 7.74
CA LEU A 377 7.09 -32.07 8.50
C LEU A 377 7.96 -31.15 7.66
N GLY A 378 8.90 -31.74 6.92
CA GLY A 378 9.78 -30.99 6.03
C GLY A 378 9.03 -30.28 4.92
N THR A 379 7.90 -30.85 4.48
CA THR A 379 7.07 -30.24 3.44
C THR A 379 6.42 -28.95 3.95
N PHE A 380 6.04 -28.91 5.25
CA PHE A 380 5.48 -27.70 5.86
C PHE A 380 6.50 -26.55 5.87
N ALA A 381 7.80 -26.90 6.05
CA ALA A 381 8.87 -25.90 6.05
C ALA A 381 9.09 -25.36 4.64
N VAL A 382 8.99 -26.24 3.61
CA VAL A 382 9.14 -25.83 2.21
C VAL A 382 7.97 -24.93 1.81
N LEU A 383 6.75 -25.26 2.25
CA LEU A 383 5.56 -24.47 1.98
C LEU A 383 5.67 -23.09 2.61
N ALA A 384 6.18 -23.02 3.85
CA ALA A 384 6.37 -21.76 4.56
C ALA A 384 7.38 -20.85 3.83
N ALA A 385 8.43 -21.44 3.28
CA ALA A 385 9.44 -20.69 2.54
C ALA A 385 8.88 -20.13 1.24
N PHE A 386 7.97 -20.88 0.58
CA PHE A 386 7.36 -20.43 -0.68
C PHE A 386 6.11 -19.55 -0.49
N GLY A 387 5.80 -19.15 0.74
CA GLY A 387 4.67 -18.28 1.04
C GLY A 387 3.32 -18.97 0.96
N PHE A 388 3.29 -20.28 1.16
CA PHE A 388 2.04 -21.03 1.12
C PHE A 388 1.35 -21.06 2.50
N SER A 389 0.11 -21.58 2.56
CA SER A 389 -0.63 -21.62 3.82
C SER A 389 -1.18 -23.03 4.10
N ILE A 390 -1.43 -23.34 5.39
CA ILE A 390 -2.02 -24.63 5.75
C ILE A 390 -3.50 -24.60 5.40
N ASN A 391 -3.83 -25.04 4.20
CA ASN A 391 -5.23 -25.06 3.75
C ASN A 391 -5.73 -26.48 3.46
N THR A 392 -7.02 -26.63 3.10
CA THR A 392 -7.62 -27.93 2.83
C THR A 392 -6.87 -28.66 1.72
N LEU A 393 -6.49 -27.94 0.66
CA LEU A 393 -5.79 -28.51 -0.48
C LEU A 393 -4.37 -28.97 -0.12
N THR A 394 -3.60 -28.13 0.60
CA THR A 394 -2.25 -28.53 1.00
C THR A 394 -2.29 -29.67 2.01
N MET A 395 -3.31 -29.70 2.88
CA MET A 395 -3.45 -30.78 3.86
C MET A 395 -3.83 -32.09 3.19
N PHE A 396 -4.66 -32.03 2.13
CA PHE A 396 -5.02 -33.22 1.37
C PHE A 396 -3.83 -33.70 0.52
N GLY A 397 -3.02 -32.76 0.06
CA GLY A 397 -1.79 -33.06 -0.68
C GLY A 397 -0.81 -33.85 0.17
N MET A 398 -0.83 -33.65 1.50
CA MET A 398 0.02 -34.37 2.45
C MET A 398 -0.45 -35.83 2.55
N VAL A 399 -1.78 -36.04 2.54
CA VAL A 399 -2.37 -37.38 2.61
C VAL A 399 -2.06 -38.15 1.32
N LEU A 400 -2.18 -37.48 0.17
CA LEU A 400 -1.86 -38.11 -1.12
C LEU A 400 -0.36 -38.36 -1.25
N ALA A 401 0.47 -37.46 -0.70
CA ALA A 401 1.92 -37.61 -0.70
C ALA A 401 2.35 -38.84 0.07
N ILE A 402 1.59 -39.23 1.13
CA ILE A 402 1.91 -40.41 1.97
C ILE A 402 2.13 -41.67 1.11
N GLY A 403 1.33 -41.84 0.06
CA GLY A 403 1.48 -42.99 -0.85
C GLY A 403 2.82 -42.99 -1.57
N LEU A 404 3.29 -41.81 -1.96
CA LEU A 404 4.58 -41.67 -2.62
C LEU A 404 5.73 -41.81 -1.62
N LEU A 405 5.54 -41.32 -0.37
CA LEU A 405 6.58 -41.40 0.66
C LEU A 405 6.80 -42.83 1.12
N VAL A 406 5.71 -43.57 1.37
CA VAL A 406 5.85 -44.98 1.78
C VAL A 406 6.44 -45.81 0.67
N ASP A 407 6.15 -45.49 -0.61
CA ASP A 407 6.70 -46.24 -1.73
C ASP A 407 8.23 -46.12 -1.74
N ASP A 408 8.74 -44.89 -1.56
CA ASP A 408 10.19 -44.67 -1.53
C ASP A 408 10.86 -45.41 -0.38
N ALA A 409 10.21 -45.46 0.78
CA ALA A 409 10.76 -46.14 1.95
C ALA A 409 10.67 -47.67 1.82
N ILE A 410 9.52 -48.20 1.37
CA ILE A 410 9.31 -49.63 1.16
C ILE A 410 10.25 -50.17 0.08
N VAL A 411 10.51 -49.38 -0.97
CA VAL A 411 11.44 -49.80 -2.03
C VAL A 411 12.84 -50.05 -1.46
N VAL A 412 13.31 -49.15 -0.59
CA VAL A 412 14.62 -49.32 0.03
C VAL A 412 14.65 -50.48 1.05
N VAL A 413 13.73 -50.46 2.03
CA VAL A 413 13.65 -51.50 3.06
C VAL A 413 13.47 -52.92 2.49
N GLU A 414 12.50 -53.09 1.58
CA GLU A 414 12.23 -54.39 0.96
C GLU A 414 13.44 -54.89 0.17
N ASN A 415 14.10 -54.00 -0.59
CA ASN A 415 15.25 -54.40 -1.39
C ASN A 415 16.43 -54.86 -0.53
N VAL A 416 16.62 -54.23 0.65
CA VAL A 416 17.70 -54.65 1.55
C VAL A 416 17.38 -56.02 2.14
N GLU A 417 16.11 -56.26 2.51
CA GLU A 417 15.68 -57.54 3.04
C GLU A 417 15.75 -58.66 1.98
N ARG A 418 15.51 -58.30 0.71
CA ARG A 418 15.57 -59.26 -0.40
C ARG A 418 17.03 -59.67 -0.66
N VAL A 419 17.95 -58.70 -0.60
CA VAL A 419 19.38 -58.98 -0.78
C VAL A 419 19.93 -59.84 0.37
N MET A 420 19.44 -59.60 1.59
CA MET A 420 19.86 -60.39 2.76
C MET A 420 19.33 -61.83 2.67
N ALA A 421 18.14 -62.02 2.09
CA ALA A 421 17.57 -63.35 1.95
C ALA A 421 18.08 -64.10 0.70
N GLU A 422 18.71 -63.38 -0.26
CA GLU A 422 19.23 -64.02 -1.47
C GLU A 422 20.73 -64.27 -1.39
N GLU A 423 21.47 -63.45 -0.63
CA GLU A 423 22.92 -63.58 -0.55
C GLU A 423 23.48 -63.82 0.86
N GLY A 424 22.69 -63.51 1.88
CA GLY A 424 23.09 -63.71 3.27
C GLY A 424 24.11 -62.69 3.77
N LEU A 425 23.98 -61.44 3.31
CA LEU A 425 24.90 -60.38 3.71
C LEU A 425 24.44 -59.70 5.01
N PRO A 426 25.38 -59.13 5.79
CA PRO A 426 24.97 -58.41 7.01
C PRO A 426 24.19 -57.12 6.69
N PRO A 427 23.41 -56.58 7.64
CA PRO A 427 22.62 -55.36 7.34
C PRO A 427 23.41 -54.17 6.80
N LYS A 428 24.65 -53.98 7.28
CA LYS A 428 25.47 -52.85 6.83
C LYS A 428 26.04 -53.07 5.41
N GLU A 429 26.35 -54.33 5.08
CA GLU A 429 26.93 -54.65 3.76
C GLU A 429 25.86 -54.82 2.69
N ALA A 430 24.68 -55.32 3.06
CA ALA A 430 23.59 -55.51 2.09
C ALA A 430 22.92 -54.19 1.72
N THR A 431 22.89 -53.22 2.66
CA THR A 431 22.31 -51.90 2.39
C THR A 431 23.15 -51.15 1.36
N ARG A 432 24.48 -51.27 1.47
CA ARG A 432 25.41 -50.62 0.55
C ARG A 432 25.26 -51.17 -0.88
N LYS A 433 24.97 -52.47 -1.01
CA LYS A 433 24.79 -53.09 -2.32
C LYS A 433 23.41 -52.80 -2.88
N SER A 434 22.39 -52.80 -2.01
CA SER A 434 21.01 -52.53 -2.42
C SER A 434 20.84 -51.08 -2.89
N MET A 435 21.48 -50.13 -2.20
CA MET A 435 21.38 -48.72 -2.56
C MET A 435 21.91 -48.40 -3.95
N GLY A 436 22.92 -49.13 -4.39
CA GLY A 436 23.49 -48.96 -5.72
C GLY A 436 22.56 -49.41 -6.83
N GLN A 437 21.63 -50.33 -6.53
CA GLN A 437 20.70 -50.84 -7.53
C GLN A 437 19.47 -49.95 -7.70
N ILE A 438 19.13 -49.12 -6.69
CA ILE A 438 17.91 -48.33 -6.75
C ILE A 438 18.10 -46.81 -6.60
N GLN A 439 19.31 -46.33 -6.23
CA GLN A 439 19.50 -44.87 -6.05
C GLN A 439 19.33 -44.09 -7.35
N GLY A 440 19.78 -44.66 -8.46
CA GLY A 440 19.65 -44.03 -9.77
C GLY A 440 18.21 -44.03 -10.25
N ALA A 441 17.46 -45.10 -9.91
CA ALA A 441 16.06 -45.22 -10.30
C ALA A 441 15.18 -44.33 -9.43
N LEU A 442 15.55 -44.11 -8.15
CA LEU A 442 14.74 -43.27 -7.26
C LEU A 442 14.83 -41.80 -7.63
N VAL A 443 16.01 -41.34 -8.04
CA VAL A 443 16.19 -39.95 -8.47
C VAL A 443 15.49 -39.71 -9.83
N GLY A 444 15.54 -40.72 -10.70
CA GLY A 444 14.89 -40.68 -12.00
C GLY A 444 13.38 -40.71 -11.88
N ILE A 445 12.86 -41.48 -10.91
CA ILE A 445 11.42 -41.57 -10.65
C ILE A 445 10.87 -40.22 -10.16
N ALA A 446 11.64 -39.50 -9.34
CA ALA A 446 11.24 -38.18 -8.84
C ALA A 446 11.02 -37.20 -10.00
N MET A 447 11.80 -37.34 -11.09
CA MET A 447 11.67 -36.46 -12.25
C MET A 447 10.55 -36.91 -13.20
N VAL A 448 10.29 -38.22 -13.27
CA VAL A 448 9.18 -38.73 -14.10
C VAL A 448 7.85 -38.34 -13.44
N LEU A 449 7.76 -38.48 -12.10
CA LEU A 449 6.56 -38.13 -11.36
C LEU A 449 6.34 -36.63 -11.26
N SER A 450 7.42 -35.83 -11.30
CA SER A 450 7.29 -34.37 -11.29
C SER A 450 6.57 -33.90 -12.55
N ALA A 451 6.81 -34.57 -13.70
CA ALA A 451 6.15 -34.24 -14.96
C ALA A 451 4.64 -34.57 -14.97
N VAL A 452 4.06 -34.89 -13.80
CA VAL A 452 2.64 -35.21 -13.64
C VAL A 452 1.95 -34.14 -12.77
N PHE A 453 2.66 -33.63 -11.74
CA PHE A 453 2.10 -32.64 -10.83
C PHE A 453 2.57 -31.21 -11.16
N VAL A 454 3.79 -31.05 -11.70
CA VAL A 454 4.31 -29.73 -12.07
C VAL A 454 3.48 -29.07 -13.22
N PRO A 455 3.03 -29.81 -14.27
CA PRO A 455 2.25 -29.16 -15.33
C PRO A 455 0.92 -28.58 -14.86
N MET A 456 0.25 -29.21 -13.87
CA MET A 456 -1.02 -28.68 -13.37
C MET A 456 -0.85 -27.45 -12.44
N ALA A 457 0.39 -27.05 -12.12
CA ALA A 457 0.64 -25.83 -11.35
C ALA A 457 0.52 -24.58 -12.26
N PHE A 458 0.76 -24.76 -13.58
CA PHE A 458 0.68 -23.66 -14.54
C PHE A 458 -0.75 -23.43 -15.09
N PHE A 459 -1.77 -23.90 -14.37
CA PHE A 459 -3.16 -23.67 -14.77
C PHE A 459 -3.47 -22.18 -14.59
N GLY A 460 -4.15 -21.58 -15.56
CA GLY A 460 -4.43 -20.16 -15.53
C GLY A 460 -5.72 -19.78 -14.84
N GLY A 461 -5.81 -18.53 -14.41
CA GLY A 461 -7.00 -17.98 -13.77
C GLY A 461 -7.14 -18.30 -12.31
N SER A 462 -8.38 -18.24 -11.80
CA SER A 462 -8.70 -18.51 -10.41
C SER A 462 -8.63 -20.00 -10.11
N THR A 463 -9.09 -20.84 -11.06
CA THR A 463 -9.06 -22.29 -10.90
C THR A 463 -7.62 -22.83 -10.75
N GLY A 464 -6.67 -22.16 -11.39
CA GLY A 464 -5.26 -22.55 -11.37
C GLY A 464 -4.57 -22.46 -10.02
N ALA A 465 -4.99 -21.52 -9.17
CA ALA A 465 -4.39 -21.36 -7.84
C ALA A 465 -4.75 -22.53 -6.91
N ILE A 466 -5.86 -23.23 -7.19
CA ILE A 466 -6.29 -24.37 -6.39
C ILE A 466 -5.39 -25.58 -6.69
N TYR A 467 -5.12 -25.85 -7.97
CA TYR A 467 -4.23 -26.95 -8.37
C TYR A 467 -2.75 -26.66 -8.03
N ARG A 468 -2.39 -25.37 -7.87
CA ARG A 468 -1.04 -24.96 -7.54
C ARG A 468 -0.67 -25.37 -6.10
N GLN A 469 -1.65 -25.42 -5.19
CA GLN A 469 -1.43 -25.84 -3.81
C GLN A 469 -1.06 -27.32 -3.78
N PHE A 470 -1.76 -28.15 -4.57
CA PHE A 470 -1.51 -29.59 -4.64
C PHE A 470 -0.16 -29.88 -5.27
N SER A 471 0.20 -29.14 -6.31
CA SER A 471 1.46 -29.35 -7.01
C SER A 471 2.67 -29.06 -6.13
N ILE A 472 2.72 -27.88 -5.50
CA ILE A 472 3.85 -27.51 -4.66
C ILE A 472 3.95 -28.39 -3.41
N THR A 473 2.82 -28.91 -2.91
CA THR A 473 2.83 -29.80 -1.75
C THR A 473 3.34 -31.19 -2.12
N ILE A 474 2.81 -31.78 -3.20
CA ILE A 474 3.21 -33.12 -3.64
C ILE A 474 4.64 -33.16 -4.17
N VAL A 475 5.02 -32.20 -5.03
CA VAL A 475 6.37 -32.15 -5.60
C VAL A 475 7.44 -31.90 -4.51
N SER A 476 7.12 -31.06 -3.51
CA SER A 476 8.06 -30.81 -2.40
C SER A 476 8.24 -32.08 -1.55
N ALA A 477 7.17 -32.85 -1.37
CA ALA A 477 7.23 -34.09 -0.61
C ALA A 477 8.03 -35.16 -1.38
N MET A 478 7.92 -35.19 -2.71
CA MET A 478 8.66 -36.16 -3.52
C MET A 478 10.15 -35.85 -3.51
N ALA A 479 10.52 -34.56 -3.57
CA ALA A 479 11.92 -34.14 -3.53
C ALA A 479 12.54 -34.45 -2.17
N LEU A 480 11.77 -34.24 -1.09
CA LEU A 480 12.24 -34.54 0.26
C LEU A 480 12.28 -36.03 0.54
N SER A 481 11.35 -36.80 -0.06
CA SER A 481 11.30 -38.25 0.11
C SER A 481 12.50 -38.93 -0.51
N VAL A 482 12.93 -38.43 -1.68
CA VAL A 482 14.11 -38.99 -2.35
C VAL A 482 15.38 -38.64 -1.56
N LEU A 483 15.43 -37.43 -0.98
CA LEU A 483 16.56 -36.99 -0.16
C LEU A 483 16.64 -37.83 1.13
N VAL A 484 15.47 -38.14 1.73
CA VAL A 484 15.41 -38.97 2.93
C VAL A 484 15.75 -40.44 2.59
N ALA A 485 15.33 -40.91 1.41
CA ALA A 485 15.67 -42.27 0.96
C ALA A 485 17.17 -42.45 0.65
N LEU A 486 17.91 -41.34 0.49
CA LEU A 486 19.35 -41.39 0.26
C LEU A 486 20.18 -41.00 1.52
N ILE A 487 19.53 -40.47 2.56
CA ILE A 487 20.24 -40.05 3.77
C ILE A 487 19.79 -40.83 5.04
N LEU A 488 18.50 -40.73 5.42
CA LEU A 488 18.00 -41.37 6.63
C LEU A 488 17.67 -42.85 6.46
N THR A 489 17.00 -43.20 5.36
CA THR A 489 16.59 -44.59 5.12
C THR A 489 17.77 -45.58 5.04
N PRO A 490 18.88 -45.29 4.31
CA PRO A 490 20.01 -46.25 4.30
C PRO A 490 20.75 -46.34 5.64
N ALA A 491 20.69 -45.27 6.45
CA ALA A 491 21.32 -45.26 7.77
C ALA A 491 20.55 -46.15 8.74
N LEU A 492 19.21 -46.15 8.66
CA LEU A 492 18.38 -46.97 9.52
C LEU A 492 18.35 -48.44 9.07
N CYS A 493 18.53 -48.69 7.76
CA CYS A 493 18.56 -50.05 7.25
C CYS A 493 19.86 -50.78 7.63
N ALA A 494 20.94 -50.03 7.85
CA ALA A 494 22.23 -50.62 8.23
C ALA A 494 22.40 -50.79 9.75
N THR A 495 21.52 -50.19 10.57
CA THR A 495 21.64 -50.26 12.02
C THR A 495 20.43 -50.91 12.71
N MET A 496 19.22 -50.52 12.32
CA MET A 496 18.00 -51.05 12.94
C MET A 496 17.52 -52.37 12.35
N LEU A 497 17.93 -52.68 11.11
CA LEU A 497 17.48 -53.90 10.44
C LEU A 497 18.14 -55.17 10.98
N LYS A 498 17.35 -56.23 11.13
CA LYS A 498 17.82 -57.52 11.64
C LYS A 498 18.51 -58.30 10.52
N PRO A 499 19.62 -59.00 10.82
CA PRO A 499 20.29 -59.77 9.76
C PRO A 499 19.50 -61.01 9.33
N ILE A 500 19.39 -61.23 8.02
CA ILE A 500 18.65 -62.37 7.48
C ILE A 500 19.62 -63.36 6.81
N ALA A 501 19.46 -64.66 7.12
CA ALA A 501 20.31 -65.70 6.53
C ALA A 501 19.93 -65.98 5.07
N LYS A 502 20.87 -66.53 4.29
CA LYS A 502 20.63 -66.85 2.88
C LYS A 502 19.61 -67.98 2.77
N GLY A 503 18.52 -67.71 2.07
CA GLY A 503 17.44 -68.68 1.90
C GLY A 503 16.42 -68.68 3.02
N ASP A 504 16.49 -67.69 3.92
CA ASP A 504 15.54 -67.59 5.03
C ASP A 504 14.40 -66.65 4.66
N HIS A 505 13.31 -67.20 4.13
CA HIS A 505 12.15 -66.39 3.76
C HIS A 505 11.09 -66.28 4.90
N GLY A 506 11.47 -66.65 6.12
CA GLY A 506 10.59 -66.58 7.29
C GLY A 506 9.52 -67.66 7.34
N GLU A 507 9.65 -68.70 6.50
CA GLU A 507 8.67 -69.78 6.47
C GLU A 507 8.72 -70.71 7.71
N GLY A 508 9.86 -70.73 8.40
CA GLY A 508 10.03 -71.56 9.58
C GLY A 508 9.72 -70.88 10.90
N LYS A 509 8.82 -69.89 10.89
CA LYS A 509 8.44 -69.18 12.10
C LYS A 509 7.22 -69.83 12.77
N LYS A 510 7.05 -69.61 14.08
CA LYS A 510 5.93 -70.19 14.82
C LYS A 510 4.83 -69.17 15.09
N GLY A 511 3.61 -69.49 14.66
CA GLY A 511 2.47 -68.61 14.87
C GLY A 511 1.81 -68.15 13.58
N PHE A 512 1.19 -66.96 13.62
CA PHE A 512 0.51 -66.39 12.45
C PHE A 512 1.52 -65.91 11.40
N PHE A 513 2.66 -65.36 11.86
CA PHE A 513 3.70 -64.89 10.94
C PHE A 513 4.32 -66.02 10.12
N GLY A 514 4.39 -67.21 10.71
CA GLY A 514 4.91 -68.39 10.03
C GLY A 514 3.99 -68.86 8.92
N TRP A 515 2.68 -68.76 9.15
CA TRP A 515 1.68 -69.13 8.15
C TRP A 515 1.58 -68.08 7.05
N PHE A 516 1.71 -66.79 7.41
CA PHE A 516 1.64 -65.69 6.45
C PHE A 516 2.78 -65.77 5.45
N ASN A 517 3.99 -66.16 5.90
CA ASN A 517 5.15 -66.28 5.03
C ASN A 517 5.00 -67.45 4.08
N ARG A 518 4.42 -68.57 4.56
CA ARG A 518 4.19 -69.74 3.71
C ARG A 518 3.12 -69.45 2.67
N MET A 519 2.08 -68.69 3.06
CA MET A 519 1.00 -68.32 2.15
C MET A 519 1.49 -67.34 1.09
N PHE A 520 2.36 -66.39 1.48
CA PHE A 520 2.90 -65.41 0.54
C PHE A 520 3.94 -66.02 -0.39
N GLU A 521 4.72 -67.00 0.12
CA GLU A 521 5.73 -67.66 -0.72
C GLU A 521 5.06 -68.57 -1.75
N LYS A 522 3.96 -69.24 -1.36
CA LYS A 522 3.22 -70.08 -2.30
C LYS A 522 2.38 -69.24 -3.27
N SER A 523 1.90 -68.06 -2.80
CA SER A 523 1.16 -67.14 -3.67
C SER A 523 2.10 -66.49 -4.69
N THR A 524 3.38 -66.28 -4.32
CA THR A 524 4.38 -65.72 -5.22
C THR A 524 4.71 -66.73 -6.33
N HIS A 525 4.76 -68.03 -5.99
CA HIS A 525 5.01 -69.09 -6.97
C HIS A 525 3.81 -69.23 -7.91
N HIS A 526 2.59 -69.12 -7.36
CA HIS A 526 1.36 -69.18 -8.17
C HIS A 526 1.27 -67.96 -9.09
N TYR A 527 1.75 -66.79 -8.63
CA TYR A 527 1.77 -65.55 -9.38
C TYR A 527 2.71 -65.66 -10.59
N THR A 528 3.93 -66.17 -10.40
CA THR A 528 4.90 -66.32 -11.49
C THR A 528 4.42 -67.34 -12.52
N ASP A 529 3.78 -68.42 -12.06
CA ASP A 529 3.24 -69.44 -12.95
C ASP A 529 2.04 -68.90 -13.75
N SER A 530 1.26 -67.99 -13.15
CA SER A 530 0.13 -67.36 -13.82
C SER A 530 0.64 -66.36 -14.87
N VAL A 531 1.65 -65.55 -14.51
CA VAL A 531 2.25 -64.57 -15.43
C VAL A 531 2.95 -65.28 -16.61
N GLY A 532 3.57 -66.42 -16.34
CA GLY A 532 4.23 -67.23 -17.37
C GLY A 532 3.27 -67.70 -18.44
N GLY A 533 2.04 -68.03 -18.03
CA GLY A 533 1.00 -68.46 -18.96
C GLY A 533 0.35 -67.29 -19.68
N ILE A 534 0.24 -66.14 -18.99
CA ILE A 534 -0.33 -64.91 -19.56
C ILE A 534 0.56 -64.40 -20.70
N LEU A 535 1.90 -64.47 -20.52
CA LEU A 535 2.86 -64.04 -21.54
C LEU A 535 2.76 -64.87 -22.82
N ARG A 536 2.33 -66.15 -22.71
CA ARG A 536 2.17 -67.01 -23.87
C ARG A 536 0.94 -66.61 -24.69
N SER A 537 -0.13 -66.16 -24.02
CA SER A 537 -1.36 -65.74 -24.71
C SER A 537 -1.12 -64.46 -25.53
N THR A 538 -0.71 -63.34 -24.85
CA THR A 538 -0.39 -62.02 -25.42
C THR A 538 -1.61 -61.33 -26.11
N GLY A 539 -2.09 -61.87 -27.23
CA GLY A 539 -3.19 -61.32 -27.98
C GLY A 539 -4.51 -61.29 -27.23
N ARG A 540 -4.73 -62.29 -26.36
CA ARG A 540 -5.95 -62.36 -25.56
C ARG A 540 -5.98 -61.24 -24.52
N TYR A 541 -4.81 -60.90 -23.95
CA TYR A 541 -4.72 -59.84 -22.95
C TYR A 541 -4.60 -58.45 -23.58
N LEU A 542 -4.12 -58.36 -24.83
CA LEU A 542 -4.06 -57.07 -25.52
C LEU A 542 -5.45 -56.61 -25.94
N VAL A 543 -6.34 -57.57 -26.30
CA VAL A 543 -7.74 -57.27 -26.62
C VAL A 543 -8.49 -56.89 -25.32
N LEU A 544 -8.18 -57.62 -24.22
CA LEU A 544 -8.74 -57.33 -22.90
C LEU A 544 -8.32 -55.94 -22.41
N TYR A 545 -7.09 -55.51 -22.75
CA TYR A 545 -6.59 -54.19 -22.40
C TYR A 545 -7.40 -53.10 -23.11
N LEU A 546 -7.74 -53.33 -24.38
CA LEU A 546 -8.55 -52.39 -25.16
C LEU A 546 -9.98 -52.28 -24.59
N ILE A 547 -10.49 -53.37 -24.00
CA ILE A 547 -11.81 -53.37 -23.35
C ILE A 547 -11.78 -52.45 -22.11
N ILE A 548 -10.67 -52.49 -21.35
CA ILE A 548 -10.48 -51.65 -20.17
C ILE A 548 -10.42 -50.18 -20.59
N VAL A 549 -9.70 -49.88 -21.69
CA VAL A 549 -9.58 -48.53 -22.22
C VAL A 549 -10.94 -48.01 -22.73
N VAL A 550 -11.72 -48.88 -23.40
CA VAL A 550 -13.05 -48.52 -23.90
C VAL A 550 -14.00 -48.22 -22.72
N GLY A 551 -13.93 -49.06 -21.69
CA GLY A 551 -14.73 -48.88 -20.49
C GLY A 551 -14.35 -47.63 -19.71
N MET A 552 -13.06 -47.27 -19.77
CA MET A 552 -12.53 -46.06 -19.13
C MET A 552 -13.03 -44.82 -19.86
N ALA A 553 -13.03 -44.87 -21.21
CA ALA A 553 -13.51 -43.76 -22.02
C ALA A 553 -15.01 -43.54 -21.84
N TYR A 554 -15.78 -44.63 -21.63
CA TYR A 554 -17.22 -44.52 -21.42
C TYR A 554 -17.53 -43.92 -20.04
N LEU A 555 -16.88 -44.43 -19.00
CA LEU A 555 -17.09 -43.95 -17.63
C LEU A 555 -16.63 -42.52 -17.42
N PHE A 556 -15.61 -42.08 -18.18
CA PHE A 556 -15.10 -40.71 -18.06
C PHE A 556 -16.11 -39.70 -18.58
N VAL A 557 -16.79 -40.03 -19.69
CA VAL A 557 -17.77 -39.13 -20.29
C VAL A 557 -19.06 -39.08 -19.46
N ARG A 558 -19.50 -40.23 -18.93
CA ARG A 558 -20.72 -40.28 -18.11
C ARG A 558 -20.55 -39.59 -16.75
N LEU A 559 -19.31 -39.48 -16.25
CA LEU A 559 -19.05 -38.82 -14.98
C LEU A 559 -19.15 -37.31 -15.14
N PRO A 560 -20.12 -36.67 -14.49
CA PRO A 560 -20.25 -35.21 -14.61
C PRO A 560 -19.14 -34.49 -13.87
N SER A 561 -18.62 -33.39 -14.44
CA SER A 561 -17.53 -32.67 -13.81
C SER A 561 -18.00 -31.55 -12.91
N SER A 562 -17.17 -31.18 -11.93
CA SER A 562 -17.43 -30.09 -11.00
C SER A 562 -16.09 -29.50 -10.48
N PHE A 563 -16.13 -28.38 -9.75
CA PHE A 563 -14.91 -27.78 -9.23
C PHE A 563 -14.66 -28.20 -7.76
N LEU A 564 -15.42 -27.64 -6.81
CA LEU A 564 -15.28 -27.98 -5.41
C LEU A 564 -16.63 -28.35 -4.83
N PRO A 565 -16.69 -29.40 -3.99
CA PRO A 565 -17.98 -29.81 -3.42
C PRO A 565 -18.52 -28.81 -2.41
N ASP A 566 -19.85 -28.74 -2.28
CA ASP A 566 -20.48 -27.87 -1.30
C ASP A 566 -20.45 -28.57 0.04
N GLU A 567 -19.96 -27.90 1.07
CA GLU A 567 -19.81 -28.50 2.38
C GLU A 567 -20.82 -28.03 3.39
N ASP A 568 -21.16 -28.89 4.35
CA ASP A 568 -22.03 -28.53 5.45
C ASP A 568 -21.15 -27.78 6.43
N GLN A 569 -21.03 -26.46 6.28
CA GLN A 569 -20.19 -25.65 7.15
C GLN A 569 -20.80 -25.39 8.54
N GLY A 570 -21.95 -25.98 8.83
CA GLY A 570 -22.63 -25.77 10.10
C GLY A 570 -23.58 -24.59 10.11
N VAL A 571 -23.41 -23.66 9.16
CA VAL A 571 -24.24 -22.46 9.06
C VAL A 571 -24.81 -22.27 7.65
N PHE A 572 -25.98 -21.64 7.55
CA PHE A 572 -26.62 -21.32 6.27
C PHE A 572 -27.52 -20.07 6.40
N MET A 573 -27.86 -19.45 5.27
CA MET A 573 -28.67 -18.23 5.29
C MET A 573 -29.98 -18.36 4.53
N THR A 574 -30.97 -17.53 4.90
CA THR A 574 -32.25 -17.48 4.25
C THR A 574 -32.59 -16.04 3.90
N MET A 575 -32.89 -15.76 2.63
CA MET A 575 -33.16 -14.40 2.18
C MET A 575 -34.66 -14.15 2.07
N VAL A 576 -35.13 -13.05 2.69
CA VAL A 576 -36.54 -12.68 2.63
C VAL A 576 -36.70 -11.44 1.75
N GLN A 577 -37.40 -11.56 0.63
CA GLN A 577 -37.58 -10.45 -0.30
C GLN A 577 -39.04 -10.10 -0.54
N LEU A 578 -39.58 -9.18 0.24
CA LEU A 578 -40.96 -8.72 0.04
C LEU A 578 -41.00 -7.74 -1.14
N PRO A 579 -42.15 -7.63 -1.84
CA PRO A 579 -42.23 -6.68 -2.97
C PRO A 579 -42.00 -5.25 -2.51
N ALA A 580 -41.49 -4.38 -3.41
CA ALA A 580 -41.28 -2.98 -3.09
C ALA A 580 -42.64 -2.31 -2.77
N GLY A 581 -42.65 -1.46 -1.77
CA GLY A 581 -43.89 -0.84 -1.31
C GLY A 581 -44.42 -1.43 -0.02
N ALA A 582 -43.89 -2.61 0.39
CA ALA A 582 -44.29 -3.27 1.63
C ALA A 582 -43.73 -2.53 2.83
N THR A 583 -44.43 -2.60 3.96
CA THR A 583 -44.00 -1.93 5.18
C THR A 583 -43.11 -2.81 6.06
N GLN A 584 -42.43 -2.20 7.05
CA GLN A 584 -41.55 -2.91 7.99
C GLN A 584 -42.33 -3.96 8.80
N GLU A 585 -43.59 -3.65 9.13
CA GLU A 585 -44.48 -4.53 9.87
C GLU A 585 -44.78 -5.79 9.06
N ARG A 586 -44.97 -5.65 7.75
CA ARG A 586 -45.24 -6.79 6.87
C ARG A 586 -44.00 -7.67 6.67
N THR A 587 -42.80 -7.06 6.70
CA THR A 587 -41.55 -7.82 6.55
C THR A 587 -41.28 -8.65 7.81
N GLN A 588 -41.64 -8.11 8.99
CA GLN A 588 -41.47 -8.84 10.25
C GLN A 588 -42.42 -10.04 10.31
N LYS A 589 -43.62 -9.93 9.71
CA LYS A 589 -44.59 -11.02 9.65
C LYS A 589 -43.99 -12.22 8.91
N VAL A 590 -43.28 -11.96 7.82
CA VAL A 590 -42.66 -13.02 7.04
C VAL A 590 -41.40 -13.56 7.74
N LEU A 591 -40.62 -12.67 8.38
CA LEU A 591 -39.43 -13.07 9.14
C LEU A 591 -39.79 -13.94 10.34
N ASN A 592 -40.97 -13.71 10.94
CA ASN A 592 -41.45 -14.51 12.06
C ASN A 592 -41.83 -15.91 11.60
N GLU A 593 -42.39 -16.04 10.37
CA GLU A 593 -42.73 -17.34 9.79
C GLU A 593 -41.46 -18.14 9.50
N VAL A 594 -40.40 -17.46 9.03
CA VAL A 594 -39.12 -18.09 8.74
C VAL A 594 -38.48 -18.59 10.04
N THR A 595 -38.44 -17.73 11.07
CA THR A 595 -37.88 -18.09 12.38
C THR A 595 -38.68 -19.23 13.02
N HIS A 596 -40.01 -19.22 12.83
CA HIS A 596 -40.92 -20.25 13.35
C HIS A 596 -40.62 -21.61 12.75
N TYR A 597 -40.27 -21.66 11.45
CA TYR A 597 -39.97 -22.91 10.78
C TYR A 597 -38.74 -23.60 11.38
N TYR A 598 -37.64 -22.86 11.54
CA TYR A 598 -36.40 -23.42 12.07
C TYR A 598 -36.47 -23.75 13.56
N LEU A 599 -37.32 -23.05 14.32
CA LEU A 599 -37.44 -23.30 15.75
C LEU A 599 -38.42 -24.43 16.06
N THR A 600 -39.38 -24.71 15.17
CA THR A 600 -40.37 -25.76 15.41
C THR A 600 -40.15 -27.00 14.53
N LYS A 601 -40.16 -26.85 13.18
CA LYS A 601 -39.98 -27.99 12.29
C LYS A 601 -38.56 -28.53 12.30
N GLU A 602 -37.56 -27.64 12.21
CA GLU A 602 -36.16 -28.07 12.23
C GLU A 602 -35.54 -27.87 13.62
N LYS A 603 -36.26 -28.24 14.68
CA LYS A 603 -35.76 -28.07 16.05
C LYS A 603 -34.61 -29.04 16.37
N ASN A 604 -34.51 -30.17 15.66
CA ASN A 604 -33.45 -31.14 15.88
C ASN A 604 -32.15 -30.78 15.16
N ASN A 605 -32.19 -29.86 14.17
CA ASN A 605 -31.00 -29.46 13.43
C ASN A 605 -30.60 -28.03 13.74
N VAL A 606 -31.56 -27.10 13.76
CA VAL A 606 -31.27 -25.70 14.01
C VAL A 606 -31.00 -25.39 15.48
N GLU A 607 -29.82 -24.81 15.76
CA GLU A 607 -29.43 -24.42 17.11
C GLU A 607 -29.91 -22.99 17.38
N SER A 608 -29.69 -22.06 16.42
CA SER A 608 -30.09 -20.67 16.61
C SER A 608 -30.44 -19.97 15.29
N VAL A 609 -31.23 -18.88 15.37
CA VAL A 609 -31.64 -18.08 14.21
C VAL A 609 -31.44 -16.59 14.52
N PHE A 610 -30.69 -15.87 13.66
CA PHE A 610 -30.48 -14.44 13.84
C PHE A 610 -31.18 -13.68 12.72
N ALA A 611 -32.46 -13.35 12.92
CA ALA A 611 -33.23 -12.63 11.91
C ALA A 611 -32.97 -11.14 11.98
N VAL A 612 -32.87 -10.48 10.81
CA VAL A 612 -32.64 -9.03 10.74
C VAL A 612 -33.66 -8.39 9.79
N ASN A 613 -34.36 -7.36 10.26
CA ASN A 613 -35.33 -6.65 9.43
C ASN A 613 -34.72 -5.34 8.99
N GLY A 614 -34.73 -5.07 7.68
CA GLY A 614 -34.15 -3.86 7.12
C GLY A 614 -32.86 -4.09 6.36
N PHE A 615 -32.17 -5.20 6.66
CA PHE A 615 -30.92 -5.57 6.00
C PHE A 615 -31.20 -6.67 4.95
N PRO A 616 -30.55 -6.63 3.76
CA PRO A 616 -29.44 -5.78 3.35
C PRO A 616 -29.77 -4.55 2.49
N PHE A 617 -30.48 -3.56 3.07
CA PHE A 617 -30.79 -2.27 2.42
C PHE A 617 -31.19 -2.35 0.93
N ALA A 618 -32.48 -2.20 0.62
CA ALA A 618 -32.96 -2.21 -0.75
C ALA A 618 -34.27 -1.44 -0.84
N GLY A 619 -34.34 -0.49 -1.77
CA GLY A 619 -35.54 0.32 -1.95
C GLY A 619 -35.71 1.32 -0.84
N ARG A 620 -36.93 1.38 -0.25
CA ARG A 620 -37.17 2.28 0.88
C ARG A 620 -36.63 1.74 2.24
N GLY A 621 -36.11 0.49 2.24
CA GLY A 621 -35.47 -0.09 3.40
C GLY A 621 -36.34 -0.90 4.33
N GLN A 622 -37.61 -1.13 3.95
CA GLN A 622 -38.49 -1.91 4.82
C GLN A 622 -39.22 -3.04 4.09
N ASN A 623 -38.63 -3.55 3.00
CA ASN A 623 -39.20 -4.68 2.26
C ASN A 623 -38.18 -5.84 2.08
N THR A 624 -37.11 -5.86 2.88
CA THR A 624 -36.09 -6.87 2.76
C THR A 624 -35.61 -7.37 4.13
N GLY A 625 -35.30 -8.66 4.22
CA GLY A 625 -34.84 -9.27 5.46
C GLY A 625 -33.87 -10.41 5.24
N ILE A 626 -33.15 -10.81 6.29
CA ILE A 626 -32.18 -11.90 6.20
C ILE A 626 -32.17 -12.73 7.51
N ALA A 627 -31.76 -14.00 7.41
CA ALA A 627 -31.71 -14.86 8.59
C ALA A 627 -30.42 -15.67 8.63
N PHE A 628 -29.62 -15.48 9.69
CA PHE A 628 -28.39 -16.24 9.86
C PHE A 628 -28.69 -17.49 10.69
N VAL A 629 -28.78 -18.65 10.04
CA VAL A 629 -29.11 -19.89 10.74
C VAL A 629 -27.88 -20.70 11.12
N SER A 630 -27.73 -21.00 12.41
CA SER A 630 -26.63 -21.82 12.90
C SER A 630 -27.18 -23.15 13.35
N LEU A 631 -26.60 -24.24 12.85
CA LEU A 631 -27.07 -25.58 13.18
C LEU A 631 -26.26 -26.22 14.33
N LYS A 632 -26.78 -27.34 14.88
CA LYS A 632 -26.09 -28.10 15.92
C LYS A 632 -24.86 -28.82 15.31
N ASP A 633 -23.99 -29.40 16.17
CA ASP A 633 -22.79 -30.08 15.68
C ASP A 633 -23.11 -31.21 14.70
N TRP A 634 -22.19 -31.49 13.78
CA TRP A 634 -22.34 -32.53 12.76
C TRP A 634 -22.60 -33.92 13.36
N ALA A 635 -22.08 -34.17 14.56
CA ALA A 635 -22.29 -35.45 15.26
C ALA A 635 -23.76 -35.61 15.69
N ASP A 636 -24.41 -34.51 16.07
CA ASP A 636 -25.81 -34.52 16.49
C ASP A 636 -26.80 -34.54 15.30
N ARG A 637 -26.30 -34.42 14.06
CA ARG A 637 -27.14 -34.46 12.87
C ARG A 637 -26.65 -35.58 11.93
N PRO A 638 -26.95 -36.85 12.25
CA PRO A 638 -26.47 -37.94 11.38
C PRO A 638 -27.33 -38.13 10.13
N GLY A 639 -26.76 -38.74 9.11
CA GLY A 639 -27.46 -38.99 7.86
C GLY A 639 -27.47 -37.78 6.94
N GLU A 640 -27.67 -38.02 5.64
CA GLU A 640 -27.69 -36.94 4.65
C GLU A 640 -28.95 -36.07 4.75
N GLU A 641 -30.06 -36.62 5.29
CA GLU A 641 -31.31 -35.87 5.44
C GLU A 641 -31.23 -34.75 6.48
N ASN A 642 -30.23 -34.79 7.38
CA ASN A 642 -30.04 -33.74 8.37
C ASN A 642 -28.86 -32.81 8.01
N LYS A 643 -28.50 -32.73 6.71
CA LYS A 643 -27.41 -31.86 6.25
C LYS A 643 -27.95 -30.61 5.54
N VAL A 644 -27.14 -29.53 5.46
CA VAL A 644 -27.54 -28.24 4.88
C VAL A 644 -28.26 -28.36 3.53
N GLU A 645 -27.75 -29.19 2.60
CA GLU A 645 -28.39 -29.34 1.28
C GLU A 645 -29.83 -29.86 1.40
N ALA A 646 -30.07 -30.79 2.33
CA ALA A 646 -31.40 -31.33 2.52
C ALA A 646 -32.29 -30.37 3.32
N ILE A 647 -31.71 -29.69 4.32
CA ILE A 647 -32.41 -28.74 5.17
C ILE A 647 -32.89 -27.54 4.34
N THR A 648 -32.01 -26.97 3.50
CA THR A 648 -32.34 -25.83 2.64
C THR A 648 -33.36 -26.19 1.56
N MET A 649 -33.33 -27.44 1.08
CA MET A 649 -34.27 -27.90 0.07
C MET A 649 -35.67 -27.96 0.66
N ARG A 650 -35.80 -28.50 1.89
CA ARG A 650 -37.08 -28.59 2.57
C ARG A 650 -37.58 -27.20 2.99
N ALA A 651 -36.65 -26.32 3.41
CA ALA A 651 -37.02 -24.97 3.81
C ALA A 651 -37.51 -24.15 2.63
N THR A 652 -36.81 -24.21 1.48
CA THR A 652 -37.23 -23.47 0.28
C THR A 652 -38.59 -23.95 -0.23
N ARG A 653 -38.87 -25.25 -0.08
CA ARG A 653 -40.15 -25.84 -0.49
C ARG A 653 -41.28 -25.39 0.45
N ALA A 654 -40.98 -25.20 1.74
CA ALA A 654 -41.96 -24.75 2.72
C ALA A 654 -42.23 -23.26 2.58
N PHE A 655 -41.18 -22.46 2.32
CA PHE A 655 -41.33 -21.01 2.18
C PHE A 655 -41.96 -20.58 0.84
N SER A 656 -42.13 -21.53 -0.11
CA SER A 656 -42.80 -21.25 -1.39
C SER A 656 -44.31 -20.99 -1.18
N GLN A 657 -44.89 -21.53 -0.08
CA GLN A 657 -46.29 -21.32 0.29
C GLN A 657 -46.56 -19.88 0.77
N ILE A 658 -45.50 -19.13 1.16
CA ILE A 658 -45.64 -17.76 1.63
C ILE A 658 -45.99 -16.82 0.49
N LYS A 659 -47.21 -16.30 0.48
CA LYS A 659 -47.65 -15.36 -0.55
C LYS A 659 -47.12 -13.95 -0.26
N ASP A 660 -47.00 -13.12 -1.30
CA ASP A 660 -46.52 -11.73 -1.20
C ASP A 660 -45.12 -11.62 -0.57
N ALA A 661 -44.24 -12.59 -0.85
CA ALA A 661 -42.87 -12.62 -0.33
C ALA A 661 -42.03 -13.63 -1.10
N MET A 662 -40.75 -13.32 -1.31
CA MET A 662 -39.84 -14.22 -2.01
C MET A 662 -38.80 -14.73 -1.03
N VAL A 663 -39.08 -15.87 -0.40
CA VAL A 663 -38.18 -16.42 0.61
C VAL A 663 -37.47 -17.68 0.10
N PHE A 664 -36.15 -17.75 0.32
CA PHE A 664 -35.37 -18.92 -0.11
C PHE A 664 -34.16 -19.18 0.79
N ALA A 665 -33.95 -20.45 1.15
CA ALA A 665 -32.83 -20.86 1.98
C ALA A 665 -31.71 -21.37 1.08
N PHE A 666 -30.47 -20.94 1.33
CA PHE A 666 -29.35 -21.34 0.49
C PHE A 666 -28.07 -21.65 1.27
N ASN A 667 -27.17 -22.43 0.67
CA ASN A 667 -25.88 -22.77 1.26
C ASN A 667 -24.80 -22.09 0.44
N LEU A 668 -23.93 -21.31 1.09
CA LEU A 668 -22.85 -20.64 0.39
C LEU A 668 -21.86 -21.67 -0.16
N PRO A 669 -21.44 -21.52 -1.42
CA PRO A 669 -20.52 -22.51 -2.01
C PRO A 669 -19.09 -22.41 -1.45
N ALA A 670 -18.19 -23.33 -1.89
CA ALA A 670 -16.79 -23.33 -1.44
C ALA A 670 -16.13 -21.97 -1.76
N ILE A 671 -16.30 -21.47 -2.99
CA ILE A 671 -15.83 -20.15 -3.37
C ILE A 671 -17.05 -19.33 -3.78
N VAL A 672 -17.41 -18.35 -2.96
CA VAL A 672 -18.58 -17.51 -3.18
C VAL A 672 -18.49 -16.73 -4.49
N GLU A 673 -17.35 -16.10 -4.75
CA GLU A 673 -17.13 -15.28 -5.94
C GLU A 673 -17.01 -16.07 -7.26
N LEU A 674 -16.81 -17.41 -7.18
CA LEU A 674 -16.66 -18.22 -8.39
C LEU A 674 -17.99 -18.52 -9.10
N GLY A 675 -19.07 -18.69 -8.33
CA GLY A 675 -20.38 -18.94 -8.92
C GLY A 675 -21.15 -20.11 -8.32
N THR A 676 -22.19 -20.56 -9.04
CA THR A 676 -23.05 -21.65 -8.59
C THR A 676 -23.18 -22.74 -9.66
N ALA A 677 -22.09 -23.01 -10.42
CA ALA A 677 -21.98 -24.01 -11.49
C ALA A 677 -22.83 -23.73 -12.76
N THR A 678 -24.17 -23.60 -12.64
CA THR A 678 -25.01 -23.34 -13.82
C THR A 678 -25.67 -21.94 -13.84
N GLY A 679 -25.30 -21.08 -12.90
CA GLY A 679 -25.85 -19.73 -12.85
C GLY A 679 -25.08 -18.74 -13.69
N PHE A 680 -25.78 -17.75 -14.26
CA PHE A 680 -25.14 -16.71 -15.05
C PHE A 680 -25.59 -15.31 -14.63
N ASP A 681 -24.72 -14.31 -14.78
CA ASP A 681 -25.03 -12.94 -14.37
C ASP A 681 -25.02 -11.97 -15.55
N PHE A 682 -26.20 -11.67 -16.10
CA PHE A 682 -26.39 -10.78 -17.24
C PHE A 682 -26.60 -9.33 -16.78
N GLU A 683 -26.19 -8.35 -17.61
CA GLU A 683 -26.35 -6.93 -17.29
C GLU A 683 -26.95 -6.18 -18.46
N LEU A 684 -28.22 -5.79 -18.37
CA LEU A 684 -28.88 -5.03 -19.43
C LEU A 684 -28.46 -3.56 -19.35
N ILE A 685 -27.69 -3.06 -20.31
CA ILE A 685 -27.20 -1.68 -20.26
C ILE A 685 -27.97 -0.71 -21.18
N ASP A 686 -28.13 0.54 -20.72
CA ASP A 686 -28.78 1.64 -21.44
C ASP A 686 -27.67 2.53 -22.04
N GLN A 687 -27.40 2.38 -23.35
CA GLN A 687 -26.31 3.09 -24.02
C GLN A 687 -26.75 4.22 -24.94
N ALA A 688 -27.92 4.81 -24.70
CA ALA A 688 -28.39 5.91 -25.55
C ALA A 688 -29.25 6.95 -24.81
N GLY A 689 -29.18 6.97 -23.48
CA GLY A 689 -29.95 7.90 -22.68
C GLY A 689 -31.45 7.72 -22.83
N LEU A 690 -31.88 6.47 -23.02
CA LEU A 690 -33.29 6.13 -23.21
C LEU A 690 -34.13 6.45 -21.98
N GLY A 691 -33.54 6.24 -20.80
CA GLY A 691 -34.23 6.48 -19.54
C GLY A 691 -34.58 5.21 -18.80
N HIS A 692 -35.11 5.34 -17.58
CA HIS A 692 -35.47 4.18 -16.77
C HIS A 692 -36.72 3.48 -17.32
N GLU A 693 -37.74 4.25 -17.71
CA GLU A 693 -38.98 3.70 -18.23
C GLU A 693 -38.76 2.86 -19.49
N LYS A 694 -37.87 3.32 -20.39
CA LYS A 694 -37.59 2.59 -21.61
C LYS A 694 -36.73 1.35 -21.33
N LEU A 695 -35.78 1.45 -20.40
CA LEU A 695 -34.92 0.33 -20.03
C LEU A 695 -35.74 -0.79 -19.36
N THR A 696 -36.77 -0.42 -18.58
CA THR A 696 -37.65 -1.38 -17.92
C THR A 696 -38.41 -2.17 -18.98
N GLN A 697 -38.91 -1.48 -20.02
CA GLN A 697 -39.64 -2.12 -21.11
C GLN A 697 -38.78 -3.10 -21.90
N ALA A 698 -37.50 -2.77 -22.10
CA ALA A 698 -36.57 -3.66 -22.78
C ALA A 698 -36.25 -4.89 -21.93
N ARG A 699 -36.17 -4.70 -20.60
CA ARG A 699 -35.92 -5.79 -19.67
C ARG A 699 -37.11 -6.75 -19.66
N ASN A 700 -38.33 -6.20 -19.68
CA ASN A 700 -39.55 -7.01 -19.69
C ASN A 700 -39.66 -7.81 -20.99
N GLN A 701 -39.27 -7.19 -22.11
CA GLN A 701 -39.29 -7.85 -23.42
C GLN A 701 -38.32 -9.03 -23.42
N LEU A 702 -37.13 -8.83 -22.83
CA LEU A 702 -36.10 -9.87 -22.75
C LEU A 702 -36.54 -11.00 -21.82
N LEU A 703 -37.19 -10.65 -20.70
CA LEU A 703 -37.68 -11.63 -19.72
C LEU A 703 -38.81 -12.48 -20.30
N ALA A 704 -39.64 -11.91 -21.18
CA ALA A 704 -40.72 -12.65 -21.81
C ALA A 704 -40.16 -13.64 -22.83
N GLU A 705 -39.14 -13.22 -23.60
CA GLU A 705 -38.50 -14.07 -24.60
C GLU A 705 -37.66 -15.19 -23.95
N ALA A 706 -37.11 -14.94 -22.75
CA ALA A 706 -36.34 -15.95 -22.03
C ALA A 706 -37.26 -17.06 -21.50
N ALA A 707 -38.51 -16.70 -21.12
CA ALA A 707 -39.49 -17.68 -20.65
C ALA A 707 -39.93 -18.61 -21.77
N LYS A 708 -39.97 -18.11 -23.02
CA LYS A 708 -40.34 -18.90 -24.20
C LYS A 708 -39.33 -20.04 -24.51
N HIS A 709 -38.17 -20.05 -23.84
CA HIS A 709 -37.17 -21.09 -24.02
C HIS A 709 -36.87 -21.79 -22.68
N PRO A 710 -37.81 -22.62 -22.17
CA PRO A 710 -37.54 -23.32 -20.90
C PRO A 710 -36.55 -24.48 -21.04
N ASP A 711 -36.32 -24.95 -22.28
CA ASP A 711 -35.39 -26.03 -22.59
C ASP A 711 -33.92 -25.60 -22.41
N MET A 712 -33.64 -24.29 -22.37
CA MET A 712 -32.28 -23.80 -22.23
C MET A 712 -32.15 -22.81 -21.05
N LEU A 713 -33.15 -21.93 -20.88
CA LEU A 713 -33.11 -20.94 -19.81
C LEU A 713 -34.14 -21.18 -18.72
N THR A 714 -33.69 -21.37 -17.47
CA THR A 714 -34.58 -21.55 -16.33
C THR A 714 -34.29 -20.50 -15.26
N SER A 715 -35.34 -20.06 -14.54
CA SER A 715 -35.25 -19.08 -13.45
C SER A 715 -34.61 -17.74 -13.87
N VAL A 716 -34.98 -17.23 -15.06
CA VAL A 716 -34.47 -15.93 -15.51
C VAL A 716 -35.31 -14.81 -14.90
N ARG A 717 -34.73 -14.06 -13.96
CA ARG A 717 -35.45 -13.00 -13.27
C ARG A 717 -34.53 -11.80 -12.96
N PRO A 718 -35.09 -10.57 -12.81
CA PRO A 718 -34.24 -9.42 -12.52
C PRO A 718 -33.79 -9.37 -11.06
N ASN A 719 -32.62 -8.81 -10.82
CA ASN A 719 -32.08 -8.69 -9.46
C ASN A 719 -32.24 -7.25 -8.98
N GLY A 720 -33.44 -6.70 -9.16
CA GLY A 720 -33.75 -5.34 -8.76
C GLY A 720 -35.17 -5.16 -8.29
N LEU A 721 -35.56 -3.91 -7.97
CA LEU A 721 -36.90 -3.64 -7.49
C LEU A 721 -37.78 -2.91 -8.49
N GLU A 722 -39.05 -3.32 -8.57
CA GLU A 722 -40.03 -2.73 -9.48
C GLU A 722 -40.45 -1.32 -9.02
N ASP A 723 -40.91 -0.49 -9.97
CA ASP A 723 -41.36 0.87 -9.68
C ASP A 723 -42.54 0.87 -8.71
N THR A 724 -42.64 1.89 -7.87
CA THR A 724 -43.73 1.99 -6.90
C THR A 724 -44.33 3.40 -6.87
N PRO A 725 -45.59 3.56 -6.43
CA PRO A 725 -46.18 4.90 -6.37
C PRO A 725 -45.38 5.87 -5.50
N GLN A 726 -45.26 7.11 -5.94
CA GLN A 726 -44.52 8.14 -5.21
C GLN A 726 -45.25 9.47 -5.25
N PHE A 727 -45.26 10.19 -4.12
CA PHE A 727 -45.96 11.45 -3.98
C PHE A 727 -45.20 12.62 -4.61
N LYS A 728 -45.54 12.99 -5.84
CA LYS A 728 -44.89 14.11 -6.52
C LYS A 728 -45.52 15.43 -6.09
N ILE A 729 -44.72 16.32 -5.50
CA ILE A 729 -45.21 17.63 -5.06
C ILE A 729 -44.48 18.77 -5.79
N ASP A 730 -45.24 19.67 -6.42
CA ASP A 730 -44.66 20.79 -7.16
C ASP A 730 -44.77 22.09 -6.39
N ILE A 731 -43.64 22.69 -6.01
CA ILE A 731 -43.64 23.96 -5.31
C ILE A 731 -43.83 25.09 -6.31
N ASP A 732 -44.97 25.79 -6.24
CA ASP A 732 -45.24 26.89 -7.16
C ASP A 732 -44.37 28.09 -6.82
N GLN A 733 -43.40 28.38 -7.68
CA GLN A 733 -42.45 29.48 -7.47
C GLN A 733 -43.12 30.85 -7.46
N GLU A 734 -44.12 31.06 -8.34
CA GLU A 734 -44.80 32.35 -8.41
C GLU A 734 -45.61 32.65 -7.14
N LYS A 735 -46.35 31.65 -6.63
CA LYS A 735 -47.16 31.82 -5.42
C LYS A 735 -46.27 32.01 -4.20
N ALA A 736 -45.14 31.31 -4.14
CA ALA A 736 -44.20 31.46 -3.03
C ALA A 736 -43.57 32.86 -3.05
N GLN A 737 -43.25 33.37 -4.24
CA GLN A 737 -42.68 34.72 -4.38
C GLN A 737 -43.72 35.79 -4.06
N ALA A 738 -45.00 35.53 -4.36
CA ALA A 738 -46.09 36.46 -4.08
C ALA A 738 -46.33 36.56 -2.58
N LEU A 739 -46.27 35.43 -1.87
CA LEU A 739 -46.47 35.40 -0.41
C LEU A 739 -45.22 35.81 0.38
N GLY A 740 -44.05 35.70 -0.24
CA GLY A 740 -42.79 36.03 0.41
C GLY A 740 -42.18 34.87 1.16
N VAL A 741 -42.52 33.63 0.75
CA VAL A 741 -42.00 32.43 1.39
C VAL A 741 -40.74 31.95 0.68
N SER A 742 -39.63 31.81 1.42
CA SER A 742 -38.35 31.38 0.84
C SER A 742 -38.43 29.95 0.32
N ILE A 743 -37.73 29.66 -0.77
CA ILE A 743 -37.67 28.30 -1.30
C ILE A 743 -36.82 27.40 -0.38
N ASN A 744 -35.77 27.98 0.25
CA ASN A 744 -34.95 27.25 1.20
C ASN A 744 -35.79 26.90 2.44
N ASP A 745 -36.66 27.82 2.88
CA ASP A 745 -37.55 27.60 4.03
C ASP A 745 -38.57 26.50 3.73
N ILE A 746 -39.04 26.42 2.48
CA ILE A 746 -40.01 25.40 2.07
C ILE A 746 -39.34 24.03 2.01
N ASN A 747 -38.20 23.92 1.31
CA ASN A 747 -37.50 22.65 1.16
C ASN A 747 -36.88 22.15 2.47
N THR A 748 -36.55 23.07 3.40
CA THR A 748 -36.03 22.66 4.71
C THR A 748 -37.19 22.12 5.56
N THR A 749 -38.35 22.79 5.52
CA THR A 749 -39.52 22.37 6.27
C THR A 749 -40.02 21.02 5.75
N LEU A 750 -40.07 20.84 4.44
CA LEU A 750 -40.53 19.58 3.84
C LEU A 750 -39.53 18.45 4.08
N GLY A 751 -38.24 18.76 3.95
CA GLY A 751 -37.17 17.79 4.10
C GLY A 751 -36.91 17.32 5.52
N ALA A 752 -36.87 18.26 6.47
CA ALA A 752 -36.57 17.92 7.86
C ALA A 752 -37.74 17.23 8.56
N ALA A 753 -38.98 17.53 8.15
CA ALA A 753 -40.15 16.92 8.79
C ALA A 753 -40.45 15.52 8.28
N TRP A 754 -40.38 15.31 6.97
CA TRP A 754 -40.74 14.01 6.39
C TRP A 754 -39.53 13.09 6.15
N GLY A 755 -38.35 13.66 6.02
CA GLY A 755 -37.14 12.88 5.77
C GLY A 755 -36.20 12.84 6.95
N GLY A 756 -36.16 13.92 7.71
CA GLY A 756 -35.28 14.04 8.86
C GLY A 756 -33.97 14.73 8.53
N SER A 757 -33.50 15.60 9.42
CA SER A 757 -32.25 16.33 9.17
C SER A 757 -31.29 16.24 10.35
N TYR A 758 -30.05 15.84 10.07
CA TYR A 758 -29.00 15.74 11.07
C TYR A 758 -28.47 17.16 11.33
N VAL A 759 -28.96 17.79 12.41
CA VAL A 759 -28.62 19.17 12.74
C VAL A 759 -27.15 19.34 13.16
N ASN A 760 -26.73 18.71 14.27
CA ASN A 760 -25.35 18.79 14.75
C ASN A 760 -25.02 17.63 15.74
N ASP A 761 -23.93 17.74 16.51
CA ASP A 761 -23.54 16.70 17.45
C ASP A 761 -23.85 17.05 18.91
N PHE A 762 -23.92 16.02 19.76
CA PHE A 762 -24.12 16.17 21.20
C PHE A 762 -23.32 15.07 21.94
N ILE A 763 -23.15 15.20 23.28
CA ILE A 763 -22.36 14.22 24.02
C ILE A 763 -23.23 13.32 24.90
N ASP A 764 -23.52 12.10 24.42
CA ASP A 764 -24.30 11.15 25.21
C ASP A 764 -23.38 10.24 25.99
N ARG A 765 -23.28 10.46 27.32
CA ARG A 765 -22.44 9.69 28.22
C ARG A 765 -20.99 9.61 27.77
N GLY A 766 -20.38 10.78 27.55
CA GLY A 766 -18.98 10.90 27.16
C GLY A 766 -18.66 10.48 25.74
N ARG A 767 -19.69 10.30 24.90
CA ARG A 767 -19.48 9.87 23.53
C ARG A 767 -20.25 10.77 22.56
N VAL A 768 -19.56 11.30 21.53
CA VAL A 768 -20.19 12.17 20.57
C VAL A 768 -21.18 11.39 19.68
N LYS A 769 -22.43 11.86 19.62
CA LYS A 769 -23.48 11.24 18.84
C LYS A 769 -24.25 12.29 17.99
N LYS A 770 -25.08 11.84 17.05
CA LYS A 770 -25.81 12.73 16.15
C LYS A 770 -27.09 13.32 16.79
N VAL A 771 -27.58 14.44 16.24
CA VAL A 771 -28.84 15.06 16.67
C VAL A 771 -29.73 15.15 15.45
N TYR A 772 -30.89 14.47 15.48
CA TYR A 772 -31.80 14.46 14.34
C TYR A 772 -33.09 15.20 14.61
N VAL A 773 -33.47 16.08 13.69
CA VAL A 773 -34.73 16.80 13.78
C VAL A 773 -35.69 16.24 12.72
N MET A 774 -36.78 15.63 13.17
CA MET A 774 -37.76 14.99 12.30
C MET A 774 -39.16 15.09 12.92
N SER A 775 -40.21 15.00 12.11
CA SER A 775 -41.57 15.05 12.61
C SER A 775 -41.94 13.78 13.36
N GLU A 776 -42.84 13.90 14.32
CA GLU A 776 -43.35 12.75 15.05
C GLU A 776 -44.17 11.88 14.08
N ALA A 777 -44.02 10.55 14.18
CA ALA A 777 -44.65 9.57 13.29
C ALA A 777 -46.09 9.92 12.82
N LYS A 778 -47.00 10.24 13.76
CA LYS A 778 -48.41 10.53 13.44
C LYS A 778 -48.63 11.75 12.52
N TYR A 779 -47.60 12.57 12.28
CA TYR A 779 -47.72 13.74 11.41
C TYR A 779 -47.04 13.59 10.05
N ARG A 780 -46.59 12.37 9.71
CA ARG A 780 -45.96 12.11 8.42
C ARG A 780 -46.33 10.72 7.90
N MET A 781 -47.58 10.31 8.13
CA MET A 781 -48.08 9.01 7.69
C MET A 781 -49.06 9.14 6.52
N LEU A 782 -49.84 10.23 6.49
CA LEU A 782 -50.87 10.42 5.47
C LEU A 782 -50.57 11.58 4.52
N PRO A 783 -51.01 11.48 3.25
CA PRO A 783 -50.76 12.57 2.29
C PRO A 783 -51.50 13.87 2.63
N ASP A 784 -52.55 13.79 3.46
CA ASP A 784 -53.29 14.99 3.89
C ASP A 784 -52.49 15.81 4.94
N ASP A 785 -51.50 15.17 5.61
CA ASP A 785 -50.66 15.83 6.59
C ASP A 785 -49.63 16.81 5.96
N ILE A 786 -49.54 16.85 4.62
CA ILE A 786 -48.63 17.77 3.90
C ILE A 786 -49.07 19.22 4.18
N GLY A 787 -50.36 19.48 4.08
CA GLY A 787 -50.94 20.79 4.32
C GLY A 787 -50.89 21.24 5.77
N ASP A 788 -50.78 20.29 6.70
CA ASP A 788 -50.68 20.59 8.14
C ASP A 788 -49.37 21.32 8.53
N TRP A 789 -48.41 21.43 7.59
CA TRP A 789 -47.15 22.09 7.85
C TRP A 789 -47.17 23.54 7.42
N TYR A 790 -46.85 24.46 8.34
CA TYR A 790 -46.89 25.88 8.07
C TYR A 790 -45.50 26.50 8.01
N VAL A 791 -45.20 27.19 6.92
CA VAL A 791 -43.92 27.86 6.73
C VAL A 791 -44.13 29.37 6.88
N ARG A 792 -43.29 30.05 7.66
CA ARG A 792 -43.44 31.48 7.90
C ARG A 792 -42.91 32.31 6.76
N ALA A 793 -43.73 33.23 6.26
CA ALA A 793 -43.36 34.15 5.18
C ALA A 793 -42.55 35.36 5.74
N ALA A 794 -41.93 36.17 4.85
CA ALA A 794 -41.14 37.34 5.26
C ALA A 794 -41.93 38.33 6.12
N ASP A 795 -43.25 38.48 5.85
CA ASP A 795 -44.09 39.38 6.65
C ASP A 795 -44.66 38.75 7.94
N GLY A 796 -44.06 37.64 8.38
CA GLY A 796 -44.45 36.96 9.61
C GLY A 796 -45.68 36.09 9.54
N GLN A 797 -46.33 36.01 8.36
CA GLN A 797 -47.55 35.23 8.22
C GLN A 797 -47.29 33.74 7.99
N MET A 798 -47.97 32.88 8.76
CA MET A 798 -47.80 31.43 8.64
C MET A 798 -48.60 30.90 7.46
N VAL A 799 -47.90 30.44 6.42
CA VAL A 799 -48.53 29.95 5.21
C VAL A 799 -48.48 28.42 5.13
N PRO A 800 -49.64 27.75 4.95
CA PRO A 800 -49.63 26.29 4.83
C PRO A 800 -49.04 25.82 3.51
N PHE A 801 -48.57 24.56 3.47
CA PHE A 801 -47.97 23.97 2.27
C PHE A 801 -48.95 23.85 1.10
N SER A 802 -50.25 23.72 1.40
CA SER A 802 -51.28 23.61 0.37
C SER A 802 -51.49 24.93 -0.39
N ALA A 803 -51.16 26.07 0.23
CA ALA A 803 -51.33 27.37 -0.40
C ALA A 803 -50.33 27.64 -1.53
N PHE A 804 -49.17 26.96 -1.52
CA PHE A 804 -48.15 27.19 -2.54
C PHE A 804 -47.66 25.93 -3.26
N SER A 805 -48.38 24.80 -3.13
CA SER A 805 -47.92 23.56 -3.78
C SER A 805 -49.04 22.62 -4.20
N SER A 806 -48.85 21.97 -5.35
CA SER A 806 -49.78 20.96 -5.87
C SER A 806 -49.17 19.55 -5.69
N SER A 807 -49.98 18.50 -5.80
CA SER A 807 -49.50 17.14 -5.61
C SER A 807 -50.24 16.11 -6.45
N ARG A 808 -49.53 15.05 -6.86
CA ARG A 808 -50.11 13.99 -7.68
C ARG A 808 -49.33 12.68 -7.51
N TRP A 809 -49.98 11.55 -7.76
CA TRP A 809 -49.33 10.24 -7.68
C TRP A 809 -48.67 9.88 -9.02
N GLU A 810 -47.50 9.25 -8.95
CA GLU A 810 -46.77 8.80 -10.14
C GLU A 810 -45.95 7.53 -9.82
N TYR A 811 -45.28 6.92 -10.82
CA TYR A 811 -44.48 5.72 -10.57
C TYR A 811 -42.99 6.00 -10.74
N GLY A 812 -42.18 5.47 -9.84
CA GLY A 812 -40.75 5.67 -9.84
C GLY A 812 -40.01 4.58 -9.11
N SER A 813 -38.85 4.16 -9.65
CA SER A 813 -38.06 3.07 -9.09
C SER A 813 -37.39 3.43 -7.78
N PRO A 814 -37.47 2.54 -6.78
CA PRO A 814 -36.79 2.80 -5.51
C PRO A 814 -35.34 2.31 -5.45
N ARG A 815 -34.81 1.79 -6.57
CA ARG A 815 -33.47 1.26 -6.65
C ARG A 815 -32.95 1.40 -8.08
N LEU A 816 -32.03 2.35 -8.31
CA LEU A 816 -31.47 2.57 -9.64
C LEU A 816 -30.09 1.95 -9.76
N GLU A 817 -29.94 0.98 -10.66
CA GLU A 817 -28.66 0.28 -10.85
C GLU A 817 -27.87 0.90 -11.98
N ARG A 818 -26.53 0.90 -11.86
CA ARG A 818 -25.66 1.44 -12.91
C ARG A 818 -24.43 0.55 -13.13
N TYR A 819 -24.28 -0.02 -14.33
CA TYR A 819 -23.13 -0.87 -14.65
C TYR A 819 -22.16 -0.13 -15.53
N ASN A 820 -20.90 -0.01 -15.08
CA ASN A 820 -19.81 0.69 -15.74
C ASN A 820 -20.12 2.16 -16.02
N GLY A 821 -20.81 2.80 -15.09
CA GLY A 821 -21.15 4.21 -15.21
C GLY A 821 -22.42 4.51 -15.99
N LEU A 822 -22.99 3.50 -16.65
CA LEU A 822 -24.20 3.66 -17.46
C LEU A 822 -25.42 3.08 -16.75
N PRO A 823 -26.64 3.58 -17.02
CA PRO A 823 -27.84 2.98 -16.39
C PRO A 823 -28.00 1.52 -16.78
N SER A 824 -28.38 0.65 -15.83
CA SER A 824 -28.48 -0.79 -16.12
C SER A 824 -29.54 -1.53 -15.29
N MET A 825 -29.85 -2.79 -15.68
CA MET A 825 -30.76 -3.67 -14.97
C MET A 825 -30.21 -5.09 -14.94
N GLU A 826 -29.67 -5.50 -13.80
CA GLU A 826 -29.05 -6.81 -13.61
C GLU A 826 -30.07 -7.94 -13.70
N ILE A 827 -29.78 -8.97 -14.51
CA ILE A 827 -30.68 -10.11 -14.65
C ILE A 827 -29.97 -11.42 -14.30
N LEU A 828 -30.46 -12.12 -13.28
CA LEU A 828 -29.89 -13.42 -12.90
C LEU A 828 -30.64 -14.54 -13.64
N GLY A 829 -29.97 -15.66 -13.82
CA GLY A 829 -30.56 -16.81 -14.50
C GLY A 829 -29.79 -18.10 -14.31
N GLN A 830 -30.40 -19.22 -14.69
CA GLN A 830 -29.76 -20.54 -14.58
C GLN A 830 -29.86 -21.31 -15.88
N ALA A 831 -28.94 -22.25 -16.11
CA ALA A 831 -28.99 -23.09 -17.30
C ALA A 831 -29.89 -24.28 -17.01
N ALA A 832 -30.82 -24.59 -17.94
CA ALA A 832 -31.77 -25.69 -17.78
C ALA A 832 -31.04 -27.04 -17.65
N PRO A 833 -31.61 -27.99 -16.88
CA PRO A 833 -30.93 -29.29 -16.68
C PRO A 833 -30.43 -29.95 -17.96
N GLY A 834 -29.14 -30.28 -17.98
CA GLY A 834 -28.50 -30.91 -19.12
C GLY A 834 -27.72 -29.93 -19.98
N LYS A 835 -28.22 -28.68 -20.07
CA LYS A 835 -27.57 -27.65 -20.87
C LYS A 835 -26.43 -26.99 -20.10
N SER A 836 -25.31 -26.73 -20.78
CA SER A 836 -24.16 -26.08 -20.17
C SER A 836 -24.37 -24.55 -20.06
N THR A 837 -23.57 -23.88 -19.21
CA THR A 837 -23.66 -22.44 -19.05
C THR A 837 -23.31 -21.69 -20.36
N GLY A 838 -22.42 -22.27 -21.17
CA GLY A 838 -22.00 -21.71 -22.45
C GLY A 838 -23.14 -21.51 -23.43
N GLU A 839 -23.97 -22.54 -23.64
CA GLU A 839 -25.10 -22.44 -24.55
C GLU A 839 -26.28 -21.63 -23.96
N ALA A 840 -26.34 -21.53 -22.63
CA ALA A 840 -27.36 -20.73 -21.95
C ALA A 840 -27.03 -19.23 -22.14
N MET A 841 -25.73 -18.88 -22.02
CA MET A 841 -25.26 -17.51 -22.24
C MET A 841 -25.40 -17.12 -23.71
N GLU A 842 -25.13 -18.07 -24.63
CA GLU A 842 -25.25 -17.85 -26.07
C GLU A 842 -26.67 -17.48 -26.45
N LEU A 843 -27.66 -18.17 -25.86
CA LEU A 843 -29.08 -17.89 -26.13
C LEU A 843 -29.48 -16.50 -25.60
N MET A 844 -28.91 -16.10 -24.46
CA MET A 844 -29.18 -14.78 -23.88
C MET A 844 -28.64 -13.67 -24.78
N GLU A 845 -27.48 -13.90 -25.43
CA GLU A 845 -26.89 -12.93 -26.35
C GLU A 845 -27.74 -12.79 -27.62
N GLN A 846 -28.36 -13.90 -28.08
CA GLN A 846 -29.24 -13.90 -29.25
C GLN A 846 -30.49 -13.06 -28.95
N LEU A 847 -31.06 -13.23 -27.74
CA LEU A 847 -32.25 -12.50 -27.32
C LEU A 847 -31.93 -11.02 -27.04
N ALA A 848 -30.69 -10.72 -26.59
CA ALA A 848 -30.26 -9.35 -26.31
C ALA A 848 -30.07 -8.52 -27.60
N SER A 849 -29.78 -9.19 -28.73
CA SER A 849 -29.62 -8.51 -30.01
C SER A 849 -30.97 -8.05 -30.57
N LYS A 850 -32.04 -8.81 -30.29
CA LYS A 850 -33.39 -8.49 -30.75
C LYS A 850 -34.08 -7.36 -29.94
N LEU A 851 -33.41 -6.85 -28.90
CA LEU A 851 -33.94 -5.78 -28.05
C LEU A 851 -33.91 -4.42 -28.77
N PRO A 852 -34.75 -3.45 -28.34
CA PRO A 852 -34.75 -2.13 -29.00
C PRO A 852 -33.40 -1.42 -29.13
N THR A 853 -33.36 -0.38 -29.98
CA THR A 853 -32.17 0.42 -30.26
C THR A 853 -31.69 1.16 -29.01
N GLY A 854 -30.38 1.12 -28.77
CA GLY A 854 -29.78 1.76 -27.61
C GLY A 854 -29.60 0.83 -26.43
N VAL A 855 -30.23 -0.35 -26.46
CA VAL A 855 -30.11 -1.31 -25.37
C VAL A 855 -29.01 -2.33 -25.64
N GLY A 856 -27.93 -2.23 -24.88
CA GLY A 856 -26.80 -3.15 -24.98
C GLY A 856 -26.74 -4.12 -23.82
N TYR A 857 -25.64 -4.88 -23.71
CA TYR A 857 -25.51 -5.87 -22.66
C TYR A 857 -24.05 -6.17 -22.29
N ASP A 858 -23.84 -6.84 -21.14
CA ASP A 858 -22.52 -7.24 -20.66
C ASP A 858 -22.63 -8.37 -19.63
N TRP A 859 -21.56 -9.16 -19.45
CA TRP A 859 -21.56 -10.22 -18.46
C TRP A 859 -20.70 -9.81 -17.25
N THR A 860 -21.07 -10.27 -16.04
CA THR A 860 -20.36 -9.87 -14.83
C THR A 860 -20.15 -11.02 -13.83
N GLY A 861 -19.17 -10.85 -12.95
CA GLY A 861 -18.86 -11.79 -11.87
C GLY A 861 -18.44 -13.18 -12.31
N MET A 862 -19.34 -14.17 -12.13
CA MET A 862 -19.08 -15.56 -12.48
C MET A 862 -18.95 -15.75 -13.99
N SER A 863 -19.77 -15.01 -14.77
CA SER A 863 -19.72 -15.08 -16.23
C SER A 863 -18.48 -14.37 -16.82
N TYR A 864 -17.81 -13.52 -16.04
CA TYR A 864 -16.58 -12.83 -16.44
C TYR A 864 -15.39 -13.82 -16.38
N GLN A 865 -15.40 -14.75 -15.42
CA GLN A 865 -14.37 -15.77 -15.23
C GLN A 865 -14.39 -16.80 -16.36
N GLU A 866 -15.58 -17.23 -16.78
CA GLU A 866 -15.75 -18.23 -17.84
C GLU A 866 -15.24 -17.74 -19.20
N ARG A 867 -15.53 -16.47 -19.55
CA ARG A 867 -15.10 -15.90 -20.82
C ARG A 867 -13.58 -15.75 -20.91
N LEU A 868 -12.93 -15.42 -19.78
CA LEU A 868 -11.47 -15.31 -19.74
C LEU A 868 -10.85 -16.68 -19.63
N SER A 869 -10.45 -17.27 -20.79
CA SER A 869 -9.84 -18.60 -20.89
C SER A 869 -10.78 -19.76 -20.46
N GLY A 870 -10.49 -20.96 -20.93
CA GLY A 870 -11.30 -22.13 -20.61
C GLY A 870 -10.86 -23.37 -21.35
N ASN A 871 -11.12 -24.55 -20.76
CA ASN A 871 -10.76 -25.86 -21.31
C ASN A 871 -9.27 -25.97 -21.63
N GLN A 872 -8.42 -25.45 -20.73
CA GLN A 872 -6.97 -25.52 -20.89
C GLN A 872 -6.35 -26.80 -20.24
N ALA A 873 -7.19 -27.74 -19.79
CA ALA A 873 -6.73 -28.99 -19.18
C ALA A 873 -6.15 -30.00 -20.18
N PRO A 874 -6.81 -30.27 -21.34
CA PRO A 874 -6.21 -31.22 -22.30
C PRO A 874 -4.85 -30.77 -22.81
N SER A 875 -4.64 -29.44 -22.91
CA SER A 875 -3.37 -28.88 -23.38
C SER A 875 -2.24 -29.17 -22.38
N LEU A 876 -2.49 -28.92 -21.09
CA LEU A 876 -1.49 -29.16 -20.05
C LEU A 876 -1.24 -30.64 -19.83
N TYR A 877 -2.26 -31.48 -19.99
CA TYR A 877 -2.10 -32.93 -19.82
C TYR A 877 -1.48 -33.60 -21.06
N ALA A 878 -1.51 -32.94 -22.22
CA ALA A 878 -0.83 -33.45 -23.41
C ALA A 878 0.69 -33.27 -23.22
N ILE A 879 1.10 -32.12 -22.66
CA ILE A 879 2.50 -31.83 -22.33
C ILE A 879 3.00 -32.81 -21.28
N SER A 880 2.16 -33.13 -20.27
CA SER A 880 2.50 -34.10 -19.23
C SER A 880 2.88 -35.45 -19.82
N LEU A 881 2.10 -35.93 -20.82
CA LEU A 881 2.37 -37.20 -21.49
C LEU A 881 3.70 -37.17 -22.21
N ILE A 882 4.00 -36.04 -22.88
CA ILE A 882 5.24 -35.87 -23.63
C ILE A 882 6.46 -35.82 -22.70
N VAL A 883 6.40 -35.01 -21.63
CA VAL A 883 7.52 -34.89 -20.70
C VAL A 883 7.74 -36.19 -19.89
N VAL A 884 6.65 -36.94 -19.62
CA VAL A 884 6.77 -38.23 -18.93
C VAL A 884 7.45 -39.23 -19.90
N PHE A 885 7.08 -39.20 -21.19
CA PHE A 885 7.68 -40.05 -22.21
C PHE A 885 9.17 -39.73 -22.36
N LEU A 886 9.53 -38.44 -22.36
CA LEU A 886 10.92 -38.03 -22.49
C LEU A 886 11.74 -38.45 -21.28
N CYS A 887 11.22 -38.21 -20.07
CA CYS A 887 11.93 -38.60 -18.85
C CYS A 887 12.14 -40.12 -18.77
N LEU A 888 11.16 -40.90 -19.25
CA LEU A 888 11.27 -42.35 -19.28
C LEU A 888 12.25 -42.81 -20.37
N ALA A 889 12.31 -42.08 -21.50
CA ALA A 889 13.23 -42.40 -22.59
C ALA A 889 14.69 -42.14 -22.20
N ALA A 890 14.92 -41.15 -21.32
CA ALA A 890 16.27 -40.85 -20.83
C ALA A 890 16.68 -41.89 -19.79
N LEU A 891 15.74 -42.31 -18.94
CA LEU A 891 15.98 -43.30 -17.89
C LEU A 891 16.25 -44.68 -18.51
N TYR A 892 15.55 -45.02 -19.60
CA TYR A 892 15.71 -46.32 -20.25
C TYR A 892 16.65 -46.33 -21.45
N GLU A 893 17.09 -45.14 -21.92
CA GLU A 893 17.97 -45.03 -23.08
C GLU A 893 17.35 -45.73 -24.32
N SER A 894 16.04 -45.53 -24.52
CA SER A 894 15.30 -46.12 -25.62
C SER A 894 14.01 -45.34 -25.87
N TRP A 895 13.63 -45.15 -27.15
CA TRP A 895 12.40 -44.44 -27.47
C TRP A 895 11.15 -45.37 -27.50
N SER A 896 11.32 -46.68 -27.26
CA SER A 896 10.22 -47.64 -27.32
C SER A 896 9.82 -48.17 -25.95
N ILE A 897 10.82 -48.42 -25.08
CA ILE A 897 10.59 -48.94 -23.73
C ILE A 897 9.64 -48.03 -22.84
N PRO A 898 9.68 -46.68 -22.96
CA PRO A 898 8.75 -45.86 -22.15
C PRO A 898 7.27 -46.21 -22.32
N PHE A 899 6.90 -46.81 -23.46
CA PHE A 899 5.52 -47.20 -23.72
C PHE A 899 5.05 -48.33 -22.80
N SER A 900 5.98 -49.23 -22.40
CA SER A 900 5.65 -50.33 -21.48
C SER A 900 5.24 -49.81 -20.08
N VAL A 901 5.76 -48.63 -19.69
CA VAL A 901 5.42 -48.02 -18.41
C VAL A 901 4.20 -47.12 -18.57
N MET A 902 4.13 -46.37 -19.67
CA MET A 902 3.02 -45.44 -19.93
C MET A 902 1.68 -46.13 -20.21
N LEU A 903 1.67 -47.42 -20.54
CA LEU A 903 0.42 -48.14 -20.81
C LEU A 903 -0.35 -48.54 -19.53
N VAL A 904 0.21 -48.26 -18.33
CA VAL A 904 -0.48 -48.61 -17.08
C VAL A 904 -1.46 -47.51 -16.60
N VAL A 905 -1.47 -46.34 -17.26
CA VAL A 905 -2.36 -45.24 -16.90
C VAL A 905 -3.85 -45.66 -16.87
N PRO A 906 -4.40 -46.32 -17.94
CA PRO A 906 -5.82 -46.71 -17.89
C PRO A 906 -6.16 -47.77 -16.83
N LEU A 907 -5.16 -48.50 -16.33
CA LEU A 907 -5.38 -49.52 -15.28
C LEU A 907 -5.79 -48.89 -13.93
N GLY A 908 -5.36 -47.65 -13.68
CA GLY A 908 -5.70 -46.93 -12.47
C GLY A 908 -6.93 -46.05 -12.62
N VAL A 909 -7.14 -45.51 -13.83
CA VAL A 909 -8.28 -44.65 -14.11
C VAL A 909 -9.60 -45.45 -14.17
N ILE A 910 -9.54 -46.73 -14.60
CA ILE A 910 -10.74 -47.57 -14.69
C ILE A 910 -11.39 -47.79 -13.32
N GLY A 911 -10.58 -47.94 -12.28
CA GLY A 911 -11.07 -48.16 -10.94
C GLY A 911 -11.54 -46.89 -10.26
N ALA A 912 -10.85 -45.77 -10.54
CA ALA A 912 -11.21 -44.48 -9.96
C ALA A 912 -12.57 -44.03 -10.48
N LEU A 913 -12.83 -44.23 -11.78
CA LEU A 913 -14.10 -43.89 -12.38
C LEU A 913 -15.21 -44.82 -11.91
N LEU A 914 -14.89 -46.11 -11.69
CA LEU A 914 -15.87 -47.09 -11.20
C LEU A 914 -16.31 -46.74 -9.80
N ALA A 915 -15.39 -46.30 -8.94
CA ALA A 915 -15.72 -45.93 -7.58
C ALA A 915 -16.48 -44.61 -7.52
N ALA A 916 -16.13 -43.64 -8.39
CA ALA A 916 -16.80 -42.35 -8.42
C ALA A 916 -18.21 -42.44 -9.00
N THR A 917 -18.41 -43.29 -10.02
CA THR A 917 -19.72 -43.44 -10.64
C THR A 917 -20.70 -44.23 -9.77
N PHE A 918 -20.23 -45.32 -9.15
CA PHE A 918 -21.10 -46.13 -8.30
C PHE A 918 -21.46 -45.44 -6.99
N ARG A 919 -20.59 -44.54 -6.50
CA ARG A 919 -20.89 -43.79 -5.27
C ARG A 919 -21.69 -42.47 -5.54
N GLY A 920 -21.78 -42.05 -6.79
CA GLY A 920 -22.52 -40.86 -7.16
C GLY A 920 -21.73 -39.58 -6.98
N LEU A 921 -20.40 -39.68 -7.07
CA LEU A 921 -19.50 -38.53 -6.96
C LEU A 921 -19.28 -37.86 -8.33
N THR A 922 -18.63 -36.68 -8.35
CA THR A 922 -18.35 -35.96 -9.59
C THR A 922 -16.84 -35.83 -9.85
N ASN A 923 -16.47 -35.45 -11.09
CA ASN A 923 -15.07 -35.25 -11.47
C ASN A 923 -14.60 -33.88 -10.95
N ASP A 924 -14.40 -33.78 -9.63
CA ASP A 924 -13.98 -32.52 -9.00
C ASP A 924 -12.44 -32.41 -8.86
N VAL A 925 -11.94 -31.30 -8.24
CA VAL A 925 -10.52 -31.08 -8.00
C VAL A 925 -9.91 -32.24 -7.22
N TYR A 926 -10.62 -32.70 -6.19
CA TYR A 926 -10.16 -33.80 -5.34
C TYR A 926 -10.07 -35.13 -6.09
N PHE A 927 -10.92 -35.33 -7.09
CA PHE A 927 -10.88 -36.56 -7.89
C PHE A 927 -9.69 -36.54 -8.84
N GLN A 928 -9.41 -35.37 -9.45
CA GLN A 928 -8.31 -35.20 -10.39
C GLN A 928 -6.94 -35.37 -9.74
N VAL A 929 -6.75 -34.80 -8.54
CA VAL A 929 -5.46 -34.92 -7.85
C VAL A 929 -5.25 -36.34 -7.28
N GLY A 930 -6.34 -37.00 -6.90
CA GLY A 930 -6.29 -38.38 -6.44
C GLY A 930 -6.01 -39.33 -7.58
N LEU A 931 -6.49 -38.99 -8.79
CA LEU A 931 -6.25 -39.78 -9.99
C LEU A 931 -4.78 -39.67 -10.40
N LEU A 932 -4.18 -38.46 -10.26
CA LEU A 932 -2.77 -38.25 -10.59
C LEU A 932 -1.84 -38.96 -9.59
N THR A 933 -2.29 -39.11 -8.34
CA THR A 933 -1.54 -39.82 -7.31
C THR A 933 -1.57 -41.32 -7.61
N THR A 934 -2.75 -41.84 -8.02
CA THR A 934 -2.92 -43.24 -8.40
C THR A 934 -2.11 -43.54 -9.66
N ILE A 935 -2.18 -42.65 -10.66
CA ILE A 935 -1.44 -42.78 -11.92
C ILE A 935 0.06 -42.74 -11.65
N GLY A 936 0.49 -41.82 -10.80
CA GLY A 936 1.89 -41.68 -10.43
C GLY A 936 2.43 -42.91 -9.72
N LEU A 937 1.67 -43.44 -8.76
CA LEU A 937 2.10 -44.62 -8.02
C LEU A 937 2.08 -45.88 -8.89
N SER A 938 1.11 -45.98 -9.82
CA SER A 938 1.05 -47.12 -10.73
C SER A 938 2.19 -47.08 -11.74
N ALA A 939 2.54 -45.88 -12.22
CA ALA A 939 3.66 -45.70 -13.14
C ALA A 939 4.99 -45.96 -12.43
N LYS A 940 5.09 -45.58 -11.15
CA LYS A 940 6.30 -45.81 -10.35
C LYS A 940 6.53 -47.30 -10.14
N ASN A 941 5.44 -48.06 -9.91
CA ASN A 941 5.54 -49.52 -9.75
C ASN A 941 5.95 -50.16 -11.08
N ALA A 942 5.40 -49.67 -12.20
CA ALA A 942 5.74 -50.16 -13.53
C ALA A 942 7.18 -49.81 -13.91
N ILE A 943 7.71 -48.69 -13.41
CA ILE A 943 9.08 -48.27 -13.69
C ILE A 943 10.05 -49.28 -13.10
N LEU A 944 9.84 -49.70 -11.85
CA LEU A 944 10.73 -50.63 -11.19
C LEU A 944 10.63 -52.06 -11.74
N ILE A 945 9.48 -52.44 -12.32
CA ILE A 945 9.35 -53.77 -12.93
C ILE A 945 10.15 -53.80 -14.24
N VAL A 946 9.97 -52.75 -15.07
CA VAL A 946 10.66 -52.64 -16.35
C VAL A 946 12.18 -52.42 -16.17
N GLU A 947 12.58 -51.67 -15.13
CA GLU A 947 14.01 -51.44 -14.87
C GLU A 947 14.69 -52.71 -14.36
N PHE A 948 14.00 -53.48 -13.53
CA PHE A 948 14.55 -54.73 -13.02
C PHE A 948 14.67 -55.77 -14.14
N ALA A 949 13.71 -55.79 -15.07
CA ALA A 949 13.73 -56.73 -16.19
C ALA A 949 14.76 -56.32 -17.24
N LYS A 950 14.95 -55.02 -17.45
CA LYS A 950 15.94 -54.53 -18.42
C LYS A 950 17.36 -54.74 -17.90
N ASP A 951 17.58 -54.50 -16.59
CA ASP A 951 18.90 -54.71 -16.00
C ASP A 951 19.29 -56.18 -15.94
N LEU A 952 18.31 -57.09 -15.88
CA LEU A 952 18.60 -58.53 -15.90
C LEU A 952 18.96 -59.00 -17.32
N MET A 953 18.46 -58.32 -18.37
CA MET A 953 18.78 -58.68 -19.75
C MET A 953 20.13 -58.08 -20.16
N ASP A 954 20.43 -56.86 -19.70
CA ASP A 954 21.67 -56.20 -20.08
C ASP A 954 22.85 -56.53 -19.15
N LYS A 955 22.71 -56.29 -17.83
CA LYS A 955 23.80 -56.54 -16.89
C LYS A 955 23.96 -58.01 -16.48
N GLU A 956 23.01 -58.88 -16.84
CA GLU A 956 23.10 -60.31 -16.48
C GLU A 956 23.08 -61.24 -17.71
N GLY A 957 22.41 -60.81 -18.77
CA GLY A 957 22.32 -61.60 -19.99
C GLY A 957 21.15 -62.56 -20.03
N LYS A 958 20.11 -62.30 -19.23
CA LYS A 958 18.93 -63.15 -19.20
C LYS A 958 18.01 -62.90 -20.41
N GLY A 959 17.19 -63.88 -20.74
CA GLY A 959 16.25 -63.78 -21.85
C GLY A 959 15.10 -62.84 -21.56
N LEU A 960 14.27 -62.55 -22.58
CA LEU A 960 13.14 -61.64 -22.40
C LEU A 960 12.12 -62.17 -21.40
N ILE A 961 11.68 -63.43 -21.57
CA ILE A 961 10.70 -64.03 -20.66
C ILE A 961 11.31 -64.41 -19.32
N GLU A 962 12.58 -64.86 -19.34
CA GLU A 962 13.29 -65.23 -18.11
C GLU A 962 13.47 -64.03 -17.16
N ALA A 963 13.88 -62.88 -17.71
CA ALA A 963 14.07 -61.68 -16.89
C ALA A 963 12.76 -61.01 -16.50
N THR A 964 11.72 -61.15 -17.34
CA THR A 964 10.40 -60.56 -17.04
C THR A 964 9.77 -61.26 -15.84
N LEU A 965 9.89 -62.60 -15.79
CA LEU A 965 9.35 -63.40 -14.68
C LEU A 965 10.14 -63.17 -13.39
N ASP A 966 11.46 -62.96 -13.50
CA ASP A 966 12.30 -62.71 -12.33
C ASP A 966 12.16 -61.28 -11.78
N ALA A 967 11.63 -60.35 -12.58
CA ALA A 967 11.43 -58.97 -12.12
C ALA A 967 10.10 -58.85 -11.39
N VAL A 968 9.04 -59.49 -11.91
CA VAL A 968 7.72 -59.42 -11.29
C VAL A 968 7.67 -60.15 -9.94
N ARG A 969 8.49 -61.19 -9.77
CA ARG A 969 8.53 -61.91 -8.49
C ARG A 969 9.27 -61.10 -7.42
N MET A 970 10.27 -60.31 -7.82
CA MET A 970 11.00 -59.44 -6.89
C MET A 970 10.19 -58.20 -6.54
N ARG A 971 9.36 -57.71 -7.48
CA ARG A 971 8.54 -56.53 -7.22
C ARG A 971 7.09 -56.84 -6.81
N LEU A 972 6.76 -58.12 -6.55
CA LEU A 972 5.40 -58.48 -6.13
C LEU A 972 5.16 -58.03 -4.69
N ARG A 973 6.12 -58.30 -3.81
CA ARG A 973 6.03 -57.93 -2.39
C ARG A 973 5.99 -56.41 -2.16
N PRO A 974 6.91 -55.60 -2.74
CA PRO A 974 6.87 -54.15 -2.50
C PRO A 974 5.64 -53.44 -3.10
N ILE A 975 5.06 -54.01 -4.16
CA ILE A 975 3.86 -53.43 -4.78
C ILE A 975 2.67 -53.64 -3.84
N LEU A 976 2.52 -54.86 -3.33
CA LEU A 976 1.42 -55.17 -2.41
C LEU A 976 1.61 -54.50 -1.04
N MET A 977 2.87 -54.30 -0.61
CA MET A 977 3.15 -53.64 0.66
C MET A 977 2.69 -52.19 0.62
N THR A 978 2.97 -51.50 -0.49
CA THR A 978 2.60 -50.09 -0.63
C THR A 978 1.11 -49.95 -0.87
N SER A 979 0.54 -50.82 -1.71
CA SER A 979 -0.88 -50.75 -2.03
C SER A 979 -1.77 -51.08 -0.84
N LEU A 980 -1.40 -52.09 -0.05
CA LEU A 980 -2.18 -52.45 1.13
C LEU A 980 -2.16 -51.31 2.16
N ALA A 981 -0.99 -50.67 2.32
CA ALA A 981 -0.84 -49.57 3.27
C ALA A 981 -1.53 -48.28 2.79
N PHE A 982 -1.56 -48.04 1.46
CA PHE A 982 -2.19 -46.83 0.93
C PHE A 982 -3.71 -46.98 0.86
N ILE A 983 -4.22 -48.19 0.55
CA ILE A 983 -5.66 -48.43 0.52
C ILE A 983 -6.22 -48.31 1.95
N LEU A 984 -5.51 -48.87 2.93
CA LEU A 984 -5.91 -48.76 4.33
C LEU A 984 -5.70 -47.33 4.87
N GLY A 985 -4.68 -46.64 4.36
CA GLY A 985 -4.39 -45.27 4.74
C GLY A 985 -5.47 -44.29 4.33
N VAL A 986 -6.10 -44.52 3.17
CA VAL A 986 -7.21 -43.68 2.71
C VAL A 986 -8.60 -44.23 3.10
N MET A 987 -8.64 -45.34 3.88
CA MET A 987 -9.88 -45.93 4.38
C MET A 987 -10.66 -44.97 5.30
N PRO A 988 -10.00 -44.23 6.25
CA PRO A 988 -10.76 -43.25 7.05
C PRO A 988 -11.43 -42.19 6.20
N LEU A 989 -10.82 -41.82 5.05
CA LEU A 989 -11.38 -40.82 4.14
C LEU A 989 -12.63 -41.33 3.45
N VAL A 990 -12.66 -42.63 3.09
CA VAL A 990 -13.80 -43.24 2.41
C VAL A 990 -15.02 -43.26 3.32
N ILE A 991 -14.86 -43.76 4.56
CA ILE A 991 -15.97 -43.83 5.50
C ILE A 991 -16.04 -42.59 6.43
N SER A 992 -15.44 -41.47 6.00
CA SER A 992 -15.45 -40.24 6.79
C SER A 992 -16.81 -39.59 6.81
N THR A 993 -17.24 -39.15 8.00
CA THR A 993 -18.51 -38.46 8.20
C THR A 993 -18.32 -37.25 9.11
N GLY A 994 -19.14 -36.23 8.93
CA GLY A 994 -19.08 -35.04 9.76
C GLY A 994 -18.52 -33.81 9.11
N ALA A 995 -17.63 -33.11 9.82
CA ALA A 995 -17.06 -31.86 9.35
C ALA A 995 -16.06 -32.04 8.21
N GLY A 996 -16.39 -31.48 7.06
CA GLY A 996 -15.54 -31.52 5.88
C GLY A 996 -15.40 -32.91 5.28
N SER A 997 -16.37 -33.80 5.55
CA SER A 997 -16.31 -35.16 5.02
C SER A 997 -16.68 -35.27 3.54
N GLY A 998 -17.21 -34.20 2.95
CA GLY A 998 -17.54 -34.19 1.53
C GLY A 998 -16.29 -34.19 0.67
N ALA A 999 -15.29 -33.41 1.09
CA ALA A 999 -14.00 -33.35 0.42
C ALA A 999 -13.18 -34.60 0.73
N GLN A 1000 -13.30 -35.14 1.95
CA GLN A 1000 -12.61 -36.34 2.38
C GLN A 1000 -13.12 -37.56 1.61
N ASN A 1001 -14.42 -37.61 1.31
CA ASN A 1001 -14.98 -38.72 0.53
C ASN A 1001 -14.56 -38.65 -0.93
N ALA A 1002 -14.38 -37.45 -1.47
CA ALA A 1002 -13.96 -37.26 -2.86
C ALA A 1002 -12.49 -37.68 -3.05
N VAL A 1003 -11.65 -37.43 -2.03
CA VAL A 1003 -10.24 -37.80 -2.09
C VAL A 1003 -10.10 -39.32 -1.94
N GLY A 1004 -10.72 -39.87 -0.90
CA GLY A 1004 -10.65 -41.28 -0.56
C GLY A 1004 -11.23 -42.24 -1.57
N THR A 1005 -12.45 -41.96 -2.09
CA THR A 1005 -13.11 -42.87 -3.03
C THR A 1005 -12.32 -43.06 -4.32
N GLY A 1006 -11.84 -41.95 -4.90
CA GLY A 1006 -11.06 -42.00 -6.13
C GLY A 1006 -9.72 -42.66 -5.96
N VAL A 1007 -9.12 -42.55 -4.76
CA VAL A 1007 -7.84 -43.17 -4.50
C VAL A 1007 -7.99 -44.66 -4.20
N MET A 1008 -8.91 -45.03 -3.30
CA MET A 1008 -9.13 -46.44 -2.96
C MET A 1008 -9.59 -47.23 -4.18
N GLY A 1009 -10.53 -46.67 -4.93
CA GLY A 1009 -11.04 -47.31 -6.14
C GLY A 1009 -9.96 -47.51 -7.19
N GLY A 1010 -9.13 -46.48 -7.36
CA GLY A 1010 -8.04 -46.52 -8.32
C GLY A 1010 -6.93 -47.48 -7.94
N MET A 1011 -6.53 -47.48 -6.67
CA MET A 1011 -5.45 -48.33 -6.17
C MET A 1011 -5.82 -49.81 -6.16
N VAL A 1012 -7.11 -50.13 -5.97
CA VAL A 1012 -7.54 -51.54 -5.96
C VAL A 1012 -7.33 -52.16 -7.35
N THR A 1013 -7.76 -51.47 -8.42
CA THR A 1013 -7.59 -51.98 -9.77
C THR A 1013 -6.16 -51.85 -10.26
N ALA A 1014 -5.49 -50.71 -10.00
CA ALA A 1014 -4.11 -50.50 -10.44
C ALA A 1014 -3.11 -51.47 -9.81
N THR A 1015 -3.50 -52.17 -8.74
CA THR A 1015 -2.61 -53.14 -8.10
C THR A 1015 -2.84 -54.52 -8.67
N VAL A 1016 -4.10 -54.94 -8.79
CA VAL A 1016 -4.42 -56.26 -9.32
C VAL A 1016 -4.26 -56.36 -10.84
N LEU A 1017 -4.29 -55.21 -11.55
CA LEU A 1017 -4.15 -55.22 -13.00
C LEU A 1017 -2.71 -55.09 -13.44
N ALA A 1018 -1.94 -54.17 -12.82
CA ALA A 1018 -0.54 -53.96 -13.20
C ALA A 1018 0.33 -55.19 -12.99
N ILE A 1019 0.06 -55.99 -11.95
CA ILE A 1019 0.85 -57.19 -11.71
C ILE A 1019 0.79 -58.20 -12.88
N PHE A 1020 -0.31 -58.19 -13.66
CA PHE A 1020 -0.44 -59.08 -14.81
C PHE A 1020 -0.28 -58.35 -16.16
N PHE A 1021 -0.51 -57.04 -16.19
CA PHE A 1021 -0.42 -56.27 -17.43
C PHE A 1021 0.96 -55.71 -17.69
N VAL A 1022 1.66 -55.19 -16.66
CA VAL A 1022 3.03 -54.65 -16.84
C VAL A 1022 3.98 -55.67 -17.51
N PRO A 1023 4.01 -56.97 -17.09
CA PRO A 1023 4.88 -57.94 -17.79
C PRO A 1023 4.53 -58.07 -19.28
N VAL A 1024 3.24 -57.94 -19.63
CA VAL A 1024 2.78 -57.99 -21.02
C VAL A 1024 3.24 -56.76 -21.79
N PHE A 1025 3.07 -55.55 -21.20
CA PHE A 1025 3.48 -54.30 -21.83
C PHE A 1025 4.96 -54.30 -22.17
N PHE A 1026 5.79 -54.89 -21.30
CA PHE A 1026 7.23 -54.94 -21.53
C PHE A 1026 7.62 -55.95 -22.61
N VAL A 1027 6.97 -57.12 -22.61
CA VAL A 1027 7.26 -58.17 -23.59
C VAL A 1027 6.81 -57.77 -25.00
N VAL A 1028 5.58 -57.23 -25.13
CA VAL A 1028 5.05 -56.79 -26.43
C VAL A 1028 5.91 -55.67 -27.03
N VAL A 1029 6.34 -54.72 -26.19
CA VAL A 1029 7.18 -53.60 -26.64
C VAL A 1029 8.59 -54.07 -27.06
N ARG A 1030 9.22 -54.97 -26.29
CA ARG A 1030 10.56 -55.46 -26.62
C ARG A 1030 10.57 -56.45 -27.80
N ARG A 1031 9.44 -57.09 -28.09
CA ARG A 1031 9.34 -58.00 -29.24
C ARG A 1031 9.12 -57.20 -30.52
N ARG A 1032 8.27 -56.17 -30.45
CA ARG A 1032 7.94 -55.32 -31.59
C ARG A 1032 9.13 -54.43 -31.99
N PHE A 1033 9.76 -53.78 -31.01
CA PHE A 1033 10.89 -52.90 -31.28
C PHE A 1033 12.21 -53.50 -30.79
N SER A 1034 12.95 -54.19 -31.68
CA SER A 1034 14.22 -54.80 -31.32
C SER A 1034 15.16 -54.87 -32.53
N MET B 1 37.07 -28.90 -0.09
CA MET B 1 37.23 -27.58 -0.68
C MET B 1 38.62 -26.95 -0.44
N PRO B 2 39.22 -27.05 0.79
CA PRO B 2 40.55 -26.44 0.99
C PRO B 2 41.63 -27.01 0.06
N ASN B 3 41.54 -28.32 -0.26
CA ASN B 3 42.50 -28.96 -1.18
C ASN B 3 42.37 -28.44 -2.60
N PHE B 4 41.14 -28.07 -3.01
CA PHE B 4 40.87 -27.50 -4.33
C PHE B 4 41.56 -26.14 -4.47
N PHE B 5 41.58 -25.35 -3.39
CA PHE B 5 42.21 -24.02 -3.43
C PHE B 5 43.71 -24.04 -3.05
N ILE B 6 44.23 -25.17 -2.55
CA ILE B 6 45.66 -25.30 -2.26
C ILE B 6 46.41 -25.45 -3.60
N ASP B 7 45.88 -26.27 -4.51
CA ASP B 7 46.45 -26.45 -5.85
C ASP B 7 46.14 -25.25 -6.77
N ARG B 8 45.08 -24.48 -6.47
CA ARG B 8 44.68 -23.31 -7.27
C ARG B 8 44.71 -22.02 -6.42
N PRO B 9 45.89 -21.41 -6.22
CA PRO B 9 45.95 -20.19 -5.40
C PRO B 9 45.48 -18.92 -6.09
N ILE B 10 45.54 -18.87 -7.43
CA ILE B 10 45.08 -17.69 -8.18
C ILE B 10 43.56 -17.58 -8.15
N PHE B 11 42.84 -18.72 -8.16
CA PHE B 11 41.38 -18.75 -8.04
C PHE B 11 41.00 -18.17 -6.66
N ALA B 12 41.68 -18.62 -5.60
CA ALA B 12 41.44 -18.12 -4.25
C ALA B 12 41.69 -16.62 -4.15
N TRP B 13 42.73 -16.12 -4.84
CA TRP B 13 43.05 -14.68 -4.87
C TRP B 13 41.96 -13.90 -5.59
N VAL B 14 41.41 -14.47 -6.68
CA VAL B 14 40.34 -13.84 -7.44
C VAL B 14 39.07 -13.71 -6.60
N ILE B 15 38.77 -14.72 -5.77
CA ILE B 15 37.61 -14.67 -4.88
C ILE B 15 37.80 -13.58 -3.83
N ALA B 16 39.01 -13.49 -3.25
CA ALA B 16 39.33 -12.47 -2.25
C ALA B 16 39.28 -11.07 -2.85
N ILE B 17 39.73 -10.91 -4.10
CA ILE B 17 39.73 -9.63 -4.80
C ILE B 17 38.28 -9.17 -5.04
N ILE B 18 37.40 -10.09 -5.44
CA ILE B 18 36.00 -9.77 -5.67
C ILE B 18 35.31 -9.38 -4.38
N ILE B 19 35.62 -10.09 -3.29
CA ILE B 19 35.07 -9.79 -1.97
C ILE B 19 35.50 -8.38 -1.52
N MET B 20 36.77 -8.02 -1.77
CA MET B 20 37.30 -6.71 -1.42
C MET B 20 36.67 -5.60 -2.27
N LEU B 21 36.44 -5.86 -3.56
CA LEU B 21 35.84 -4.86 -4.45
C LEU B 21 34.37 -4.66 -4.11
N ALA B 22 33.65 -5.74 -3.80
CA ALA B 22 32.24 -5.64 -3.41
C ALA B 22 32.09 -4.96 -2.05
N GLY B 23 33.05 -5.19 -1.15
CA GLY B 23 33.06 -4.58 0.17
C GLY B 23 33.43 -3.11 0.13
N GLY B 24 34.32 -2.75 -0.78
CA GLY B 24 34.75 -1.38 -0.95
C GLY B 24 33.65 -0.53 -1.58
N LEU B 25 32.94 -1.12 -2.55
CA LEU B 25 31.82 -0.48 -3.23
C LEU B 25 30.66 -0.26 -2.24
N ALA B 26 30.45 -1.22 -1.32
CA ALA B 26 29.41 -1.14 -0.31
C ALA B 26 29.74 -0.07 0.72
N ILE B 27 31.02 0.07 1.11
CA ILE B 27 31.44 1.07 2.08
C ILE B 27 31.11 2.50 1.62
N LEU B 28 31.24 2.78 0.31
CA LEU B 28 30.95 4.09 -0.24
C LEU B 28 29.44 4.33 -0.39
N LYS B 29 28.67 3.27 -0.70
CA LYS B 29 27.24 3.43 -0.94
C LYS B 29 26.34 2.98 0.22
N LEU B 30 26.92 2.76 1.42
CA LEU B 30 26.11 2.37 2.58
C LEU B 30 25.68 3.59 3.35
N PRO B 31 24.39 3.68 3.72
CA PRO B 31 23.93 4.85 4.49
C PRO B 31 24.48 4.84 5.92
N VAL B 32 25.00 5.98 6.36
CA VAL B 32 25.54 6.10 7.71
C VAL B 32 24.52 6.76 8.61
N ALA B 33 24.32 6.22 9.82
CA ALA B 33 23.35 6.74 10.78
C ALA B 33 23.81 6.47 12.23
N GLN B 34 23.21 7.15 13.22
CA GLN B 34 23.56 6.90 14.62
C GLN B 34 22.90 5.60 15.05
N TYR B 35 21.59 5.48 14.80
CA TYR B 35 20.82 4.28 15.12
C TYR B 35 19.84 3.98 13.99
N PRO B 36 19.57 2.70 13.70
CA PRO B 36 18.64 2.36 12.62
C PRO B 36 17.16 2.42 13.06
N THR B 37 16.22 2.05 12.17
CA THR B 37 14.81 2.03 12.51
C THR B 37 14.53 0.92 13.52
N ILE B 38 14.32 1.30 14.79
CA ILE B 38 14.10 0.35 15.86
C ILE B 38 12.64 0.39 16.34
N ALA B 39 12.13 1.60 16.59
CA ALA B 39 10.76 1.78 17.06
C ALA B 39 9.74 1.41 15.97
N PRO B 40 8.59 0.83 16.36
CA PRO B 40 7.58 0.47 15.35
C PRO B 40 6.97 1.70 14.64
N PRO B 41 6.39 1.50 13.44
CA PRO B 41 5.83 2.65 12.71
C PRO B 41 4.70 3.34 13.47
N ALA B 42 4.87 4.63 13.79
CA ALA B 42 3.85 5.39 14.49
C ALA B 42 3.47 6.62 13.68
N VAL B 43 2.18 6.89 13.54
CA VAL B 43 1.69 8.03 12.75
C VAL B 43 0.96 9.01 13.68
N THR B 44 1.29 10.31 13.62
CA THR B 44 0.65 11.28 14.51
C THR B 44 -0.21 12.32 13.80
N ILE B 45 -1.52 12.27 14.03
CA ILE B 45 -2.46 13.23 13.48
C ILE B 45 -2.49 14.43 14.42
N SER B 46 -2.07 15.61 13.96
CA SER B 46 -2.05 16.80 14.80
C SER B 46 -2.96 17.90 14.26
N ALA B 47 -3.94 18.33 15.07
CA ALA B 47 -4.87 19.38 14.65
C ALA B 47 -4.85 20.57 15.65
N SER B 48 -5.40 21.74 15.25
CA SER B 48 -5.42 22.91 16.12
C SER B 48 -6.74 23.68 16.08
N TYR B 49 -7.30 23.94 17.26
CA TYR B 49 -8.52 24.73 17.41
C TYR B 49 -8.15 25.98 18.22
N PRO B 50 -7.87 27.09 17.53
CA PRO B 50 -7.45 28.31 18.25
C PRO B 50 -8.45 28.84 19.26
N GLY B 51 -7.98 29.04 20.49
CA GLY B 51 -8.79 29.57 21.57
C GLY B 51 -9.74 28.57 22.22
N ALA B 52 -9.57 27.28 21.93
CA ALA B 52 -10.46 26.26 22.48
C ALA B 52 -9.86 25.52 23.66
N ASP B 53 -10.71 25.13 24.62
CA ASP B 53 -10.27 24.36 25.79
C ASP B 53 -10.16 22.86 25.46
N ALA B 54 -9.47 22.10 26.32
CA ALA B 54 -9.26 20.66 26.14
C ALA B 54 -10.53 19.88 25.84
N LYS B 55 -11.65 20.18 26.53
CA LYS B 55 -12.90 19.47 26.30
C LYS B 55 -13.53 19.83 24.98
N THR B 56 -13.40 21.09 24.55
CA THR B 56 -13.92 21.53 23.25
C THR B 56 -13.20 20.79 22.12
N VAL B 57 -11.86 20.68 22.25
CA VAL B 57 -11.03 19.98 21.28
C VAL B 57 -11.35 18.49 21.26
N GLN B 58 -11.56 17.89 22.44
CA GLN B 58 -11.86 16.46 22.52
C GLN B 58 -13.25 16.12 21.97
N ASP B 59 -14.29 16.82 22.43
CA ASP B 59 -15.67 16.52 22.03
C ASP B 59 -16.04 16.93 20.61
N THR B 60 -15.21 17.75 19.94
CA THR B 60 -15.51 18.19 18.58
C THR B 60 -14.45 17.77 17.54
N VAL B 61 -13.23 17.44 18.00
CA VAL B 61 -12.15 17.07 17.08
C VAL B 61 -11.61 15.67 17.35
N THR B 62 -11.11 15.42 18.57
CA THR B 62 -10.48 14.14 18.93
C THR B 62 -11.41 12.96 18.79
N GLN B 63 -12.63 13.05 19.35
CA GLN B 63 -13.60 11.97 19.29
C GLN B 63 -14.02 11.68 17.86
N VAL B 64 -14.22 12.73 17.05
CA VAL B 64 -14.64 12.57 15.67
C VAL B 64 -13.56 11.85 14.84
N ILE B 65 -12.29 12.27 14.96
CA ILE B 65 -11.20 11.63 14.22
C ILE B 65 -10.98 10.19 14.70
N GLU B 66 -11.03 9.96 16.02
CA GLU B 66 -10.87 8.63 16.59
C GLU B 66 -11.95 7.67 16.10
N GLN B 67 -13.19 8.18 15.95
CA GLN B 67 -14.30 7.36 15.49
C GLN B 67 -14.18 6.94 14.03
N ASN B 68 -13.41 7.69 13.22
CA ASN B 68 -13.22 7.36 11.81
C ASN B 68 -11.89 6.67 11.50
N MET B 69 -11.13 6.26 12.54
CA MET B 69 -9.86 5.57 12.32
C MET B 69 -10.08 4.07 12.12
N ASN B 70 -11.13 3.70 11.39
CA ASN B 70 -11.48 2.32 11.18
C ASN B 70 -10.95 1.78 9.84
N GLY B 71 -10.85 0.46 9.75
CA GLY B 71 -10.41 -0.23 8.52
C GLY B 71 -8.95 -0.03 8.17
N ILE B 72 -8.12 0.27 9.17
CA ILE B 72 -6.69 0.47 8.93
C ILE B 72 -5.91 -0.77 9.35
N ASP B 73 -5.10 -1.32 8.44
CA ASP B 73 -4.35 -2.55 8.67
C ASP B 73 -3.22 -2.43 9.68
N ASN B 74 -2.91 -3.55 10.35
CA ASN B 74 -1.79 -3.72 11.28
C ASN B 74 -1.73 -2.68 12.41
N LEU B 75 -2.87 -2.27 12.95
CA LEU B 75 -2.89 -1.30 14.05
C LEU B 75 -2.78 -2.03 15.39
N MET B 76 -1.89 -1.56 16.29
CA MET B 76 -1.73 -2.18 17.61
C MET B 76 -2.56 -1.43 18.65
N TYR B 77 -2.41 -0.10 18.70
CA TYR B 77 -3.12 0.76 19.63
C TYR B 77 -3.19 2.22 19.16
N MET B 78 -4.08 3.03 19.77
CA MET B 78 -4.25 4.42 19.36
C MET B 78 -4.37 5.35 20.57
N SER B 79 -3.28 6.02 20.94
CA SER B 79 -3.30 6.97 22.05
C SER B 79 -3.55 8.39 21.53
N SER B 80 -4.20 9.24 22.32
CA SER B 80 -4.49 10.61 21.91
C SER B 80 -4.65 11.54 23.11
N ASN B 81 -4.40 12.84 22.93
CA ASN B 81 -4.56 13.82 24.01
C ASN B 81 -4.96 15.19 23.50
N SER B 82 -5.94 15.82 24.16
CA SER B 82 -6.41 17.15 23.80
C SER B 82 -6.06 18.10 24.94
N ASP B 83 -5.30 19.17 24.67
CA ASP B 83 -4.91 20.10 25.73
C ASP B 83 -5.59 21.48 25.61
N SER B 84 -5.56 22.27 26.70
CA SER B 84 -6.21 23.59 26.78
C SER B 84 -5.61 24.64 25.85
N THR B 85 -4.52 24.33 25.14
CA THR B 85 -3.94 25.25 24.16
C THR B 85 -4.56 25.07 22.74
N GLY B 86 -5.65 24.30 22.64
CA GLY B 86 -6.32 24.02 21.38
C GLY B 86 -5.51 23.10 20.50
N THR B 87 -5.03 21.98 21.07
CA THR B 87 -4.18 21.05 20.33
C THR B 87 -4.55 19.60 20.60
N VAL B 88 -4.56 18.78 19.55
CA VAL B 88 -4.83 17.35 19.67
C VAL B 88 -3.74 16.54 18.97
N GLN B 89 -3.26 15.46 19.62
CA GLN B 89 -2.22 14.62 19.04
C GLN B 89 -2.67 13.16 19.05
N ILE B 90 -3.19 12.66 17.93
CA ILE B 90 -3.64 11.27 17.84
C ILE B 90 -2.57 10.36 17.22
N THR B 91 -1.85 9.63 18.08
CA THR B 91 -0.80 8.74 17.62
C THR B 91 -1.29 7.30 17.43
N LEU B 92 -1.15 6.77 16.22
CA LEU B 92 -1.54 5.42 15.87
C LEU B 92 -0.29 4.56 15.71
N THR B 93 -0.05 3.63 16.63
CA THR B 93 1.13 2.77 16.56
C THR B 93 0.81 1.46 15.84
N PHE B 94 1.60 1.13 14.83
CA PHE B 94 1.39 -0.06 14.01
C PHE B 94 2.36 -1.19 14.38
N GLU B 95 2.05 -2.43 13.92
CA GLU B 95 2.87 -3.61 14.17
C GLU B 95 4.25 -3.42 13.56
N SER B 96 5.30 -3.93 14.22
CA SER B 96 6.66 -3.81 13.71
C SER B 96 6.78 -4.60 12.39
N GLY B 97 7.24 -3.92 11.35
CA GLY B 97 7.36 -4.53 10.02
C GLY B 97 6.31 -4.04 9.04
N THR B 98 5.47 -3.08 9.46
CA THR B 98 4.43 -2.51 8.60
C THR B 98 5.03 -1.43 7.72
N ASP B 99 4.60 -1.36 6.44
CA ASP B 99 5.09 -0.33 5.51
C ASP B 99 4.62 1.03 6.03
N ALA B 100 5.54 1.81 6.64
CA ALA B 100 5.21 3.10 7.22
C ALA B 100 4.57 4.10 6.24
N ASP B 101 4.83 3.94 4.94
CA ASP B 101 4.20 4.80 3.94
C ASP B 101 2.74 4.41 3.76
N ILE B 102 2.46 3.09 3.72
CA ILE B 102 1.11 2.54 3.61
C ILE B 102 0.31 2.86 4.87
N ALA B 103 0.95 2.74 6.04
CA ALA B 103 0.31 3.03 7.31
C ALA B 103 -0.07 4.51 7.39
N GLN B 104 0.80 5.40 6.90
CA GLN B 104 0.51 6.82 6.92
C GLN B 104 -0.58 7.19 5.91
N VAL B 105 -0.54 6.59 4.70
CA VAL B 105 -1.54 6.91 3.68
C VAL B 105 -2.92 6.36 4.07
N GLN B 106 -2.97 5.24 4.80
CA GLN B 106 -4.26 4.69 5.24
C GLN B 106 -4.89 5.58 6.33
N VAL B 107 -4.04 6.14 7.21
CA VAL B 107 -4.49 7.05 8.26
C VAL B 107 -4.93 8.39 7.65
N GLN B 108 -4.13 8.89 6.70
CA GLN B 108 -4.40 10.16 6.03
C GLN B 108 -5.72 10.09 5.25
N ASN B 109 -5.96 8.99 4.53
CA ASN B 109 -7.18 8.82 3.76
C ASN B 109 -8.43 8.80 4.64
N LYS B 110 -8.34 8.12 5.80
CA LYS B 110 -9.47 8.06 6.73
C LYS B 110 -9.74 9.43 7.37
N LEU B 111 -8.69 10.27 7.53
CA LEU B 111 -8.83 11.62 8.06
C LEU B 111 -9.47 12.55 7.02
N GLN B 112 -9.16 12.34 5.73
CA GLN B 112 -9.75 13.13 4.65
C GLN B 112 -11.27 12.95 4.60
N LEU B 113 -11.73 11.71 4.79
CA LEU B 113 -13.17 11.42 4.79
C LEU B 113 -13.85 11.97 6.05
N ALA B 114 -13.12 12.01 7.18
CA ALA B 114 -13.63 12.55 8.44
C ALA B 114 -13.57 14.08 8.52
N MET B 115 -12.86 14.73 7.57
CA MET B 115 -12.68 16.17 7.55
C MET B 115 -14.00 16.98 7.54
N PRO B 116 -15.02 16.66 6.69
CA PRO B 116 -16.26 17.45 6.73
C PRO B 116 -17.04 17.37 8.05
N LEU B 117 -16.64 16.48 8.97
CA LEU B 117 -17.28 16.34 10.27
C LEU B 117 -16.59 17.20 11.38
N LEU B 118 -15.45 17.82 11.09
CA LEU B 118 -14.74 18.66 12.04
C LEU B 118 -15.26 20.11 12.00
N PRO B 119 -15.03 20.93 13.05
CA PRO B 119 -15.52 22.33 13.01
C PRO B 119 -14.86 23.15 11.90
N GLN B 120 -15.52 24.24 11.46
CA GLN B 120 -14.97 25.09 10.41
C GLN B 120 -13.63 25.70 10.80
N GLU B 121 -13.43 25.99 12.09
CA GLU B 121 -12.17 26.56 12.56
C GLU B 121 -11.02 25.56 12.47
N VAL B 122 -11.31 24.26 12.69
CA VAL B 122 -10.32 23.20 12.60
C VAL B 122 -10.03 22.85 11.13
N GLN B 123 -11.06 22.87 10.28
CA GLN B 123 -10.89 22.61 8.85
C GLN B 123 -10.06 23.74 8.22
N GLN B 124 -10.29 24.99 8.64
CA GLN B 124 -9.55 26.14 8.13
C GLN B 124 -8.08 26.05 8.54
N GLN B 125 -7.81 25.73 9.82
CA GLN B 125 -6.44 25.56 10.33
C GLN B 125 -5.72 24.41 9.64
N GLY B 126 -6.46 23.34 9.36
CA GLY B 126 -5.91 22.15 8.71
C GLY B 126 -5.36 21.15 9.69
N VAL B 127 -5.41 19.86 9.33
CA VAL B 127 -4.89 18.80 10.18
C VAL B 127 -3.73 18.11 9.47
N SER B 128 -2.57 18.01 10.14
CA SER B 128 -1.39 17.40 9.53
C SER B 128 -1.17 15.96 9.98
N VAL B 129 -0.74 15.09 9.06
CA VAL B 129 -0.45 13.69 9.34
C VAL B 129 1.04 13.43 9.12
N GLU B 130 1.78 13.13 10.19
CA GLU B 130 3.23 12.92 10.09
C GLU B 130 3.67 11.56 10.67
N LYS B 131 4.96 11.21 10.50
CA LYS B 131 5.51 10.00 11.08
C LYS B 131 6.16 10.38 12.41
N SER B 132 5.65 9.81 13.52
CA SER B 132 6.14 10.10 14.87
C SER B 132 7.60 9.73 15.05
N SER B 133 8.48 10.73 15.12
CA SER B 133 9.90 10.50 15.30
C SER B 133 10.61 11.65 16.03
N SER B 134 11.15 11.38 17.21
CA SER B 134 11.95 12.37 17.93
C SER B 134 13.47 12.22 17.58
N SER B 135 13.77 11.51 16.46
CA SER B 135 15.13 11.26 16.00
C SER B 135 15.57 12.33 15.04
N PHE B 136 16.11 13.43 15.57
CA PHE B 136 16.60 14.52 14.73
C PHE B 136 18.08 14.34 14.47
N LEU B 137 18.50 14.53 13.23
CA LEU B 137 19.92 14.47 12.85
C LEU B 137 20.66 15.60 13.59
N MET B 138 20.05 16.79 13.63
CA MET B 138 20.58 17.95 14.32
C MET B 138 19.52 19.05 14.47
N VAL B 139 19.70 19.93 15.45
CA VAL B 139 18.80 21.06 15.66
C VAL B 139 19.60 22.33 15.42
N VAL B 140 19.29 23.08 14.37
CA VAL B 140 20.03 24.29 14.04
C VAL B 140 19.39 25.54 14.62
N GLY B 141 20.08 26.17 15.55
CA GLY B 141 19.58 27.38 16.19
C GLY B 141 19.97 28.65 15.45
N VAL B 142 19.04 29.60 15.38
CA VAL B 142 19.26 30.88 14.72
C VAL B 142 19.02 31.97 15.75
N ILE B 143 20.08 32.71 16.13
CA ILE B 143 19.97 33.71 17.19
C ILE B 143 20.24 35.15 16.72
N ASN B 144 19.83 36.13 17.53
CA ASN B 144 20.08 37.55 17.26
C ASN B 144 20.93 38.10 18.40
N THR B 145 22.11 38.63 18.08
CA THR B 145 23.04 39.09 19.11
C THR B 145 23.01 40.59 19.38
N ASP B 146 22.67 41.42 18.38
CA ASP B 146 22.68 42.87 18.57
C ASP B 146 21.35 43.47 19.12
N GLY B 147 20.39 42.60 19.46
CA GLY B 147 19.12 43.03 20.01
C GLY B 147 18.27 43.87 19.09
N THR B 148 18.25 43.54 17.81
CA THR B 148 17.44 44.27 16.83
C THR B 148 16.21 43.46 16.36
N MET B 149 16.29 42.13 16.44
CA MET B 149 15.20 41.26 16.01
C MET B 149 14.61 40.52 17.19
N THR B 150 13.27 40.45 17.23
CA THR B 150 12.58 39.67 18.26
C THR B 150 12.52 38.19 17.82
N GLN B 151 12.03 37.28 18.69
CA GLN B 151 11.95 35.86 18.34
C GLN B 151 11.02 35.58 17.15
N GLU B 152 10.04 36.47 16.91
CA GLU B 152 9.12 36.33 15.77
C GLU B 152 9.77 36.82 14.47
N ASP B 153 10.68 37.80 14.55
CA ASP B 153 11.39 38.33 13.40
C ASP B 153 12.40 37.30 12.89
N ILE B 154 13.10 36.62 13.80
CA ILE B 154 14.06 35.58 13.44
C ILE B 154 13.34 34.42 12.78
N SER B 155 12.21 33.99 13.37
CA SER B 155 11.41 32.89 12.84
C SER B 155 10.90 33.17 11.44
N ASP B 156 10.54 34.43 11.15
CA ASP B 156 10.05 34.80 9.83
C ASP B 156 11.17 34.75 8.79
N TYR B 157 12.37 35.21 9.17
CA TYR B 157 13.50 35.20 8.26
C TYR B 157 13.89 33.77 7.92
N VAL B 158 13.90 32.88 8.91
CA VAL B 158 14.24 31.48 8.70
C VAL B 158 13.22 30.79 7.78
N ALA B 159 11.93 31.00 8.03
CA ALA B 159 10.86 30.38 7.24
C ALA B 159 10.85 30.81 5.78
N ALA B 160 11.27 32.06 5.49
CA ALA B 160 11.22 32.57 4.13
C ALA B 160 12.57 32.60 3.40
N ASN B 161 13.70 32.44 4.12
CA ASN B 161 15.01 32.52 3.48
C ASN B 161 15.96 31.37 3.79
N MET B 162 15.61 30.48 4.73
CA MET B 162 16.50 29.39 5.13
C MET B 162 15.88 27.99 5.01
N LYS B 163 14.66 27.82 5.53
CA LYS B 163 13.95 26.55 5.57
C LYS B 163 13.86 25.83 4.23
N ASP B 164 13.53 26.57 3.16
CA ASP B 164 13.40 25.98 1.82
C ASP B 164 14.74 25.44 1.29
N ALA B 165 15.82 26.21 1.48
CA ALA B 165 17.16 25.82 1.04
C ALA B 165 17.71 24.65 1.86
N ILE B 166 17.36 24.61 3.16
CA ILE B 166 17.78 23.51 4.04
C ILE B 166 17.01 22.22 3.69
N SER B 167 15.72 22.36 3.29
CA SER B 167 14.90 21.21 2.88
C SER B 167 15.41 20.59 1.57
N ARG B 168 15.95 21.42 0.67
CA ARG B 168 16.49 20.93 -0.61
C ARG B 168 17.93 20.41 -0.51
N THR B 169 18.55 20.45 0.68
CA THR B 169 19.92 19.97 0.89
C THR B 169 19.98 18.44 0.79
N SER B 170 21.05 17.92 0.16
CA SER B 170 21.24 16.49 -0.06
C SER B 170 21.18 15.67 1.23
N GLY B 171 20.21 14.77 1.29
CA GLY B 171 20.06 13.88 2.44
C GLY B 171 19.13 14.37 3.52
N VAL B 172 18.48 15.53 3.32
CA VAL B 172 17.57 16.08 4.31
C VAL B 172 16.15 15.55 4.09
N GLY B 173 15.70 14.72 5.02
CA GLY B 173 14.37 14.12 4.94
C GLY B 173 13.24 15.04 5.32
N ASP B 174 13.39 15.78 6.42
CA ASP B 174 12.34 16.68 6.88
C ASP B 174 12.90 17.85 7.69
N VAL B 175 12.29 19.03 7.55
CA VAL B 175 12.71 20.21 8.30
C VAL B 175 11.55 20.75 9.12
N GLN B 176 11.74 20.87 10.43
CA GLN B 176 10.70 21.38 11.30
C GLN B 176 11.07 22.77 11.82
N LEU B 177 10.26 23.78 11.50
CA LEU B 177 10.54 25.13 11.95
C LEU B 177 10.12 25.32 13.41
N PHE B 178 11.09 25.65 14.27
CA PHE B 178 10.79 25.89 15.68
C PHE B 178 10.46 27.36 15.85
N GLY B 179 9.27 27.73 15.39
CA GLY B 179 8.77 29.09 15.43
C GLY B 179 7.66 29.32 14.43
N SER B 180 7.11 30.52 14.40
CA SER B 180 6.03 30.85 13.47
C SER B 180 6.38 32.00 12.58
N GLN B 181 6.06 31.90 11.29
CA GLN B 181 6.30 33.00 10.35
C GLN B 181 5.33 34.17 10.66
N TYR B 182 5.51 35.32 10.00
CA TYR B 182 4.67 36.49 10.25
C TYR B 182 3.17 36.23 10.10
N ALA B 183 2.37 37.03 10.79
CA ALA B 183 0.93 36.95 10.75
C ALA B 183 0.38 38.35 10.97
N MET B 184 -0.56 38.78 10.12
CA MET B 184 -1.14 40.10 10.26
C MET B 184 -2.01 40.15 11.51
N ARG B 185 -1.50 40.77 12.58
CA ARG B 185 -2.21 40.82 13.84
C ARG B 185 -3.08 42.07 13.96
N ILE B 186 -4.36 41.87 14.26
CA ILE B 186 -5.30 42.98 14.42
C ILE B 186 -5.69 43.08 15.90
N TRP B 187 -4.96 43.90 16.67
CA TRP B 187 -5.21 44.05 18.09
C TRP B 187 -6.36 44.99 18.38
N MET B 188 -7.59 44.46 18.46
CA MET B 188 -8.81 45.22 18.67
C MET B 188 -8.90 45.93 20.02
N ASN B 189 -9.65 47.05 20.04
CA ASN B 189 -9.89 47.84 21.25
C ASN B 189 -11.39 47.92 21.47
N PRO B 190 -11.90 47.37 22.58
CA PRO B 190 -13.36 47.39 22.82
C PRO B 190 -13.93 48.78 23.05
N ASN B 191 -13.12 49.69 23.62
CA ASN B 191 -13.57 51.07 23.88
C ASN B 191 -13.73 51.81 22.55
N GLU B 192 -12.80 51.60 21.61
CA GLU B 192 -12.86 52.22 20.29
C GLU B 192 -13.97 51.59 19.44
N LEU B 193 -14.16 50.27 19.56
CA LEU B 193 -15.21 49.56 18.82
C LEU B 193 -16.59 50.02 19.29
N ASN B 194 -16.78 50.17 20.61
CA ASN B 194 -18.06 50.60 21.17
C ASN B 194 -18.39 52.07 20.82
N LYS B 195 -17.36 52.91 20.63
CA LYS B 195 -17.53 54.31 20.30
C LYS B 195 -18.22 54.49 18.94
N PHE B 196 -17.83 53.69 17.93
CA PHE B 196 -18.45 53.79 16.61
C PHE B 196 -19.52 52.72 16.34
N GLN B 197 -20.05 52.08 17.41
CA GLN B 197 -21.08 51.04 17.30
C GLN B 197 -20.62 49.88 16.41
N LEU B 198 -19.44 49.31 16.69
CA LEU B 198 -18.89 48.21 15.92
C LEU B 198 -18.48 47.03 16.80
N THR B 199 -18.48 45.82 16.24
CA THR B 199 -18.13 44.60 16.96
C THR B 199 -17.03 43.83 16.23
N PRO B 200 -16.36 42.85 16.89
CA PRO B 200 -15.35 42.05 16.18
C PRO B 200 -15.91 41.30 14.96
N VAL B 201 -17.26 41.13 14.90
CA VAL B 201 -17.92 40.49 13.76
C VAL B 201 -17.78 41.39 12.51
N ASP B 202 -17.94 42.70 12.69
CA ASP B 202 -17.80 43.67 11.61
C ASP B 202 -16.35 43.74 11.12
N VAL B 203 -15.38 43.58 12.04
CA VAL B 203 -13.97 43.55 11.71
C VAL B 203 -13.66 42.35 10.82
N ILE B 204 -14.17 41.17 11.20
CA ILE B 204 -14.00 39.94 10.43
C ILE B 204 -14.65 40.08 9.05
N THR B 205 -15.87 40.62 9.01
CA THR B 205 -16.64 40.82 7.78
C THR B 205 -15.90 41.74 6.80
N ALA B 206 -15.28 42.82 7.31
CA ALA B 206 -14.57 43.78 6.47
C ALA B 206 -13.27 43.21 5.94
N ILE B 207 -12.55 42.42 6.75
CA ILE B 207 -11.29 41.83 6.31
C ILE B 207 -11.54 40.74 5.26
N LYS B 208 -12.58 39.93 5.45
CA LYS B 208 -12.93 38.87 4.49
C LYS B 208 -13.33 39.42 3.13
N ALA B 209 -14.00 40.59 3.11
CA ALA B 209 -14.47 41.19 1.88
C ALA B 209 -13.42 42.06 1.17
N GLN B 210 -12.59 42.78 1.94
CA GLN B 210 -11.58 43.67 1.34
C GLN B 210 -10.21 43.01 1.14
N ASN B 211 -9.99 41.81 1.70
CA ASN B 211 -8.74 41.08 1.52
C ASN B 211 -9.05 39.71 0.91
N ALA B 212 -9.30 39.66 -0.40
CA ALA B 212 -9.64 38.40 -1.07
C ALA B 212 -9.25 38.40 -2.54
N GLN B 213 -9.00 37.21 -3.10
CA GLN B 213 -8.69 37.07 -4.51
C GLN B 213 -10.01 36.95 -5.28
N VAL B 214 -10.21 37.79 -6.29
CA VAL B 214 -11.46 37.78 -7.05
C VAL B 214 -11.26 37.33 -8.49
N ALA B 215 -11.96 36.27 -8.89
CA ALA B 215 -11.92 35.77 -10.26
C ALA B 215 -12.72 36.74 -11.12
N ALA B 216 -12.06 37.40 -12.09
CA ALA B 216 -12.75 38.36 -12.93
C ALA B 216 -13.09 37.82 -14.33
N GLY B 217 -12.12 37.23 -15.02
CA GLY B 217 -12.38 36.64 -16.32
C GLY B 217 -11.42 37.01 -17.44
N GLN B 218 -11.97 37.28 -18.63
CA GLN B 218 -11.17 37.57 -19.81
C GLN B 218 -11.79 38.61 -20.75
N LEU B 219 -10.93 39.36 -21.44
CA LEU B 219 -11.31 40.33 -22.44
C LEU B 219 -11.15 39.65 -23.78
N GLY B 220 -12.25 39.37 -24.46
CA GLY B 220 -12.20 38.67 -25.73
C GLY B 220 -11.99 37.18 -25.55
N GLY B 221 -12.62 36.62 -24.53
CA GLY B 221 -12.51 35.20 -24.23
C GLY B 221 -13.45 34.35 -25.07
N THR B 222 -13.18 33.06 -25.15
CA THR B 222 -14.00 32.14 -25.94
C THR B 222 -15.33 31.81 -25.24
N PRO B 223 -16.47 31.82 -25.96
CA PRO B 223 -16.62 32.09 -27.40
C PRO B 223 -16.59 33.57 -27.73
N PRO B 224 -15.71 33.99 -28.63
CA PRO B 224 -15.59 35.41 -28.94
C PRO B 224 -16.42 35.85 -30.14
N VAL B 225 -16.49 37.18 -30.35
CA VAL B 225 -17.16 37.72 -31.52
C VAL B 225 -16.15 37.67 -32.65
N LYS B 226 -16.51 37.05 -33.79
CA LYS B 226 -15.60 36.93 -34.94
C LYS B 226 -15.08 38.29 -35.39
N GLY B 227 -13.78 38.46 -35.30
CA GLY B 227 -13.12 39.73 -35.60
C GLY B 227 -12.40 40.34 -34.41
N GLN B 228 -12.31 39.58 -33.30
CA GLN B 228 -11.65 40.03 -32.09
C GLN B 228 -10.14 39.97 -32.28
N GLN B 229 -9.42 41.04 -31.90
CA GLN B 229 -7.97 41.10 -32.07
C GLN B 229 -7.21 41.01 -30.74
N LEU B 230 -7.89 41.23 -29.60
CA LEU B 230 -7.25 41.25 -28.30
C LEU B 230 -7.79 40.19 -27.34
N ASN B 231 -6.89 39.44 -26.69
CA ASN B 231 -7.27 38.48 -25.67
C ASN B 231 -6.42 38.75 -24.43
N ALA B 232 -7.04 39.15 -23.32
CA ALA B 232 -6.30 39.47 -22.11
C ALA B 232 -7.00 39.00 -20.86
N SER B 233 -6.24 38.58 -19.85
CA SER B 233 -6.82 38.15 -18.57
C SER B 233 -7.18 39.36 -17.72
N ILE B 234 -8.29 39.27 -16.97
CA ILE B 234 -8.71 40.38 -16.12
C ILE B 234 -8.40 40.12 -14.65
N ILE B 235 -7.70 41.06 -14.02
CA ILE B 235 -7.38 40.97 -12.60
C ILE B 235 -8.21 42.01 -11.88
N ALA B 236 -9.00 41.61 -10.86
CA ALA B 236 -9.87 42.56 -10.17
C ALA B 236 -9.41 42.91 -8.71
N GLN B 237 -9.52 41.98 -7.73
CA GLN B 237 -9.10 42.28 -6.37
C GLN B 237 -8.09 41.26 -5.90
N THR B 238 -6.93 41.74 -5.46
CA THR B 238 -5.88 40.85 -4.97
C THR B 238 -5.72 40.99 -3.45
N ARG B 239 -5.01 40.03 -2.82
CA ARG B 239 -4.78 40.05 -1.39
C ARG B 239 -3.88 41.23 -0.98
N LEU B 240 -4.12 41.79 0.21
CA LEU B 240 -3.35 42.92 0.71
C LEU B 240 -1.92 42.51 1.08
N THR B 241 -0.97 43.45 0.99
CA THR B 241 0.44 43.14 1.22
C THR B 241 1.06 43.81 2.45
N SER B 242 0.55 44.98 2.86
CA SER B 242 1.15 45.71 3.98
C SER B 242 0.18 46.07 5.11
N THR B 243 0.73 46.43 6.29
CA THR B 243 -0.04 46.85 7.46
C THR B 243 -0.83 48.14 7.20
N GLU B 244 -0.28 49.03 6.34
CA GLU B 244 -0.93 50.29 5.97
C GLU B 244 -2.23 50.01 5.22
N GLU B 245 -2.22 48.97 4.35
CA GLU B 245 -3.41 48.57 3.58
C GLU B 245 -4.48 47.97 4.50
N PHE B 246 -4.07 47.21 5.52
CA PHE B 246 -5.00 46.63 6.48
C PHE B 246 -5.61 47.71 7.38
N GLY B 247 -4.80 48.70 7.75
CA GLY B 247 -5.26 49.82 8.56
C GLY B 247 -6.23 50.72 7.82
N LYS B 248 -6.12 50.77 6.47
CA LYS B 248 -7.01 51.58 5.64
C LYS B 248 -8.33 50.85 5.28
N ILE B 249 -8.61 49.69 5.89
CA ILE B 249 -9.84 48.94 5.62
C ILE B 249 -11.04 49.71 6.17
N LEU B 250 -12.02 50.02 5.29
CA LEU B 250 -13.20 50.77 5.70
C LEU B 250 -14.21 49.90 6.43
N LEU B 251 -14.53 50.25 7.68
CA LEU B 251 -15.50 49.51 8.48
C LEU B 251 -16.89 50.10 8.30
N LYS B 252 -17.01 51.43 8.41
CA LYS B 252 -18.29 52.12 8.25
C LYS B 252 -18.09 53.63 8.00
N VAL B 253 -19.12 54.31 7.50
CA VAL B 253 -19.06 55.75 7.26
C VAL B 253 -20.10 56.44 8.14
N ASN B 254 -19.66 57.36 9.01
CA ASN B 254 -20.54 58.09 9.91
C ASN B 254 -21.55 58.97 9.16
N GLN B 255 -22.67 59.33 9.81
CA GLN B 255 -23.70 60.18 9.21
C GLN B 255 -23.18 61.60 8.92
N ASP B 256 -22.15 62.05 9.65
CA ASP B 256 -21.55 63.37 9.44
C ASP B 256 -20.58 63.43 8.24
N GLY B 257 -20.10 62.27 7.79
CA GLY B 257 -19.20 62.20 6.64
C GLY B 257 -17.84 61.58 6.92
N SER B 258 -17.45 61.50 8.20
CA SER B 258 -16.16 60.93 8.57
C SER B 258 -16.12 59.42 8.36
N ARG B 259 -14.93 58.89 8.08
CA ARG B 259 -14.75 57.46 7.81
C ARG B 259 -14.22 56.73 9.05
N VAL B 260 -14.65 55.47 9.21
CA VAL B 260 -14.16 54.65 10.32
C VAL B 260 -13.27 53.55 9.75
N LEU B 261 -11.97 53.68 9.98
CA LEU B 261 -10.99 52.72 9.46
C LEU B 261 -10.59 51.68 10.52
N LEU B 262 -9.97 50.57 10.08
CA LEU B 262 -9.53 49.51 10.98
C LEU B 262 -8.44 49.99 11.95
N ARG B 263 -7.65 50.99 11.56
CA ARG B 263 -6.60 51.54 12.42
C ARG B 263 -7.16 52.38 13.58
N ASP B 264 -8.40 52.87 13.46
CA ASP B 264 -9.02 53.67 14.50
C ASP B 264 -9.48 52.80 15.68
N VAL B 265 -9.93 51.57 15.40
CA VAL B 265 -10.43 50.67 16.44
C VAL B 265 -9.43 49.56 16.82
N ALA B 266 -8.31 49.42 16.07
CA ALA B 266 -7.35 48.34 16.35
C ALA B 266 -5.91 48.71 16.02
N LYS B 267 -4.96 48.05 16.69
CA LYS B 267 -3.54 48.24 16.43
C LYS B 267 -3.09 47.16 15.44
N ILE B 268 -2.68 47.58 14.24
CA ILE B 268 -2.26 46.65 13.20
C ILE B 268 -0.74 46.49 13.15
N GLU B 269 -0.24 45.27 13.35
CA GLU B 269 1.19 45.01 13.32
C GLU B 269 1.52 43.60 12.81
N LEU B 270 2.75 43.40 12.32
CA LEU B 270 3.19 42.10 11.84
C LEU B 270 3.82 41.32 12.99
N GLY B 271 3.04 40.44 13.59
CA GLY B 271 3.52 39.63 14.70
C GLY B 271 3.62 38.15 14.35
N GLY B 272 3.54 37.30 15.37
CA GLY B 272 3.61 35.86 15.17
C GLY B 272 2.24 35.20 15.24
N GLU B 273 2.11 34.00 14.67
CA GLU B 273 0.84 33.28 14.68
C GLU B 273 0.52 32.79 16.09
N ASN B 274 1.54 32.27 16.78
CA ASN B 274 1.38 31.73 18.12
C ASN B 274 2.32 32.45 19.10
N TYR B 275 1.76 33.02 20.17
CA TYR B 275 2.56 33.72 21.18
C TYR B 275 2.80 32.88 22.46
N ASP B 276 2.41 31.59 22.45
CA ASP B 276 2.53 30.69 23.60
C ASP B 276 3.97 30.27 23.92
N ILE B 277 4.90 30.44 22.96
CA ILE B 277 6.28 30.01 23.18
C ILE B 277 7.30 31.15 23.15
N ILE B 278 8.11 31.27 24.22
CA ILE B 278 9.20 32.24 24.26
C ILE B 278 10.52 31.47 24.22
N ALA B 279 11.21 31.50 23.08
CA ALA B 279 12.47 30.77 22.94
C ALA B 279 13.68 31.68 23.10
N GLU B 280 14.59 31.31 24.00
CA GLU B 280 15.80 32.10 24.25
C GLU B 280 17.03 31.20 24.21
N PHE B 281 18.11 31.70 23.63
CA PHE B 281 19.38 30.97 23.57
C PHE B 281 20.42 31.84 24.24
N ASN B 282 20.80 31.51 25.47
CA ASN B 282 21.77 32.28 26.25
C ASN B 282 21.27 33.71 26.55
N GLY B 283 19.97 33.86 26.76
CA GLY B 283 19.37 35.14 27.10
C GLY B 283 18.84 35.96 25.95
N GLN B 284 19.28 35.66 24.72
CA GLN B 284 18.83 36.42 23.54
C GLN B 284 17.82 35.64 22.69
N PRO B 285 16.93 36.35 21.96
CA PRO B 285 15.91 35.65 21.15
C PRO B 285 16.47 34.60 20.20
N ALA B 286 15.72 33.52 19.95
CA ALA B 286 16.18 32.45 19.08
C ALA B 286 15.06 31.68 18.39
N SER B 287 15.37 31.08 17.24
CA SER B 287 14.48 30.19 16.50
C SER B 287 15.28 28.90 16.14
N GLY B 288 14.61 27.86 15.65
CA GLY B 288 15.28 26.61 15.35
C GLY B 288 14.87 25.90 14.08
N LEU B 289 15.62 24.85 13.71
CA LEU B 289 15.33 24.03 12.53
C LEU B 289 15.63 22.58 12.85
N GLY B 290 14.59 21.80 13.10
CA GLY B 290 14.73 20.38 13.39
C GLY B 290 14.93 19.59 12.12
N ILE B 291 16.18 19.26 11.81
CA ILE B 291 16.51 18.53 10.59
C ILE B 291 16.56 17.03 10.82
N LYS B 292 15.85 16.26 10.00
CA LYS B 292 15.84 14.81 10.12
C LYS B 292 16.56 14.17 8.93
N LEU B 293 17.22 13.03 9.16
CA LEU B 293 17.95 12.33 8.09
C LEU B 293 16.98 11.56 7.19
N ALA B 294 17.15 11.69 5.86
CA ALA B 294 16.31 10.99 4.88
C ALA B 294 16.54 9.47 4.90
N THR B 295 15.58 8.69 4.38
CA THR B 295 15.70 7.23 4.33
C THR B 295 16.78 6.82 3.34
N GLY B 296 17.83 6.18 3.85
CA GLY B 296 18.96 5.75 3.03
C GLY B 296 20.01 6.81 2.81
N ALA B 297 19.98 7.89 3.61
CA ALA B 297 20.94 8.98 3.48
C ALA B 297 22.11 8.84 4.45
N ASN B 298 23.25 9.46 4.10
CA ASN B 298 24.46 9.42 4.92
C ASN B 298 24.43 10.60 5.90
N ALA B 299 24.49 10.33 7.21
CA ALA B 299 24.43 11.37 8.24
C ALA B 299 25.64 12.30 8.19
N LEU B 300 26.83 11.74 7.98
CA LEU B 300 28.05 12.55 7.93
C LEU B 300 28.09 13.43 6.68
N ASP B 301 27.56 12.92 5.55
CA ASP B 301 27.51 13.69 4.31
C ASP B 301 26.43 14.76 4.37
N THR B 302 25.28 14.43 4.98
CA THR B 302 24.16 15.36 5.09
C THR B 302 24.51 16.54 5.99
N ALA B 303 25.11 16.28 7.17
CA ALA B 303 25.50 17.34 8.09
C ALA B 303 26.53 18.28 7.48
N ALA B 304 27.47 17.73 6.71
CA ALA B 304 28.47 18.55 6.03
C ALA B 304 27.82 19.44 4.97
N ALA B 305 26.80 18.93 4.27
CA ALA B 305 26.08 19.67 3.25
C ALA B 305 25.17 20.74 3.86
N ILE B 306 24.63 20.49 5.07
CA ILE B 306 23.78 21.45 5.77
C ILE B 306 24.62 22.66 6.18
N ARG B 307 25.82 22.40 6.73
CA ARG B 307 26.74 23.47 7.14
C ARG B 307 27.26 24.24 5.92
N ALA B 308 27.49 23.55 4.79
CA ALA B 308 27.92 24.19 3.56
C ALA B 308 26.82 25.07 2.97
N GLU B 309 25.55 24.63 3.10
CA GLU B 309 24.41 25.41 2.63
C GLU B 309 24.19 26.62 3.52
N LEU B 310 24.36 26.47 4.84
CA LEU B 310 24.23 27.58 5.79
C LEU B 310 25.32 28.63 5.55
N ALA B 311 26.52 28.20 5.13
CA ALA B 311 27.63 29.11 4.83
C ALA B 311 27.34 29.97 3.59
N LYS B 312 26.53 29.45 2.64
CA LYS B 312 26.14 30.21 1.44
C LYS B 312 25.18 31.35 1.82
N MET B 313 24.31 31.12 2.82
CA MET B 313 23.35 32.12 3.27
C MET B 313 24.00 33.18 4.19
N GLU B 314 25.22 32.93 4.70
CA GLU B 314 25.95 33.84 5.61
C GLU B 314 26.00 35.32 5.15
N PRO B 315 26.41 35.64 3.89
CA PRO B 315 26.46 37.07 3.50
C PRO B 315 25.09 37.75 3.38
N PHE B 316 23.99 36.98 3.43
CA PHE B 316 22.65 37.54 3.29
C PHE B 316 21.91 37.70 4.63
N PHE B 317 22.52 37.27 5.75
CA PHE B 317 21.90 37.35 7.07
C PHE B 317 21.77 38.79 7.54
N PRO B 318 20.64 39.14 8.19
CA PRO B 318 20.49 40.50 8.72
C PRO B 318 21.45 40.80 9.90
N SER B 319 21.46 42.06 10.36
CA SER B 319 22.35 42.48 11.45
C SER B 319 22.11 41.70 12.75
N GLY B 320 23.18 41.06 13.24
CA GLY B 320 23.14 40.34 14.50
C GLY B 320 22.83 38.85 14.39
N LEU B 321 22.39 38.39 13.20
CA LEU B 321 22.04 36.98 13.02
C LEU B 321 23.25 36.05 13.11
N LYS B 322 23.14 35.00 13.93
CA LYS B 322 24.22 34.05 14.13
C LYS B 322 23.68 32.61 14.13
N ILE B 323 24.43 31.67 13.53
CA ILE B 323 24.00 30.28 13.48
C ILE B 323 24.68 29.44 14.57
N VAL B 324 23.90 28.90 15.48
CA VAL B 324 24.42 28.07 16.56
C VAL B 324 23.93 26.63 16.42
N TYR B 325 24.65 25.68 17.05
CA TYR B 325 24.28 24.27 16.96
C TYR B 325 24.07 23.66 18.34
N PRO B 326 22.88 23.83 18.94
CA PRO B 326 22.65 23.28 20.28
C PRO B 326 22.54 21.76 20.35
N TYR B 327 22.19 21.10 19.24
CA TYR B 327 22.06 19.65 19.22
C TYR B 327 22.60 19.09 17.92
N ASP B 328 23.52 18.11 18.00
CA ASP B 328 24.10 17.50 16.80
C ASP B 328 24.56 16.08 17.08
N THR B 329 24.00 15.11 16.36
CA THR B 329 24.38 13.70 16.52
C THR B 329 25.62 13.33 15.68
N THR B 330 25.93 14.12 14.65
CA THR B 330 27.04 13.88 13.74
C THR B 330 28.41 13.70 14.44
N PRO B 331 28.83 14.54 15.43
CA PRO B 331 30.12 14.29 16.10
C PRO B 331 30.14 12.94 16.81
N PHE B 332 28.99 12.50 17.34
CA PHE B 332 28.87 11.21 18.02
C PHE B 332 29.06 10.07 17.02
N VAL B 333 28.46 10.19 15.82
CA VAL B 333 28.58 9.18 14.76
C VAL B 333 30.00 9.12 14.22
N LYS B 334 30.65 10.29 14.06
CA LYS B 334 32.02 10.39 13.57
C LYS B 334 32.98 9.65 14.51
N ILE B 335 32.76 9.80 15.82
CA ILE B 335 33.59 9.14 16.82
C ILE B 335 33.23 7.65 16.93
N SER B 336 31.93 7.31 16.81
CA SER B 336 31.47 5.93 16.84
C SER B 336 32.06 5.11 15.68
N ILE B 337 32.32 5.74 14.54
CA ILE B 337 32.93 5.06 13.40
C ILE B 337 34.43 5.00 13.58
N HIS B 338 35.07 6.15 13.88
CA HIS B 338 36.52 6.23 14.05
C HIS B 338 37.05 5.28 15.12
N GLU B 339 36.36 5.16 16.26
CA GLU B 339 36.80 4.26 17.33
C GLU B 339 36.69 2.79 16.94
N VAL B 340 35.74 2.45 16.07
CA VAL B 340 35.60 1.08 15.57
C VAL B 340 36.74 0.79 14.60
N VAL B 341 36.98 1.69 13.64
CA VAL B 341 38.07 1.55 12.66
C VAL B 341 39.43 1.50 13.37
N LYS B 342 39.59 2.28 14.46
CA LYS B 342 40.81 2.29 15.23
C LYS B 342 41.04 0.92 15.87
N THR B 343 39.99 0.33 16.45
CA THR B 343 40.07 -0.98 17.09
C THR B 343 40.34 -2.10 16.07
N LEU B 344 39.75 -1.99 14.87
CA LEU B 344 39.94 -2.99 13.82
C LEU B 344 41.38 -2.97 13.27
N VAL B 345 41.98 -1.78 13.15
CA VAL B 345 43.36 -1.66 12.69
C VAL B 345 44.32 -2.09 13.81
N GLU B 346 44.01 -1.69 15.06
CA GLU B 346 44.82 -2.07 16.23
C GLU B 346 44.83 -3.58 16.41
N ALA B 347 43.72 -4.27 16.09
CA ALA B 347 43.64 -5.72 16.19
C ALA B 347 44.60 -6.39 15.21
N ILE B 348 44.72 -5.84 13.99
CA ILE B 348 45.63 -6.36 12.98
C ILE B 348 47.09 -6.15 13.40
N ILE B 349 47.39 -4.98 13.98
CA ILE B 349 48.71 -4.66 14.49
C ILE B 349 49.09 -5.59 15.64
N LEU B 350 48.14 -5.83 16.56
CA LEU B 350 48.37 -6.72 17.69
C LEU B 350 48.52 -8.16 17.25
N VAL B 351 47.72 -8.59 16.27
CA VAL B 351 47.82 -9.95 15.71
C VAL B 351 49.19 -10.13 15.05
N PHE B 352 49.69 -9.09 14.35
CA PHE B 352 51.02 -9.13 13.73
C PHE B 352 52.11 -9.35 14.78
N LEU B 353 52.02 -8.62 15.91
CA LEU B 353 53.00 -8.72 16.99
C LEU B 353 52.91 -10.06 17.73
N VAL B 354 51.70 -10.61 17.85
CA VAL B 354 51.49 -11.89 18.54
C VAL B 354 51.98 -13.05 17.64
N MET B 355 51.69 -12.98 16.34
CA MET B 355 52.12 -14.00 15.39
C MET B 355 53.64 -14.03 15.27
N TYR B 356 54.27 -12.85 15.27
CA TYR B 356 55.73 -12.77 15.16
C TYR B 356 56.44 -13.15 16.47
N LEU B 357 55.75 -13.05 17.62
CA LEU B 357 56.33 -13.43 18.90
C LEU B 357 56.43 -14.96 19.01
N PHE B 358 55.42 -15.68 18.51
CA PHE B 358 55.40 -17.13 18.58
C PHE B 358 55.99 -17.83 17.35
N LEU B 359 55.50 -17.52 16.14
CA LEU B 359 55.97 -18.18 14.92
C LEU B 359 57.32 -17.66 14.45
N GLN B 360 57.59 -16.36 14.66
CA GLN B 360 58.86 -15.68 14.35
C GLN B 360 59.26 -15.65 12.85
N ASN B 361 58.28 -15.42 11.96
CA ASN B 361 58.58 -15.27 10.53
C ASN B 361 57.59 -14.33 9.85
N PHE B 362 58.10 -13.40 9.02
CA PHE B 362 57.26 -12.39 8.36
C PHE B 362 56.29 -12.97 7.31
N ARG B 363 56.55 -14.19 6.83
CA ARG B 363 55.67 -14.82 5.84
C ARG B 363 54.36 -15.27 6.48
N ALA B 364 54.41 -15.73 7.74
CA ALA B 364 53.20 -16.17 8.43
C ALA B 364 52.35 -14.99 8.87
N THR B 365 53.00 -13.92 9.39
CA THR B 365 52.33 -12.72 9.89
C THR B 365 51.52 -11.99 8.81
N LEU B 366 51.86 -12.17 7.52
CA LEU B 366 51.15 -11.52 6.43
C LEU B 366 49.80 -12.18 6.14
N ILE B 367 49.66 -13.49 6.43
CA ILE B 367 48.42 -14.22 6.16
C ILE B 367 47.18 -13.65 6.91
N PRO B 368 47.20 -13.45 8.25
CA PRO B 368 46.02 -12.84 8.91
C PRO B 368 45.84 -11.37 8.53
N THR B 369 46.94 -10.67 8.21
CA THR B 369 46.92 -9.27 7.76
C THR B 369 46.20 -9.13 6.39
N ILE B 370 46.03 -10.25 5.65
CA ILE B 370 45.31 -10.28 4.38
C ILE B 370 43.89 -10.83 4.61
N ALA B 371 43.79 -11.95 5.34
CA ALA B 371 42.50 -12.61 5.60
C ALA B 371 41.50 -11.74 6.39
N VAL B 372 41.93 -11.14 7.52
CA VAL B 372 41.05 -10.32 8.35
C VAL B 372 40.40 -9.15 7.55
N PRO B 373 41.17 -8.26 6.86
CA PRO B 373 40.53 -7.18 6.11
C PRO B 373 39.60 -7.67 4.99
N VAL B 374 39.88 -8.85 4.41
CA VAL B 374 39.02 -9.42 3.37
C VAL B 374 37.67 -9.77 3.98
N VAL B 375 37.67 -10.43 5.15
CA VAL B 375 36.45 -10.79 5.85
C VAL B 375 35.68 -9.56 6.30
N LEU B 376 36.39 -8.57 6.85
CA LEU B 376 35.78 -7.32 7.31
C LEU B 376 35.11 -6.57 6.15
N LEU B 377 35.81 -6.46 4.99
CA LEU B 377 35.27 -5.79 3.81
C LEU B 377 34.04 -6.54 3.29
N GLY B 378 34.13 -7.86 3.25
CA GLY B 378 33.05 -8.72 2.79
C GLY B 378 31.79 -8.60 3.62
N THR B 379 31.94 -8.32 4.92
CA THR B 379 30.80 -8.14 5.82
C THR B 379 29.98 -6.91 5.43
N PHE B 380 30.66 -5.84 4.98
CA PHE B 380 29.98 -4.62 4.52
C PHE B 380 29.16 -4.91 3.27
N ALA B 381 29.65 -5.79 2.38
CA ALA B 381 28.93 -6.17 1.16
C ALA B 381 27.69 -7.01 1.48
N VAL B 382 27.73 -7.82 2.55
CA VAL B 382 26.57 -8.60 2.97
C VAL B 382 25.55 -7.67 3.67
N LEU B 383 26.04 -6.70 4.45
CA LEU B 383 25.19 -5.71 5.12
C LEU B 383 24.47 -4.85 4.09
N ALA B 384 25.15 -4.48 3.00
CA ALA B 384 24.53 -3.67 1.95
C ALA B 384 23.45 -4.47 1.23
N ALA B 385 23.69 -5.77 1.01
CA ALA B 385 22.72 -6.65 0.35
C ALA B 385 21.50 -6.89 1.24
N PHE B 386 21.70 -6.96 2.55
CA PHE B 386 20.61 -7.17 3.50
C PHE B 386 19.82 -5.87 3.84
N GLY B 387 20.16 -4.75 3.20
CA GLY B 387 19.50 -3.48 3.42
C GLY B 387 19.86 -2.81 4.74
N PHE B 388 20.97 -3.23 5.35
CA PHE B 388 21.42 -2.68 6.62
C PHE B 388 22.16 -1.33 6.45
N SER B 389 22.50 -0.67 7.55
CA SER B 389 23.18 0.63 7.51
C SER B 389 24.37 0.68 8.46
N ILE B 390 25.33 1.57 8.18
CA ILE B 390 26.48 1.74 9.07
C ILE B 390 26.04 2.58 10.27
N ASN B 391 25.67 1.90 11.36
CA ASN B 391 25.21 2.57 12.57
C ASN B 391 25.97 2.08 13.81
N THR B 392 25.70 2.68 15.00
CA THR B 392 26.36 2.31 16.25
C THR B 392 26.24 0.80 16.54
N LEU B 393 25.06 0.22 16.26
CA LEU B 393 24.82 -1.19 16.49
C LEU B 393 25.60 -2.11 15.55
N THR B 394 25.62 -1.80 14.24
CA THR B 394 26.36 -2.63 13.28
C THR B 394 27.88 -2.44 13.39
N MET B 395 28.33 -1.24 13.80
CA MET B 395 29.76 -0.97 13.96
C MET B 395 30.34 -1.69 15.15
N PHE B 396 29.60 -1.72 16.27
CA PHE B 396 30.04 -2.45 17.46
C PHE B 396 29.86 -3.97 17.33
N GLY B 397 29.02 -4.42 16.39
CA GLY B 397 28.83 -5.83 16.10
C GLY B 397 30.05 -6.43 15.45
N MET B 398 30.78 -5.62 14.65
CA MET B 398 32.03 -6.05 14.01
C MET B 398 33.17 -6.08 15.03
N VAL B 399 33.17 -5.13 15.98
CA VAL B 399 34.17 -5.06 17.04
C VAL B 399 34.06 -6.31 17.93
N LEU B 400 32.82 -6.71 18.26
CA LEU B 400 32.58 -7.91 19.05
C LEU B 400 32.98 -9.19 18.29
N ALA B 401 32.84 -9.18 16.96
CA ALA B 401 33.19 -10.32 16.13
C ALA B 401 34.67 -10.40 15.76
N ILE B 402 35.48 -9.36 16.11
CA ILE B 402 36.91 -9.37 15.77
C ILE B 402 37.67 -10.56 16.40
N GLY B 403 37.19 -11.06 17.54
CA GLY B 403 37.79 -12.21 18.19
C GLY B 403 37.60 -13.48 17.41
N LEU B 404 36.45 -13.61 16.74
CA LEU B 404 36.14 -14.77 15.91
C LEU B 404 36.88 -14.69 14.57
N LEU B 405 37.04 -13.48 14.02
CA LEU B 405 37.70 -13.29 12.73
C LEU B 405 39.19 -13.58 12.80
N VAL B 406 39.88 -13.09 13.84
CA VAL B 406 41.32 -13.35 13.98
C VAL B 406 41.60 -14.78 14.38
N ASP B 407 40.67 -15.44 15.10
CA ASP B 407 40.86 -16.82 15.53
C ASP B 407 40.89 -17.75 14.33
N ASP B 408 40.01 -17.53 13.35
CA ASP B 408 39.97 -18.39 12.16
C ASP B 408 41.28 -18.35 11.39
N ALA B 409 41.92 -17.17 11.32
CA ALA B 409 43.19 -17.04 10.62
C ALA B 409 44.32 -17.68 11.43
N ILE B 410 44.34 -17.44 12.76
CA ILE B 410 45.37 -18.00 13.63
C ILE B 410 45.32 -19.52 13.67
N VAL B 411 44.13 -20.10 13.89
CA VAL B 411 43.90 -21.55 13.97
C VAL B 411 44.48 -22.29 12.74
N VAL B 412 44.26 -21.74 11.54
CA VAL B 412 44.77 -22.36 10.33
C VAL B 412 46.30 -22.25 10.21
N VAL B 413 46.85 -21.02 10.28
CA VAL B 413 48.29 -20.79 10.16
C VAL B 413 49.11 -21.56 11.20
N GLU B 414 48.70 -21.51 12.48
CA GLU B 414 49.41 -22.21 13.55
C GLU B 414 49.44 -23.70 13.32
N ASN B 415 48.34 -24.29 12.84
CA ASN B 415 48.28 -25.73 12.60
C ASN B 415 49.23 -26.15 11.48
N VAL B 416 49.42 -25.30 10.45
CA VAL B 416 50.37 -25.62 9.37
C VAL B 416 51.80 -25.54 9.92
N GLU B 417 52.08 -24.52 10.74
CA GLU B 417 53.40 -24.34 11.36
C GLU B 417 53.73 -25.48 12.34
N ARG B 418 52.70 -26.05 13.00
CA ARG B 418 52.86 -27.16 13.92
C ARG B 418 53.12 -28.46 13.15
N VAL B 419 52.41 -28.66 12.04
CA VAL B 419 52.59 -29.86 11.21
C VAL B 419 53.98 -29.87 10.55
N MET B 420 54.47 -28.69 10.15
CA MET B 420 55.80 -28.58 9.55
C MET B 420 56.89 -28.83 10.59
N ALA B 421 56.69 -28.37 11.83
CA ALA B 421 57.68 -28.55 12.88
C ALA B 421 57.69 -29.95 13.49
N GLU B 422 56.58 -30.68 13.37
CA GLU B 422 56.49 -32.03 13.95
C GLU B 422 56.72 -33.16 12.95
N GLU B 423 56.62 -32.87 11.64
CA GLU B 423 56.80 -33.91 10.62
C GLU B 423 57.82 -33.53 9.52
N GLY B 424 58.04 -32.24 9.32
CA GLY B 424 58.98 -31.76 8.31
C GLY B 424 58.43 -31.78 6.89
N LEU B 425 57.10 -31.78 6.76
CA LEU B 425 56.44 -31.79 5.46
C LEU B 425 56.59 -30.44 4.74
N PRO B 426 56.61 -30.42 3.40
CA PRO B 426 56.74 -29.15 2.68
C PRO B 426 55.50 -28.27 2.85
N PRO B 427 55.63 -26.94 2.72
CA PRO B 427 54.47 -26.05 2.93
C PRO B 427 53.17 -26.45 2.22
N LYS B 428 53.25 -27.06 1.02
CA LYS B 428 52.04 -27.46 0.30
C LYS B 428 51.43 -28.75 0.84
N GLU B 429 52.26 -29.78 1.11
CA GLU B 429 51.78 -31.06 1.62
C GLU B 429 51.34 -30.97 3.08
N ALA B 430 52.02 -30.14 3.88
CA ALA B 430 51.68 -29.93 5.28
C ALA B 430 50.37 -29.17 5.42
N THR B 431 50.05 -28.28 4.45
CA THR B 431 48.80 -27.52 4.47
C THR B 431 47.62 -28.44 4.19
N ARG B 432 47.79 -29.44 3.30
CA ARG B 432 46.72 -30.40 3.01
C ARG B 432 46.42 -31.28 4.22
N LYS B 433 47.46 -31.66 4.97
CA LYS B 433 47.31 -32.50 6.16
C LYS B 433 46.73 -31.68 7.32
N SER B 434 47.19 -30.42 7.46
CA SER B 434 46.71 -29.52 8.50
C SER B 434 45.25 -29.15 8.27
N MET B 435 44.88 -28.87 7.02
CA MET B 435 43.50 -28.52 6.70
C MET B 435 42.56 -29.70 6.88
N GLY B 436 43.03 -30.91 6.59
CA GLY B 436 42.23 -32.11 6.79
C GLY B 436 41.89 -32.35 8.25
N GLN B 437 42.74 -31.85 9.16
CA GLN B 437 42.52 -31.99 10.60
C GLN B 437 41.53 -30.97 11.18
N ILE B 438 41.32 -29.83 10.49
CA ILE B 438 40.44 -28.78 11.03
C ILE B 438 39.31 -28.33 10.08
N GLN B 439 39.22 -28.88 8.86
CA GLN B 439 38.19 -28.43 7.91
C GLN B 439 36.78 -28.80 8.34
N GLY B 440 36.61 -30.01 8.85
CA GLY B 440 35.31 -30.46 9.34
C GLY B 440 34.93 -29.71 10.61
N ALA B 441 35.94 -29.43 11.46
CA ALA B 441 35.74 -28.69 12.70
C ALA B 441 35.36 -27.25 12.41
N LEU B 442 35.93 -26.62 11.36
CA LEU B 442 35.60 -25.24 11.01
C LEU B 442 34.17 -25.13 10.46
N VAL B 443 33.73 -26.15 9.72
CA VAL B 443 32.36 -26.19 9.19
C VAL B 443 31.36 -26.43 10.34
N GLY B 444 31.73 -27.29 11.28
CA GLY B 444 30.93 -27.57 12.46
C GLY B 444 30.84 -26.38 13.39
N ILE B 445 31.94 -25.60 13.49
CA ILE B 445 32.00 -24.38 14.29
C ILE B 445 31.05 -23.33 13.71
N ALA B 446 31.03 -23.21 12.38
CA ALA B 446 30.15 -22.26 11.69
C ALA B 446 28.67 -22.58 11.94
N MET B 447 28.33 -23.88 12.08
CA MET B 447 26.97 -24.31 12.34
C MET B 447 26.57 -24.04 13.79
N VAL B 448 27.51 -24.27 14.72
CA VAL B 448 27.26 -24.04 16.15
C VAL B 448 27.11 -22.54 16.41
N LEU B 449 27.97 -21.72 15.82
CA LEU B 449 27.91 -20.28 15.98
C LEU B 449 26.65 -19.69 15.34
N SER B 450 26.18 -20.28 14.24
CA SER B 450 24.93 -19.85 13.60
C SER B 450 23.75 -20.08 14.56
N ALA B 451 23.76 -21.23 15.25
CA ALA B 451 22.71 -21.58 16.21
C ALA B 451 22.70 -20.69 17.47
N VAL B 452 23.72 -19.84 17.65
CA VAL B 452 23.79 -18.95 18.81
C VAL B 452 23.24 -17.56 18.46
N PHE B 453 23.65 -17.01 17.31
CA PHE B 453 23.23 -15.66 16.92
C PHE B 453 21.96 -15.60 16.06
N VAL B 454 21.74 -16.59 15.16
CA VAL B 454 20.54 -16.56 14.30
C VAL B 454 19.22 -16.50 15.11
N PRO B 455 19.01 -17.33 16.17
CA PRO B 455 17.75 -17.23 16.94
C PRO B 455 17.57 -15.88 17.64
N MET B 456 18.68 -15.18 17.93
CA MET B 456 18.65 -13.85 18.56
C MET B 456 17.96 -12.80 17.64
N ALA B 457 18.04 -12.99 16.31
CA ALA B 457 17.38 -12.08 15.37
C ALA B 457 15.86 -12.27 15.32
N PHE B 458 15.34 -13.41 15.84
CA PHE B 458 13.91 -13.68 15.81
C PHE B 458 13.13 -13.09 16.98
N PHE B 459 13.74 -12.16 17.75
CA PHE B 459 13.03 -11.48 18.82
C PHE B 459 12.08 -10.41 18.21
N GLY B 460 11.07 -10.01 18.97
CA GLY B 460 10.09 -9.05 18.47
C GLY B 460 10.14 -7.68 19.10
N GLY B 461 9.51 -6.71 18.44
CA GLY B 461 9.43 -5.34 18.92
C GLY B 461 10.70 -4.55 18.76
N SER B 462 10.92 -3.57 19.64
CA SER B 462 12.10 -2.71 19.61
C SER B 462 13.35 -3.50 19.99
N THR B 463 13.23 -4.41 20.96
CA THR B 463 14.36 -5.24 21.38
C THR B 463 14.83 -6.14 20.23
N GLY B 464 13.87 -6.71 19.52
CA GLY B 464 14.16 -7.58 18.38
C GLY B 464 14.88 -6.88 17.26
N ALA B 465 14.57 -5.59 17.04
CA ALA B 465 15.23 -4.78 16.03
C ALA B 465 16.68 -4.49 16.40
N ILE B 466 16.96 -4.30 17.70
CA ILE B 466 18.31 -4.05 18.19
C ILE B 466 19.14 -5.34 18.09
N TYR B 467 18.56 -6.48 18.48
CA TYR B 467 19.23 -7.77 18.40
C TYR B 467 19.49 -8.20 16.95
N ARG B 468 18.60 -7.80 16.02
CA ARG B 468 18.74 -8.13 14.61
C ARG B 468 20.01 -7.54 14.01
N GLN B 469 20.39 -6.33 14.47
CA GLN B 469 21.60 -5.65 13.97
C GLN B 469 22.85 -6.45 14.35
N PHE B 470 22.88 -6.99 15.57
CA PHE B 470 24.04 -7.76 16.02
C PHE B 470 24.05 -9.16 15.42
N SER B 471 22.86 -9.78 15.27
CA SER B 471 22.76 -11.14 14.73
C SER B 471 23.28 -11.23 13.29
N ILE B 472 22.77 -10.37 12.40
CA ILE B 472 23.17 -10.39 11.00
C ILE B 472 24.63 -10.00 10.82
N THR B 473 25.09 -8.98 11.54
CA THR B 473 26.48 -8.53 11.46
C THR B 473 27.45 -9.62 11.89
N ILE B 474 27.19 -10.29 13.02
CA ILE B 474 28.07 -11.32 13.53
C ILE B 474 27.98 -12.63 12.71
N VAL B 475 26.77 -13.07 12.35
CA VAL B 475 26.61 -14.27 11.53
C VAL B 475 27.29 -14.11 10.16
N SER B 476 27.11 -12.94 9.52
CA SER B 476 27.71 -12.68 8.21
C SER B 476 29.22 -12.65 8.26
N ALA B 477 29.80 -12.02 9.30
CA ALA B 477 31.26 -11.97 9.44
C ALA B 477 31.81 -13.36 9.76
N MET B 478 31.12 -14.12 10.62
CA MET B 478 31.54 -15.46 11.00
C MET B 478 31.47 -16.44 9.80
N ALA B 479 30.44 -16.31 8.96
CA ALA B 479 30.30 -17.18 7.79
C ALA B 479 31.38 -16.88 6.77
N LEU B 480 31.67 -15.59 6.54
CA LEU B 480 32.73 -15.18 5.62
C LEU B 480 34.11 -15.52 6.15
N SER B 481 34.28 -15.53 7.48
CA SER B 481 35.56 -15.89 8.09
C SER B 481 35.85 -17.36 7.88
N VAL B 482 34.82 -18.21 8.02
CA VAL B 482 34.96 -19.65 7.78
C VAL B 482 35.22 -19.91 6.28
N LEU B 483 34.54 -19.15 5.39
CA LEU B 483 34.75 -19.28 3.96
C LEU B 483 36.17 -18.89 3.57
N VAL B 484 36.71 -17.82 4.17
CA VAL B 484 38.08 -17.38 3.89
C VAL B 484 39.09 -18.38 4.47
N ALA B 485 38.81 -18.95 5.65
CA ALA B 485 39.69 -19.94 6.26
C ALA B 485 39.69 -21.28 5.49
N LEU B 486 38.68 -21.53 4.66
CA LEU B 486 38.59 -22.75 3.85
C LEU B 486 38.98 -22.51 2.38
N ILE B 487 39.05 -21.24 1.93
CA ILE B 487 39.37 -20.93 0.53
C ILE B 487 40.67 -20.10 0.40
N LEU B 488 40.73 -18.92 1.02
CA LEU B 488 41.89 -18.04 0.89
C LEU B 488 43.09 -18.44 1.77
N THR B 489 42.84 -18.71 3.06
CA THR B 489 43.93 -19.05 4.00
C THR B 489 44.70 -20.34 3.61
N PRO B 490 44.05 -21.46 3.19
CA PRO B 490 44.83 -22.64 2.79
C PRO B 490 45.70 -22.38 1.55
N ALA B 491 45.28 -21.46 0.67
CA ALA B 491 46.07 -21.10 -0.51
C ALA B 491 47.27 -20.27 -0.09
N LEU B 492 47.08 -19.33 0.85
CA LEU B 492 48.16 -18.48 1.35
C LEU B 492 49.18 -19.29 2.15
N CYS B 493 48.71 -20.33 2.86
CA CYS B 493 49.60 -21.17 3.66
C CYS B 493 50.44 -22.10 2.78
N ALA B 494 49.87 -22.59 1.68
CA ALA B 494 50.59 -23.49 0.79
C ALA B 494 51.57 -22.78 -0.15
N THR B 495 51.41 -21.46 -0.35
CA THR B 495 52.27 -20.73 -1.28
C THR B 495 53.21 -19.72 -0.59
N MET B 496 52.77 -19.10 0.50
CA MET B 496 53.59 -18.08 1.16
C MET B 496 54.43 -18.58 2.33
N LEU B 497 53.98 -19.63 3.02
CA LEU B 497 54.69 -20.11 4.21
C LEU B 497 56.06 -20.71 3.93
N LYS B 498 56.99 -20.48 4.85
CA LYS B 498 58.37 -20.95 4.76
C LYS B 498 58.48 -22.36 5.39
N PRO B 499 59.32 -23.25 4.82
CA PRO B 499 59.42 -24.61 5.35
C PRO B 499 60.14 -24.70 6.70
N ILE B 500 59.61 -25.53 7.61
CA ILE B 500 60.21 -25.76 8.92
C ILE B 500 60.68 -27.21 9.03
N ALA B 501 61.92 -27.43 9.50
CA ALA B 501 62.49 -28.78 9.62
C ALA B 501 61.80 -29.58 10.73
N LYS B 502 61.80 -30.92 10.60
CA LYS B 502 61.21 -31.79 11.60
C LYS B 502 62.01 -31.77 12.88
N GLY B 503 61.38 -31.43 13.99
CA GLY B 503 62.04 -31.34 15.27
C GLY B 503 62.44 -29.93 15.66
N ASP B 504 62.52 -29.02 14.69
CA ASP B 504 62.88 -27.63 14.95
C ASP B 504 61.76 -26.89 15.67
N HIS B 505 61.82 -26.84 17.00
CA HIS B 505 60.82 -26.13 17.79
C HIS B 505 61.27 -24.70 18.19
N GLY B 506 62.30 -24.17 17.53
CA GLY B 506 62.82 -22.82 17.77
C GLY B 506 63.73 -22.69 18.97
N GLU B 507 63.99 -23.79 19.69
CA GLU B 507 64.84 -23.75 20.88
C GLU B 507 66.33 -23.53 20.57
N GLY B 508 66.75 -23.87 19.35
CA GLY B 508 68.14 -23.71 18.93
C GLY B 508 68.51 -22.31 18.47
N LYS B 509 67.55 -21.38 18.47
CA LYS B 509 67.81 -20.00 18.06
C LYS B 509 68.53 -19.18 19.16
N LYS B 510 69.09 -18.03 18.81
CA LYS B 510 69.80 -17.19 19.76
C LYS B 510 69.07 -15.86 19.97
N GLY B 511 69.29 -15.24 21.12
CA GLY B 511 68.70 -13.95 21.44
C GLY B 511 67.44 -14.04 22.28
N PHE B 512 66.51 -13.10 22.06
CA PHE B 512 65.25 -13.07 22.80
C PHE B 512 64.28 -14.15 22.31
N PHE B 513 64.26 -14.38 20.98
CA PHE B 513 63.37 -15.39 20.40
C PHE B 513 63.78 -16.81 20.77
N GLY B 514 65.09 -17.04 20.90
CA GLY B 514 65.61 -18.34 21.31
C GLY B 514 65.25 -18.65 22.75
N TRP B 515 65.22 -17.61 23.60
CA TRP B 515 64.84 -17.75 25.01
C TRP B 515 63.33 -17.94 25.13
N PHE B 516 62.54 -17.21 24.32
CA PHE B 516 61.09 -17.30 24.35
C PHE B 516 60.61 -18.69 23.97
N ASN B 517 61.27 -19.34 23.00
CA ASN B 517 60.88 -20.69 22.58
C ASN B 517 61.26 -21.72 23.65
N ARG B 518 62.40 -21.54 24.30
CA ARG B 518 62.83 -22.43 25.38
C ARG B 518 61.94 -22.27 26.63
N MET B 519 61.42 -21.06 26.86
CA MET B 519 60.53 -20.76 27.97
C MET B 519 59.12 -21.29 27.68
N PHE B 520 58.65 -21.12 26.44
CA PHE B 520 57.31 -21.58 26.06
C PHE B 520 57.23 -23.10 25.98
N GLU B 521 58.31 -23.77 25.56
CA GLU B 521 58.34 -25.24 25.51
C GLU B 521 58.37 -25.82 26.93
N LYS B 522 59.05 -25.12 27.86
CA LYS B 522 59.10 -25.52 29.27
C LYS B 522 57.73 -25.30 29.93
N SER B 523 57.05 -24.19 29.57
CA SER B 523 55.71 -23.89 30.08
C SER B 523 54.66 -24.85 29.50
N THR B 524 54.88 -25.34 28.26
CA THR B 524 54.00 -26.29 27.60
C THR B 524 54.07 -27.65 28.31
N HIS B 525 55.28 -28.06 28.73
CA HIS B 525 55.46 -29.31 29.47
C HIS B 525 54.86 -29.16 30.88
N HIS B 526 55.05 -27.98 31.50
CA HIS B 526 54.47 -27.69 32.82
C HIS B 526 52.93 -27.68 32.76
N TYR B 527 52.37 -27.30 31.61
CA TYR B 527 50.92 -27.26 31.39
C TYR B 527 50.37 -28.69 31.32
N THR B 528 51.05 -29.59 30.58
CA THR B 528 50.63 -30.98 30.46
C THR B 528 50.76 -31.75 31.78
N ASP B 529 51.80 -31.41 32.57
CA ASP B 529 51.98 -32.04 33.88
C ASP B 529 50.88 -31.60 34.85
N SER B 530 50.38 -30.36 34.71
CA SER B 530 49.29 -29.84 35.53
C SER B 530 47.97 -30.48 35.10
N VAL B 531 47.72 -30.58 33.77
CA VAL B 531 46.50 -31.18 33.24
C VAL B 531 46.42 -32.68 33.59
N GLY B 532 47.57 -33.35 33.57
CA GLY B 532 47.66 -34.76 33.92
C GLY B 532 47.27 -35.01 35.37
N GLY B 533 47.71 -34.13 36.26
CA GLY B 533 47.37 -34.20 37.68
C GLY B 533 45.92 -33.88 37.94
N ILE B 534 45.37 -32.94 37.16
CA ILE B 534 43.96 -32.56 37.25
C ILE B 534 43.05 -33.72 36.78
N LEU B 535 43.50 -34.50 35.79
CA LEU B 535 42.74 -35.64 35.30
C LEU B 535 42.73 -36.84 36.28
N ARG B 536 43.64 -36.85 37.26
CA ARG B 536 43.68 -37.91 38.26
C ARG B 536 42.54 -37.72 39.28
N SER B 537 42.29 -36.46 39.67
CA SER B 537 41.23 -36.14 40.62
C SER B 537 40.15 -35.28 39.93
N THR B 538 39.40 -35.88 39.00
CA THR B 538 38.35 -35.16 38.27
C THR B 538 37.16 -34.77 39.16
N GLY B 539 36.90 -35.56 40.18
CA GLY B 539 35.81 -35.32 41.12
C GLY B 539 35.92 -33.99 41.85
N ARG B 540 37.15 -33.59 42.21
CA ARG B 540 37.38 -32.32 42.90
C ARG B 540 37.04 -31.15 41.96
N TYR B 541 37.44 -31.25 40.70
CA TYR B 541 37.17 -30.20 39.72
C TYR B 541 35.72 -30.16 39.26
N LEU B 542 34.97 -31.27 39.42
CA LEU B 542 33.55 -31.29 39.10
C LEU B 542 32.79 -30.45 40.14
N VAL B 543 33.21 -30.54 41.41
CA VAL B 543 32.64 -29.74 42.50
C VAL B 543 33.06 -28.28 42.34
N LEU B 544 34.32 -28.04 41.97
CA LEU B 544 34.84 -26.70 41.72
C LEU B 544 34.10 -26.03 40.54
N TYR B 545 33.66 -26.83 39.55
CA TYR B 545 32.89 -26.34 38.40
C TYR B 545 31.50 -25.93 38.83
N LEU B 546 30.87 -26.71 39.72
CA LEU B 546 29.54 -26.39 40.24
C LEU B 546 29.55 -25.10 41.07
N ILE B 547 30.67 -24.78 41.72
CA ILE B 547 30.82 -23.53 42.47
C ILE B 547 30.81 -22.34 41.48
N ILE B 548 31.44 -22.51 40.30
CA ILE B 548 31.47 -21.51 39.23
C ILE B 548 30.06 -21.30 38.66
N VAL B 549 29.31 -22.40 38.45
CA VAL B 549 27.94 -22.32 37.93
C VAL B 549 27.01 -21.63 38.93
N VAL B 550 27.22 -21.88 40.24
CA VAL B 550 26.43 -21.24 41.29
C VAL B 550 26.78 -19.75 41.39
N GLY B 551 28.07 -19.43 41.29
CA GLY B 551 28.54 -18.06 41.32
C GLY B 551 28.07 -17.25 40.12
N MET B 552 27.93 -17.92 38.96
CA MET B 552 27.44 -17.30 37.73
C MET B 552 25.95 -17.00 37.88
N ALA B 553 25.17 -17.96 38.42
CA ALA B 553 23.74 -17.79 38.64
C ALA B 553 23.46 -16.68 39.67
N TYR B 554 24.33 -16.54 40.67
CA TYR B 554 24.19 -15.51 41.69
C TYR B 554 24.49 -14.12 41.10
N LEU B 555 25.61 -13.98 40.37
CA LEU B 555 26.01 -12.70 39.78
C LEU B 555 25.06 -12.22 38.69
N PHE B 556 24.31 -13.13 38.06
CA PHE B 556 23.35 -12.76 37.01
C PHE B 556 22.16 -12.01 37.61
N VAL B 557 21.72 -12.43 38.81
CA VAL B 557 20.61 -11.78 39.48
C VAL B 557 21.06 -10.45 40.12
N ARG B 558 22.28 -10.43 40.68
CA ARG B 558 22.83 -9.23 41.32
C ARG B 558 23.40 -8.21 40.31
N LEU B 559 23.00 -8.28 39.04
CA LEU B 559 23.44 -7.35 38.02
C LEU B 559 22.24 -6.55 37.54
N PRO B 560 22.30 -5.21 37.60
CA PRO B 560 21.14 -4.40 37.18
C PRO B 560 20.87 -4.55 35.69
N SER B 561 19.59 -4.65 35.30
CA SER B 561 19.24 -4.83 33.89
C SER B 561 19.03 -3.49 33.18
N SER B 562 19.37 -3.43 31.89
CA SER B 562 19.19 -2.22 31.08
C SER B 562 19.18 -2.55 29.57
N PHE B 563 18.66 -1.63 28.74
CA PHE B 563 18.65 -1.84 27.30
C PHE B 563 19.94 -1.26 26.69
N LEU B 564 20.10 0.07 26.73
CA LEU B 564 21.31 0.71 26.20
C LEU B 564 21.92 1.62 27.26
N PRO B 565 23.25 1.56 27.44
CA PRO B 565 23.88 2.42 28.46
C PRO B 565 23.71 3.90 28.15
N ASP B 566 23.39 4.71 29.16
CA ASP B 566 23.23 6.15 28.96
C ASP B 566 24.60 6.79 28.80
N GLU B 567 24.86 7.37 27.63
CA GLU B 567 26.15 7.96 27.32
C GLU B 567 26.13 9.48 27.42
N ASP B 568 27.30 10.09 27.57
CA ASP B 568 27.41 11.54 27.61
C ASP B 568 27.34 12.06 26.18
N GLN B 569 26.12 12.22 25.64
CA GLN B 569 25.93 12.74 24.28
C GLN B 569 26.27 14.24 24.14
N GLY B 570 26.55 14.91 25.25
CA GLY B 570 26.87 16.33 25.27
C GLY B 570 25.69 17.21 25.63
N VAL B 571 24.47 16.66 25.63
CA VAL B 571 23.27 17.44 25.95
C VAL B 571 22.41 16.77 27.02
N PHE B 572 21.65 17.57 27.76
CA PHE B 572 20.70 17.06 28.76
C PHE B 572 19.50 17.99 28.95
N MET B 573 18.39 17.45 29.45
CA MET B 573 17.16 18.21 29.62
C MET B 573 16.98 18.75 31.03
N THR B 574 16.21 19.83 31.18
CA THR B 574 15.88 20.42 32.49
C THR B 574 14.41 20.84 32.48
N MET B 575 13.57 20.09 33.19
CA MET B 575 12.13 20.35 33.24
C MET B 575 11.76 21.41 34.27
N VAL B 576 10.95 22.40 33.86
CA VAL B 576 10.47 23.44 34.77
C VAL B 576 8.95 23.41 34.81
N GLN B 577 8.37 22.97 35.94
CA GLN B 577 6.92 22.88 36.08
C GLN B 577 6.40 23.77 37.21
N LEU B 578 5.79 24.90 36.85
CA LEU B 578 5.22 25.82 37.84
C LEU B 578 3.80 25.36 38.27
N PRO B 579 3.26 25.87 39.41
CA PRO B 579 1.93 25.43 39.85
C PRO B 579 0.83 25.61 38.79
N ALA B 580 -0.23 24.83 38.90
CA ALA B 580 -1.34 24.88 37.97
C ALA B 580 -2.03 26.24 37.99
N GLY B 581 -1.80 27.04 36.95
CA GLY B 581 -2.39 28.36 36.83
C GLY B 581 -1.38 29.50 36.77
N ALA B 582 -0.08 29.19 36.80
CA ALA B 582 0.98 30.20 36.74
C ALA B 582 1.05 30.84 35.36
N THR B 583 1.40 32.12 35.29
CA THR B 583 1.49 32.83 34.02
C THR B 583 2.85 32.62 33.32
N GLN B 584 2.92 32.98 32.03
CA GLN B 584 4.12 32.86 31.20
C GLN B 584 5.27 33.68 31.78
N GLU B 585 4.97 34.84 32.36
CA GLU B 585 5.96 35.71 32.97
C GLU B 585 6.59 35.04 34.20
N ARG B 586 5.78 34.34 35.00
CA ARG B 586 6.27 33.64 36.19
C ARG B 586 7.17 32.47 35.82
N THR B 587 6.91 31.81 34.68
CA THR B 587 7.74 30.69 34.20
C THR B 587 9.09 31.22 33.66
N GLN B 588 9.10 32.43 33.10
CA GLN B 588 10.31 33.06 32.58
C GLN B 588 11.26 33.44 33.72
N LYS B 589 10.72 33.84 34.89
CA LYS B 589 11.54 34.18 36.06
C LYS B 589 12.32 32.95 36.54
N VAL B 590 11.69 31.78 36.52
CA VAL B 590 12.33 30.54 36.94
C VAL B 590 13.34 30.09 35.90
N LEU B 591 12.97 30.20 34.60
CA LEU B 591 13.86 29.83 33.50
C LEU B 591 15.12 30.70 33.47
N ASN B 592 15.01 31.96 33.87
CA ASN B 592 16.17 32.86 33.93
C ASN B 592 17.12 32.44 35.04
N GLU B 593 16.59 31.96 36.17
CA GLU B 593 17.40 31.46 37.29
C GLU B 593 18.09 30.17 36.89
N VAL B 594 17.37 29.28 36.18
CA VAL B 594 17.92 28.00 35.71
C VAL B 594 19.04 28.27 34.72
N THR B 595 18.83 29.22 33.79
CA THR B 595 19.85 29.59 32.81
C THR B 595 21.06 30.23 33.50
N HIS B 596 20.82 31.05 34.53
CA HIS B 596 21.87 31.70 35.31
C HIS B 596 22.73 30.66 36.06
N TYR B 597 22.11 29.56 36.51
CA TYR B 597 22.84 28.50 37.21
C TYR B 597 23.85 27.82 36.28
N TYR B 598 23.43 27.48 35.06
CA TYR B 598 24.31 26.80 34.11
C TYR B 598 25.39 27.72 33.53
N LEU B 599 25.12 29.03 33.46
CA LEU B 599 26.10 29.98 32.93
C LEU B 599 26.98 30.62 34.03
N THR B 600 26.86 30.18 35.29
CA THR B 600 27.66 30.73 36.38
C THR B 600 28.29 29.62 37.23
N LYS B 601 27.47 28.70 37.77
CA LYS B 601 27.97 27.61 38.59
C LYS B 601 28.62 26.51 37.74
N GLU B 602 28.11 26.28 36.53
CA GLU B 602 28.66 25.27 35.63
C GLU B 602 29.16 25.92 34.34
N LYS B 603 29.76 27.13 34.43
CA LYS B 603 30.24 27.83 33.24
C LYS B 603 31.46 27.15 32.58
N ASN B 604 32.17 26.28 33.31
CA ASN B 604 33.30 25.55 32.75
C ASN B 604 32.86 24.31 31.92
N ASN B 605 31.60 23.87 32.07
CA ASN B 605 31.09 22.71 31.37
C ASN B 605 30.00 23.08 30.38
N VAL B 606 29.12 24.02 30.75
CA VAL B 606 28.01 24.43 29.89
C VAL B 606 28.45 25.36 28.77
N GLU B 607 28.01 25.06 27.54
CA GLU B 607 28.32 25.87 26.36
C GLU B 607 27.13 26.80 26.06
N SER B 608 25.89 26.29 26.19
CA SER B 608 24.71 27.09 25.91
C SER B 608 23.43 26.53 26.55
N VAL B 609 22.42 27.38 26.76
CA VAL B 609 21.14 26.97 27.35
C VAL B 609 19.98 27.42 26.46
N PHE B 610 19.17 26.48 25.97
CA PHE B 610 18.02 26.81 25.14
C PHE B 610 16.76 26.82 25.99
N ALA B 611 16.45 27.95 26.62
CA ALA B 611 15.28 28.07 27.47
C ALA B 611 14.01 28.27 26.65
N VAL B 612 13.23 27.19 26.47
CA VAL B 612 11.99 27.27 25.71
C VAL B 612 10.77 27.33 26.63
N ASN B 613 10.23 28.53 26.84
CA ASN B 613 9.04 28.72 27.67
C ASN B 613 7.81 28.25 26.88
N GLY B 614 6.95 27.49 27.53
CA GLY B 614 5.75 26.96 26.89
C GLY B 614 6.02 25.82 25.96
N PHE B 615 7.06 25.02 26.25
CA PHE B 615 7.45 23.87 25.44
C PHE B 615 6.34 22.82 25.43
N PRO B 616 6.09 22.16 24.27
CA PRO B 616 5.00 21.17 24.18
C PRO B 616 4.89 20.12 25.30
N PHE B 617 6.00 19.80 26.01
CA PHE B 617 5.93 18.85 27.12
C PHE B 617 5.09 19.40 28.26
N ALA B 618 4.22 18.54 28.82
CA ALA B 618 3.28 18.82 29.92
C ALA B 618 2.17 19.81 29.57
N GLY B 619 1.44 19.50 28.48
CA GLY B 619 0.31 20.31 28.03
C GLY B 619 0.66 21.64 27.39
N ARG B 620 1.96 21.87 27.11
CA ARG B 620 2.54 23.07 26.48
C ARG B 620 1.86 24.40 26.90
N GLY B 621 1.50 24.51 28.18
CA GLY B 621 0.86 25.71 28.70
C GLY B 621 1.85 26.76 29.15
N GLN B 622 1.34 27.84 29.77
CA GLN B 622 2.18 28.92 30.27
C GLN B 622 2.98 28.53 31.53
N ASN B 623 2.53 27.50 32.26
CA ASN B 623 3.18 27.06 33.49
C ASN B 623 4.31 26.03 33.27
N THR B 624 4.69 25.77 32.01
CA THR B 624 5.74 24.80 31.70
C THR B 624 6.86 25.41 30.87
N GLY B 625 8.04 24.80 30.91
CA GLY B 625 9.18 25.27 30.15
C GLY B 625 10.37 24.34 30.28
N ILE B 626 11.20 24.27 29.23
CA ILE B 626 12.39 23.42 29.27
C ILE B 626 13.68 24.23 29.15
N ALA B 627 14.82 23.63 29.52
CA ALA B 627 16.11 24.28 29.39
C ALA B 627 17.08 23.29 28.78
N PHE B 628 17.16 23.26 27.44
CA PHE B 628 18.04 22.33 26.74
C PHE B 628 19.50 22.73 26.90
N VAL B 629 20.21 22.07 27.81
CA VAL B 629 21.61 22.40 28.09
C VAL B 629 22.59 21.70 27.17
N SER B 630 23.35 22.47 26.41
CA SER B 630 24.37 21.93 25.52
C SER B 630 25.72 22.17 26.18
N LEU B 631 26.52 21.12 26.37
CA LEU B 631 27.81 21.22 27.04
C LEU B 631 28.98 21.33 26.05
N LYS B 632 30.18 21.67 26.56
CA LYS B 632 31.41 21.74 25.76
C LYS B 632 31.88 20.31 25.36
N ASP B 633 32.97 20.21 24.57
CA ASP B 633 33.48 18.91 24.13
C ASP B 633 33.94 18.04 25.31
N TRP B 634 33.92 16.72 25.12
CA TRP B 634 34.32 15.72 26.12
C TRP B 634 35.79 15.88 26.54
N ALA B 635 36.64 16.43 25.67
CA ALA B 635 38.04 16.68 25.99
C ALA B 635 38.15 17.87 26.96
N ASP B 636 37.28 18.88 26.81
CA ASP B 636 37.27 20.06 27.68
C ASP B 636 36.56 19.81 29.03
N ARG B 637 35.94 18.64 29.22
CA ARG B 637 35.28 18.28 30.48
C ARG B 637 35.88 16.99 31.04
N PRO B 638 37.08 17.05 31.66
CA PRO B 638 37.69 15.82 32.18
C PRO B 638 37.18 15.42 33.55
N GLY B 639 37.28 14.13 33.86
CA GLY B 639 36.86 13.60 35.15
C GLY B 639 35.40 13.23 35.20
N GLU B 640 35.02 12.39 36.18
CA GLU B 640 33.65 11.95 36.37
C GLU B 640 32.74 13.08 36.87
N GLU B 641 33.29 14.04 37.62
CA GLU B 641 32.53 15.17 38.15
C GLU B 641 32.09 16.18 37.07
N ASN B 642 32.76 16.18 35.91
CA ASN B 642 32.38 17.08 34.82
C ASN B 642 31.52 16.38 33.74
N LYS B 643 30.88 15.26 34.09
CA LYS B 643 30.03 14.52 33.15
C LYS B 643 28.54 14.79 33.42
N VAL B 644 27.67 14.48 32.43
CA VAL B 644 26.22 14.73 32.52
C VAL B 644 25.60 14.19 33.82
N GLU B 645 25.93 12.96 34.23
CA GLU B 645 25.36 12.37 35.45
C GLU B 645 25.66 13.20 36.71
N ALA B 646 26.88 13.72 36.83
CA ALA B 646 27.26 14.53 37.98
C ALA B 646 26.68 15.95 37.91
N ILE B 647 26.65 16.53 36.69
CA ILE B 647 26.10 17.88 36.50
C ILE B 647 24.59 17.89 36.77
N THR B 648 23.89 16.83 36.34
CA THR B 648 22.45 16.65 36.52
C THR B 648 22.08 16.53 38.01
N MET B 649 22.84 15.71 38.75
CA MET B 649 22.59 15.52 40.18
C MET B 649 22.89 16.79 40.99
N ARG B 650 23.88 17.58 40.55
CA ARG B 650 24.20 18.84 41.21
C ARG B 650 23.13 19.88 40.92
N ALA B 651 22.63 19.90 39.67
CA ALA B 651 21.60 20.85 39.26
C ALA B 651 20.26 20.56 39.93
N THR B 652 19.83 19.29 39.97
CA THR B 652 18.58 18.91 40.61
C THR B 652 18.58 19.26 42.11
N ARG B 653 19.75 19.13 42.76
CA ARG B 653 19.91 19.45 44.18
C ARG B 653 19.84 20.97 44.41
N ALA B 654 20.39 21.77 43.48
CA ALA B 654 20.38 23.22 43.60
C ALA B 654 19.00 23.81 43.27
N PHE B 655 18.30 23.21 42.30
CA PHE B 655 16.98 23.70 41.90
C PHE B 655 15.85 23.35 42.90
N SER B 656 16.16 22.52 43.93
CA SER B 656 15.19 22.18 44.96
C SER B 656 14.90 23.40 45.88
N GLN B 657 15.86 24.35 45.96
CA GLN B 657 15.71 25.59 46.74
C GLN B 657 14.69 26.54 46.10
N ILE B 658 14.48 26.45 44.78
CA ILE B 658 13.50 27.29 44.09
C ILE B 658 12.10 26.86 44.49
N LYS B 659 11.47 27.63 45.36
CA LYS B 659 10.11 27.32 45.82
C LYS B 659 9.06 27.63 44.75
N ASP B 660 7.83 27.07 44.90
CA ASP B 660 6.70 27.21 43.96
C ASP B 660 7.12 26.98 42.50
N ALA B 661 7.98 25.97 42.26
CA ALA B 661 8.48 25.59 40.94
C ALA B 661 9.16 24.23 41.01
N MET B 662 8.60 23.24 40.32
CA MET B 662 9.18 21.89 40.29
C MET B 662 10.24 21.79 39.22
N VAL B 663 11.48 22.15 39.56
CA VAL B 663 12.58 22.13 38.60
C VAL B 663 13.50 20.94 38.83
N PHE B 664 13.68 20.09 37.82
CA PHE B 664 14.55 18.92 37.94
C PHE B 664 15.26 18.65 36.61
N ALA B 665 16.53 18.25 36.66
CA ALA B 665 17.29 17.95 35.45
C ALA B 665 17.37 16.44 35.21
N PHE B 666 17.54 16.04 33.94
CA PHE B 666 17.64 14.62 33.58
C PHE B 666 18.34 14.43 32.24
N ASN B 667 19.13 13.35 32.12
CA ASN B 667 19.84 13.03 30.88
C ASN B 667 18.90 12.44 29.84
N LEU B 668 19.17 12.68 28.56
CA LEU B 668 18.36 12.12 27.47
C LEU B 668 18.74 10.67 27.23
N PRO B 669 17.76 9.80 26.88
CA PRO B 669 18.08 8.38 26.65
C PRO B 669 18.88 8.14 25.37
N ALA B 670 19.56 6.98 25.27
CA ALA B 670 20.34 6.62 24.08
C ALA B 670 19.45 6.58 22.85
N ILE B 671 18.25 6.00 23.00
CA ILE B 671 17.23 5.98 21.95
C ILE B 671 15.97 6.56 22.58
N VAL B 672 15.57 7.75 22.12
CA VAL B 672 14.42 8.48 22.65
C VAL B 672 13.14 7.62 22.72
N GLU B 673 12.91 6.79 21.69
CA GLU B 673 11.72 5.94 21.64
C GLU B 673 11.84 4.65 22.46
N LEU B 674 12.61 4.67 23.57
CA LEU B 674 12.75 3.48 24.42
C LEU B 674 12.34 3.75 25.88
N GLY B 675 12.58 4.97 26.35
CA GLY B 675 12.25 5.35 27.71
C GLY B 675 13.23 4.82 28.73
N THR B 676 12.75 3.95 29.65
CA THR B 676 13.60 3.38 30.69
C THR B 676 13.47 1.87 30.79
N ALA B 677 14.53 1.21 31.29
CA ALA B 677 14.50 -0.22 31.55
C ALA B 677 13.90 -0.46 32.95
N THR B 678 13.40 -1.69 33.20
CA THR B 678 12.73 -2.04 34.48
C THR B 678 11.54 -1.10 34.83
N GLY B 679 11.06 -0.35 33.82
CA GLY B 679 9.95 0.58 33.99
C GLY B 679 8.73 0.16 33.21
N PHE B 680 7.56 0.67 33.59
CA PHE B 680 6.31 0.31 32.93
C PHE B 680 5.49 1.51 32.46
N ASP B 681 4.64 1.29 31.46
CA ASP B 681 3.75 2.30 30.91
C ASP B 681 2.32 1.77 31.03
N PHE B 682 1.63 2.14 32.10
CA PHE B 682 0.28 1.68 32.40
C PHE B 682 -0.79 2.65 31.86
N GLU B 683 -1.97 2.13 31.54
CA GLU B 683 -3.08 2.97 31.06
C GLU B 683 -4.34 2.67 31.84
N LEU B 684 -4.95 3.69 32.44
CA LEU B 684 -6.18 3.50 33.21
C LEU B 684 -7.39 3.87 32.38
N ILE B 685 -7.99 2.90 31.69
CA ILE B 685 -9.12 3.11 30.79
C ILE B 685 -10.48 3.22 31.51
N ASP B 686 -11.39 4.03 30.95
CA ASP B 686 -12.76 4.22 31.41
C ASP B 686 -13.65 3.42 30.47
N GLN B 687 -14.07 2.23 30.90
CA GLN B 687 -14.84 1.33 30.05
C GLN B 687 -16.34 1.33 30.34
N ALA B 688 -16.86 2.36 31.02
CA ALA B 688 -18.30 2.42 31.33
C ALA B 688 -18.89 3.82 31.33
N GLY B 689 -18.23 4.77 30.68
CA GLY B 689 -18.71 6.15 30.59
C GLY B 689 -18.86 6.82 31.93
N LEU B 690 -17.97 6.47 32.88
CA LEU B 690 -17.97 6.98 34.25
C LEU B 690 -17.74 8.49 34.31
N GLY B 691 -16.90 9.00 33.43
CA GLY B 691 -16.59 10.42 33.38
C GLY B 691 -15.17 10.74 33.79
N HIS B 692 -14.80 12.03 33.71
CA HIS B 692 -13.45 12.45 34.07
C HIS B 692 -13.23 12.45 35.58
N GLU B 693 -14.17 13.02 36.35
CA GLU B 693 -14.05 13.10 37.80
C GLU B 693 -14.04 11.71 38.44
N LYS B 694 -14.80 10.76 37.90
CA LYS B 694 -14.83 9.40 38.41
C LYS B 694 -13.52 8.67 38.09
N LEU B 695 -12.96 8.92 36.90
CA LEU B 695 -11.69 8.32 36.49
C LEU B 695 -10.51 8.90 37.29
N THR B 696 -10.61 10.19 37.71
CA THR B 696 -9.58 10.82 38.51
C THR B 696 -9.52 10.16 39.89
N GLN B 697 -10.69 9.92 40.51
CA GLN B 697 -10.79 9.26 41.80
C GLN B 697 -10.24 7.84 41.74
N ALA B 698 -10.52 7.13 40.64
CA ALA B 698 -10.02 5.77 40.43
C ALA B 698 -8.50 5.76 40.29
N ARG B 699 -7.95 6.78 39.60
CA ARG B 699 -6.51 6.90 39.43
C ARG B 699 -5.85 7.17 40.77
N ASN B 700 -6.43 8.06 41.59
CA ASN B 700 -5.91 8.37 42.91
C ASN B 700 -5.94 7.15 43.83
N GLN B 701 -6.97 6.30 43.69
CA GLN B 701 -7.10 5.07 44.47
C GLN B 701 -6.00 4.08 44.11
N LEU B 702 -5.68 3.95 42.82
CA LEU B 702 -4.62 3.06 42.37
C LEU B 702 -3.24 3.60 42.75
N LEU B 703 -3.06 4.93 42.70
CA LEU B 703 -1.80 5.59 43.06
C LEU B 703 -1.50 5.43 44.54
N ALA B 704 -2.53 5.55 45.40
CA ALA B 704 -2.36 5.40 46.84
C ALA B 704 -2.06 3.94 47.20
N GLU B 705 -2.68 2.99 46.49
CA GLU B 705 -2.45 1.56 46.71
C GLU B 705 -1.06 1.14 46.24
N ALA B 706 -0.53 1.79 45.19
CA ALA B 706 0.82 1.51 44.70
C ALA B 706 1.87 1.99 45.72
N ALA B 707 1.58 3.12 46.42
CA ALA B 707 2.45 3.67 47.45
C ALA B 707 2.53 2.75 48.68
N LYS B 708 1.45 1.97 48.94
CA LYS B 708 1.42 1.01 50.06
C LYS B 708 2.36 -0.19 49.84
N HIS B 709 2.90 -0.36 48.61
CA HIS B 709 3.84 -1.44 48.31
C HIS B 709 5.16 -0.86 47.78
N PRO B 710 5.97 -0.17 48.62
CA PRO B 710 7.26 0.36 48.12
C PRO B 710 8.30 -0.74 47.84
N ASP B 711 8.10 -1.94 48.42
CA ASP B 711 8.95 -3.10 48.24
C ASP B 711 8.88 -3.68 46.81
N MET B 712 7.81 -3.35 46.06
CA MET B 712 7.63 -3.85 44.71
C MET B 712 7.50 -2.70 43.70
N LEU B 713 6.80 -1.62 44.08
CA LEU B 713 6.60 -0.49 43.18
C LEU B 713 7.29 0.79 43.65
N THR B 714 7.98 1.48 42.74
CA THR B 714 8.65 2.75 43.03
C THR B 714 8.34 3.78 41.93
N SER B 715 8.19 5.05 42.33
CA SER B 715 7.93 6.18 41.43
C SER B 715 6.68 6.01 40.56
N VAL B 716 5.58 5.51 41.14
CA VAL B 716 4.32 5.39 40.40
C VAL B 716 3.66 6.76 40.29
N ARG B 717 3.87 7.44 39.15
CA ARG B 717 3.38 8.79 38.95
C ARG B 717 2.50 8.88 37.71
N PRO B 718 1.44 9.72 37.73
CA PRO B 718 0.61 9.85 36.53
C PRO B 718 1.28 10.74 35.48
N ASN B 719 1.23 10.31 34.20
CA ASN B 719 1.82 11.09 33.11
C ASN B 719 0.77 12.02 32.49
N GLY B 720 0.24 12.92 33.31
CA GLY B 720 -0.77 13.87 32.87
C GLY B 720 -0.85 15.10 33.75
N LEU B 721 -1.82 15.97 33.48
CA LEU B 721 -1.99 17.20 34.25
C LEU B 721 -3.22 17.12 35.15
N GLU B 722 -3.16 17.78 36.32
CA GLU B 722 -4.28 17.80 37.24
C GLU B 722 -5.30 18.88 36.83
N ASP B 723 -6.56 18.75 37.29
CA ASP B 723 -7.60 19.72 36.96
C ASP B 723 -7.24 21.12 37.46
N THR B 724 -7.50 22.14 36.64
CA THR B 724 -7.19 23.52 36.99
C THR B 724 -8.48 24.36 37.11
N PRO B 725 -8.45 25.47 37.85
CA PRO B 725 -9.66 26.30 37.96
C PRO B 725 -9.92 27.09 36.67
N GLN B 726 -11.14 26.98 36.12
CA GLN B 726 -11.51 27.65 34.88
C GLN B 726 -12.73 28.57 35.04
N PHE B 727 -12.84 29.57 34.16
CA PHE B 727 -13.88 30.59 34.18
C PHE B 727 -15.12 30.19 33.40
N LYS B 728 -16.11 29.57 34.05
CA LYS B 728 -17.34 29.16 33.38
C LYS B 728 -18.28 30.34 33.19
N ILE B 729 -18.47 30.78 31.95
CA ILE B 729 -19.35 31.90 31.65
C ILE B 729 -20.63 31.41 30.95
N ASP B 730 -21.79 31.67 31.56
CA ASP B 730 -23.06 31.22 31.03
C ASP B 730 -23.80 32.36 30.31
N ILE B 731 -24.09 32.18 29.02
CA ILE B 731 -24.84 33.17 28.26
C ILE B 731 -26.33 32.92 28.46
N ASP B 732 -27.05 33.88 29.06
CA ASP B 732 -28.49 33.72 29.27
C ASP B 732 -29.23 33.88 27.97
N GLN B 733 -29.87 32.81 27.50
CA GLN B 733 -30.62 32.82 26.23
C GLN B 733 -31.86 33.70 26.29
N GLU B 734 -32.47 33.87 27.48
CA GLU B 734 -33.66 34.70 27.64
C GLU B 734 -33.35 36.18 27.51
N LYS B 735 -32.30 36.65 28.21
CA LYS B 735 -31.91 38.05 28.16
C LYS B 735 -31.34 38.43 26.79
N ALA B 736 -30.65 37.49 26.12
CA ALA B 736 -30.09 37.74 24.80
C ALA B 736 -31.20 37.90 23.75
N GLN B 737 -32.28 37.12 23.87
CA GLN B 737 -33.39 37.21 22.93
C GLN B 737 -34.27 38.43 23.20
N ALA B 738 -34.38 38.84 24.48
CA ALA B 738 -35.18 40.00 24.86
C ALA B 738 -34.56 41.30 24.36
N LEU B 739 -33.24 41.41 24.45
CA LEU B 739 -32.54 42.61 23.98
C LEU B 739 -32.34 42.63 22.45
N GLY B 740 -32.43 41.47 21.81
CA GLY B 740 -32.25 41.36 20.37
C GLY B 740 -30.82 41.09 19.95
N VAL B 741 -30.04 40.49 20.86
CA VAL B 741 -28.64 40.17 20.57
C VAL B 741 -28.54 38.73 20.05
N SER B 742 -27.86 38.54 18.91
CA SER B 742 -27.72 37.21 18.33
C SER B 742 -26.74 36.37 19.14
N ILE B 743 -27.02 35.07 19.31
CA ILE B 743 -26.16 34.17 20.07
C ILE B 743 -24.82 33.96 19.35
N ASN B 744 -24.87 33.89 18.01
CA ASN B 744 -23.65 33.75 17.19
C ASN B 744 -22.77 35.00 17.36
N ASP B 745 -23.39 36.19 17.42
CA ASP B 745 -22.69 37.47 17.61
C ASP B 745 -21.98 37.49 18.97
N ILE B 746 -22.60 36.91 20.00
CA ILE B 746 -22.02 36.85 21.34
C ILE B 746 -20.82 35.91 21.37
N ASN B 747 -20.97 34.69 20.83
CA ASN B 747 -19.89 33.71 20.80
C ASN B 747 -18.74 34.12 19.87
N THR B 748 -19.03 34.94 18.85
CA THR B 748 -17.99 35.43 17.95
C THR B 748 -17.21 36.53 18.65
N THR B 749 -17.91 37.43 19.37
CA THR B 749 -17.27 38.51 20.11
C THR B 749 -16.40 37.96 21.24
N LEU B 750 -16.88 36.92 21.91
CA LEU B 750 -16.13 36.30 23.01
C LEU B 750 -14.95 35.48 22.48
N GLY B 751 -15.16 34.74 21.41
CA GLY B 751 -14.15 33.90 20.82
C GLY B 751 -13.02 34.62 20.11
N ALA B 752 -13.36 35.59 19.24
CA ALA B 752 -12.35 36.32 18.46
C ALA B 752 -11.50 37.25 19.31
N ALA B 753 -12.05 37.80 20.40
CA ALA B 753 -11.30 38.73 21.24
C ALA B 753 -10.45 38.02 22.31
N TRP B 754 -11.02 37.02 22.98
CA TRP B 754 -10.33 36.33 24.06
C TRP B 754 -9.51 35.11 23.62
N GLY B 755 -9.80 34.57 22.45
CA GLY B 755 -9.09 33.39 21.95
C GLY B 755 -8.34 33.62 20.65
N GLY B 756 -8.80 34.58 19.87
CA GLY B 756 -8.19 34.88 18.58
C GLY B 756 -8.85 34.12 17.45
N SER B 757 -9.22 34.83 16.40
CA SER B 757 -9.88 34.21 15.26
C SER B 757 -9.04 34.31 13.99
N TYR B 758 -8.86 33.19 13.29
CA TYR B 758 -8.13 33.15 12.04
C TYR B 758 -9.09 33.56 10.93
N VAL B 759 -8.93 34.78 10.39
CA VAL B 759 -9.83 35.30 9.38
C VAL B 759 -9.51 34.74 7.96
N ASN B 760 -8.37 35.11 7.34
CA ASN B 760 -8.01 34.65 5.99
C ASN B 760 -6.50 34.83 5.69
N ASP B 761 -6.07 34.58 4.42
CA ASP B 761 -4.67 34.70 4.05
C ASP B 761 -4.33 36.04 3.40
N PHE B 762 -3.06 36.45 3.50
CA PHE B 762 -2.55 37.67 2.88
C PHE B 762 -1.12 37.42 2.34
N ILE B 763 -0.62 38.29 1.45
CA ILE B 763 0.70 38.09 0.86
C ILE B 763 1.75 39.09 1.37
N ASP B 764 2.69 38.61 2.19
CA ASP B 764 3.76 39.46 2.71
C ASP B 764 5.07 39.14 2.02
N ARG B 765 5.50 40.00 1.07
CA ARG B 765 6.74 39.84 0.32
C ARG B 765 6.79 38.51 -0.46
N GLY B 766 5.71 38.21 -1.17
CA GLY B 766 5.62 36.98 -1.98
C GLY B 766 5.45 35.72 -1.16
N ARG B 767 4.91 35.85 0.06
CA ARG B 767 4.71 34.70 0.93
C ARG B 767 3.30 34.70 1.50
N VAL B 768 2.60 33.56 1.42
CA VAL B 768 1.26 33.45 1.96
C VAL B 768 1.29 33.32 3.49
N LYS B 769 0.68 34.29 4.19
CA LYS B 769 0.67 34.30 5.65
C LYS B 769 -0.75 34.50 6.23
N LYS B 770 -0.94 34.13 7.51
CA LYS B 770 -2.26 34.20 8.16
C LYS B 770 -2.62 35.61 8.66
N VAL B 771 -3.94 35.86 8.81
CA VAL B 771 -4.45 37.12 9.36
C VAL B 771 -5.28 36.79 10.61
N TYR B 772 -4.84 37.27 11.78
CA TYR B 772 -5.54 36.97 13.03
C TYR B 772 -6.17 38.19 13.67
N VAL B 773 -7.44 38.09 14.07
CA VAL B 773 -8.09 39.16 14.81
C VAL B 773 -8.16 38.75 16.28
N MET B 774 -7.70 39.63 17.17
CA MET B 774 -7.69 39.34 18.61
C MET B 774 -7.66 40.63 19.40
N SER B 775 -8.23 40.61 20.61
CA SER B 775 -8.21 41.79 21.47
C SER B 775 -6.78 42.14 21.87
N GLU B 776 -6.53 43.41 22.17
CA GLU B 776 -5.23 43.84 22.66
C GLU B 776 -5.07 43.28 24.09
N ALA B 777 -3.84 42.89 24.46
CA ALA B 777 -3.53 42.31 25.77
C ALA B 777 -4.18 43.04 26.95
N LYS B 778 -4.21 44.38 26.89
CA LYS B 778 -4.78 45.25 27.93
C LYS B 778 -6.27 44.97 28.22
N TYR B 779 -6.99 44.37 27.26
CA TYR B 779 -8.43 44.17 27.40
C TYR B 779 -8.89 42.72 27.42
N ARG B 780 -8.02 41.77 27.81
CA ARG B 780 -8.41 40.36 27.88
C ARG B 780 -7.62 39.58 28.93
N MET B 781 -7.36 40.19 30.08
CA MET B 781 -6.59 39.53 31.14
C MET B 781 -7.43 39.07 32.33
N LEU B 782 -8.34 39.92 32.79
CA LEU B 782 -9.12 39.60 33.99
C LEU B 782 -10.63 39.52 33.75
N PRO B 783 -11.38 38.82 34.63
CA PRO B 783 -12.83 38.71 34.45
C PRO B 783 -13.57 40.04 34.37
N ASP B 784 -12.96 41.12 34.89
CA ASP B 784 -13.56 42.47 34.84
C ASP B 784 -13.65 42.96 33.38
N ASP B 785 -12.69 42.56 32.53
CA ASP B 785 -12.66 42.94 31.12
C ASP B 785 -13.77 42.28 30.27
N ILE B 786 -14.53 41.33 30.85
CA ILE B 786 -15.64 40.68 30.15
C ILE B 786 -16.74 41.71 29.88
N GLY B 787 -17.10 42.48 30.92
CA GLY B 787 -18.13 43.51 30.83
C GLY B 787 -17.77 44.70 29.96
N ASP B 788 -16.49 44.83 29.58
CA ASP B 788 -16.06 45.91 28.70
C ASP B 788 -16.34 45.65 27.21
N TRP B 789 -16.85 44.45 26.87
CA TRP B 789 -17.15 44.10 25.48
C TRP B 789 -18.61 44.28 25.17
N TYR B 790 -18.92 45.07 24.14
CA TYR B 790 -20.29 45.37 23.77
C TYR B 790 -20.67 44.71 22.45
N VAL B 791 -21.80 44.01 22.43
CA VAL B 791 -22.30 43.36 21.22
C VAL B 791 -23.53 44.14 20.72
N ARG B 792 -23.57 44.46 19.43
CA ARG B 792 -24.68 45.22 18.86
C ARG B 792 -25.91 44.37 18.66
N ALA B 793 -27.04 44.82 19.20
CA ALA B 793 -28.32 44.12 19.04
C ALA B 793 -29.00 44.51 17.69
N ALA B 794 -30.06 43.78 17.28
CA ALA B 794 -30.77 44.04 16.03
C ALA B 794 -31.33 45.45 15.93
N ASP B 795 -31.67 46.08 17.07
CA ASP B 795 -32.18 47.46 17.06
C ASP B 795 -31.09 48.54 16.92
N GLY B 796 -29.82 48.15 17.01
CA GLY B 796 -28.69 49.07 16.88
C GLY B 796 -28.00 49.40 18.19
N GLN B 797 -28.65 49.11 19.32
CA GLN B 797 -28.08 49.42 20.63
C GLN B 797 -26.89 48.53 20.97
N MET B 798 -25.90 49.08 21.69
CA MET B 798 -24.73 48.32 22.11
C MET B 798 -24.93 47.77 23.50
N VAL B 799 -25.06 46.44 23.62
CA VAL B 799 -25.29 45.80 24.91
C VAL B 799 -24.01 45.17 25.45
N PRO B 800 -23.57 45.55 26.66
CA PRO B 800 -22.36 44.95 27.23
C PRO B 800 -22.54 43.47 27.59
N PHE B 801 -21.44 42.75 27.70
CA PHE B 801 -21.44 41.32 28.04
C PHE B 801 -21.99 41.04 29.43
N SER B 802 -21.82 41.99 30.36
CA SER B 802 -22.30 41.84 31.73
C SER B 802 -23.84 41.81 31.83
N ALA B 803 -24.56 42.26 30.78
CA ALA B 803 -26.02 42.30 30.80
C ALA B 803 -26.66 40.95 30.47
N PHE B 804 -25.95 40.09 29.71
CA PHE B 804 -26.52 38.80 29.32
C PHE B 804 -25.67 37.59 29.72
N SER B 805 -24.79 37.74 30.73
CA SER B 805 -23.93 36.63 31.14
C SER B 805 -23.63 36.60 32.63
N SER B 806 -23.53 35.39 33.19
CA SER B 806 -23.19 35.18 34.59
C SER B 806 -21.98 34.23 34.64
N SER B 807 -20.99 34.53 35.48
CA SER B 807 -19.77 33.72 35.53
C SER B 807 -19.42 33.19 36.92
N ARG B 808 -18.87 31.96 36.96
CA ARG B 808 -18.47 31.30 38.20
C ARG B 808 -17.17 30.47 38.01
N TRP B 809 -16.47 30.16 39.10
CA TRP B 809 -15.25 29.35 39.01
C TRP B 809 -15.56 27.87 39.21
N GLU B 810 -14.92 27.00 38.41
CA GLU B 810 -15.10 25.55 38.49
C GLU B 810 -13.81 24.81 38.09
N TYR B 811 -13.71 23.50 38.36
CA TYR B 811 -12.51 22.74 37.99
C TYR B 811 -12.70 21.92 36.71
N GLY B 812 -11.68 21.94 35.86
CA GLY B 812 -11.69 21.22 34.59
C GLY B 812 -10.31 20.83 34.14
N SER B 813 -10.22 19.75 33.36
CA SER B 813 -8.92 19.23 32.93
C SER B 813 -8.29 20.03 31.81
N PRO B 814 -7.00 20.38 31.97
CA PRO B 814 -6.30 21.09 30.89
C PRO B 814 -5.63 20.13 29.88
N ARG B 815 -5.84 18.82 30.01
CA ARG B 815 -5.28 17.81 29.12
C ARG B 815 -6.02 16.48 29.30
N LEU B 816 -6.90 16.15 28.34
CA LEU B 816 -7.69 14.92 28.39
C LEU B 816 -7.06 13.84 27.54
N GLU B 817 -6.74 12.70 28.15
CA GLU B 817 -6.09 11.60 27.44
C GLU B 817 -7.11 10.52 27.08
N ARG B 818 -6.92 9.88 25.94
CA ARG B 818 -7.80 8.80 25.47
C ARG B 818 -6.97 7.68 24.87
N TYR B 819 -7.16 6.46 25.36
CA TYR B 819 -6.44 5.30 24.84
C TYR B 819 -7.41 4.33 24.18
N ASN B 820 -7.16 4.03 22.89
CA ASN B 820 -7.99 3.14 22.08
C ASN B 820 -9.44 3.59 22.00
N GLY B 821 -9.66 4.89 21.84
CA GLY B 821 -10.99 5.46 21.69
C GLY B 821 -11.76 5.71 22.98
N LEU B 822 -11.22 5.24 24.11
CA LEU B 822 -11.89 5.39 25.40
C LEU B 822 -11.11 6.35 26.30
N PRO B 823 -11.77 7.09 27.21
CA PRO B 823 -11.02 8.00 28.11
C PRO B 823 -10.00 7.25 28.96
N SER B 824 -8.80 7.82 29.17
CA SER B 824 -7.77 7.12 29.92
C SER B 824 -6.84 8.03 30.73
N MET B 825 -6.11 7.45 31.68
CA MET B 825 -5.13 8.15 32.50
C MET B 825 -3.83 7.35 32.46
N GLU B 826 -2.81 7.86 31.75
CA GLU B 826 -1.53 7.16 31.62
C GLU B 826 -0.77 7.23 32.93
N ILE B 827 -0.29 6.09 33.42
CA ILE B 827 0.46 6.02 34.67
C ILE B 827 1.84 5.41 34.47
N LEU B 828 2.88 6.16 34.80
CA LEU B 828 4.25 5.68 34.70
C LEU B 828 4.72 5.09 36.06
N GLY B 829 5.82 4.34 36.02
CA GLY B 829 6.39 3.73 37.22
C GLY B 829 7.52 2.79 36.90
N GLN B 830 8.13 2.21 37.92
CA GLN B 830 9.23 1.25 37.74
C GLN B 830 9.31 0.24 38.88
N ALA B 831 9.95 -0.90 38.64
CA ALA B 831 10.09 -1.93 39.67
C ALA B 831 11.12 -1.53 40.73
N ALA B 832 10.87 -1.89 41.99
CA ALA B 832 11.79 -1.59 43.09
C ALA B 832 13.10 -2.39 42.93
N PRO B 833 14.23 -1.93 43.52
CA PRO B 833 15.48 -2.69 43.38
C PRO B 833 15.35 -4.13 43.89
N GLY B 834 15.71 -5.08 43.05
CA GLY B 834 15.61 -6.50 43.38
C GLY B 834 14.42 -7.20 42.74
N LYS B 835 13.38 -6.42 42.39
CA LYS B 835 12.18 -6.99 41.76
C LYS B 835 12.24 -6.85 40.26
N SER B 836 11.75 -7.86 39.53
CA SER B 836 11.74 -7.82 38.07
C SER B 836 10.57 -6.97 37.53
N THR B 837 10.61 -6.63 36.22
CA THR B 837 9.55 -5.85 35.59
C THR B 837 8.21 -6.62 35.60
N GLY B 838 8.30 -7.94 35.41
CA GLY B 838 7.12 -8.82 35.41
C GLY B 838 6.43 -8.88 36.76
N GLU B 839 7.19 -8.72 37.85
CA GLU B 839 6.64 -8.70 39.20
C GLU B 839 5.92 -7.39 39.47
N ALA B 840 6.49 -6.26 38.98
CA ALA B 840 5.90 -4.94 39.15
C ALA B 840 4.61 -4.82 38.35
N MET B 841 4.57 -5.43 37.16
CA MET B 841 3.37 -5.42 36.31
C MET B 841 2.27 -6.28 36.91
N GLU B 842 2.65 -7.43 37.49
CA GLU B 842 1.70 -8.36 38.10
C GLU B 842 1.01 -7.71 39.30
N LEU B 843 1.75 -6.92 40.10
CA LEU B 843 1.17 -6.23 41.24
C LEU B 843 0.22 -5.12 40.78
N MET B 844 0.60 -4.41 39.69
CA MET B 844 -0.23 -3.35 39.11
C MET B 844 -1.57 -3.92 38.62
N GLU B 845 -1.55 -5.15 38.07
CA GLU B 845 -2.76 -5.83 37.60
C GLU B 845 -3.64 -6.25 38.78
N GLN B 846 -3.02 -6.68 39.88
CA GLN B 846 -3.74 -7.09 41.09
C GLN B 846 -4.42 -5.88 41.74
N LEU B 847 -3.71 -4.74 41.81
CA LEU B 847 -4.26 -3.51 42.37
C LEU B 847 -5.38 -2.93 41.49
N ALA B 848 -5.31 -3.16 40.16
CA ALA B 848 -6.32 -2.67 39.22
C ALA B 848 -7.65 -3.41 39.35
N SER B 849 -7.62 -4.68 39.77
CA SER B 849 -8.84 -5.46 39.96
C SER B 849 -9.70 -4.97 41.14
N LYS B 850 -9.08 -4.23 42.10
CA LYS B 850 -9.78 -3.68 43.26
C LYS B 850 -10.38 -2.27 43.00
N LEU B 851 -10.16 -1.71 41.79
CA LEU B 851 -10.68 -0.38 41.43
C LEU B 851 -12.21 -0.42 41.19
N PRO B 852 -12.90 0.76 41.21
CA PRO B 852 -14.36 0.74 41.03
C PRO B 852 -14.85 0.08 39.75
N THR B 853 -16.15 -0.25 39.71
CA THR B 853 -16.76 -0.91 38.56
C THR B 853 -16.70 -0.01 37.34
N GLY B 854 -16.21 -0.54 36.23
CA GLY B 854 -16.09 0.21 34.99
C GLY B 854 -14.70 0.72 34.69
N VAL B 855 -13.77 0.62 35.65
CA VAL B 855 -12.40 1.08 35.45
C VAL B 855 -11.51 -0.05 34.95
N GLY B 856 -11.15 0.01 33.69
CA GLY B 856 -10.30 -1.00 33.07
C GLY B 856 -8.84 -0.60 33.02
N TYR B 857 -8.01 -1.43 32.37
CA TYR B 857 -6.59 -1.15 32.27
C TYR B 857 -5.95 -1.83 31.07
N ASP B 858 -4.81 -1.30 30.60
CA ASP B 858 -4.06 -1.88 29.49
C ASP B 858 -2.59 -1.44 29.50
N TRP B 859 -1.72 -2.23 28.88
CA TRP B 859 -0.30 -1.90 28.83
C TRP B 859 0.06 -1.29 27.47
N THR B 860 0.77 -0.16 27.49
CA THR B 860 1.15 0.52 26.26
C THR B 860 2.68 0.71 26.13
N GLY B 861 3.14 1.03 24.93
CA GLY B 861 4.54 1.30 24.65
C GLY B 861 5.49 0.18 25.01
N MET B 862 6.47 0.49 25.86
CA MET B 862 7.48 -0.47 26.31
C MET B 862 6.89 -1.67 27.05
N SER B 863 5.76 -1.47 27.73
CA SER B 863 5.10 -2.54 28.46
C SER B 863 4.40 -3.49 27.51
N TYR B 864 3.76 -2.95 26.47
CA TYR B 864 3.07 -3.74 25.45
C TYR B 864 4.09 -4.63 24.72
N GLN B 865 5.27 -4.08 24.41
CA GLN B 865 6.32 -4.82 23.72
C GLN B 865 7.03 -5.81 24.64
N GLU B 866 7.22 -5.46 25.93
CA GLU B 866 7.84 -6.37 26.90
C GLU B 866 6.95 -7.58 27.21
N ARG B 867 5.62 -7.47 26.98
CA ARG B 867 4.69 -8.57 27.18
C ARG B 867 4.89 -9.63 26.09
N LEU B 868 5.07 -9.19 24.84
CA LEU B 868 5.24 -10.09 23.71
C LEU B 868 6.69 -10.55 23.51
N SER B 869 7.67 -9.77 24.00
CA SER B 869 9.08 -10.15 23.89
C SER B 869 9.47 -11.24 24.90
N GLY B 870 8.84 -11.23 26.07
CA GLY B 870 9.09 -12.21 27.11
C GLY B 870 8.55 -13.60 26.80
N ASN B 871 7.55 -13.68 25.92
CA ASN B 871 6.97 -14.97 25.52
C ASN B 871 7.90 -15.72 24.54
N GLN B 872 8.62 -14.98 23.70
CA GLN B 872 9.52 -15.57 22.71
C GLN B 872 10.88 -15.97 23.31
N ALA B 873 11.29 -15.32 24.41
CA ALA B 873 12.58 -15.59 25.05
C ALA B 873 12.86 -17.08 25.39
N PRO B 874 11.93 -17.84 26.04
CA PRO B 874 12.26 -19.24 26.36
C PRO B 874 12.46 -20.15 25.15
N SER B 875 11.65 -19.97 24.10
CA SER B 875 11.74 -20.81 22.91
C SER B 875 13.03 -20.56 22.12
N LEU B 876 13.48 -19.29 22.06
CA LEU B 876 14.70 -18.95 21.32
C LEU B 876 15.95 -19.50 22.00
N TYR B 877 15.96 -19.53 23.34
CA TYR B 877 17.08 -20.07 24.10
C TYR B 877 17.14 -21.60 23.94
N ALA B 878 15.96 -22.25 23.93
CA ALA B 878 15.87 -23.70 23.80
C ALA B 878 16.29 -24.17 22.41
N ILE B 879 15.85 -23.47 21.36
CA ILE B 879 16.21 -23.81 19.98
C ILE B 879 17.72 -23.69 19.77
N SER B 880 18.35 -22.68 20.40
CA SER B 880 19.79 -22.49 20.33
C SER B 880 20.53 -23.71 20.88
N LEU B 881 20.12 -24.21 22.04
CA LEU B 881 20.74 -25.37 22.67
C LEU B 881 20.51 -26.67 21.90
N ILE B 882 19.32 -26.82 21.30
CA ILE B 882 19.00 -28.03 20.54
C ILE B 882 19.85 -28.09 19.27
N VAL B 883 19.86 -27.01 18.48
CA VAL B 883 20.64 -26.96 17.24
C VAL B 883 22.15 -27.03 17.51
N VAL B 884 22.63 -26.40 18.60
CA VAL B 884 24.05 -26.48 18.97
C VAL B 884 24.43 -27.93 19.28
N PHE B 885 23.57 -28.64 20.02
CA PHE B 885 23.81 -30.04 20.34
C PHE B 885 23.79 -30.91 19.08
N LEU B 886 22.80 -30.70 18.21
CA LEU B 886 22.67 -31.47 16.98
C LEU B 886 23.87 -31.27 16.06
N CYS B 887 24.36 -30.03 15.92
CA CYS B 887 25.52 -29.75 15.08
C CYS B 887 26.76 -30.46 15.59
N LEU B 888 26.93 -30.52 16.92
CA LEU B 888 28.07 -31.21 17.52
C LEU B 888 27.91 -32.73 17.41
N ALA B 889 26.68 -33.24 17.50
CA ALA B 889 26.41 -34.67 17.38
C ALA B 889 26.75 -35.20 15.99
N ALA B 890 26.55 -34.38 14.96
CA ALA B 890 26.87 -34.77 13.59
C ALA B 890 28.38 -34.71 13.35
N LEU B 891 29.03 -33.67 13.89
CA LEU B 891 30.48 -33.47 13.77
C LEU B 891 31.25 -34.60 14.47
N TYR B 892 30.91 -34.89 15.73
CA TYR B 892 31.61 -35.91 16.51
C TYR B 892 31.09 -37.32 16.28
N GLU B 893 29.89 -37.47 15.68
CA GLU B 893 29.29 -38.79 15.46
C GLU B 893 29.03 -39.46 16.81
N SER B 894 28.43 -38.70 17.75
CA SER B 894 28.15 -39.19 19.09
C SER B 894 27.03 -38.39 19.75
N TRP B 895 26.23 -39.03 20.60
CA TRP B 895 25.17 -38.33 21.33
C TRP B 895 25.62 -37.86 22.73
N SER B 896 26.82 -38.29 23.19
CA SER B 896 27.32 -37.95 24.52
C SER B 896 28.46 -36.94 24.47
N ILE B 897 29.38 -37.10 23.50
CA ILE B 897 30.54 -36.23 23.34
C ILE B 897 30.19 -34.72 23.20
N PRO B 898 29.08 -34.32 22.52
CA PRO B 898 28.76 -32.88 22.44
C PRO B 898 28.64 -32.18 23.80
N PHE B 899 28.34 -32.93 24.86
CA PHE B 899 28.18 -32.38 26.20
C PHE B 899 29.47 -31.80 26.76
N SER B 900 30.63 -32.36 26.38
CA SER B 900 31.93 -31.86 26.84
C SER B 900 32.17 -30.43 26.36
N VAL B 901 31.74 -30.11 25.14
CA VAL B 901 31.87 -28.79 24.57
C VAL B 901 30.87 -27.82 25.19
N MET B 902 29.61 -28.26 25.34
CA MET B 902 28.55 -27.43 25.92
C MET B 902 28.77 -27.05 27.39
N LEU B 903 29.68 -27.73 28.08
CA LEU B 903 29.97 -27.42 29.49
C LEU B 903 30.90 -26.20 29.68
N VAL B 904 31.41 -25.60 28.58
CA VAL B 904 32.30 -24.45 28.69
C VAL B 904 31.55 -23.10 28.77
N VAL B 905 30.20 -23.12 28.60
CA VAL B 905 29.39 -21.90 28.66
C VAL B 905 29.61 -21.08 29.96
N PRO B 906 29.51 -21.68 31.17
CA PRO B 906 29.70 -20.88 32.40
C PRO B 906 31.14 -20.41 32.64
N LEU B 907 32.13 -21.00 31.93
CA LEU B 907 33.53 -20.62 32.10
C LEU B 907 33.82 -19.21 31.58
N GLY B 908 33.13 -18.82 30.51
CA GLY B 908 33.28 -17.50 29.93
C GLY B 908 32.36 -16.45 30.52
N VAL B 909 31.22 -16.89 31.07
CA VAL B 909 30.25 -15.98 31.67
C VAL B 909 30.67 -15.52 33.07
N ILE B 910 31.33 -16.39 33.84
CA ILE B 910 31.75 -16.05 35.20
C ILE B 910 32.69 -14.83 35.25
N GLY B 911 33.57 -14.71 34.27
CA GLY B 911 34.49 -13.59 34.20
C GLY B 911 33.83 -12.32 33.72
N ALA B 912 32.88 -12.44 32.79
CA ALA B 912 32.17 -11.28 32.26
C ALA B 912 31.31 -10.65 33.35
N LEU B 913 30.65 -11.49 34.17
CA LEU B 913 29.84 -11.00 35.27
C LEU B 913 30.70 -10.39 36.37
N LEU B 914 31.88 -10.97 36.62
CA LEU B 914 32.79 -10.44 37.64
C LEU B 914 33.35 -9.09 37.22
N ALA B 915 33.67 -8.94 35.93
CA ALA B 915 34.21 -7.68 35.41
C ALA B 915 33.17 -6.57 35.43
N ALA B 916 31.90 -6.91 35.18
CA ALA B 916 30.82 -5.92 35.17
C ALA B 916 30.37 -5.58 36.59
N THR B 917 30.39 -6.56 37.52
CA THR B 917 29.97 -6.33 38.90
C THR B 917 31.00 -5.49 39.65
N PHE B 918 32.29 -5.73 39.40
CA PHE B 918 33.36 -4.99 40.07
C PHE B 918 33.51 -3.57 39.49
N ARG B 919 33.19 -3.38 38.21
CA ARG B 919 33.25 -2.08 37.57
C ARG B 919 32.01 -1.24 37.89
N GLY B 920 30.86 -1.89 37.95
CA GLY B 920 29.60 -1.21 38.23
C GLY B 920 28.71 -1.07 36.99
N LEU B 921 28.98 -1.88 35.96
CA LEU B 921 28.22 -1.83 34.72
C LEU B 921 26.92 -2.66 34.81
N THR B 922 26.04 -2.52 33.81
CA THR B 922 24.75 -3.20 33.80
C THR B 922 24.65 -4.28 32.70
N ASN B 923 23.62 -5.15 32.79
CA ASN B 923 23.35 -6.21 31.82
C ASN B 923 22.65 -5.60 30.58
N ASP B 924 23.38 -4.77 29.83
CA ASP B 924 22.84 -4.11 28.64
C ASP B 924 22.94 -5.01 27.38
N VAL B 925 22.41 -4.54 26.22
CA VAL B 925 22.48 -5.33 24.99
C VAL B 925 23.91 -5.57 24.53
N TYR B 926 24.83 -4.62 24.79
CA TYR B 926 26.23 -4.80 24.43
C TYR B 926 26.88 -5.90 25.28
N PHE B 927 26.48 -6.00 26.55
CA PHE B 927 26.98 -7.01 27.47
C PHE B 927 26.38 -8.38 27.11
N GLN B 928 25.10 -8.42 26.70
CA GLN B 928 24.42 -9.66 26.32
C GLN B 928 24.97 -10.22 25.02
N VAL B 929 25.22 -9.35 24.03
CA VAL B 929 25.81 -9.78 22.76
C VAL B 929 27.30 -10.14 22.97
N GLY B 930 27.99 -9.37 23.81
CA GLY B 930 29.38 -9.63 24.18
C GLY B 930 29.54 -10.94 24.93
N LEU B 931 28.49 -11.38 25.64
CA LEU B 931 28.48 -12.66 26.34
C LEU B 931 28.45 -13.80 25.33
N LEU B 932 27.64 -13.65 24.26
CA LEU B 932 27.53 -14.67 23.22
C LEU B 932 28.80 -14.81 22.41
N THR B 933 29.54 -13.70 22.20
CA THR B 933 30.82 -13.77 21.47
C THR B 933 31.93 -14.40 22.33
N THR B 934 31.81 -14.30 23.67
CA THR B 934 32.76 -14.92 24.60
C THR B 934 32.45 -16.42 24.69
N ILE B 935 31.16 -16.76 24.83
CA ILE B 935 30.69 -18.15 24.88
C ILE B 935 31.07 -18.86 23.57
N GLY B 936 30.82 -18.18 22.45
CA GLY B 936 31.11 -18.72 21.13
C GLY B 936 32.58 -18.98 20.88
N LEU B 937 33.46 -18.07 21.33
CA LEU B 937 34.90 -18.24 21.13
C LEU B 937 35.46 -19.31 22.08
N SER B 938 34.90 -19.43 23.30
CA SER B 938 35.34 -20.47 24.22
C SER B 938 34.90 -21.85 23.72
N ALA B 939 33.69 -21.92 23.11
CA ALA B 939 33.20 -23.16 22.52
C ALA B 939 34.01 -23.51 21.26
N LYS B 940 34.46 -22.48 20.51
CA LYS B 940 35.30 -22.63 19.33
C LYS B 940 36.63 -23.30 19.73
N ASN B 941 37.21 -22.87 20.87
CA ASN B 941 38.45 -23.43 21.39
C ASN B 941 38.24 -24.87 21.88
N ALA B 942 37.12 -25.11 22.56
CA ALA B 942 36.78 -26.43 23.10
C ALA B 942 36.49 -27.44 21.99
N ILE B 943 35.90 -26.98 20.87
CA ILE B 943 35.58 -27.85 19.74
C ILE B 943 36.87 -28.41 19.15
N LEU B 944 37.87 -27.57 18.96
CA LEU B 944 39.15 -28.00 18.40
C LEU B 944 39.95 -28.93 19.33
N ILE B 945 39.71 -28.86 20.64
CA ILE B 945 40.38 -29.76 21.58
C ILE B 945 39.72 -31.13 21.57
N VAL B 946 38.38 -31.16 21.67
CA VAL B 946 37.60 -32.40 21.66
C VAL B 946 37.73 -33.15 20.33
N GLU B 947 37.75 -32.41 19.21
CA GLU B 947 37.91 -33.01 17.89
C GLU B 947 39.29 -33.66 17.74
N PHE B 948 40.33 -32.98 18.23
CA PHE B 948 41.70 -33.50 18.17
C PHE B 948 41.86 -34.72 19.07
N ALA B 949 41.26 -34.69 20.26
CA ALA B 949 41.35 -35.80 21.21
C ALA B 949 40.57 -37.01 20.72
N LYS B 950 39.43 -36.79 20.04
CA LYS B 950 38.63 -37.90 19.52
C LYS B 950 39.32 -38.54 18.34
N ASP B 951 39.85 -37.73 17.41
CA ASP B 951 40.54 -38.27 16.24
C ASP B 951 41.82 -39.04 16.60
N LEU B 952 42.44 -38.70 17.74
CA LEU B 952 43.63 -39.43 18.20
C LEU B 952 43.25 -40.81 18.74
N MET B 953 42.05 -40.94 19.35
CA MET B 953 41.56 -42.21 19.87
C MET B 953 41.03 -43.07 18.71
N ASP B 954 40.35 -42.43 17.74
CA ASP B 954 39.74 -43.13 16.61
C ASP B 954 40.76 -43.58 15.57
N LYS B 955 41.58 -42.66 15.06
CA LYS B 955 42.54 -42.97 14.01
C LYS B 955 43.86 -43.57 14.51
N GLU B 956 44.53 -42.89 15.46
CA GLU B 956 45.81 -43.38 15.97
C GLU B 956 45.70 -44.49 17.03
N GLY B 957 44.49 -44.72 17.56
CA GLY B 957 44.26 -45.75 18.56
C GLY B 957 44.90 -45.45 19.89
N LYS B 958 44.77 -44.20 20.35
CA LYS B 958 45.35 -43.79 21.64
C LYS B 958 44.31 -43.90 22.78
N GLY B 959 44.79 -43.90 24.01
CA GLY B 959 43.91 -43.96 25.18
C GLY B 959 43.20 -42.65 25.45
N LEU B 960 42.21 -42.66 26.37
CA LEU B 960 41.44 -41.47 26.69
C LEU B 960 42.33 -40.35 27.25
N ILE B 961 43.11 -40.64 28.30
CA ILE B 961 43.97 -39.62 28.91
C ILE B 961 45.13 -39.25 28.00
N GLU B 962 45.70 -40.23 27.27
CA GLU B 962 46.82 -40.00 26.37
C GLU B 962 46.45 -39.02 25.25
N ALA B 963 45.31 -39.25 24.59
CA ALA B 963 44.86 -38.40 23.50
C ALA B 963 44.39 -37.03 24.00
N THR B 964 43.83 -36.98 25.22
CA THR B 964 43.36 -35.72 25.81
C THR B 964 44.54 -34.83 26.17
N LEU B 965 45.63 -35.44 26.71
CA LEU B 965 46.84 -34.71 27.06
C LEU B 965 47.58 -34.20 25.81
N ASP B 966 47.47 -34.93 24.68
CA ASP B 966 48.09 -34.54 23.42
C ASP B 966 47.31 -33.39 22.79
N ALA B 967 45.97 -33.47 22.84
CA ALA B 967 45.10 -32.44 22.26
C ALA B 967 45.26 -31.08 22.92
N VAL B 968 45.32 -31.03 24.27
CA VAL B 968 45.48 -29.76 24.97
C VAL B 968 46.88 -29.16 24.75
N ARG B 969 47.89 -30.02 24.54
CA ARG B 969 49.26 -29.59 24.29
C ARG B 969 49.37 -28.94 22.91
N MET B 970 48.70 -29.52 21.92
CA MET B 970 48.71 -28.99 20.56
C MET B 970 47.92 -27.69 20.48
N ARG B 971 46.76 -27.64 21.15
CA ARG B 971 45.89 -26.47 21.11
C ARG B 971 46.26 -25.37 22.12
N LEU B 972 47.34 -25.55 22.91
CA LEU B 972 47.73 -24.53 23.89
C LEU B 972 48.20 -23.22 23.24
N ARG B 973 49.12 -23.31 22.25
CA ARG B 973 49.64 -22.12 21.58
C ARG B 973 48.55 -21.31 20.82
N PRO B 974 47.67 -21.94 19.98
CA PRO B 974 46.64 -21.13 19.28
C PRO B 974 45.61 -20.51 20.21
N ILE B 975 45.35 -21.13 21.37
CA ILE B 975 44.41 -20.59 22.35
C ILE B 975 45.06 -19.39 23.06
N LEU B 976 46.34 -19.53 23.43
CA LEU B 976 47.08 -18.45 24.09
C LEU B 976 47.34 -17.27 23.17
N MET B 977 47.47 -17.51 21.85
CA MET B 977 47.73 -16.44 20.90
C MET B 977 46.49 -15.59 20.63
N THR B 978 45.34 -16.24 20.38
CA THR B 978 44.10 -15.53 20.09
C THR B 978 43.66 -14.69 21.27
N SER B 979 43.74 -15.27 22.48
CA SER B 979 43.36 -14.57 23.70
C SER B 979 44.27 -13.37 23.98
N LEU B 980 45.58 -13.50 23.74
CA LEU B 980 46.52 -12.41 23.99
C LEU B 980 46.21 -11.19 23.10
N ALA B 981 45.86 -11.44 21.84
CA ALA B 981 45.55 -10.35 20.91
C ALA B 981 44.13 -9.81 21.08
N PHE B 982 43.19 -10.66 21.50
CA PHE B 982 41.80 -10.24 21.68
C PHE B 982 41.64 -9.44 22.97
N ILE B 983 42.32 -9.85 24.05
CA ILE B 983 42.26 -9.11 25.31
C ILE B 983 42.96 -7.76 25.18
N LEU B 984 44.11 -7.72 24.51
CA LEU B 984 44.82 -6.46 24.26
C LEU B 984 44.06 -5.58 23.23
N GLY B 985 43.31 -6.21 22.33
CA GLY B 985 42.53 -5.51 21.32
C GLY B 985 41.34 -4.79 21.90
N VAL B 986 40.70 -5.39 22.91
CA VAL B 986 39.56 -4.75 23.58
C VAL B 986 39.98 -3.90 24.80
N MET B 987 41.29 -3.86 25.13
CA MET B 987 41.83 -3.07 26.24
C MET B 987 41.54 -1.56 26.13
N PRO B 988 41.73 -0.90 24.95
CA PRO B 988 41.42 0.54 24.86
C PRO B 988 39.92 0.85 25.06
N LEU B 989 39.04 -0.13 24.78
CA LEU B 989 37.61 0.05 24.96
C LEU B 989 37.24 0.13 26.45
N VAL B 990 37.94 -0.65 27.30
CA VAL B 990 37.71 -0.66 28.74
C VAL B 990 38.18 0.67 29.34
N ILE B 991 39.35 1.14 28.92
CA ILE B 991 39.94 2.37 29.42
C ILE B 991 39.45 3.64 28.69
N SER B 992 38.40 3.52 27.86
CA SER B 992 37.85 4.68 27.17
C SER B 992 37.09 5.54 28.18
N THR B 993 37.43 6.83 28.27
CA THR B 993 36.81 7.71 29.24
C THR B 993 35.98 8.81 28.60
N GLY B 994 36.51 9.41 27.55
CA GLY B 994 35.88 10.54 26.88
C GLY B 994 34.62 10.25 26.09
N ALA B 995 34.60 10.74 24.83
CA ALA B 995 33.45 10.66 23.93
C ALA B 995 32.99 9.25 23.60
N GLY B 996 31.69 9.01 23.77
CA GLY B 996 31.05 7.74 23.48
C GLY B 996 31.61 6.57 24.26
N SER B 997 32.05 6.81 25.50
CA SER B 997 32.63 5.75 26.32
C SER B 997 31.60 4.80 26.95
N GLY B 998 30.33 5.21 27.00
CA GLY B 998 29.27 4.39 27.58
C GLY B 998 29.03 3.08 26.87
N ALA B 999 29.25 3.06 25.55
CA ALA B 999 29.06 1.85 24.75
C ALA B 999 30.36 1.06 24.65
N GLN B 1000 31.52 1.76 24.58
CA GLN B 1000 32.82 1.13 24.49
C GLN B 1000 33.18 0.37 25.77
N ASN B 1001 32.74 0.87 26.92
CA ASN B 1001 33.01 0.20 28.19
C ASN B 1001 32.14 -1.07 28.33
N ALA B 1002 30.90 -1.02 27.84
CA ALA B 1002 29.98 -2.15 27.89
C ALA B 1002 30.44 -3.30 26.97
N VAL B 1003 31.00 -2.94 25.81
CA VAL B 1003 31.51 -3.92 24.84
C VAL B 1003 32.88 -4.44 25.32
N GLY B 1004 33.74 -3.54 25.74
CA GLY B 1004 35.09 -3.87 26.19
C GLY B 1004 35.18 -4.68 27.47
N THR B 1005 34.53 -4.22 28.54
CA THR B 1005 34.61 -4.90 29.85
C THR B 1005 33.93 -6.27 29.83
N GLY B 1006 32.78 -6.36 29.19
CA GLY B 1006 32.03 -7.62 29.07
C GLY B 1006 32.74 -8.68 28.26
N VAL B 1007 33.76 -8.29 27.47
CA VAL B 1007 34.52 -9.20 26.66
C VAL B 1007 35.90 -9.48 27.28
N MET B 1008 36.58 -8.45 27.81
CA MET B 1008 37.90 -8.62 28.42
C MET B 1008 37.86 -9.54 29.64
N GLY B 1009 36.93 -9.28 30.55
CA GLY B 1009 36.77 -10.10 31.74
C GLY B 1009 36.35 -11.51 31.41
N GLY B 1010 35.48 -11.64 30.41
CA GLY B 1010 35.00 -12.93 29.95
C GLY B 1010 36.08 -13.78 29.31
N MET B 1011 36.94 -13.15 28.50
CA MET B 1011 38.02 -13.84 27.81
C MET B 1011 39.14 -14.26 28.75
N VAL B 1012 39.36 -13.50 29.85
CA VAL B 1012 40.40 -13.85 30.83
C VAL B 1012 40.07 -15.19 31.48
N THR B 1013 38.81 -15.37 31.90
CA THR B 1013 38.39 -16.62 32.52
C THR B 1013 38.14 -17.72 31.49
N ALA B 1014 37.62 -17.37 30.30
CA ALA B 1014 37.41 -18.37 29.23
C ALA B 1014 38.73 -18.90 28.61
N THR B 1015 39.87 -18.44 29.10
CA THR B 1015 41.17 -18.89 28.62
C THR B 1015 41.88 -19.62 29.75
N VAL B 1016 41.89 -19.03 30.95
CA VAL B 1016 42.52 -19.64 32.11
C VAL B 1016 41.75 -20.88 32.57
N LEU B 1017 40.41 -20.83 32.54
CA LEU B 1017 39.59 -21.97 32.96
C LEU B 1017 39.49 -23.05 31.90
N ALA B 1018 39.23 -22.68 30.63
CA ALA B 1018 39.07 -23.66 29.56
C ALA B 1018 40.26 -24.59 29.35
N ILE B 1019 41.49 -24.07 29.46
CA ILE B 1019 42.68 -24.90 29.25
C ILE B 1019 42.80 -26.03 30.29
N PHE B 1020 42.16 -25.89 31.46
CA PHE B 1020 42.21 -26.92 32.49
C PHE B 1020 40.87 -27.66 32.65
N PHE B 1021 39.75 -27.02 32.29
CA PHE B 1021 38.43 -27.63 32.44
C PHE B 1021 37.99 -28.45 31.23
N VAL B 1022 38.34 -28.00 30.00
CA VAL B 1022 37.97 -28.75 28.78
C VAL B 1022 38.49 -30.22 28.83
N PRO B 1023 39.79 -30.47 29.16
CA PRO B 1023 40.24 -31.87 29.27
C PRO B 1023 39.44 -32.68 30.28
N VAL B 1024 38.94 -32.03 31.35
CA VAL B 1024 38.12 -32.69 32.36
C VAL B 1024 36.75 -33.02 31.81
N PHE B 1025 36.11 -32.08 31.08
CA PHE B 1025 34.79 -32.31 30.49
C PHE B 1025 34.81 -33.48 29.53
N PHE B 1026 35.85 -33.58 28.72
CA PHE B 1026 35.97 -34.68 27.75
C PHE B 1026 36.18 -36.02 28.44
N VAL B 1027 37.06 -36.07 29.44
CA VAL B 1027 37.33 -37.32 30.16
C VAL B 1027 36.11 -37.78 30.98
N VAL B 1028 35.48 -36.86 31.73
CA VAL B 1028 34.30 -37.16 32.54
C VAL B 1028 33.12 -37.63 31.67
N VAL B 1029 32.91 -37.00 30.51
CA VAL B 1029 31.83 -37.39 29.61
C VAL B 1029 32.09 -38.78 28.98
N ARG B 1030 33.32 -39.04 28.51
CA ARG B 1030 33.65 -40.33 27.89
C ARG B 1030 33.69 -41.48 28.90
N ARG B 1031 33.96 -41.17 30.18
CA ARG B 1031 33.97 -42.20 31.22
C ARG B 1031 32.53 -42.52 31.62
N ARG B 1032 31.68 -41.48 31.77
CA ARG B 1032 30.26 -41.62 32.13
C ARG B 1032 29.50 -42.39 31.04
N PHE B 1033 29.84 -42.15 29.78
CA PHE B 1033 29.19 -42.85 28.67
C PHE B 1033 30.20 -43.67 27.88
N MET C 1 31.24 -35.34 -17.92
CA MET C 1 29.88 -35.16 -18.44
C MET C 1 29.74 -35.47 -19.95
N PRO C 2 30.65 -34.99 -20.83
CA PRO C 2 30.48 -35.28 -22.27
C PRO C 2 30.58 -36.77 -22.60
N ASN C 3 31.41 -37.51 -21.87
CA ASN C 3 31.56 -38.95 -22.08
C ASN C 3 30.29 -39.72 -21.69
N PHE C 4 29.51 -39.20 -20.74
CA PHE C 4 28.25 -39.80 -20.32
C PHE C 4 27.21 -39.68 -21.44
N PHE C 5 27.20 -38.55 -22.16
CA PHE C 5 26.23 -38.33 -23.22
C PHE C 5 26.68 -38.87 -24.59
N ILE C 6 27.95 -39.30 -24.74
CA ILE C 6 28.41 -39.91 -25.98
C ILE C 6 27.81 -41.33 -26.08
N ASP C 7 27.83 -42.07 -24.96
CA ASP C 7 27.25 -43.41 -24.88
C ASP C 7 25.71 -43.36 -24.76
N ARG C 8 25.15 -42.21 -24.31
CA ARG C 8 23.71 -42.03 -24.15
C ARG C 8 23.19 -40.87 -25.02
N PRO C 9 23.05 -41.07 -26.35
CA PRO C 9 22.55 -39.97 -27.19
C PRO C 9 21.07 -39.67 -27.02
N ILE C 10 20.27 -40.65 -26.55
CA ILE C 10 18.84 -40.44 -26.33
C ILE C 10 18.62 -39.52 -25.12
N PHE C 11 19.45 -39.66 -24.08
CA PHE C 11 19.38 -38.79 -22.90
C PHE C 11 19.68 -37.34 -23.33
N ALA C 12 20.71 -37.14 -24.15
CA ALA C 12 21.10 -35.82 -24.66
C ALA C 12 19.98 -35.21 -25.51
N TRP C 13 19.25 -36.03 -26.27
CA TRP C 13 18.14 -35.56 -27.08
C TRP C 13 16.96 -35.14 -26.22
N VAL C 14 16.71 -35.88 -25.13
CA VAL C 14 15.63 -35.61 -24.19
C VAL C 14 15.82 -34.24 -23.51
N ILE C 15 17.06 -33.91 -23.14
CA ILE C 15 17.35 -32.62 -22.51
C ILE C 15 17.07 -31.48 -23.49
N ALA C 16 17.43 -31.65 -24.76
CA ALA C 16 17.18 -30.65 -25.79
C ALA C 16 15.68 -30.49 -26.09
N ILE C 17 14.94 -31.60 -26.15
CA ILE C 17 13.51 -31.55 -26.45
C ILE C 17 12.72 -30.91 -25.29
N ILE C 18 13.11 -31.20 -24.03
CA ILE C 18 12.45 -30.59 -22.88
C ILE C 18 12.71 -29.08 -22.85
N ILE C 19 13.96 -28.67 -23.14
CA ILE C 19 14.33 -27.26 -23.19
C ILE C 19 13.56 -26.54 -24.29
N MET C 20 13.41 -27.17 -25.46
CA MET C 20 12.67 -26.59 -26.57
C MET C 20 11.16 -26.52 -26.28
N LEU C 21 10.63 -27.50 -25.53
CA LEU C 21 9.22 -27.51 -25.15
C LEU C 21 8.94 -26.36 -24.18
N ALA C 22 9.85 -26.13 -23.22
CA ALA C 22 9.73 -25.05 -22.25
C ALA C 22 9.80 -23.68 -22.94
N GLY C 23 10.63 -23.58 -23.97
CA GLY C 23 10.79 -22.35 -24.73
C GLY C 23 9.62 -22.04 -25.63
N GLY C 24 9.05 -23.07 -26.25
CA GLY C 24 7.90 -22.92 -27.12
C GLY C 24 6.67 -22.51 -26.35
N LEU C 25 6.50 -23.07 -25.15
CA LEU C 25 5.39 -22.73 -24.26
C LEU C 25 5.52 -21.30 -23.71
N ALA C 26 6.77 -20.84 -23.52
CA ALA C 26 7.02 -19.50 -23.01
C ALA C 26 6.60 -18.44 -24.03
N ILE C 27 6.92 -18.64 -25.33
CA ILE C 27 6.59 -17.69 -26.39
C ILE C 27 5.10 -17.34 -26.43
N LEU C 28 4.23 -18.33 -26.27
CA LEU C 28 2.78 -18.15 -26.29
C LEU C 28 2.30 -17.28 -25.13
N LYS C 29 2.92 -17.42 -23.95
CA LYS C 29 2.52 -16.66 -22.78
C LYS C 29 3.42 -15.43 -22.50
N LEU C 30 4.34 -15.10 -23.42
CA LEU C 30 5.25 -13.96 -23.25
C LEU C 30 4.64 -12.69 -23.83
N PRO C 31 4.68 -11.58 -23.08
CA PRO C 31 4.13 -10.33 -23.61
C PRO C 31 5.03 -9.72 -24.67
N VAL C 32 4.42 -9.03 -25.64
CA VAL C 32 5.16 -8.41 -26.73
C VAL C 32 5.00 -6.89 -26.68
N ALA C 33 6.11 -6.17 -26.76
CA ALA C 33 6.14 -4.71 -26.74
C ALA C 33 7.38 -4.21 -27.54
N GLN C 34 7.49 -2.89 -27.83
CA GLN C 34 8.67 -2.39 -28.56
C GLN C 34 9.83 -2.20 -27.59
N TYR C 35 9.57 -1.56 -26.46
CA TYR C 35 10.59 -1.31 -25.45
C TYR C 35 10.06 -1.71 -24.08
N PRO C 36 10.93 -2.23 -23.20
CA PRO C 36 10.49 -2.52 -21.82
C PRO C 36 10.24 -1.22 -21.02
N THR C 37 9.98 -1.32 -19.70
CA THR C 37 9.74 -0.12 -18.90
C THR C 37 11.07 0.57 -18.63
N ILE C 38 11.51 1.41 -19.59
CA ILE C 38 12.79 2.11 -19.50
C ILE C 38 12.63 3.56 -19.02
N ALA C 39 11.47 4.17 -19.27
CA ALA C 39 11.21 5.53 -18.83
C ALA C 39 11.01 5.59 -17.32
N PRO C 40 11.66 6.55 -16.64
CA PRO C 40 11.50 6.65 -15.19
C PRO C 40 10.08 7.05 -14.77
N PRO C 41 9.60 6.55 -13.63
CA PRO C 41 8.22 6.87 -13.21
C PRO C 41 8.06 8.33 -12.79
N ALA C 42 6.88 8.90 -13.02
CA ALA C 42 6.62 10.29 -12.65
C ALA C 42 5.28 10.45 -11.95
N VAL C 43 5.18 11.43 -11.04
CA VAL C 43 3.95 11.70 -10.29
C VAL C 43 3.60 13.19 -10.40
N THR C 44 2.39 13.50 -10.91
CA THR C 44 1.98 14.90 -11.08
C THR C 44 0.90 15.33 -10.09
N ILE C 45 1.15 16.43 -9.38
CA ILE C 45 0.19 17.02 -8.45
C ILE C 45 -0.56 18.12 -9.19
N SER C 46 -1.90 18.02 -9.28
CA SER C 46 -2.70 19.02 -9.97
C SER C 46 -3.65 19.78 -9.05
N ALA C 47 -3.44 21.10 -8.93
CA ALA C 47 -4.29 21.95 -8.09
C ALA C 47 -4.95 23.07 -8.94
N SER C 48 -6.01 23.71 -8.42
CA SER C 48 -6.71 24.77 -9.18
C SER C 48 -7.19 25.93 -8.30
N TYR C 49 -6.79 27.16 -8.67
CA TYR C 49 -7.19 28.40 -8.01
C TYR C 49 -7.93 29.22 -9.06
N PRO C 50 -9.26 29.07 -9.18
CA PRO C 50 -9.98 29.78 -10.25
C PRO C 50 -9.89 31.31 -10.22
N GLY C 51 -9.47 31.88 -11.35
CA GLY C 51 -9.36 33.32 -11.52
C GLY C 51 -8.07 33.95 -11.03
N ALA C 52 -7.21 33.17 -10.36
CA ALA C 52 -5.96 33.69 -9.83
C ALA C 52 -4.86 33.71 -10.89
N ASP C 53 -4.12 34.82 -10.98
CA ASP C 53 -3.03 34.95 -11.94
C ASP C 53 -1.83 34.05 -11.57
N ALA C 54 -0.93 33.79 -12.54
CA ALA C 54 0.23 32.93 -12.36
C ALA C 54 1.13 33.29 -11.17
N LYS C 55 1.27 34.59 -10.86
CA LYS C 55 2.09 35.02 -9.72
C LYS C 55 1.45 34.61 -8.40
N THR C 56 0.13 34.80 -8.26
CA THR C 56 -0.60 34.44 -7.04
C THR C 56 -0.66 32.91 -6.89
N VAL C 57 -0.87 32.20 -8.00
CA VAL C 57 -0.95 30.75 -8.04
C VAL C 57 0.39 30.12 -7.59
N GLN C 58 1.51 30.71 -8.01
CA GLN C 58 2.83 30.21 -7.65
C GLN C 58 3.17 30.53 -6.19
N ASP C 59 2.91 31.77 -5.75
CA ASP C 59 3.24 32.19 -4.39
C ASP C 59 2.38 31.54 -3.32
N THR C 60 1.10 31.30 -3.62
CA THR C 60 0.16 30.75 -2.63
C THR C 60 -0.04 29.24 -2.75
N VAL C 61 0.19 28.63 -3.94
CA VAL C 61 -0.04 27.19 -4.11
C VAL C 61 1.25 26.42 -4.45
N THR C 62 1.90 26.72 -5.59
CA THR C 62 3.09 26.00 -6.07
C THR C 62 4.23 25.95 -5.05
N GLN C 63 4.64 27.11 -4.51
CA GLN C 63 5.74 27.17 -3.54
C GLN C 63 5.46 26.35 -2.28
N VAL C 64 4.20 26.40 -1.80
CA VAL C 64 3.79 25.70 -0.59
C VAL C 64 3.90 24.18 -0.75
N ILE C 65 3.48 23.65 -1.91
CA ILE C 65 3.57 22.21 -2.16
C ILE C 65 5.01 21.80 -2.43
N GLU C 66 5.75 22.62 -3.20
CA GLU C 66 7.15 22.36 -3.55
C GLU C 66 8.05 22.30 -2.33
N GLN C 67 7.82 23.17 -1.33
CA GLN C 67 8.65 23.18 -0.12
C GLN C 67 8.41 21.94 0.77
N ASN C 68 7.26 21.27 0.60
CA ASN C 68 6.94 20.05 1.36
C ASN C 68 7.32 18.76 0.61
N MET C 69 7.74 18.86 -0.67
CA MET C 69 8.14 17.68 -1.45
C MET C 69 9.60 17.32 -1.20
N ASN C 70 10.08 17.53 0.03
CA ASN C 70 11.46 17.25 0.38
C ASN C 70 11.64 15.87 0.97
N GLY C 71 12.79 15.26 0.72
CA GLY C 71 13.15 13.96 1.28
C GLY C 71 12.36 12.77 0.77
N ILE C 72 11.77 12.88 -0.43
CA ILE C 72 11.05 11.75 -1.00
C ILE C 72 12.05 10.75 -1.59
N ASP C 73 11.87 9.46 -1.32
CA ASP C 73 12.78 8.41 -1.78
C ASP C 73 12.90 8.37 -3.30
N ASN C 74 14.13 8.17 -3.81
CA ASN C 74 14.47 8.03 -5.22
C ASN C 74 13.99 9.19 -6.11
N LEU C 75 13.99 10.41 -5.60
CA LEU C 75 13.56 11.57 -6.39
C LEU C 75 14.72 12.08 -7.28
N MET C 76 14.48 12.20 -8.60
CA MET C 76 15.50 12.70 -9.52
C MET C 76 15.41 14.22 -9.68
N TYR C 77 14.23 14.72 -10.06
CA TYR C 77 13.99 16.14 -10.27
C TYR C 77 12.50 16.49 -10.20
N MET C 78 12.18 17.79 -10.11
CA MET C 78 10.80 18.22 -9.97
C MET C 78 10.51 19.51 -10.75
N SER C 79 9.76 19.38 -11.85
CA SER C 79 9.40 20.56 -12.66
C SER C 79 7.95 20.95 -12.36
N SER C 80 7.67 22.25 -12.27
CA SER C 80 6.31 22.71 -11.96
C SER C 80 5.88 23.93 -12.75
N ASN C 81 4.61 23.96 -13.17
CA ASN C 81 4.07 25.08 -13.95
C ASN C 81 2.96 25.79 -13.17
N SER C 82 2.89 27.10 -13.31
CA SER C 82 1.84 27.88 -12.67
C SER C 82 1.16 28.73 -13.74
N ASP C 83 -0.04 28.33 -14.17
CA ASP C 83 -0.76 29.02 -15.22
C ASP C 83 -1.48 30.27 -14.72
N SER C 84 -1.71 31.25 -15.61
CA SER C 84 -2.45 32.46 -15.26
C SER C 84 -3.98 32.18 -15.10
N THR C 85 -4.42 30.94 -15.43
CA THR C 85 -5.81 30.51 -15.28
C THR C 85 -6.05 30.13 -13.80
N GLY C 86 -5.10 29.40 -13.23
CA GLY C 86 -5.14 28.92 -11.85
C GLY C 86 -4.64 27.50 -11.68
N THR C 87 -4.21 26.86 -12.78
CA THR C 87 -3.75 25.47 -12.76
C THR C 87 -2.31 25.33 -12.25
N VAL C 88 -2.06 24.33 -11.39
CA VAL C 88 -0.74 24.02 -10.86
C VAL C 88 -0.40 22.60 -11.26
N GLN C 89 0.77 22.37 -11.86
CA GLN C 89 1.17 21.02 -12.26
C GLN C 89 2.59 20.71 -11.82
N ILE C 90 2.73 20.01 -10.70
CA ILE C 90 4.04 19.67 -10.16
C ILE C 90 4.42 18.23 -10.48
N THR C 91 5.31 18.03 -11.44
CA THR C 91 5.74 16.69 -11.84
C THR C 91 7.04 16.27 -11.17
N LEU C 92 7.00 15.21 -10.38
CA LEU C 92 8.16 14.69 -9.70
C LEU C 92 8.61 13.41 -10.38
N THR C 93 9.78 13.43 -11.03
CA THR C 93 10.29 12.24 -11.71
C THR C 93 11.20 11.45 -10.79
N PHE C 94 10.95 10.15 -10.67
CA PHE C 94 11.71 9.25 -9.82
C PHE C 94 12.71 8.41 -10.62
N GLU C 95 13.73 7.87 -9.95
CA GLU C 95 14.75 7.06 -10.61
C GLU C 95 14.16 5.80 -11.24
N SER C 96 14.76 5.30 -12.33
CA SER C 96 14.27 4.11 -13.00
C SER C 96 14.38 2.89 -12.08
N GLY C 97 13.28 2.13 -12.00
CA GLY C 97 13.21 0.97 -11.11
C GLY C 97 12.38 1.20 -9.87
N THR C 98 12.05 2.47 -9.57
CA THR C 98 11.25 2.88 -8.42
C THR C 98 9.82 2.38 -8.56
N ASP C 99 9.21 1.90 -7.46
CA ASP C 99 7.82 1.47 -7.49
C ASP C 99 6.95 2.70 -7.66
N ALA C 100 6.33 2.85 -8.83
CA ALA C 100 5.50 4.01 -9.15
C ALA C 100 4.31 4.15 -8.20
N ASP C 101 3.80 3.03 -7.67
CA ASP C 101 2.69 3.06 -6.72
C ASP C 101 3.15 3.58 -5.37
N ILE C 102 4.31 3.10 -4.88
CA ILE C 102 4.88 3.58 -3.62
C ILE C 102 5.29 5.06 -3.73
N ALA C 103 5.77 5.47 -4.92
CA ALA C 103 6.14 6.85 -5.17
C ALA C 103 4.92 7.76 -5.05
N GLN C 104 3.76 7.30 -5.55
CA GLN C 104 2.50 8.05 -5.47
C GLN C 104 2.06 8.18 -4.02
N VAL C 105 2.22 7.11 -3.24
CA VAL C 105 1.87 7.08 -1.83
C VAL C 105 2.74 8.08 -1.05
N GLN C 106 4.06 8.07 -1.31
CA GLN C 106 5.00 8.98 -0.65
C GLN C 106 4.75 10.45 -0.99
N VAL C 107 4.30 10.72 -2.22
CA VAL C 107 3.99 12.09 -2.64
C VAL C 107 2.69 12.54 -1.97
N GLN C 108 1.69 11.65 -1.92
CA GLN C 108 0.39 11.93 -1.30
C GLN C 108 0.54 12.24 0.19
N ASN C 109 1.49 11.56 0.86
CA ASN C 109 1.74 11.79 2.29
C ASN C 109 2.36 13.17 2.53
N LYS C 110 3.29 13.57 1.65
CA LYS C 110 3.91 14.89 1.75
C LYS C 110 2.94 16.03 1.38
N LEU C 111 1.98 15.75 0.48
CA LEU C 111 0.97 16.72 0.07
C LEU C 111 0.03 17.07 1.24
N GLN C 112 -0.22 16.11 2.15
CA GLN C 112 -1.06 16.31 3.33
C GLN C 112 -0.54 17.47 4.20
N LEU C 113 0.79 17.63 4.27
CA LEU C 113 1.42 18.70 5.06
C LEU C 113 1.24 20.08 4.42
N ALA C 114 1.17 20.14 3.09
CA ALA C 114 0.98 21.41 2.38
C ALA C 114 -0.49 21.78 2.22
N MET C 115 -1.40 20.78 2.23
CA MET C 115 -2.85 20.98 2.09
C MET C 115 -3.47 22.04 3.05
N PRO C 116 -3.10 22.08 4.36
CA PRO C 116 -3.68 23.09 5.24
C PRO C 116 -3.32 24.53 4.86
N LEU C 117 -2.07 24.75 4.42
CA LEU C 117 -1.60 26.09 4.05
C LEU C 117 -2.16 26.60 2.71
N LEU C 118 -2.78 25.73 1.90
CA LEU C 118 -3.35 26.15 0.63
C LEU C 118 -4.67 26.89 0.84
N PRO C 119 -5.04 27.80 -0.08
CA PRO C 119 -6.31 28.54 0.08
C PRO C 119 -7.54 27.63 0.04
N GLN C 120 -8.64 28.08 0.66
CA GLN C 120 -9.88 27.30 0.71
C GLN C 120 -10.52 27.12 -0.68
N GLU C 121 -10.28 28.07 -1.61
CA GLU C 121 -10.82 27.96 -2.98
C GLU C 121 -10.11 26.83 -3.76
N VAL C 122 -8.83 26.56 -3.45
CA VAL C 122 -8.06 25.50 -4.09
C VAL C 122 -8.51 24.13 -3.54
N GLN C 123 -8.74 24.05 -2.23
CA GLN C 123 -9.23 22.82 -1.59
C GLN C 123 -10.66 22.48 -2.06
N GLN C 124 -11.46 23.50 -2.42
CA GLN C 124 -12.82 23.31 -2.95
C GLN C 124 -12.78 22.65 -4.35
N GLN C 125 -11.68 22.81 -5.10
CA GLN C 125 -11.53 22.17 -6.40
C GLN C 125 -11.01 20.73 -6.25
N GLY C 126 -10.11 20.52 -5.30
CA GLY C 126 -9.53 19.22 -5.03
C GLY C 126 -8.16 19.06 -5.66
N VAL C 127 -7.20 18.54 -4.88
CA VAL C 127 -5.84 18.34 -5.39
C VAL C 127 -5.63 16.86 -5.74
N SER C 128 -5.26 16.57 -7.00
CA SER C 128 -5.07 15.19 -7.44
C SER C 128 -3.61 14.78 -7.53
N VAL C 129 -3.30 13.56 -7.07
CA VAL C 129 -1.96 13.00 -7.14
C VAL C 129 -2.01 11.75 -8.02
N GLU C 130 -1.69 11.90 -9.30
CA GLU C 130 -1.76 10.79 -10.26
C GLU C 130 -0.39 10.47 -10.86
N LYS C 131 -0.20 9.22 -11.32
CA LYS C 131 1.03 8.84 -12.02
C LYS C 131 0.95 9.43 -13.42
N SER C 132 2.00 10.12 -13.86
CA SER C 132 1.96 10.84 -15.13
C SER C 132 2.89 10.34 -16.23
N SER C 133 2.52 10.65 -17.48
CA SER C 133 3.26 10.35 -18.72
C SER C 133 3.09 11.58 -19.65
N SER C 134 4.18 12.04 -20.28
CA SER C 134 4.12 13.26 -21.08
C SER C 134 3.58 13.09 -22.52
N SER C 135 3.74 11.90 -23.13
CA SER C 135 3.30 11.72 -24.51
C SER C 135 2.04 10.88 -24.67
N PHE C 136 1.34 11.07 -25.80
CA PHE C 136 0.13 10.34 -26.13
C PHE C 136 0.47 9.04 -26.82
N LEU C 137 -0.17 7.94 -26.40
CA LEU C 137 -0.03 6.64 -27.05
C LEU C 137 -0.66 6.71 -28.45
N MET C 138 -1.83 7.39 -28.55
CA MET C 138 -2.58 7.56 -29.78
C MET C 138 -3.63 8.67 -29.62
N VAL C 139 -4.14 9.19 -30.75
CA VAL C 139 -5.21 10.19 -30.76
C VAL C 139 -6.37 9.60 -31.54
N VAL C 140 -7.54 9.44 -30.90
CA VAL C 140 -8.70 8.84 -31.57
C VAL C 140 -9.67 9.91 -32.03
N GLY C 141 -9.62 10.25 -33.31
CA GLY C 141 -10.46 11.27 -33.89
C GLY C 141 -11.87 10.80 -34.19
N VAL C 142 -12.84 11.71 -34.08
CA VAL C 142 -14.23 11.39 -34.34
C VAL C 142 -14.82 12.44 -35.30
N ILE C 143 -15.28 11.99 -36.47
CA ILE C 143 -15.85 12.88 -37.48
C ILE C 143 -17.33 12.56 -37.77
N ASN C 144 -18.05 13.46 -38.46
CA ASN C 144 -19.43 13.20 -38.86
C ASN C 144 -19.55 13.34 -40.37
N THR C 145 -19.61 12.21 -41.07
CA THR C 145 -19.66 12.18 -42.52
C THR C 145 -20.97 12.69 -43.12
N ASP C 146 -22.13 12.35 -42.51
CA ASP C 146 -23.42 12.79 -43.07
C ASP C 146 -23.79 14.27 -42.78
N GLY C 147 -22.85 15.03 -42.20
CA GLY C 147 -23.00 16.45 -41.91
C GLY C 147 -24.23 16.86 -41.11
N THR C 148 -24.61 16.06 -40.12
CA THR C 148 -25.76 16.38 -39.28
C THR C 148 -25.34 16.89 -37.88
N MET C 149 -24.15 16.49 -37.42
CA MET C 149 -23.62 16.91 -36.12
C MET C 149 -22.49 17.89 -36.30
N THR C 150 -22.56 19.05 -35.62
CA THR C 150 -21.51 20.06 -35.67
C THR C 150 -20.29 19.64 -34.80
N GLN C 151 -19.22 20.46 -34.80
CA GLN C 151 -18.03 20.17 -34.00
C GLN C 151 -18.34 20.12 -32.49
N GLU C 152 -19.36 20.89 -32.05
CA GLU C 152 -19.76 20.91 -30.64
C GLU C 152 -20.58 19.66 -30.29
N ASP C 153 -21.41 19.17 -31.24
CA ASP C 153 -22.20 17.97 -31.06
C ASP C 153 -21.31 16.73 -30.98
N ILE C 154 -20.25 16.69 -31.80
CA ILE C 154 -19.33 15.56 -31.79
C ILE C 154 -18.55 15.57 -30.48
N SER C 155 -18.04 16.75 -30.09
CA SER C 155 -17.30 16.90 -28.83
C SER C 155 -18.14 16.51 -27.63
N ASP C 156 -19.45 16.81 -27.67
CA ASP C 156 -20.35 16.46 -26.59
C ASP C 156 -20.62 14.95 -26.58
N TYR C 157 -20.91 14.36 -27.76
CA TYR C 157 -21.18 12.92 -27.84
C TYR C 157 -19.98 12.11 -27.37
N VAL C 158 -18.77 12.52 -27.76
CA VAL C 158 -17.55 11.83 -27.33
C VAL C 158 -17.37 11.92 -25.82
N ALA C 159 -17.58 13.10 -25.24
CA ALA C 159 -17.41 13.29 -23.80
C ALA C 159 -18.46 12.56 -22.96
N ALA C 160 -19.72 12.61 -23.39
CA ALA C 160 -20.82 12.03 -22.63
C ALA C 160 -21.06 10.53 -22.89
N ASN C 161 -20.54 9.98 -24.00
CA ASN C 161 -20.79 8.58 -24.33
C ASN C 161 -19.54 7.74 -24.56
N MET C 162 -18.36 8.37 -24.67
CA MET C 162 -17.13 7.61 -24.97
C MET C 162 -15.98 7.82 -23.98
N LYS C 163 -15.68 9.08 -23.63
CA LYS C 163 -14.55 9.43 -22.77
C LYS C 163 -14.48 8.66 -21.47
N ASP C 164 -15.60 8.56 -20.75
CA ASP C 164 -15.62 7.86 -19.46
C ASP C 164 -15.29 6.37 -19.58
N ALA C 165 -15.90 5.66 -20.53
CA ALA C 165 -15.65 4.24 -20.73
C ALA C 165 -14.21 4.00 -21.21
N ILE C 166 -13.68 4.90 -22.04
CA ILE C 166 -12.31 4.80 -22.54
C ILE C 166 -11.29 5.06 -21.40
N SER C 167 -11.64 5.94 -20.44
CA SER C 167 -10.79 6.28 -19.29
C SER C 167 -10.57 5.08 -18.37
N ARG C 168 -11.58 4.21 -18.26
CA ARG C 168 -11.47 3.02 -17.41
C ARG C 168 -10.95 1.76 -18.16
N THR C 169 -10.57 1.91 -19.44
CA THR C 169 -10.08 0.79 -20.24
C THR C 169 -8.67 0.35 -19.78
N SER C 170 -8.33 -0.94 -20.00
CA SER C 170 -7.07 -1.54 -19.57
C SER C 170 -5.82 -0.83 -20.08
N GLY C 171 -5.01 -0.34 -19.15
CA GLY C 171 -3.76 0.34 -19.47
C GLY C 171 -3.90 1.77 -19.93
N VAL C 172 -5.06 2.38 -19.68
CA VAL C 172 -5.29 3.77 -20.08
C VAL C 172 -5.03 4.74 -18.92
N GLY C 173 -4.05 5.61 -19.10
CA GLY C 173 -3.71 6.61 -18.10
C GLY C 173 -4.62 7.81 -18.17
N ASP C 174 -4.10 8.94 -18.67
CA ASP C 174 -4.90 10.16 -18.77
C ASP C 174 -5.54 10.29 -20.15
N VAL C 175 -6.78 10.79 -20.21
CA VAL C 175 -7.49 10.98 -21.45
C VAL C 175 -7.78 12.46 -21.67
N GLN C 176 -7.27 13.03 -22.75
CA GLN C 176 -7.47 14.45 -23.06
C GLN C 176 -8.53 14.63 -24.13
N LEU C 177 -9.67 15.26 -23.79
CA LEU C 177 -10.72 15.49 -24.78
C LEU C 177 -10.37 16.69 -25.66
N PHE C 178 -10.37 16.49 -26.98
CA PHE C 178 -10.06 17.57 -27.91
C PHE C 178 -11.35 18.30 -28.30
N GLY C 179 -11.99 18.88 -27.30
CA GLY C 179 -13.24 19.61 -27.42
C GLY C 179 -13.83 19.90 -26.06
N SER C 180 -15.16 19.89 -25.94
CA SER C 180 -15.81 20.16 -24.66
C SER C 180 -17.20 19.54 -24.55
N GLN C 181 -17.53 19.04 -23.36
CA GLN C 181 -18.84 18.46 -23.09
C GLN C 181 -19.89 19.58 -22.97
N TYR C 182 -21.14 19.30 -23.35
CA TYR C 182 -22.19 20.30 -23.27
C TYR C 182 -22.49 20.77 -21.84
N ALA C 183 -23.03 21.97 -21.74
CA ALA C 183 -23.39 22.61 -20.47
C ALA C 183 -24.54 23.59 -20.75
N MET C 184 -25.40 23.82 -19.76
CA MET C 184 -26.52 24.74 -19.93
C MET C 184 -26.01 26.18 -19.86
N ARG C 185 -25.68 26.78 -21.02
CA ARG C 185 -25.17 28.13 -21.04
C ARG C 185 -26.26 29.17 -20.93
N ILE C 186 -26.12 30.10 -19.99
CA ILE C 186 -27.07 31.18 -19.80
C ILE C 186 -26.38 32.48 -20.21
N TRP C 187 -26.50 32.86 -21.49
CA TRP C 187 -25.84 34.05 -22.02
C TRP C 187 -26.57 35.33 -21.65
N MET C 188 -26.16 35.94 -20.52
CA MET C 188 -26.80 37.14 -19.98
C MET C 188 -26.66 38.39 -20.84
N ASN C 189 -27.66 39.27 -20.77
CA ASN C 189 -27.67 40.54 -21.48
C ASN C 189 -27.72 41.66 -20.44
N PRO C 190 -26.67 42.50 -20.36
CA PRO C 190 -26.64 43.56 -19.34
C PRO C 190 -27.72 44.62 -19.52
N ASN C 191 -28.16 44.87 -20.77
CA ASN C 191 -29.20 45.85 -21.04
C ASN C 191 -30.54 45.29 -20.57
N GLU C 192 -30.81 44.01 -20.87
CA GLU C 192 -32.04 43.33 -20.44
C GLU C 192 -32.07 43.15 -18.92
N LEU C 193 -30.90 43.00 -18.28
CA LEU C 193 -30.82 42.87 -16.84
C LEU C 193 -31.12 44.22 -16.19
N ASN C 194 -30.50 45.30 -16.69
CA ASN C 194 -30.72 46.65 -16.16
C ASN C 194 -32.16 47.13 -16.39
N LYS C 195 -32.82 46.65 -17.46
CA LYS C 195 -34.19 47.03 -17.77
C LYS C 195 -35.15 46.58 -16.66
N PHE C 196 -35.02 45.33 -16.20
CA PHE C 196 -35.89 44.82 -15.14
C PHE C 196 -35.25 44.94 -13.73
N GLN C 197 -34.23 45.82 -13.57
CA GLN C 197 -33.51 46.03 -12.32
C GLN C 197 -32.99 44.74 -11.71
N LEU C 198 -32.25 43.96 -12.50
CA LEU C 198 -31.70 42.67 -12.08
C LEU C 198 -30.19 42.58 -12.34
N THR C 199 -29.50 41.67 -11.62
CA THR C 199 -28.06 41.47 -11.76
C THR C 199 -27.72 39.97 -11.95
N PRO C 200 -26.49 39.62 -12.38
CA PRO C 200 -26.13 38.20 -12.49
C PRO C 200 -26.31 37.42 -11.18
N VAL C 201 -26.30 38.13 -10.02
CA VAL C 201 -26.51 37.52 -8.70
C VAL C 201 -27.93 36.95 -8.62
N ASP C 202 -28.92 37.72 -9.12
CA ASP C 202 -30.32 37.30 -9.15
C ASP C 202 -30.54 36.11 -10.10
N VAL C 203 -29.73 36.01 -11.15
CA VAL C 203 -29.79 34.91 -12.09
C VAL C 203 -29.29 33.62 -11.41
N ILE C 204 -28.13 33.69 -10.74
CA ILE C 204 -27.54 32.55 -10.03
C ILE C 204 -28.46 32.05 -8.93
N THR C 205 -29.01 32.98 -8.13
CA THR C 205 -29.91 32.65 -7.03
C THR C 205 -31.15 31.92 -7.53
N ALA C 206 -31.75 32.41 -8.63
CA ALA C 206 -32.95 31.78 -9.18
C ALA C 206 -32.65 30.41 -9.77
N ILE C 207 -31.49 30.25 -10.41
CA ILE C 207 -31.10 28.96 -10.97
C ILE C 207 -30.85 27.93 -9.87
N LYS C 208 -30.27 28.37 -8.75
CA LYS C 208 -30.02 27.49 -7.62
C LYS C 208 -31.33 27.05 -6.94
N ALA C 209 -32.32 27.95 -6.89
CA ALA C 209 -33.60 27.66 -6.24
C ALA C 209 -34.59 26.89 -7.12
N GLN C 210 -34.48 27.04 -8.45
CA GLN C 210 -35.41 26.36 -9.36
C GLN C 210 -34.81 25.18 -10.14
N ASN C 211 -33.49 24.98 -10.05
CA ASN C 211 -32.83 23.84 -10.66
C ASN C 211 -32.13 23.07 -9.53
N ALA C 212 -32.93 22.46 -8.66
CA ALA C 212 -32.39 21.73 -7.52
C ALA C 212 -33.04 20.38 -7.34
N GLN C 213 -32.27 19.39 -6.89
CA GLN C 213 -32.76 18.05 -6.63
C GLN C 213 -33.01 17.94 -5.12
N VAL C 214 -34.25 18.21 -4.69
CA VAL C 214 -34.61 18.26 -3.27
C VAL C 214 -34.83 16.88 -2.62
N ALA C 215 -34.25 16.67 -1.44
CA ALA C 215 -34.46 15.45 -0.67
C ALA C 215 -35.69 15.71 0.22
N ALA C 216 -36.89 15.43 -0.29
CA ALA C 216 -38.14 15.73 0.43
C ALA C 216 -38.44 14.79 1.59
N GLY C 217 -38.20 13.50 1.40
CA GLY C 217 -38.45 12.54 2.45
C GLY C 217 -39.34 11.37 2.08
N GLN C 218 -40.06 10.84 3.06
CA GLN C 218 -40.91 9.68 2.86
C GLN C 218 -42.28 9.80 3.52
N LEU C 219 -43.24 9.02 3.04
CA LEU C 219 -44.58 8.92 3.56
C LEU C 219 -44.67 7.57 4.24
N GLY C 220 -44.88 7.57 5.54
CA GLY C 220 -44.93 6.33 6.30
C GLY C 220 -43.56 5.72 6.54
N GLY C 221 -42.55 6.56 6.62
CA GLY C 221 -41.18 6.12 6.85
C GLY C 221 -40.93 5.72 8.28
N THR C 222 -39.85 4.97 8.53
CA THR C 222 -39.51 4.50 9.87
C THR C 222 -38.93 5.64 10.73
N PRO C 223 -39.34 5.74 12.01
CA PRO C 223 -40.29 4.88 12.75
C PRO C 223 -41.74 5.17 12.39
N PRO C 224 -42.44 4.14 11.88
CA PRO C 224 -43.83 4.36 11.45
C PRO C 224 -44.85 4.15 12.57
N VAL C 225 -46.09 4.58 12.34
CA VAL C 225 -47.17 4.33 13.27
C VAL C 225 -47.61 2.88 13.01
N LYS C 226 -47.58 2.03 14.05
CA LYS C 226 -47.95 0.62 13.92
C LYS C 226 -49.34 0.44 13.29
N GLY C 227 -49.33 -0.07 12.07
CA GLY C 227 -50.55 -0.26 11.29
C GLY C 227 -50.56 0.51 9.97
N GLN C 228 -49.43 1.13 9.62
CA GLN C 228 -49.30 1.90 8.39
C GLN C 228 -49.23 0.96 7.19
N GLN C 229 -49.98 1.26 6.12
CA GLN C 229 -49.99 0.44 4.92
C GLN C 229 -49.23 1.12 3.78
N LEU C 230 -49.33 2.47 3.70
CA LEU C 230 -48.68 3.24 2.65
C LEU C 230 -47.23 3.54 2.96
N ASN C 231 -46.35 3.29 2.00
CA ASN C 231 -44.94 3.62 2.14
C ASN C 231 -44.45 4.14 0.80
N ALA C 232 -44.47 5.46 0.61
CA ALA C 232 -44.09 6.07 -0.66
C ALA C 232 -43.03 7.16 -0.50
N SER C 233 -42.20 7.36 -1.51
CA SER C 233 -41.18 8.41 -1.46
C SER C 233 -41.79 9.75 -1.89
N ILE C 234 -41.38 10.84 -1.24
CA ILE C 234 -41.88 12.16 -1.63
C ILE C 234 -40.92 12.78 -2.64
N ILE C 235 -41.44 13.13 -3.81
CA ILE C 235 -40.61 13.71 -4.86
C ILE C 235 -40.88 15.21 -4.96
N ALA C 236 -39.94 16.02 -4.50
CA ALA C 236 -40.07 17.47 -4.58
C ALA C 236 -39.33 17.95 -5.92
N GLN C 237 -38.87 19.25 -6.07
CA GLN C 237 -38.20 19.73 -7.27
C GLN C 237 -37.11 18.79 -7.78
N THR C 238 -36.99 18.67 -9.10
CA THR C 238 -35.94 17.86 -9.72
C THR C 238 -35.05 18.74 -10.62
N ARG C 239 -33.84 18.26 -10.95
CA ARG C 239 -32.94 19.01 -11.81
C ARG C 239 -33.52 19.12 -13.20
N LEU C 240 -33.53 20.34 -13.76
CA LEU C 240 -34.08 20.61 -15.08
C LEU C 240 -33.33 19.85 -16.17
N THR C 241 -34.05 19.40 -17.20
CA THR C 241 -33.49 18.58 -18.26
C THR C 241 -33.39 19.25 -19.63
N SER C 242 -34.10 20.37 -19.83
CA SER C 242 -34.12 21.03 -21.14
C SER C 242 -33.88 22.54 -21.08
N THR C 243 -33.53 23.14 -22.23
CA THR C 243 -33.34 24.59 -22.36
C THR C 243 -34.66 25.33 -22.11
N GLU C 244 -35.79 24.73 -22.53
CA GLU C 244 -37.11 25.33 -22.35
C GLU C 244 -37.43 25.49 -20.87
N GLU C 245 -37.06 24.50 -20.05
CA GLU C 245 -37.30 24.54 -18.61
C GLU C 245 -36.45 25.61 -17.93
N PHE C 246 -35.23 25.81 -18.40
CA PHE C 246 -34.35 26.85 -17.87
C PHE C 246 -34.83 28.24 -18.28
N GLY C 247 -35.34 28.36 -19.50
CA GLY C 247 -35.85 29.62 -20.02
C GLY C 247 -37.05 30.15 -19.27
N LYS C 248 -37.90 29.25 -18.74
CA LYS C 248 -39.08 29.68 -17.99
C LYS C 248 -38.83 29.82 -16.47
N ILE C 249 -37.56 30.01 -16.07
CA ILE C 249 -37.22 30.22 -14.67
C ILE C 249 -37.67 31.63 -14.26
N LEU C 250 -38.50 31.73 -13.23
CA LEU C 250 -39.04 33.02 -12.79
C LEU C 250 -38.05 33.80 -11.94
N LEU C 251 -37.57 34.94 -12.44
CA LEU C 251 -36.63 35.77 -11.70
C LEU C 251 -37.37 36.72 -10.77
N LYS C 252 -38.41 37.41 -11.29
CA LYS C 252 -39.20 38.35 -10.48
C LYS C 252 -40.59 38.60 -11.09
N VAL C 253 -41.53 39.06 -10.26
CA VAL C 253 -42.85 39.42 -10.74
C VAL C 253 -43.05 40.91 -10.54
N ASN C 254 -43.32 41.64 -11.61
CA ASN C 254 -43.50 43.09 -11.55
C ASN C 254 -44.81 43.51 -10.85
N GLN C 255 -44.93 44.82 -10.50
CA GLN C 255 -46.10 45.37 -9.82
C GLN C 255 -47.37 45.22 -10.68
N ASP C 256 -47.23 45.30 -12.01
CA ASP C 256 -48.37 45.16 -12.92
C ASP C 256 -48.79 43.69 -13.19
N GLY C 257 -48.21 42.74 -12.49
CA GLY C 257 -48.54 41.33 -12.64
C GLY C 257 -47.71 40.58 -13.66
N SER C 258 -46.99 41.30 -14.52
CA SER C 258 -46.15 40.67 -15.56
C SER C 258 -44.98 39.90 -14.95
N ARG C 259 -44.55 38.83 -15.62
CA ARG C 259 -43.47 38.00 -15.10
C ARG C 259 -42.16 38.17 -15.87
N VAL C 260 -41.05 38.22 -15.15
CA VAL C 260 -39.73 38.34 -15.75
C VAL C 260 -39.06 36.97 -15.72
N LEU C 261 -38.93 36.33 -16.88
CA LEU C 261 -38.31 35.01 -16.96
C LEU C 261 -36.82 35.09 -17.33
N LEU C 262 -36.08 33.98 -17.18
CA LEU C 262 -34.66 33.92 -17.50
C LEU C 262 -34.42 34.14 -19.00
N ARG C 263 -35.36 33.72 -19.85
CA ARG C 263 -35.23 33.91 -21.30
C ARG C 263 -35.43 35.38 -21.73
N ASP C 264 -36.02 36.21 -20.86
CA ASP C 264 -36.22 37.63 -21.15
C ASP C 264 -34.95 38.47 -20.89
N VAL C 265 -34.01 37.96 -20.08
CA VAL C 265 -32.76 38.66 -19.79
C VAL C 265 -31.52 37.89 -20.30
N ALA C 266 -31.68 36.65 -20.78
CA ALA C 266 -30.55 35.85 -21.24
C ALA C 266 -30.91 34.87 -22.36
N LYS C 267 -29.92 34.50 -23.17
CA LYS C 267 -30.09 33.52 -24.23
C LYS C 267 -29.80 32.14 -23.63
N ILE C 268 -30.73 31.19 -23.78
CA ILE C 268 -30.56 29.87 -23.20
C ILE C 268 -30.22 28.86 -24.29
N GLU C 269 -29.06 28.20 -24.19
CA GLU C 269 -28.65 27.23 -25.20
C GLU C 269 -27.66 26.19 -24.67
N LEU C 270 -27.61 25.02 -25.31
CA LEU C 270 -26.65 23.99 -24.94
C LEU C 270 -25.34 24.30 -25.64
N GLY C 271 -24.28 24.47 -24.86
CA GLY C 271 -22.96 24.76 -25.38
C GLY C 271 -21.87 24.28 -24.45
N GLY C 272 -20.72 23.95 -25.00
CA GLY C 272 -19.59 23.41 -24.24
C GLY C 272 -19.22 24.18 -22.99
N GLU C 273 -18.65 23.46 -21.98
CA GLU C 273 -18.18 24.07 -20.73
C GLU C 273 -17.10 25.12 -21.03
N ASN C 274 -16.23 24.83 -22.00
CA ASN C 274 -15.20 25.76 -22.45
C ASN C 274 -15.14 25.76 -23.98
N TYR C 275 -14.95 26.92 -24.58
CA TYR C 275 -14.85 27.01 -26.04
C TYR C 275 -13.39 27.22 -26.47
N ASP C 276 -12.43 26.68 -25.68
CA ASP C 276 -11.02 26.86 -25.94
C ASP C 276 -10.46 25.90 -26.99
N ILE C 277 -10.82 24.61 -26.89
CA ILE C 277 -10.29 23.61 -27.81
C ILE C 277 -11.15 23.41 -29.06
N ILE C 278 -10.52 23.54 -30.25
CA ILE C 278 -11.19 23.36 -31.54
C ILE C 278 -10.33 22.44 -32.43
N ALA C 279 -10.77 21.19 -32.64
CA ALA C 279 -9.97 20.25 -33.46
C ALA C 279 -10.53 20.08 -34.88
N GLU C 280 -9.64 19.76 -35.83
CA GLU C 280 -10.02 19.55 -37.24
C GLU C 280 -9.23 18.40 -37.86
N PHE C 281 -9.93 17.45 -38.47
CA PHE C 281 -9.28 16.32 -39.13
C PHE C 281 -9.26 16.57 -40.63
N ASN C 282 -8.06 16.78 -41.19
CA ASN C 282 -7.88 17.06 -42.63
C ASN C 282 -8.68 18.27 -43.10
N GLY C 283 -8.86 19.25 -42.21
CA GLY C 283 -9.58 20.47 -42.53
C GLY C 283 -11.05 20.43 -42.15
N GLN C 284 -11.62 19.24 -41.96
CA GLN C 284 -13.04 19.12 -41.60
C GLN C 284 -13.26 19.12 -40.09
N PRO C 285 -14.34 19.77 -39.61
CA PRO C 285 -14.59 19.82 -38.16
C PRO C 285 -14.68 18.44 -37.51
N ALA C 286 -13.92 18.23 -36.43
CA ALA C 286 -13.86 16.94 -35.76
C ALA C 286 -13.49 17.09 -34.26
N SER C 287 -13.75 16.04 -33.47
CA SER C 287 -13.32 15.99 -32.06
C SER C 287 -12.26 14.85 -31.92
N GLY C 288 -11.69 14.70 -30.73
CA GLY C 288 -10.67 13.68 -30.52
C GLY C 288 -10.47 13.25 -29.09
N LEU C 289 -9.69 12.19 -28.89
CA LEU C 289 -9.36 11.70 -27.57
C LEU C 289 -7.88 11.36 -27.51
N GLY C 290 -7.12 12.20 -26.83
CA GLY C 290 -5.70 11.97 -26.64
C GLY C 290 -5.48 11.00 -25.52
N ILE C 291 -5.27 9.72 -25.87
CA ILE C 291 -5.10 8.67 -24.88
C ILE C 291 -3.63 8.48 -24.50
N LYS C 292 -3.33 8.54 -23.20
CA LYS C 292 -1.97 8.32 -22.71
C LYS C 292 -1.83 6.92 -22.12
N LEU C 293 -0.65 6.31 -22.28
CA LEU C 293 -0.41 4.96 -21.77
C LEU C 293 -0.14 5.00 -20.26
N ALA C 294 -0.74 4.07 -19.51
CA ALA C 294 -0.54 3.99 -18.05
C ALA C 294 0.91 3.61 -17.72
N THR C 295 1.40 4.07 -16.56
CA THR C 295 2.77 3.77 -16.15
C THR C 295 2.97 2.27 -15.92
N GLY C 296 3.66 1.64 -16.85
CA GLY C 296 3.94 0.21 -16.77
C GLY C 296 2.92 -0.67 -17.49
N ALA C 297 2.14 -0.10 -18.40
CA ALA C 297 1.14 -0.86 -19.15
C ALA C 297 1.70 -1.27 -20.52
N ASN C 298 1.21 -2.39 -21.07
CA ASN C 298 1.67 -2.88 -22.37
C ASN C 298 1.08 -2.05 -23.50
N ALA C 299 1.94 -1.44 -24.33
CA ALA C 299 1.51 -0.58 -25.44
C ALA C 299 0.58 -1.28 -26.42
N LEU C 300 0.89 -2.53 -26.78
CA LEU C 300 0.08 -3.28 -27.73
C LEU C 300 -1.23 -3.76 -27.12
N ASP C 301 -1.18 -4.26 -25.87
CA ASP C 301 -2.37 -4.76 -25.18
C ASP C 301 -3.35 -3.63 -24.87
N THR C 302 -2.84 -2.44 -24.56
CA THR C 302 -3.67 -1.28 -24.28
C THR C 302 -4.39 -0.82 -25.54
N ALA C 303 -3.67 -0.76 -26.66
CA ALA C 303 -4.25 -0.36 -27.94
C ALA C 303 -5.32 -1.36 -28.38
N ALA C 304 -5.09 -2.67 -28.14
CA ALA C 304 -6.05 -3.70 -28.48
C ALA C 304 -7.32 -3.57 -27.63
N ALA C 305 -7.17 -3.18 -26.36
CA ALA C 305 -8.30 -2.97 -25.45
C ALA C 305 -9.08 -1.70 -25.82
N ILE C 306 -8.38 -0.64 -26.26
CA ILE C 306 -9.01 0.60 -26.69
C ILE C 306 -9.86 0.34 -27.92
N ARG C 307 -9.31 -0.39 -28.90
CA ARG C 307 -10.04 -0.74 -30.12
C ARG C 307 -11.22 -1.66 -29.84
N ALA C 308 -11.07 -2.60 -28.89
CA ALA C 308 -12.14 -3.51 -28.51
C ALA C 308 -13.27 -2.75 -27.81
N GLU C 309 -12.91 -1.74 -27.00
CA GLU C 309 -13.88 -0.91 -26.29
C GLU C 309 -14.62 0.00 -27.26
N LEU C 310 -13.91 0.55 -28.25
CA LEU C 310 -14.51 1.42 -29.25
C LEU C 310 -15.49 0.64 -30.14
N ALA C 311 -15.20 -0.64 -30.42
CA ALA C 311 -16.07 -1.49 -31.23
C ALA C 311 -17.41 -1.77 -30.54
N LYS C 312 -17.43 -1.78 -29.19
CA LYS C 312 -18.66 -2.00 -28.43
C LYS C 312 -19.59 -0.77 -28.53
N MET C 313 -19.01 0.43 -28.62
CA MET C 313 -19.79 1.66 -28.71
C MET C 313 -20.33 1.91 -30.12
N GLU C 314 -19.62 1.43 -31.15
CA GLU C 314 -19.97 1.64 -32.57
C GLU C 314 -21.46 1.36 -32.92
N PRO C 315 -22.08 0.22 -32.50
CA PRO C 315 -23.50 0.00 -32.86
C PRO C 315 -24.49 1.00 -32.24
N PHE C 316 -24.04 1.85 -31.32
CA PHE C 316 -24.92 2.83 -30.68
C PHE C 316 -24.63 4.28 -31.08
N PHE C 317 -23.71 4.51 -32.04
CA PHE C 317 -23.35 5.85 -32.50
C PHE C 317 -24.49 6.48 -33.27
N PRO C 318 -24.60 7.82 -33.26
CA PRO C 318 -25.63 8.46 -34.10
C PRO C 318 -25.27 8.34 -35.60
N SER C 319 -26.26 8.54 -36.48
CA SER C 319 -26.03 8.43 -37.92
C SER C 319 -24.94 9.37 -38.41
N GLY C 320 -24.00 8.83 -39.19
CA GLY C 320 -22.91 9.60 -39.77
C GLY C 320 -21.63 9.65 -38.96
N LEU C 321 -21.71 9.31 -37.66
CA LEU C 321 -20.52 9.35 -36.79
C LEU C 321 -19.52 8.26 -37.14
N LYS C 322 -18.28 8.65 -37.47
CA LYS C 322 -17.23 7.70 -37.84
C LYS C 322 -15.97 7.89 -37.00
N ILE C 323 -15.23 6.79 -36.72
CA ILE C 323 -14.00 6.86 -35.94
C ILE C 323 -12.78 6.85 -36.83
N VAL C 324 -11.94 7.89 -36.75
CA VAL C 324 -10.70 7.96 -37.51
C VAL C 324 -9.48 7.92 -36.57
N TYR C 325 -8.32 7.51 -37.08
CA TYR C 325 -7.11 7.42 -36.25
C TYR C 325 -5.97 8.26 -36.82
N PRO C 326 -5.96 9.57 -36.51
CA PRO C 326 -4.93 10.45 -37.10
C PRO C 326 -3.57 10.47 -36.39
N TYR C 327 -3.39 9.64 -35.37
CA TYR C 327 -2.14 9.59 -34.63
C TYR C 327 -2.09 8.29 -33.86
N ASP C 328 -1.06 7.47 -34.12
CA ASP C 328 -0.93 6.18 -33.47
C ASP C 328 0.51 5.71 -33.50
N THR C 329 1.07 5.40 -32.33
CA THR C 329 2.44 4.93 -32.25
C THR C 329 2.53 3.38 -32.36
N THR C 330 1.41 2.66 -32.14
CA THR C 330 1.37 1.21 -32.19
C THR C 330 1.64 0.61 -33.59
N PRO C 331 1.22 1.21 -34.74
CA PRO C 331 1.60 0.62 -36.04
C PRO C 331 3.11 0.56 -36.22
N PHE C 332 3.87 1.51 -35.62
CA PHE C 332 5.33 1.49 -35.67
C PHE C 332 5.86 0.37 -34.77
N VAL C 333 5.27 0.21 -33.58
CA VAL C 333 5.64 -0.85 -32.64
C VAL C 333 5.46 -2.23 -33.29
N LYS C 334 4.40 -2.41 -34.07
CA LYS C 334 4.13 -3.66 -34.77
C LYS C 334 5.14 -3.93 -35.89
N ILE C 335 5.41 -2.93 -36.75
CA ILE C 335 6.32 -3.12 -37.88
C ILE C 335 7.78 -3.23 -37.42
N SER C 336 8.17 -2.53 -36.34
CA SER C 336 9.53 -2.61 -35.83
C SER C 336 9.80 -4.00 -35.29
N ILE C 337 8.83 -4.60 -34.58
CA ILE C 337 8.96 -5.96 -34.06
C ILE C 337 9.08 -6.94 -35.23
N HIS C 338 8.23 -6.79 -36.24
CA HIS C 338 8.24 -7.60 -37.44
C HIS C 338 9.60 -7.52 -38.17
N GLU C 339 10.22 -6.33 -38.18
CA GLU C 339 11.52 -6.13 -38.82
C GLU C 339 12.66 -6.81 -38.06
N VAL C 340 12.59 -6.80 -36.71
CA VAL C 340 13.62 -7.49 -35.92
C VAL C 340 13.43 -9.01 -35.98
N VAL C 341 12.17 -9.48 -36.11
CA VAL C 341 11.88 -10.91 -36.28
C VAL C 341 12.40 -11.35 -37.66
N LYS C 342 12.19 -10.51 -38.69
CA LYS C 342 12.68 -10.75 -40.05
C LYS C 342 14.21 -10.80 -40.05
N THR C 343 14.85 -9.90 -39.30
CA THR C 343 16.30 -9.85 -39.17
C THR C 343 16.82 -11.10 -38.48
N LEU C 344 16.13 -11.56 -37.43
CA LEU C 344 16.49 -12.75 -36.67
C LEU C 344 16.49 -13.99 -37.55
N VAL C 345 15.47 -14.14 -38.42
CA VAL C 345 15.39 -15.27 -39.34
C VAL C 345 16.52 -15.20 -40.36
N GLU C 346 16.79 -13.99 -40.88
CA GLU C 346 17.88 -13.76 -41.84
C GLU C 346 19.23 -14.10 -41.24
N ALA C 347 19.41 -13.83 -39.94
CA ALA C 347 20.66 -14.12 -39.25
C ALA C 347 20.90 -15.62 -39.16
N ILE C 348 19.84 -16.40 -38.86
CA ILE C 348 19.93 -17.85 -38.76
C ILE C 348 20.24 -18.47 -40.12
N ILE C 349 19.60 -17.96 -41.18
CA ILE C 349 19.83 -18.44 -42.55
C ILE C 349 21.27 -18.20 -42.96
N LEU C 350 21.79 -16.97 -42.73
CA LEU C 350 23.15 -16.62 -43.08
C LEU C 350 24.18 -17.39 -42.25
N VAL C 351 23.88 -17.65 -40.97
CA VAL C 351 24.76 -18.44 -40.09
C VAL C 351 24.81 -19.90 -40.57
N PHE C 352 23.66 -20.45 -40.99
CA PHE C 352 23.58 -21.80 -41.53
C PHE C 352 24.45 -21.93 -42.78
N LEU C 353 24.44 -20.89 -43.64
CA LEU C 353 25.22 -20.89 -44.86
C LEU C 353 26.72 -20.76 -44.59
N VAL C 354 27.11 -20.05 -43.52
CA VAL C 354 28.52 -19.92 -43.15
C VAL C 354 29.03 -21.28 -42.66
N MET C 355 28.24 -21.97 -41.83
CA MET C 355 28.60 -23.29 -41.33
C MET C 355 28.59 -24.32 -42.47
N TYR C 356 27.66 -24.19 -43.42
CA TYR C 356 27.56 -25.06 -44.58
C TYR C 356 28.73 -24.86 -45.54
N LEU C 357 29.25 -23.64 -45.64
CA LEU C 357 30.38 -23.31 -46.50
C LEU C 357 31.64 -24.06 -46.04
N PHE C 358 31.84 -24.17 -44.72
CA PHE C 358 33.01 -24.85 -44.18
C PHE C 358 32.81 -26.36 -43.97
N LEU C 359 31.74 -26.76 -43.27
CA LEU C 359 31.49 -28.18 -42.99
C LEU C 359 31.14 -28.97 -44.25
N GLN C 360 30.37 -28.36 -45.16
CA GLN C 360 30.02 -28.89 -46.49
C GLN C 360 29.02 -30.06 -46.48
N ASN C 361 29.09 -30.98 -45.51
CA ASN C 361 28.15 -32.10 -45.43
C ASN C 361 26.87 -31.64 -44.73
N PHE C 362 25.70 -32.13 -45.18
CA PHE C 362 24.43 -31.74 -44.56
C PHE C 362 24.30 -32.25 -43.14
N ARG C 363 24.67 -33.53 -42.91
CA ARG C 363 24.64 -34.13 -41.56
C ARG C 363 25.67 -33.48 -40.63
N ALA C 364 26.79 -33.00 -41.18
CA ALA C 364 27.82 -32.33 -40.39
C ALA C 364 27.38 -30.92 -40.03
N THR C 365 26.73 -30.22 -40.98
CA THR C 365 26.23 -28.86 -40.75
C THR C 365 25.01 -28.85 -39.83
N LEU C 366 24.22 -29.94 -39.83
CA LEU C 366 23.02 -30.03 -39.00
C LEU C 366 23.35 -30.10 -37.51
N ILE C 367 24.52 -30.63 -37.14
CA ILE C 367 24.90 -30.73 -35.73
C ILE C 367 24.95 -29.34 -35.02
N PRO C 368 25.76 -28.34 -35.49
CA PRO C 368 25.72 -27.03 -34.83
C PRO C 368 24.45 -26.22 -35.15
N THR C 369 23.72 -26.59 -36.22
CA THR C 369 22.47 -25.92 -36.59
C THR C 369 21.38 -26.21 -35.55
N ILE C 370 21.36 -27.45 -35.01
CA ILE C 370 20.40 -27.86 -33.97
C ILE C 370 20.56 -27.02 -32.68
N ALA C 371 21.76 -26.44 -32.44
CA ALA C 371 21.98 -25.59 -31.28
C ALA C 371 21.16 -24.30 -31.34
N VAL C 372 20.79 -23.84 -32.56
CA VAL C 372 19.98 -22.64 -32.74
C VAL C 372 18.59 -22.74 -32.07
N PRO C 373 17.71 -23.71 -32.44
CA PRO C 373 16.41 -23.79 -31.77
C PRO C 373 16.50 -24.14 -30.29
N VAL C 374 17.46 -25.01 -29.92
CA VAL C 374 17.62 -25.41 -28.52
C VAL C 374 18.02 -24.23 -27.63
N VAL C 375 19.03 -23.47 -28.03
CA VAL C 375 19.47 -22.31 -27.26
C VAL C 375 18.47 -21.13 -27.32
N LEU C 376 17.94 -20.82 -28.52
CA LEU C 376 16.98 -19.72 -28.65
C LEU C 376 15.72 -19.96 -27.84
N LEU C 377 15.08 -21.13 -28.00
CA LEU C 377 13.87 -21.46 -27.24
C LEU C 377 14.15 -21.51 -25.75
N GLY C 378 15.30 -22.04 -25.37
CA GLY C 378 15.72 -22.08 -23.97
C GLY C 378 15.86 -20.68 -23.37
N THR C 379 16.32 -19.72 -24.18
CA THR C 379 16.46 -18.32 -23.77
C THR C 379 15.08 -17.70 -23.55
N PHE C 380 14.10 -18.01 -24.42
CA PHE C 380 12.72 -17.53 -24.29
C PHE C 380 12.10 -18.02 -22.97
N ALA C 381 12.43 -19.25 -22.54
CA ALA C 381 11.94 -19.81 -21.29
C ALA C 381 12.57 -19.11 -20.08
N VAL C 382 13.84 -18.70 -20.19
CA VAL C 382 14.53 -17.95 -19.14
C VAL C 382 13.92 -16.55 -19.02
N LEU C 383 13.62 -15.91 -20.18
CA LEU C 383 12.99 -14.60 -20.21
C LEU C 383 11.63 -14.65 -19.54
N ALA C 384 10.84 -15.70 -19.79
CA ALA C 384 9.52 -15.86 -19.20
C ALA C 384 9.59 -16.07 -17.70
N ALA C 385 10.59 -16.85 -17.24
CA ALA C 385 10.77 -17.11 -15.83
C ALA C 385 11.26 -15.86 -15.07
N PHE C 386 12.01 -14.98 -15.74
CA PHE C 386 12.54 -13.78 -15.10
C PHE C 386 11.67 -12.52 -15.29
N GLY C 387 10.44 -12.70 -15.78
CA GLY C 387 9.50 -11.60 -15.97
C GLY C 387 9.78 -10.68 -17.14
N PHE C 388 10.72 -11.06 -18.00
CA PHE C 388 11.06 -10.26 -19.18
C PHE C 388 10.01 -10.37 -20.31
N SER C 389 10.14 -9.55 -21.37
CA SER C 389 9.17 -9.56 -22.47
C SER C 389 9.86 -9.65 -23.83
N ILE C 390 9.13 -10.12 -24.86
CA ILE C 390 9.68 -10.18 -26.21
C ILE C 390 9.65 -8.78 -26.83
N ASN C 391 10.66 -7.96 -26.52
CA ASN C 391 10.75 -6.60 -27.05
C ASN C 391 11.94 -6.45 -28.01
N THR C 392 12.04 -5.28 -28.70
CA THR C 392 13.15 -5.03 -29.64
C THR C 392 14.52 -5.26 -29.02
N LEU C 393 14.73 -4.79 -27.79
CA LEU C 393 16.02 -4.95 -27.10
C LEU C 393 16.38 -6.42 -26.82
N THR C 394 15.43 -7.24 -26.35
CA THR C 394 15.70 -8.67 -26.13
C THR C 394 15.89 -9.41 -27.45
N MET C 395 15.22 -8.94 -28.52
CA MET C 395 15.34 -9.49 -29.86
C MET C 395 16.71 -9.17 -30.44
N PHE C 396 17.23 -7.95 -30.20
CA PHE C 396 18.56 -7.56 -30.65
C PHE C 396 19.62 -8.47 -30.04
N GLY C 397 19.45 -8.82 -28.78
CA GLY C 397 20.34 -9.73 -28.07
C GLY C 397 20.34 -11.11 -28.70
N MET C 398 19.16 -11.56 -29.17
CA MET C 398 19.03 -12.85 -29.82
C MET C 398 19.72 -12.84 -31.17
N VAL C 399 19.60 -11.73 -31.94
CA VAL C 399 20.29 -11.61 -33.22
C VAL C 399 21.81 -11.60 -33.00
N LEU C 400 22.28 -10.92 -31.95
CA LEU C 400 23.69 -10.88 -31.61
C LEU C 400 24.18 -12.28 -31.22
N ALA C 401 23.37 -13.02 -30.47
CA ALA C 401 23.72 -14.36 -30.03
C ALA C 401 23.64 -15.42 -31.13
N ILE C 402 22.99 -15.12 -32.27
CA ILE C 402 22.87 -16.10 -33.37
C ILE C 402 24.24 -16.68 -33.80
N GLY C 403 25.23 -15.81 -33.97
CA GLY C 403 26.57 -16.24 -34.35
C GLY C 403 27.50 -16.47 -33.16
N LEU C 404 26.94 -16.51 -31.94
CA LEU C 404 27.71 -16.70 -30.72
C LEU C 404 27.34 -18.01 -30.01
N LEU C 405 26.07 -18.42 -30.10
CA LEU C 405 25.64 -19.67 -29.47
C LEU C 405 26.15 -20.90 -30.23
N VAL C 406 26.32 -20.77 -31.56
CA VAL C 406 26.85 -21.86 -32.37
C VAL C 406 28.38 -22.01 -32.23
N ASP C 407 29.08 -20.99 -31.68
CA ASP C 407 30.53 -21.01 -31.53
C ASP C 407 31.06 -22.27 -30.86
N ASP C 408 30.50 -22.64 -29.70
CA ASP C 408 30.96 -23.82 -28.98
C ASP C 408 30.65 -25.11 -29.73
N ALA C 409 29.49 -25.16 -30.40
CA ALA C 409 29.11 -26.34 -31.19
C ALA C 409 30.04 -26.49 -32.39
N ILE C 410 30.41 -25.36 -33.03
CA ILE C 410 31.33 -25.34 -34.17
C ILE C 410 32.72 -25.83 -33.72
N VAL C 411 33.18 -25.40 -32.52
CA VAL C 411 34.46 -25.83 -31.97
C VAL C 411 34.51 -27.36 -31.82
N VAL C 412 33.41 -27.98 -31.38
CA VAL C 412 33.34 -29.42 -31.24
C VAL C 412 33.33 -30.14 -32.59
N VAL C 413 32.41 -29.77 -33.49
CA VAL C 413 32.30 -30.39 -34.82
C VAL C 413 33.62 -30.26 -35.62
N GLU C 414 34.25 -29.08 -35.59
CA GLU C 414 35.50 -28.86 -36.32
C GLU C 414 36.63 -29.69 -35.72
N ASN C 415 36.74 -29.71 -34.38
CA ASN C 415 37.81 -30.47 -33.72
C ASN C 415 37.64 -31.97 -33.88
N VAL C 416 36.39 -32.47 -34.00
CA VAL C 416 36.17 -33.89 -34.24
C VAL C 416 36.60 -34.24 -35.66
N GLU C 417 36.22 -33.39 -36.64
CA GLU C 417 36.61 -33.58 -38.03
C GLU C 417 38.12 -33.43 -38.24
N ARG C 418 38.78 -32.62 -37.41
CA ARG C 418 40.23 -32.43 -37.48
C ARG C 418 40.93 -33.70 -37.00
N VAL C 419 40.43 -34.30 -35.91
CA VAL C 419 40.99 -35.54 -35.35
C VAL C 419 40.73 -36.73 -36.31
N MET C 420 39.58 -36.70 -37.02
CA MET C 420 39.24 -37.74 -38.01
C MET C 420 40.18 -37.67 -39.21
N ALA C 421 40.56 -36.47 -39.63
CA ALA C 421 41.46 -36.30 -40.77
C ALA C 421 42.95 -36.39 -40.38
N GLU C 422 43.27 -36.32 -39.08
CA GLU C 422 44.65 -36.38 -38.60
C GLU C 422 45.06 -37.80 -38.23
N GLU C 423 44.12 -38.60 -37.69
CA GLU C 423 44.44 -39.95 -37.25
C GLU C 423 43.61 -41.05 -37.92
N GLY C 424 42.48 -40.68 -38.51
CA GLY C 424 41.59 -41.66 -39.15
C GLY C 424 40.75 -42.41 -38.13
N LEU C 425 40.40 -41.75 -37.03
CA LEU C 425 39.61 -42.34 -35.96
C LEU C 425 38.12 -42.35 -36.31
N PRO C 426 37.37 -43.37 -35.84
CA PRO C 426 35.93 -43.38 -36.11
C PRO C 426 35.18 -42.28 -35.33
N PRO C 427 33.99 -41.85 -35.80
CA PRO C 427 33.29 -40.74 -35.13
C PRO C 427 33.15 -40.82 -33.59
N LYS C 428 32.85 -42.00 -33.04
CA LYS C 428 32.69 -42.14 -31.59
C LYS C 428 34.04 -42.01 -30.86
N GLU C 429 35.08 -42.66 -31.38
CA GLU C 429 36.41 -42.63 -30.78
C GLU C 429 37.07 -41.25 -30.92
N ALA C 430 36.80 -40.54 -32.03
CA ALA C 430 37.36 -39.22 -32.26
C ALA C 430 36.68 -38.17 -31.39
N THR C 431 35.36 -38.32 -31.16
CA THR C 431 34.61 -37.36 -30.34
C THR C 431 35.04 -37.43 -28.87
N ARG C 432 35.31 -38.65 -28.37
CA ARG C 432 35.74 -38.84 -26.99
C ARG C 432 37.09 -38.16 -26.74
N LYS C 433 38.02 -38.30 -27.69
CA LYS C 433 39.34 -37.68 -27.58
C LYS C 433 39.24 -36.17 -27.75
N SER C 434 38.42 -35.72 -28.70
CA SER C 434 38.21 -34.31 -29.00
C SER C 434 37.64 -33.55 -27.80
N MET C 435 36.65 -34.12 -27.12
CA MET C 435 36.03 -33.46 -25.96
C MET C 435 37.01 -33.21 -24.81
N GLY C 436 38.03 -34.05 -24.69
CA GLY C 436 39.03 -33.91 -23.65
C GLY C 436 40.04 -32.80 -23.93
N GLN C 437 40.23 -32.46 -25.21
CA GLN C 437 41.19 -31.43 -25.59
C GLN C 437 40.58 -30.04 -25.57
N ILE C 438 39.29 -29.92 -25.93
CA ILE C 438 38.65 -28.62 -26.03
C ILE C 438 37.68 -28.30 -24.91
N GLN C 439 37.63 -29.11 -23.83
CA GLN C 439 36.70 -28.84 -22.72
C GLN C 439 36.94 -27.47 -22.09
N GLY C 440 38.20 -27.10 -21.93
CA GLY C 440 38.56 -25.81 -21.36
C GLY C 440 38.25 -24.64 -22.28
N ALA C 441 38.35 -24.87 -23.59
CA ALA C 441 38.07 -23.85 -24.59
C ALA C 441 36.58 -23.56 -24.69
N LEU C 442 35.74 -24.61 -24.54
CA LEU C 442 34.29 -24.46 -24.60
C LEU C 442 33.79 -23.60 -23.45
N VAL C 443 34.34 -23.80 -22.25
CA VAL C 443 33.95 -23.03 -21.08
C VAL C 443 34.47 -21.58 -21.18
N GLY C 444 35.68 -21.42 -21.71
CA GLY C 444 36.30 -20.11 -21.89
C GLY C 444 35.52 -19.16 -22.79
N ILE C 445 35.07 -19.65 -23.95
CA ILE C 445 34.30 -18.85 -24.91
C ILE C 445 33.00 -18.38 -24.26
N ALA C 446 32.30 -19.31 -23.58
CA ALA C 446 31.04 -19.00 -22.91
C ALA C 446 31.22 -18.05 -21.73
N MET C 447 32.37 -18.13 -21.04
CA MET C 447 32.66 -17.29 -19.88
C MET C 447 32.90 -15.83 -20.26
N VAL C 448 33.79 -15.55 -21.23
CA VAL C 448 34.07 -14.16 -21.61
C VAL C 448 32.88 -13.50 -22.30
N LEU C 449 32.06 -14.29 -23.01
CA LEU C 449 30.87 -13.74 -23.68
C LEU C 449 29.65 -13.66 -22.74
N SER C 450 29.83 -13.92 -21.43
CA SER C 450 28.76 -13.82 -20.45
C SER C 450 29.19 -12.84 -19.36
N ALA C 451 30.42 -13.00 -18.83
CA ALA C 451 30.95 -12.14 -17.77
C ALA C 451 31.02 -10.67 -18.18
N VAL C 452 31.15 -10.39 -19.47
CA VAL C 452 31.21 -9.01 -19.95
C VAL C 452 29.81 -8.32 -19.91
N PHE C 453 28.72 -9.11 -19.92
CA PHE C 453 27.37 -8.57 -19.82
C PHE C 453 26.80 -8.62 -18.38
N VAL C 454 27.59 -9.12 -17.41
CA VAL C 454 27.15 -9.19 -16.02
C VAL C 454 27.18 -7.82 -15.30
N PRO C 455 28.28 -7.02 -15.38
CA PRO C 455 28.29 -5.73 -14.67
C PRO C 455 27.31 -4.70 -15.21
N MET C 456 27.00 -4.76 -16.52
CA MET C 456 26.08 -3.82 -17.13
C MET C 456 24.66 -3.90 -16.57
N ALA C 457 24.25 -5.08 -16.09
CA ALA C 457 22.92 -5.28 -15.53
C ALA C 457 22.71 -4.55 -14.20
N PHE C 458 23.81 -4.25 -13.47
CA PHE C 458 23.70 -3.56 -12.18
C PHE C 458 23.84 -2.03 -12.30
N PHE C 459 23.66 -1.47 -13.50
CA PHE C 459 23.76 -0.02 -13.69
C PHE C 459 22.37 0.63 -13.62
N GLY C 460 22.33 1.89 -13.22
CA GLY C 460 21.07 2.60 -13.04
C GLY C 460 20.59 3.44 -14.20
N GLY C 461 19.39 4.00 -14.05
CA GLY C 461 18.77 4.86 -15.05
C GLY C 461 18.13 4.11 -16.19
N SER C 462 17.62 4.86 -17.19
CA SER C 462 17.01 4.28 -18.39
C SER C 462 18.03 3.45 -19.18
N THR C 463 19.30 3.89 -19.17
CA THR C 463 20.40 3.21 -19.86
C THR C 463 20.61 1.83 -19.26
N GLY C 464 20.59 1.74 -17.93
CA GLY C 464 20.76 0.48 -17.21
C GLY C 464 19.66 -0.52 -17.49
N ALA C 465 18.43 -0.03 -17.72
CA ALA C 465 17.29 -0.88 -18.04
C ALA C 465 17.44 -1.47 -19.44
N ILE C 466 18.01 -0.70 -20.39
CA ILE C 466 18.30 -1.16 -21.74
C ILE C 466 19.41 -2.22 -21.69
N TYR C 467 20.45 -1.99 -20.86
CA TYR C 467 21.58 -2.90 -20.67
C TYR C 467 21.09 -4.28 -20.21
N ARG C 468 20.12 -4.31 -19.29
CA ARG C 468 19.59 -5.56 -18.72
C ARG C 468 18.93 -6.46 -19.73
N GLN C 469 18.36 -5.90 -20.81
CA GLN C 469 17.70 -6.70 -21.84
C GLN C 469 18.72 -7.49 -22.64
N PHE C 470 19.85 -6.87 -22.98
CA PHE C 470 20.91 -7.56 -23.70
C PHE C 470 21.60 -8.57 -22.77
N SER C 471 21.78 -8.19 -21.49
CA SER C 471 22.41 -9.02 -20.49
C SER C 471 21.65 -10.33 -20.27
N ILE C 472 20.36 -10.28 -19.89
CA ILE C 472 19.57 -11.48 -19.65
C ILE C 472 19.49 -12.39 -20.87
N THR C 473 19.54 -11.81 -22.07
CA THR C 473 19.45 -12.58 -23.30
C THR C 473 20.77 -13.28 -23.65
N ILE C 474 21.88 -12.51 -23.75
CA ILE C 474 23.16 -13.08 -24.14
C ILE C 474 23.79 -13.95 -23.06
N VAL C 475 23.64 -13.58 -21.77
CA VAL C 475 24.19 -14.40 -20.68
C VAL C 475 23.50 -15.77 -20.64
N SER C 476 22.17 -15.79 -20.88
CA SER C 476 21.40 -17.03 -20.90
C SER C 476 21.71 -17.86 -22.14
N ALA C 477 21.91 -17.20 -23.29
CA ALA C 477 22.22 -17.89 -24.53
C ALA C 477 23.60 -18.52 -24.50
N MET C 478 24.58 -17.83 -23.91
CA MET C 478 25.94 -18.37 -23.83
C MET C 478 26.06 -19.45 -22.76
N ALA C 479 25.26 -19.37 -21.68
CA ALA C 479 25.26 -20.41 -20.65
C ALA C 479 24.61 -21.69 -21.19
N LEU C 480 23.60 -21.56 -22.06
CA LEU C 480 22.97 -22.70 -22.70
C LEU C 480 23.88 -23.26 -23.80
N SER C 481 24.60 -22.37 -24.52
CA SER C 481 25.53 -22.72 -25.60
C SER C 481 26.57 -23.75 -25.15
N VAL C 482 27.18 -23.55 -23.98
CA VAL C 482 28.18 -24.48 -23.48
C VAL C 482 27.54 -25.80 -23.02
N LEU C 483 26.30 -25.75 -22.49
CA LEU C 483 25.58 -26.95 -22.08
C LEU C 483 25.21 -27.81 -23.29
N VAL C 484 24.85 -27.18 -24.42
CA VAL C 484 24.53 -27.92 -25.63
C VAL C 484 25.78 -28.52 -26.23
N ALA C 485 26.89 -27.75 -26.25
CA ALA C 485 28.18 -28.24 -26.78
C ALA C 485 28.80 -29.35 -25.91
N LEU C 486 28.39 -29.44 -24.64
CA LEU C 486 28.90 -30.49 -23.75
C LEU C 486 27.96 -31.69 -23.66
N ILE C 487 26.65 -31.49 -23.94
CA ILE C 487 25.68 -32.57 -23.84
C ILE C 487 25.18 -33.07 -25.21
N LEU C 488 24.54 -32.21 -26.01
CA LEU C 488 23.95 -32.61 -27.28
C LEU C 488 24.96 -32.75 -28.43
N THR C 489 25.86 -31.79 -28.59
CA THR C 489 26.84 -31.81 -29.68
C THR C 489 27.76 -33.07 -29.65
N PRO C 490 28.32 -33.50 -28.49
CA PRO C 490 29.15 -34.72 -28.50
C PRO C 490 28.33 -35.98 -28.84
N ALA C 491 27.05 -36.00 -28.46
CA ALA C 491 26.17 -37.12 -28.77
C ALA C 491 25.90 -37.20 -30.26
N LEU C 492 25.70 -36.05 -30.92
CA LEU C 492 25.44 -36.03 -32.36
C LEU C 492 26.72 -36.27 -33.16
N CYS C 493 27.88 -35.83 -32.65
CA CYS C 493 29.15 -36.06 -33.33
C CYS C 493 29.55 -37.55 -33.32
N ALA C 494 29.13 -38.28 -32.28
CA ALA C 494 29.45 -39.71 -32.18
C ALA C 494 28.39 -40.61 -32.87
N THR C 495 27.26 -40.03 -33.32
CA THR C 495 26.20 -40.83 -33.94
C THR C 495 25.86 -40.44 -35.39
N MET C 496 25.50 -39.15 -35.63
CA MET C 496 25.08 -38.73 -36.97
C MET C 496 26.20 -38.15 -37.85
N LEU C 497 27.44 -38.10 -37.34
CA LEU C 497 28.56 -37.57 -38.12
C LEU C 497 29.22 -38.68 -38.94
N LYS C 498 29.49 -38.42 -40.23
CA LYS C 498 30.11 -39.40 -41.11
C LYS C 498 31.63 -39.47 -40.91
N PRO C 499 32.23 -40.66 -41.06
CA PRO C 499 33.67 -40.79 -40.83
C PRO C 499 34.53 -40.15 -41.91
N ILE C 500 35.71 -39.64 -41.53
CA ILE C 500 36.65 -39.03 -42.47
C ILE C 500 37.94 -39.84 -42.49
N ALA C 501 38.43 -40.21 -43.69
CA ALA C 501 39.66 -40.99 -43.82
C ALA C 501 40.90 -40.18 -43.41
N LYS C 502 41.96 -40.86 -42.95
CA LYS C 502 43.19 -40.19 -42.53
C LYS C 502 43.88 -39.52 -43.71
N GLY C 503 44.09 -38.22 -43.58
CA GLY C 503 44.73 -37.43 -44.64
C GLY C 503 43.75 -36.68 -45.52
N ASP C 504 42.47 -37.09 -45.52
CA ASP C 504 41.44 -36.46 -46.35
C ASP C 504 41.03 -35.09 -45.79
N HIS C 505 41.53 -34.01 -46.42
CA HIS C 505 41.16 -32.66 -46.01
C HIS C 505 40.08 -32.02 -46.91
N GLY C 506 39.42 -32.83 -47.74
CA GLY C 506 38.37 -32.36 -48.64
C GLY C 506 38.87 -31.64 -49.88
N GLU C 507 40.18 -31.69 -50.14
CA GLU C 507 40.77 -31.01 -51.29
C GLU C 507 40.37 -31.63 -52.64
N GLY C 508 40.03 -32.91 -52.63
CA GLY C 508 39.64 -33.62 -53.85
C GLY C 508 38.14 -33.71 -54.04
N LYS C 509 37.40 -32.69 -53.60
CA LYS C 509 35.94 -32.68 -53.75
C LYS C 509 35.53 -32.15 -55.13
N LYS C 510 34.40 -32.65 -55.65
CA LYS C 510 33.91 -32.25 -56.95
C LYS C 510 33.07 -30.97 -56.86
N GLY C 511 33.55 -29.90 -57.47
CA GLY C 511 32.82 -28.64 -57.51
C GLY C 511 33.48 -27.50 -56.76
N PHE C 512 32.65 -26.52 -56.33
CA PHE C 512 33.08 -25.32 -55.62
C PHE C 512 33.69 -25.66 -54.26
N PHE C 513 33.17 -26.69 -53.59
CA PHE C 513 33.67 -27.09 -52.28
C PHE C 513 35.11 -27.62 -52.34
N GLY C 514 35.47 -28.26 -53.45
CA GLY C 514 36.82 -28.76 -53.65
C GLY C 514 37.80 -27.62 -53.83
N TRP C 515 37.38 -26.58 -54.56
CA TRP C 515 38.19 -25.39 -54.80
C TRP C 515 38.39 -24.60 -53.51
N PHE C 516 37.34 -24.53 -52.68
CA PHE C 516 37.38 -23.79 -51.42
C PHE C 516 38.32 -24.45 -50.42
N ASN C 517 38.37 -25.80 -50.41
CA ASN C 517 39.25 -26.52 -49.49
C ASN C 517 40.71 -26.39 -49.89
N ARG C 518 40.99 -26.39 -51.21
CA ARG C 518 42.36 -26.22 -51.69
C ARG C 518 42.84 -24.80 -51.41
N MET C 519 41.94 -23.80 -51.56
CA MET C 519 42.26 -22.41 -51.28
C MET C 519 42.45 -22.18 -49.79
N PHE C 520 41.61 -22.81 -48.96
CA PHE C 520 41.71 -22.65 -47.51
C PHE C 520 42.95 -23.33 -46.96
N GLU C 521 43.33 -24.49 -47.51
CA GLU C 521 44.55 -25.19 -47.08
C GLU C 521 45.79 -24.42 -47.52
N LYS C 522 45.74 -23.79 -48.71
CA LYS C 522 46.84 -22.98 -49.22
C LYS C 522 46.99 -21.72 -48.36
N SER C 523 45.86 -21.08 -47.99
CA SER C 523 45.84 -19.89 -47.14
C SER C 523 46.25 -20.20 -45.71
N THR C 524 45.95 -21.43 -45.23
CA THR C 524 46.36 -21.86 -43.89
C THR C 524 47.88 -22.02 -43.85
N HIS C 525 48.48 -22.55 -44.92
CA HIS C 525 49.93 -22.69 -45.00
C HIS C 525 50.60 -21.33 -45.06
N HIS C 526 49.99 -20.37 -45.77
CA HIS C 526 50.51 -19.00 -45.84
C HIS C 526 50.44 -18.33 -44.47
N TYR C 527 49.33 -18.55 -43.75
CA TYR C 527 49.11 -17.99 -42.43
C TYR C 527 50.12 -18.51 -41.40
N THR C 528 50.34 -19.83 -41.35
CA THR C 528 51.28 -20.42 -40.40
C THR C 528 52.70 -19.92 -40.64
N ASP C 529 53.12 -19.87 -41.91
CA ASP C 529 54.44 -19.38 -42.27
C ASP C 529 54.57 -17.88 -41.99
N SER C 530 53.47 -17.12 -42.14
CA SER C 530 53.43 -15.69 -41.87
C SER C 530 53.61 -15.45 -40.37
N VAL C 531 52.94 -16.25 -39.53
CA VAL C 531 53.04 -16.12 -38.07
C VAL C 531 54.46 -16.44 -37.58
N GLY C 532 55.13 -17.38 -38.24
CA GLY C 532 56.50 -17.75 -37.91
C GLY C 532 57.46 -16.60 -38.05
N GLY C 533 57.30 -15.82 -39.11
CA GLY C 533 58.12 -14.64 -39.37
C GLY C 533 57.78 -13.48 -38.43
N ILE C 534 56.51 -13.38 -38.04
CA ILE C 534 56.05 -12.37 -37.10
C ILE C 534 56.62 -12.62 -35.71
N LEU C 535 56.70 -13.89 -35.29
CA LEU C 535 57.25 -14.26 -33.99
C LEU C 535 58.78 -14.06 -33.91
N ARG C 536 59.47 -14.03 -35.07
CA ARG C 536 60.91 -13.81 -35.09
C ARG C 536 61.26 -12.35 -34.80
N SER C 537 60.42 -11.41 -35.26
CA SER C 537 60.64 -9.99 -34.98
C SER C 537 59.42 -9.41 -34.28
N THR C 538 59.26 -9.70 -32.99
CA THR C 538 58.13 -9.23 -32.21
C THR C 538 58.20 -7.74 -31.84
N GLY C 539 59.42 -7.18 -31.81
CA GLY C 539 59.63 -5.78 -31.49
C GLY C 539 58.93 -4.82 -32.43
N ARG C 540 58.85 -5.19 -33.71
CA ARG C 540 58.18 -4.38 -34.71
C ARG C 540 56.67 -4.33 -34.44
N TYR C 541 56.09 -5.48 -34.08
CA TYR C 541 54.66 -5.56 -33.82
C TYR C 541 54.25 -4.96 -32.48
N LEU C 542 55.19 -4.80 -31.54
CA LEU C 542 54.88 -4.13 -30.27
C LEU C 542 54.73 -2.61 -30.49
N VAL C 543 55.53 -2.04 -31.42
CA VAL C 543 55.43 -0.63 -31.81
C VAL C 543 54.17 -0.44 -32.67
N LEU C 544 53.89 -1.39 -33.58
CA LEU C 544 52.71 -1.39 -34.43
C LEU C 544 51.42 -1.47 -33.57
N TYR C 545 51.48 -2.20 -32.44
CA TYR C 545 50.35 -2.35 -31.53
C TYR C 545 50.08 -1.03 -30.79
N LEU C 546 51.14 -0.31 -30.41
CA LEU C 546 50.99 0.99 -29.74
C LEU C 546 50.32 2.01 -30.66
N ILE C 547 50.60 1.95 -31.98
CA ILE C 547 49.98 2.83 -32.95
C ILE C 547 48.48 2.57 -33.04
N ILE C 548 48.07 1.30 -32.96
CA ILE C 548 46.65 0.92 -32.98
C ILE C 548 45.95 1.42 -31.72
N VAL C 549 46.62 1.35 -30.56
CA VAL C 549 46.07 1.83 -29.28
C VAL C 549 45.93 3.36 -29.30
N VAL C 550 46.92 4.05 -29.88
CA VAL C 550 46.89 5.51 -30.01
C VAL C 550 45.74 5.92 -30.95
N GLY C 551 45.59 5.21 -32.05
CA GLY C 551 44.52 5.44 -33.02
C GLY C 551 43.15 5.16 -32.44
N MET C 552 43.07 4.19 -31.52
CA MET C 552 41.83 3.84 -30.83
C MET C 552 41.43 4.96 -29.88
N ALA C 553 42.41 5.52 -29.16
CA ALA C 553 42.15 6.63 -28.24
C ALA C 553 41.72 7.88 -29.00
N TYR C 554 42.30 8.11 -30.18
CA TYR C 554 41.96 9.26 -31.00
C TYR C 554 40.57 9.09 -31.60
N LEU C 555 40.24 7.88 -32.08
CA LEU C 555 38.93 7.62 -32.67
C LEU C 555 37.80 7.63 -31.64
N PHE C 556 38.12 7.40 -30.36
CA PHE C 556 37.12 7.42 -29.30
C PHE C 556 36.76 8.86 -28.95
N VAL C 557 37.77 9.74 -28.84
CA VAL C 557 37.52 11.15 -28.50
C VAL C 557 36.95 11.94 -29.68
N ARG C 558 37.28 11.54 -30.93
CA ARG C 558 36.77 12.20 -32.13
C ARG C 558 35.30 11.84 -32.35
N LEU C 559 34.91 10.59 -32.06
CA LEU C 559 33.54 10.12 -32.23
C LEU C 559 32.57 10.87 -31.31
N PRO C 560 31.57 11.56 -31.90
CA PRO C 560 30.60 12.29 -31.08
C PRO C 560 29.66 11.35 -30.32
N SER C 561 29.00 11.87 -29.28
CA SER C 561 28.11 11.06 -28.45
C SER C 561 26.62 11.39 -28.64
N SER C 562 25.75 10.46 -28.25
CA SER C 562 24.29 10.62 -28.31
C SER C 562 23.59 9.58 -27.39
N PHE C 563 22.25 9.65 -27.25
CA PHE C 563 21.54 8.70 -26.40
C PHE C 563 20.97 7.51 -27.20
N LEU C 564 19.93 7.75 -28.02
CA LEU C 564 19.32 6.69 -28.82
C LEU C 564 18.94 7.23 -30.19
N PRO C 565 19.09 6.41 -31.25
CA PRO C 565 18.77 6.89 -32.61
C PRO C 565 17.30 7.21 -32.81
N ASP C 566 17.03 8.32 -33.51
CA ASP C 566 15.67 8.73 -33.84
C ASP C 566 15.10 7.80 -34.90
N GLU C 567 13.79 7.56 -34.85
CA GLU C 567 13.16 6.65 -35.79
C GLU C 567 12.05 7.26 -36.60
N ASP C 568 11.77 6.69 -37.77
CA ASP C 568 10.63 7.09 -38.57
C ASP C 568 9.47 6.33 -37.98
N GLN C 569 8.78 6.92 -37.00
CA GLN C 569 7.69 6.23 -36.33
C GLN C 569 6.32 6.37 -37.01
N GLY C 570 6.31 6.82 -38.26
CA GLY C 570 5.09 6.98 -39.05
C GLY C 570 4.26 8.20 -38.68
N VAL C 571 4.55 8.82 -37.53
CA VAL C 571 3.83 10.00 -37.05
C VAL C 571 4.79 11.07 -36.54
N PHE C 572 4.40 12.34 -36.67
CA PHE C 572 5.17 13.46 -36.13
C PHE C 572 4.26 14.63 -35.73
N MET C 573 4.78 15.56 -34.92
CA MET C 573 3.97 16.69 -34.45
C MET C 573 4.53 18.06 -34.87
N THR C 574 3.69 19.10 -34.79
CA THR C 574 4.07 20.47 -35.13
C THR C 574 3.51 21.44 -34.08
N MET C 575 4.39 22.21 -33.42
CA MET C 575 3.95 23.18 -32.42
C MET C 575 3.74 24.55 -33.04
N VAL C 576 2.67 25.23 -32.63
CA VAL C 576 2.34 26.56 -33.13
C VAL C 576 2.18 27.51 -31.95
N GLN C 577 2.97 28.58 -31.91
CA GLN C 577 2.87 29.56 -30.83
C GLN C 577 2.85 30.98 -31.33
N LEU C 578 1.79 31.71 -31.01
CA LEU C 578 1.61 33.07 -31.45
C LEU C 578 2.00 34.09 -30.35
N PRO C 579 2.24 35.38 -30.71
CA PRO C 579 2.66 36.35 -29.69
C PRO C 579 1.63 36.59 -28.57
N ALA C 580 1.99 37.45 -27.60
CA ALA C 580 1.15 37.76 -26.45
C ALA C 580 -0.20 38.36 -26.86
N GLY C 581 -1.26 37.86 -26.27
CA GLY C 581 -2.61 38.36 -26.50
C GLY C 581 -3.22 37.97 -27.83
N ALA C 582 -2.64 36.98 -28.52
CA ALA C 582 -3.17 36.54 -29.81
C ALA C 582 -4.48 35.78 -29.61
N THR C 583 -5.43 36.01 -30.51
CA THR C 583 -6.75 35.39 -30.41
C THR C 583 -6.80 33.99 -31.05
N GLN C 584 -7.86 33.22 -30.74
CA GLN C 584 -8.10 31.89 -31.30
C GLN C 584 -8.21 31.95 -32.83
N GLU C 585 -8.83 33.02 -33.35
CA GLU C 585 -9.01 33.25 -34.78
C GLU C 585 -7.64 33.40 -35.47
N ARG C 586 -6.71 34.11 -34.82
CA ARG C 586 -5.36 34.32 -35.36
C ARG C 586 -4.55 33.05 -35.36
N THR C 587 -4.75 32.18 -34.36
CA THR C 587 -4.06 30.89 -34.28
C THR C 587 -4.55 29.96 -35.38
N GLN C 588 -5.87 29.99 -35.67
CA GLN C 588 -6.47 29.18 -36.72
C GLN C 588 -5.86 29.51 -38.08
N LYS C 589 -5.49 30.79 -38.31
CA LYS C 589 -4.87 31.23 -39.56
C LYS C 589 -3.52 30.55 -39.75
N VAL C 590 -2.71 30.49 -38.67
CA VAL C 590 -1.40 29.86 -38.71
C VAL C 590 -1.54 28.35 -38.84
N LEU C 591 -2.51 27.76 -38.12
CA LEU C 591 -2.80 26.32 -38.18
C LEU C 591 -3.27 25.90 -39.58
N ASN C 592 -3.96 26.81 -40.29
CA ASN C 592 -4.40 26.55 -41.65
C ASN C 592 -3.22 26.49 -42.60
N GLU C 593 -2.21 27.36 -42.41
CA GLU C 593 -1.00 27.35 -43.23
C GLU C 593 -0.19 26.08 -42.97
N VAL C 594 -0.16 25.61 -41.72
CA VAL C 594 0.54 24.39 -41.33
C VAL C 594 -0.12 23.20 -42.00
N THR C 595 -1.46 23.10 -41.88
CA THR C 595 -2.25 22.02 -42.47
C THR C 595 -2.16 22.05 -44.00
N HIS C 596 -2.17 23.25 -44.58
CA HIS C 596 -2.08 23.41 -46.02
C HIS C 596 -0.76 22.89 -46.56
N TYR C 597 0.34 23.11 -45.82
CA TYR C 597 1.65 22.64 -46.24
C TYR C 597 1.68 21.11 -46.32
N TYR C 598 1.12 20.43 -45.33
CA TYR C 598 1.11 18.97 -45.31
C TYR C 598 0.12 18.38 -46.30
N LEU C 599 -0.98 19.10 -46.60
CA LEU C 599 -1.97 18.58 -47.53
C LEU C 599 -1.67 18.93 -48.99
N THR C 600 -0.79 19.92 -49.25
CA THR C 600 -0.46 20.30 -50.62
C THR C 600 1.00 19.99 -50.97
N LYS C 601 1.98 20.56 -50.24
CA LYS C 601 3.39 20.34 -50.53
C LYS C 601 3.81 18.89 -50.24
N GLU C 602 3.41 18.35 -49.09
CA GLU C 602 3.76 16.99 -48.72
C GLU C 602 2.55 16.05 -48.83
N LYS C 603 1.77 16.17 -49.92
CA LYS C 603 0.58 15.32 -50.10
C LYS C 603 0.92 13.85 -50.38
N ASN C 604 2.09 13.58 -50.97
CA ASN C 604 2.49 12.20 -51.24
C ASN C 604 3.13 11.48 -50.03
N ASN C 605 3.31 12.19 -48.91
CA ASN C 605 3.89 11.59 -47.71
C ASN C 605 2.92 11.66 -46.54
N VAL C 606 2.19 12.79 -46.42
CA VAL C 606 1.24 13.00 -45.33
C VAL C 606 -0.12 12.35 -45.63
N GLU C 607 -0.55 11.42 -44.77
CA GLU C 607 -1.83 10.75 -44.92
C GLU C 607 -2.96 11.56 -44.27
N SER C 608 -2.77 12.02 -43.01
CA SER C 608 -3.79 12.79 -42.31
C SER C 608 -3.22 13.80 -41.31
N VAL C 609 -3.90 14.96 -41.16
CA VAL C 609 -3.48 16.01 -40.24
C VAL C 609 -4.58 16.31 -39.21
N PHE C 610 -4.27 16.15 -37.92
CA PHE C 610 -5.23 16.45 -36.86
C PHE C 610 -4.81 17.73 -36.14
N ALA C 611 -5.25 18.88 -36.62
CA ALA C 611 -4.88 20.15 -36.01
C ALA C 611 -5.78 20.49 -34.83
N VAL C 612 -5.18 20.86 -33.70
CA VAL C 612 -5.92 21.20 -32.49
C VAL C 612 -5.63 22.64 -32.08
N ASN C 613 -6.65 23.49 -32.07
CA ASN C 613 -6.53 24.90 -31.68
C ASN C 613 -6.85 25.05 -30.20
N GLY C 614 -5.87 25.49 -29.42
CA GLY C 614 -6.05 25.66 -27.98
C GLY C 614 -5.33 24.62 -27.13
N PHE C 615 -4.57 23.72 -27.77
CA PHE C 615 -3.80 22.67 -27.12
C PHE C 615 -2.45 22.54 -27.84
N PRO C 616 -1.30 22.39 -27.14
CA PRO C 616 -1.13 22.28 -25.67
C PRO C 616 -1.30 23.62 -24.94
N PHE C 617 -1.05 23.64 -23.62
CA PHE C 617 -1.24 24.82 -22.79
C PHE C 617 -2.73 25.18 -22.78
N ALA C 618 -3.59 24.16 -22.58
CA ALA C 618 -5.05 24.30 -22.56
C ALA C 618 -5.51 25.19 -21.40
N GLY C 619 -6.62 25.89 -21.61
CA GLY C 619 -7.15 26.81 -20.62
C GLY C 619 -6.63 28.20 -20.87
N ARG C 620 -7.51 29.11 -21.34
CA ARG C 620 -7.16 30.50 -21.73
C ARG C 620 -6.06 30.58 -22.83
N GLY C 621 -5.69 29.45 -23.40
CA GLY C 621 -4.65 29.36 -24.42
C GLY C 621 -5.17 29.59 -25.81
N GLN C 622 -5.17 30.85 -26.24
CA GLN C 622 -5.62 31.20 -27.59
C GLN C 622 -4.42 31.35 -28.55
N ASN C 623 -3.23 31.67 -28.03
CA ASN C 623 -2.01 31.85 -28.82
C ASN C 623 -1.20 30.55 -28.92
N THR C 624 -1.87 29.39 -28.92
CA THR C 624 -1.19 28.10 -28.96
C THR C 624 -1.98 27.04 -29.74
N GLY C 625 -1.26 26.19 -30.46
CA GLY C 625 -1.87 25.12 -31.25
C GLY C 625 -0.90 23.98 -31.54
N ILE C 626 -1.42 22.81 -31.88
CA ILE C 626 -0.59 21.65 -32.20
C ILE C 626 -1.17 20.88 -33.39
N ALA C 627 -0.32 20.16 -34.14
CA ALA C 627 -0.78 19.40 -35.30
C ALA C 627 -0.26 17.97 -35.28
N PHE C 628 -1.16 16.99 -35.14
CA PHE C 628 -0.77 15.58 -35.14
C PHE C 628 -0.76 15.05 -36.59
N VAL C 629 0.43 14.88 -37.15
CA VAL C 629 0.59 14.44 -38.53
C VAL C 629 0.89 12.96 -38.65
N SER C 630 0.02 12.22 -39.34
CA SER C 630 0.24 10.81 -39.60
C SER C 630 0.62 10.63 -41.06
N LEU C 631 1.73 9.94 -41.31
CA LEU C 631 2.22 9.73 -42.67
C LEU C 631 1.67 8.43 -43.28
N LYS C 632 1.85 8.27 -44.61
CA LYS C 632 1.46 7.05 -45.32
C LYS C 632 2.43 5.90 -44.92
N ASP C 633 2.14 4.65 -45.35
CA ASP C 633 2.98 3.51 -44.99
C ASP C 633 4.43 3.68 -45.45
N TRP C 634 5.38 3.12 -44.67
CA TRP C 634 6.82 3.18 -44.95
C TRP C 634 7.16 2.66 -46.35
N ALA C 635 6.37 1.71 -46.87
CA ALA C 635 6.58 1.16 -48.21
C ALA C 635 6.26 2.19 -49.29
N ASP C 636 5.22 3.02 -49.07
CA ASP C 636 4.82 4.06 -50.00
C ASP C 636 5.71 5.33 -49.92
N ARG C 637 6.66 5.37 -48.97
CA ARG C 637 7.57 6.50 -48.82
C ARG C 637 9.04 6.04 -48.94
N PRO C 638 9.53 5.74 -50.15
CA PRO C 638 10.91 5.29 -50.28
C PRO C 638 11.91 6.43 -50.41
N GLY C 639 13.13 6.20 -49.98
CA GLY C 639 14.18 7.20 -50.03
C GLY C 639 14.27 8.01 -48.76
N GLU C 640 15.50 8.47 -48.42
CA GLU C 640 15.79 9.26 -47.24
C GLU C 640 14.99 10.58 -47.21
N GLU C 641 14.74 11.16 -48.40
CA GLU C 641 14.01 12.42 -48.53
C GLU C 641 12.52 12.30 -48.14
N ASN C 642 11.96 11.09 -48.18
CA ASN C 642 10.55 10.89 -47.84
C ASN C 642 10.35 10.37 -46.41
N LYS C 643 11.33 10.58 -45.53
CA LYS C 643 11.24 10.12 -44.15
C LYS C 643 11.02 11.28 -43.17
N VAL C 644 10.52 10.98 -41.95
CA VAL C 644 10.21 12.01 -40.94
C VAL C 644 11.31 13.05 -40.74
N GLU C 645 12.59 12.63 -40.65
CA GLU C 645 13.70 13.58 -40.45
C GLU C 645 13.76 14.63 -41.56
N ALA C 646 13.68 14.21 -42.83
CA ALA C 646 13.74 15.12 -43.96
C ALA C 646 12.45 15.92 -44.12
N ILE C 647 11.30 15.29 -43.89
CA ILE C 647 9.99 15.94 -43.99
C ILE C 647 9.87 17.09 -42.99
N THR C 648 10.19 16.83 -41.71
CA THR C 648 10.14 17.83 -40.63
C THR C 648 11.16 18.93 -40.85
N MET C 649 12.31 18.61 -41.45
CA MET C 649 13.35 19.59 -41.71
C MET C 649 12.87 20.59 -42.76
N ARG C 650 12.23 20.08 -43.83
CA ARG C 650 11.68 20.94 -44.88
C ARG C 650 10.47 21.72 -44.36
N ALA C 651 9.65 21.10 -43.49
CA ALA C 651 8.49 21.75 -42.92
C ALA C 651 8.87 22.96 -42.07
N THR C 652 9.81 22.81 -41.11
CA THR C 652 10.25 23.93 -40.27
C THR C 652 10.90 25.04 -41.11
N ARG C 653 11.59 24.65 -42.18
CA ARG C 653 12.22 25.62 -43.08
C ARG C 653 11.16 26.47 -43.80
N ALA C 654 10.05 25.84 -44.20
CA ALA C 654 8.97 26.53 -44.88
C ALA C 654 8.14 27.36 -43.92
N PHE C 655 7.91 26.87 -42.71
CA PHE C 655 7.13 27.59 -41.69
C PHE C 655 7.83 28.84 -41.18
N SER C 656 9.15 28.97 -41.40
CA SER C 656 9.91 30.16 -40.99
C SER C 656 9.43 31.42 -41.73
N GLN C 657 8.83 31.25 -42.92
CA GLN C 657 8.27 32.36 -43.69
C GLN C 657 7.01 32.96 -43.00
N ILE C 658 6.31 32.16 -42.18
CA ILE C 658 5.14 32.62 -41.45
C ILE C 658 5.57 33.58 -40.35
N LYS C 659 5.38 34.88 -40.58
CA LYS C 659 5.75 35.89 -39.58
C LYS C 659 4.68 35.98 -38.48
N ASP C 660 5.05 36.55 -37.31
CA ASP C 660 4.18 36.69 -36.15
C ASP C 660 3.65 35.34 -35.66
N ALA C 661 4.50 34.30 -35.76
CA ALA C 661 4.17 32.94 -35.33
C ALA C 661 5.45 32.09 -35.26
N MET C 662 5.60 31.32 -34.18
CA MET C 662 6.75 30.43 -34.02
C MET C 662 6.30 29.00 -34.27
N VAL C 663 6.50 28.51 -35.50
CA VAL C 663 6.06 27.17 -35.86
C VAL C 663 7.24 26.22 -36.00
N PHE C 664 7.17 25.05 -35.35
CA PHE C 664 8.25 24.07 -35.40
C PHE C 664 7.73 22.65 -35.62
N ALA C 665 8.23 21.97 -36.65
CA ALA C 665 7.85 20.57 -36.90
C ALA C 665 8.95 19.68 -36.33
N PHE C 666 8.58 18.66 -35.53
CA PHE C 666 9.60 17.82 -34.90
C PHE C 666 9.26 16.32 -34.86
N ASN C 667 10.31 15.49 -34.76
CA ASN C 667 10.18 14.03 -34.63
C ASN C 667 9.97 13.66 -33.13
N LEU C 668 9.63 12.41 -32.87
CA LEU C 668 9.41 11.95 -31.50
C LEU C 668 10.67 11.27 -30.97
N PRO C 669 11.02 11.49 -29.69
CA PRO C 669 12.23 10.84 -29.15
C PRO C 669 12.04 9.34 -28.86
N ALA C 670 13.12 8.65 -28.42
CA ALA C 670 13.06 7.22 -28.12
C ALA C 670 12.14 6.92 -26.93
N ILE C 671 12.26 7.68 -25.83
CA ILE C 671 11.37 7.50 -24.68
C ILE C 671 10.37 8.65 -24.60
N VAL C 672 9.22 8.47 -25.23
CA VAL C 672 8.18 9.48 -25.29
C VAL C 672 7.59 9.82 -23.90
N GLU C 673 7.71 8.91 -22.92
CA GLU C 673 7.20 9.15 -21.59
C GLU C 673 7.97 10.26 -20.83
N LEU C 674 9.20 10.60 -21.28
CA LEU C 674 9.99 11.65 -20.62
C LEU C 674 9.88 12.98 -21.36
N GLY C 675 9.93 12.93 -22.68
CA GLY C 675 9.87 14.12 -23.51
C GLY C 675 8.93 14.01 -24.70
N THR C 676 8.37 15.14 -25.13
CA THR C 676 7.45 15.17 -26.28
C THR C 676 8.18 15.39 -27.61
N ALA C 677 9.32 16.09 -27.57
CA ALA C 677 10.06 16.40 -28.78
C ALA C 677 11.49 15.84 -28.77
N THR C 678 12.05 15.63 -29.97
CA THR C 678 13.41 15.12 -30.10
C THR C 678 14.47 16.22 -29.86
N GLY C 679 15.73 15.81 -29.68
CA GLY C 679 16.82 16.74 -29.48
C GLY C 679 17.24 16.87 -28.03
N PHE C 680 17.48 18.10 -27.58
CA PHE C 680 17.88 18.33 -26.20
C PHE C 680 16.83 19.04 -25.35
N ASP C 681 16.81 18.75 -24.05
CA ASP C 681 15.87 19.34 -23.12
C ASP C 681 16.65 20.12 -22.06
N PHE C 682 16.81 21.42 -22.29
CA PHE C 682 17.59 22.31 -21.43
C PHE C 682 16.69 23.05 -20.45
N GLU C 683 17.21 23.31 -19.24
CA GLU C 683 16.46 24.08 -18.24
C GLU C 683 17.33 25.21 -17.72
N LEU C 684 16.88 26.46 -17.91
CA LEU C 684 17.64 27.61 -17.44
C LEU C 684 17.16 28.00 -16.05
N ILE C 685 17.96 27.73 -15.02
CA ILE C 685 17.56 27.98 -13.64
C ILE C 685 18.02 29.34 -13.09
N ASP C 686 17.16 29.97 -12.26
CA ASP C 686 17.47 31.24 -11.59
C ASP C 686 17.98 30.89 -10.19
N GLN C 687 19.30 30.87 -10.00
CA GLN C 687 19.89 30.45 -8.73
C GLN C 687 20.37 31.60 -7.83
N ALA C 688 19.84 32.83 -8.01
CA ALA C 688 20.27 33.95 -7.18
C ALA C 688 19.16 34.90 -6.77
N GLY C 689 17.91 34.52 -6.97
CA GLY C 689 16.77 35.36 -6.64
C GLY C 689 16.74 36.64 -7.46
N LEU C 690 17.11 36.54 -8.74
CA LEU C 690 17.16 37.67 -9.65
C LEU C 690 15.77 38.16 -10.01
N GLY C 691 14.85 37.23 -10.24
CA GLY C 691 13.48 37.55 -10.61
C GLY C 691 13.08 37.01 -11.97
N HIS C 692 11.83 37.28 -12.39
CA HIS C 692 11.34 36.81 -13.69
C HIS C 692 11.88 37.65 -14.84
N GLU C 693 11.88 38.99 -14.67
CA GLU C 693 12.34 39.89 -15.72
C GLU C 693 13.83 39.71 -16.02
N LYS C 694 14.63 39.39 -14.99
CA LYS C 694 16.05 39.16 -15.19
C LYS C 694 16.33 37.79 -15.82
N LEU C 695 15.48 36.79 -15.50
CA LEU C 695 15.61 35.45 -16.08
C LEU C 695 15.21 35.47 -17.56
N THR C 696 14.22 36.31 -17.93
CA THR C 696 13.79 36.46 -19.32
C THR C 696 14.93 37.05 -20.16
N GLN C 697 15.65 38.03 -19.58
CA GLN C 697 16.79 38.68 -20.25
C GLN C 697 17.92 37.69 -20.48
N ALA C 698 18.18 36.81 -19.49
CA ALA C 698 19.22 35.80 -19.59
C ALA C 698 18.84 34.72 -20.61
N ARG C 699 17.55 34.37 -20.67
CA ARG C 699 17.06 33.37 -21.62
C ARG C 699 17.16 33.93 -23.04
N ASN C 700 16.79 35.21 -23.23
CA ASN C 700 16.85 35.87 -24.53
C ASN C 700 18.29 36.04 -25.03
N GLN C 701 19.24 36.21 -24.10
CA GLN C 701 20.65 36.32 -24.43
C GLN C 701 21.17 34.97 -24.93
N LEU C 702 20.75 33.87 -24.28
CA LEU C 702 21.15 32.52 -24.66
C LEU C 702 20.54 32.14 -26.01
N LEU C 703 19.27 32.48 -26.22
CA LEU C 703 18.58 32.18 -27.48
C LEU C 703 19.22 32.92 -28.66
N ALA C 704 19.68 34.16 -28.42
CA ALA C 704 20.31 34.96 -29.46
C ALA C 704 21.72 34.42 -29.79
N GLU C 705 22.44 33.94 -28.76
CA GLU C 705 23.76 33.35 -28.95
C GLU C 705 23.66 32.00 -29.67
N ALA C 706 22.61 31.22 -29.37
CA ALA C 706 22.39 29.92 -30.03
C ALA C 706 22.07 30.09 -31.52
N ALA C 707 21.43 31.22 -31.89
CA ALA C 707 21.12 31.53 -33.28
C ALA C 707 22.41 31.81 -34.09
N LYS C 708 23.43 32.39 -33.44
CA LYS C 708 24.73 32.66 -34.07
C LYS C 708 25.48 31.37 -34.46
N HIS C 709 24.98 30.19 -34.05
CA HIS C 709 25.58 28.91 -34.41
C HIS C 709 24.53 28.02 -35.10
N PRO C 710 24.14 28.34 -36.36
CA PRO C 710 23.16 27.50 -37.05
C PRO C 710 23.75 26.16 -37.52
N ASP C 711 25.09 26.06 -37.61
CA ASP C 711 25.79 24.84 -38.02
C ASP C 711 25.75 23.75 -36.93
N MET C 712 25.41 24.10 -35.69
CA MET C 712 25.37 23.15 -34.59
C MET C 712 23.98 23.07 -33.95
N LEU C 713 23.32 24.23 -33.76
CA LEU C 713 22.00 24.26 -33.13
C LEU C 713 20.90 24.70 -34.08
N THR C 714 19.82 23.91 -34.16
CA THR C 714 18.64 24.25 -34.96
C THR C 714 17.36 24.06 -34.14
N SER C 715 16.28 24.77 -34.52
CA SER C 715 14.98 24.69 -33.85
C SER C 715 15.04 24.98 -32.34
N VAL C 716 15.91 25.92 -31.92
CA VAL C 716 15.99 26.27 -30.50
C VAL C 716 14.79 27.15 -30.13
N ARG C 717 14.00 26.70 -29.16
CA ARG C 717 12.77 27.39 -28.79
C ARG C 717 12.48 27.28 -27.30
N PRO C 718 11.91 28.32 -26.67
CA PRO C 718 11.52 28.20 -25.26
C PRO C 718 10.20 27.43 -25.14
N ASN C 719 10.13 26.46 -24.23
CA ASN C 719 8.90 25.68 -24.03
C ASN C 719 8.01 26.36 -23.00
N GLY C 720 7.65 27.60 -23.26
CA GLY C 720 6.81 28.39 -22.36
C GLY C 720 6.11 29.54 -23.05
N LEU C 721 5.36 30.32 -22.28
CA LEU C 721 4.59 31.45 -22.84
C LEU C 721 5.19 32.80 -22.44
N GLU C 722 5.24 33.75 -23.39
CA GLU C 722 5.80 35.09 -23.16
C GLU C 722 4.88 35.96 -22.30
N ASP C 723 5.44 37.02 -21.67
CA ASP C 723 4.66 37.94 -20.83
C ASP C 723 3.51 38.56 -21.60
N THR C 724 2.28 38.42 -21.11
CA THR C 724 1.10 38.95 -21.78
C THR C 724 0.51 40.13 -21.02
N PRO C 725 -0.02 41.13 -21.75
CA PRO C 725 -0.67 42.26 -21.05
C PRO C 725 -1.98 41.81 -20.40
N GLN C 726 -2.36 42.46 -19.29
CA GLN C 726 -3.58 42.10 -18.56
C GLN C 726 -4.38 43.32 -18.13
N PHE C 727 -5.70 43.18 -18.08
CA PHE C 727 -6.60 44.26 -17.72
C PHE C 727 -6.80 44.32 -16.20
N LYS C 728 -6.31 45.38 -15.57
CA LYS C 728 -6.44 45.55 -14.12
C LYS C 728 -7.62 46.46 -13.77
N ILE C 729 -8.56 45.96 -12.96
CA ILE C 729 -9.71 46.75 -12.53
C ILE C 729 -9.59 47.10 -11.04
N ASP C 730 -9.70 48.39 -10.70
CA ASP C 730 -9.60 48.81 -9.31
C ASP C 730 -10.94 49.27 -8.77
N ILE C 731 -11.59 48.41 -7.98
CA ILE C 731 -12.88 48.75 -7.37
C ILE C 731 -12.67 49.67 -6.17
N ASP C 732 -13.24 50.88 -6.22
CA ASP C 732 -13.11 51.83 -5.13
C ASP C 732 -14.05 51.43 -4.00
N GLN C 733 -13.49 51.03 -2.84
CA GLN C 733 -14.28 50.59 -1.69
C GLN C 733 -15.06 51.73 -1.04
N GLU C 734 -14.52 52.96 -1.09
CA GLU C 734 -15.19 54.11 -0.51
C GLU C 734 -16.40 54.52 -1.35
N LYS C 735 -16.26 54.49 -2.69
CA LYS C 735 -17.34 54.86 -3.61
C LYS C 735 -18.46 53.82 -3.59
N ALA C 736 -18.10 52.54 -3.51
CA ALA C 736 -19.10 51.47 -3.49
C ALA C 736 -19.92 51.47 -2.21
N GLN C 737 -19.27 51.69 -1.06
CA GLN C 737 -19.97 51.73 0.23
C GLN C 737 -20.82 52.99 0.38
N ALA C 738 -20.43 54.11 -0.28
CA ALA C 738 -21.21 55.35 -0.22
C ALA C 738 -22.51 55.21 -1.00
N LEU C 739 -22.45 54.52 -2.16
CA LEU C 739 -23.63 54.31 -3.00
C LEU C 739 -24.57 53.19 -2.49
N GLY C 740 -24.08 52.35 -1.59
CA GLY C 740 -24.84 51.23 -1.06
C GLY C 740 -24.69 49.95 -1.85
N VAL C 741 -23.63 49.87 -2.67
CA VAL C 741 -23.38 48.70 -3.50
C VAL C 741 -22.50 47.71 -2.75
N SER C 742 -22.99 46.47 -2.58
CA SER C 742 -22.23 45.44 -1.87
C SER C 742 -21.02 44.99 -2.69
N ILE C 743 -19.86 44.86 -2.03
CA ILE C 743 -18.65 44.41 -2.71
C ILE C 743 -18.78 42.95 -3.19
N ASN C 744 -19.58 42.12 -2.48
CA ASN C 744 -19.83 40.75 -2.88
C ASN C 744 -20.64 40.69 -4.18
N ASP C 745 -21.56 41.65 -4.38
CA ASP C 745 -22.36 41.74 -5.60
C ASP C 745 -21.52 42.27 -6.78
N ILE C 746 -20.53 43.13 -6.51
CA ILE C 746 -19.63 43.65 -7.54
C ILE C 746 -18.74 42.53 -8.05
N ASN C 747 -18.15 41.75 -7.14
CA ASN C 747 -17.28 40.63 -7.49
C ASN C 747 -18.03 39.51 -8.20
N THR C 748 -19.32 39.32 -7.86
CA THR C 748 -20.12 38.29 -8.49
C THR C 748 -20.53 38.72 -9.89
N THR C 749 -20.94 40.00 -10.05
CA THR C 749 -21.33 40.54 -11.34
C THR C 749 -20.17 40.54 -12.34
N LEU C 750 -18.98 40.95 -11.89
CA LEU C 750 -17.81 41.00 -12.75
C LEU C 750 -17.31 39.60 -13.14
N GLY C 751 -17.26 38.69 -12.17
CA GLY C 751 -16.78 37.33 -12.38
C GLY C 751 -17.69 36.45 -13.21
N ALA C 752 -19.02 36.55 -12.98
CA ALA C 752 -19.97 35.71 -13.71
C ALA C 752 -20.10 36.14 -15.15
N ALA C 753 -20.04 37.44 -15.43
CA ALA C 753 -20.21 37.95 -16.79
C ALA C 753 -18.93 37.85 -17.65
N TRP C 754 -17.78 38.27 -17.11
CA TRP C 754 -16.54 38.30 -17.88
C TRP C 754 -15.74 36.99 -17.84
N GLY C 755 -16.05 36.11 -16.91
CA GLY C 755 -15.32 34.85 -16.78
C GLY C 755 -16.17 33.60 -16.85
N GLY C 756 -17.45 33.74 -16.52
CA GLY C 756 -18.37 32.61 -16.51
C GLY C 756 -18.40 31.94 -15.16
N SER C 757 -19.58 31.85 -14.56
CA SER C 757 -19.72 31.24 -13.23
C SER C 757 -20.45 29.91 -13.29
N TYR C 758 -19.93 28.92 -12.56
CA TYR C 758 -20.51 27.58 -12.47
C TYR C 758 -21.59 27.60 -11.38
N VAL C 759 -22.86 27.69 -11.77
CA VAL C 759 -23.95 27.78 -10.80
C VAL C 759 -24.23 26.43 -10.09
N ASN C 760 -24.64 25.40 -10.85
CA ASN C 760 -24.93 24.07 -10.30
C ASN C 760 -25.01 23.00 -11.43
N ASP C 761 -25.59 21.82 -11.16
CA ASP C 761 -25.67 20.75 -12.14
C ASP C 761 -27.09 20.59 -12.72
N PHE C 762 -27.20 19.88 -13.85
CA PHE C 762 -28.48 19.57 -14.48
C PHE C 762 -28.41 18.19 -15.17
N ILE C 763 -29.54 17.62 -15.60
CA ILE C 763 -29.54 16.30 -16.24
C ILE C 763 -29.80 16.37 -17.74
N ASP C 764 -28.76 16.15 -18.55
CA ASP C 764 -28.91 16.18 -20.01
C ASP C 764 -28.96 14.76 -20.57
N ARG C 765 -30.18 14.27 -20.87
CA ARG C 765 -30.41 12.94 -21.43
C ARG C 765 -29.90 11.80 -20.54
N GLY C 766 -30.07 11.94 -19.24
CA GLY C 766 -29.68 10.91 -18.29
C GLY C 766 -28.25 11.02 -17.78
N ARG C 767 -27.62 12.18 -17.94
CA ARG C 767 -26.25 12.39 -17.48
C ARG C 767 -26.08 13.76 -16.88
N VAL C 768 -25.48 13.83 -15.67
CA VAL C 768 -25.28 15.09 -14.99
C VAL C 768 -24.21 15.96 -15.69
N LYS C 769 -24.59 17.20 -16.01
CA LYS C 769 -23.70 18.15 -16.67
C LYS C 769 -23.69 19.52 -15.95
N LYS C 770 -22.71 20.36 -16.25
CA LYS C 770 -22.56 21.65 -15.60
C LYS C 770 -23.53 22.73 -16.12
N VAL C 771 -23.77 23.78 -15.31
CA VAL C 771 -24.63 24.91 -15.69
C VAL C 771 -23.80 26.17 -15.51
N TYR C 772 -23.66 26.97 -16.58
CA TYR C 772 -22.85 28.19 -16.51
C TYR C 772 -23.63 29.45 -16.81
N VAL C 773 -23.32 30.53 -16.10
CA VAL C 773 -23.89 31.84 -16.40
C VAL C 773 -22.75 32.71 -16.87
N MET C 774 -22.87 33.28 -18.06
CA MET C 774 -21.82 34.11 -18.63
C MET C 774 -22.43 35.17 -19.54
N SER C 775 -21.80 36.33 -19.65
CA SER C 775 -22.28 37.39 -20.53
C SER C 775 -22.26 36.93 -21.98
N GLU C 776 -23.22 37.43 -22.79
CA GLU C 776 -23.24 37.12 -24.22
C GLU C 776 -22.01 37.76 -24.86
N ALA C 777 -21.28 37.00 -25.70
CA ALA C 777 -20.02 37.42 -26.34
C ALA C 777 -19.84 38.94 -26.59
N LYS C 778 -20.82 39.60 -27.25
CA LYS C 778 -20.70 41.03 -27.60
C LYS C 778 -20.55 41.99 -26.41
N TYR C 779 -21.02 41.61 -25.22
CA TYR C 779 -20.95 42.48 -24.04
C TYR C 779 -19.73 42.22 -23.15
N ARG C 780 -18.67 41.60 -23.70
CA ARG C 780 -17.46 41.32 -22.93
C ARG C 780 -16.24 41.20 -23.85
N MET C 781 -16.15 42.08 -24.85
CA MET C 781 -15.06 42.06 -25.81
C MET C 781 -14.17 43.28 -25.70
N LEU C 782 -14.76 44.44 -25.42
CA LEU C 782 -14.01 45.70 -25.34
C LEU C 782 -13.83 46.15 -23.90
N PRO C 783 -12.73 46.86 -23.61
CA PRO C 783 -12.53 47.37 -22.23
C PRO C 783 -13.58 48.38 -21.79
N ASP C 784 -14.28 49.02 -22.74
CA ASP C 784 -15.33 50.00 -22.44
C ASP C 784 -16.62 49.30 -21.95
N ASP C 785 -16.81 48.01 -22.30
CA ASP C 785 -17.99 47.23 -21.91
C ASP C 785 -18.09 46.98 -20.40
N ILE C 786 -17.06 47.38 -19.61
CA ILE C 786 -17.07 47.24 -18.16
C ILE C 786 -18.19 48.10 -17.57
N GLY C 787 -18.28 49.34 -18.04
CA GLY C 787 -19.30 50.30 -17.59
C GLY C 787 -20.73 49.94 -17.96
N ASP C 788 -20.90 48.98 -18.88
CA ASP C 788 -22.24 48.53 -19.30
C ASP C 788 -22.93 47.62 -18.25
N TRP C 789 -22.20 47.16 -17.23
CA TRP C 789 -22.75 46.28 -16.22
C TRP C 789 -23.26 47.03 -14.99
N TYR C 790 -24.54 46.85 -14.67
CA TYR C 790 -25.17 47.55 -13.56
C TYR C 790 -25.36 46.64 -12.35
N VAL C 791 -24.99 47.12 -11.17
CA VAL C 791 -25.14 46.39 -9.92
C VAL C 791 -26.18 47.11 -9.06
N ARG C 792 -27.17 46.38 -8.55
CA ARG C 792 -28.23 46.97 -7.74
C ARG C 792 -27.75 47.28 -6.33
N ALA C 793 -27.85 48.55 -5.94
CA ALA C 793 -27.48 49.00 -4.61
C ALA C 793 -28.60 48.66 -3.58
N ALA C 794 -28.32 48.77 -2.27
CA ALA C 794 -29.29 48.47 -1.22
C ALA C 794 -30.59 49.28 -1.36
N ASP C 795 -30.47 50.54 -1.82
CA ASP C 795 -31.66 51.40 -2.01
C ASP C 795 -32.46 51.10 -3.31
N GLY C 796 -32.08 50.06 -4.04
CA GLY C 796 -32.76 49.66 -5.27
C GLY C 796 -32.28 50.35 -6.53
N GLN C 797 -31.32 51.29 -6.40
CA GLN C 797 -30.79 52.01 -7.55
C GLN C 797 -29.78 51.18 -8.32
N MET C 798 -29.86 51.21 -9.66
CA MET C 798 -28.92 50.48 -10.50
C MET C 798 -27.66 51.31 -10.74
N VAL C 799 -26.52 50.86 -10.20
CA VAL C 799 -25.27 51.60 -10.33
C VAL C 799 -24.33 50.94 -11.34
N PRO C 800 -23.92 51.67 -12.39
CA PRO C 800 -22.98 51.07 -13.36
C PRO C 800 -21.57 50.94 -12.80
N PHE C 801 -20.78 49.99 -13.34
CA PHE C 801 -19.40 49.78 -12.91
C PHE C 801 -18.51 51.03 -13.06
N SER C 802 -18.88 51.94 -13.96
CA SER C 802 -18.16 53.18 -14.20
C SER C 802 -18.23 54.16 -13.01
N ALA C 803 -19.24 54.02 -12.15
CA ALA C 803 -19.41 54.90 -10.99
C ALA C 803 -18.56 54.48 -9.77
N PHE C 804 -17.89 53.31 -9.82
CA PHE C 804 -17.10 52.85 -8.69
C PHE C 804 -15.82 52.10 -9.08
N SER C 805 -15.37 52.23 -10.34
CA SER C 805 -14.16 51.51 -10.76
C SER C 805 -13.32 52.23 -11.81
N SER C 806 -12.00 52.02 -11.71
CA SER C 806 -11.03 52.54 -12.67
C SER C 806 -10.29 51.35 -13.33
N SER C 807 -9.60 51.59 -14.47
CA SER C 807 -8.89 50.50 -15.15
C SER C 807 -7.55 50.92 -15.72
N ARG C 808 -6.61 49.98 -15.80
CA ARG C 808 -5.27 50.21 -16.34
C ARG C 808 -4.67 48.92 -16.90
N TRP C 809 -3.67 49.04 -17.78
CA TRP C 809 -3.05 47.88 -18.40
C TRP C 809 -1.75 47.45 -17.71
N GLU C 810 -1.75 46.25 -17.14
CA GLU C 810 -0.58 45.68 -16.47
C GLU C 810 0.14 44.65 -17.37
N TYR C 811 1.26 44.09 -16.90
CA TYR C 811 2.01 43.09 -17.66
C TYR C 811 2.46 41.97 -16.73
N GLY C 812 2.24 40.73 -17.13
CA GLY C 812 2.62 39.58 -16.33
C GLY C 812 2.69 38.29 -17.09
N SER C 813 3.50 37.35 -16.61
CA SER C 813 3.69 36.04 -17.25
C SER C 813 2.47 35.16 -17.07
N PRO C 814 2.00 34.51 -18.15
CA PRO C 814 0.86 33.60 -18.02
C PRO C 814 1.27 32.15 -17.70
N ARG C 815 2.57 31.88 -17.54
CA ARG C 815 3.06 30.55 -17.22
C ARG C 815 4.43 30.64 -16.57
N LEU C 816 4.47 30.54 -15.23
CA LEU C 816 5.72 30.59 -14.49
C LEU C 816 6.24 29.18 -14.26
N GLU C 817 7.41 28.86 -14.80
CA GLU C 817 7.98 27.52 -14.65
C GLU C 817 8.99 27.47 -13.50
N ARG C 818 9.16 26.28 -12.92
CA ARG C 818 10.12 26.05 -11.83
C ARG C 818 10.77 24.68 -12.00
N TYR C 819 12.06 24.59 -11.68
CA TYR C 819 12.79 23.33 -11.77
C TYR C 819 13.60 23.12 -10.50
N ASN C 820 13.29 22.05 -9.77
CA ASN C 820 13.95 21.71 -8.51
C ASN C 820 13.77 22.79 -7.45
N GLY C 821 12.59 23.38 -7.39
CA GLY C 821 12.25 24.39 -6.39
C GLY C 821 12.62 25.81 -6.75
N LEU C 822 13.42 26.00 -7.79
CA LEU C 822 13.85 27.34 -8.20
C LEU C 822 13.16 27.79 -9.48
N PRO C 823 12.91 29.11 -9.67
CA PRO C 823 12.28 29.56 -10.93
C PRO C 823 13.14 29.21 -12.13
N SER C 824 12.54 28.68 -13.20
CA SER C 824 13.31 28.25 -14.36
C SER C 824 12.60 28.49 -15.71
N MET C 825 13.34 28.35 -16.82
CA MET C 825 12.80 28.50 -18.17
C MET C 825 13.31 27.37 -19.05
N GLU C 826 12.42 26.46 -19.45
CA GLU C 826 12.77 25.32 -20.27
C GLU C 826 13.01 25.73 -21.72
N ILE C 827 14.12 25.30 -22.31
CA ILE C 827 14.45 25.59 -23.70
C ILE C 827 14.68 24.29 -24.47
N LEU C 828 13.77 23.94 -25.35
CA LEU C 828 13.92 22.76 -26.21
C LEU C 828 14.76 23.12 -27.43
N GLY C 829 15.37 22.13 -28.06
CA GLY C 829 16.20 22.35 -29.24
C GLY C 829 16.57 21.09 -29.97
N GLN C 830 17.30 21.24 -31.08
CA GLN C 830 17.74 20.11 -31.90
C GLN C 830 19.19 20.31 -32.36
N ALA C 831 19.86 19.22 -32.74
CA ALA C 831 21.21 19.29 -33.26
C ALA C 831 21.13 19.40 -34.78
N ALA C 832 21.81 20.39 -35.37
CA ALA C 832 21.81 20.63 -36.82
C ALA C 832 22.22 19.38 -37.61
N PRO C 833 21.77 19.24 -38.89
CA PRO C 833 22.14 18.05 -39.67
C PRO C 833 23.64 17.80 -39.74
N GLY C 834 24.05 16.57 -39.41
CA GLY C 834 25.45 16.20 -39.38
C GLY C 834 26.02 16.17 -37.98
N LYS C 835 25.50 17.03 -37.09
CA LYS C 835 25.96 17.10 -35.71
C LYS C 835 25.08 16.23 -34.80
N SER C 836 25.66 15.67 -33.74
CA SER C 836 24.92 14.81 -32.80
C SER C 836 24.37 15.62 -31.61
N THR C 837 23.42 15.03 -30.84
CA THR C 837 22.85 15.69 -29.67
C THR C 837 23.89 15.99 -28.60
N GLY C 838 24.92 15.16 -28.49
CA GLY C 838 26.00 15.36 -27.53
C GLY C 838 26.83 16.59 -27.86
N GLU C 839 27.00 16.87 -29.15
CA GLU C 839 27.73 18.05 -29.61
C GLU C 839 26.90 19.31 -29.39
N ALA C 840 25.57 19.22 -29.61
CA ALA C 840 24.64 20.32 -29.40
C ALA C 840 24.56 20.68 -27.91
N MET C 841 24.59 19.65 -27.04
CA MET C 841 24.58 19.83 -25.59
C MET C 841 25.88 20.49 -25.12
N GLU C 842 27.00 20.13 -25.75
CA GLU C 842 28.32 20.67 -25.41
C GLU C 842 28.38 22.16 -25.72
N LEU C 843 27.79 22.58 -26.85
CA LEU C 843 27.76 24.01 -27.22
C LEU C 843 26.81 24.78 -26.31
N MET C 844 25.68 24.17 -25.94
CA MET C 844 24.70 24.79 -25.05
C MET C 844 25.33 25.10 -23.70
N GLU C 845 26.17 24.19 -23.18
CA GLU C 845 26.85 24.38 -21.90
C GLU C 845 27.90 25.49 -22.00
N GLN C 846 28.58 25.61 -23.14
CA GLN C 846 29.57 26.65 -23.37
C GLN C 846 28.90 28.02 -23.44
N LEU C 847 27.75 28.10 -24.12
CA LEU C 847 27.00 29.34 -24.24
C LEU C 847 26.39 29.74 -22.89
N ALA C 848 25.92 28.77 -22.11
CA ALA C 848 25.32 29.03 -20.80
C ALA C 848 26.32 29.55 -19.77
N SER C 849 27.61 29.24 -19.93
CA SER C 849 28.63 29.70 -19.00
C SER C 849 28.92 31.22 -19.13
N LYS C 850 28.57 31.82 -20.27
CA LYS C 850 28.76 33.27 -20.48
C LYS C 850 27.56 34.11 -19.98
N LEU C 851 26.51 33.46 -19.45
CA LEU C 851 25.32 34.16 -18.97
C LEU C 851 25.55 34.92 -17.64
N PRO C 852 24.67 35.90 -17.30
CA PRO C 852 24.88 36.69 -16.07
C PRO C 852 25.12 35.88 -14.79
N THR C 853 25.82 36.50 -13.83
CA THR C 853 26.12 35.89 -12.54
C THR C 853 24.84 35.62 -11.73
N GLY C 854 24.57 34.35 -11.50
CA GLY C 854 23.36 33.92 -10.79
C GLY C 854 22.44 33.06 -11.63
N VAL C 855 22.69 32.97 -12.95
CA VAL C 855 21.88 32.16 -13.85
C VAL C 855 22.56 30.82 -14.12
N GLY C 856 21.98 29.75 -13.58
CA GLY C 856 22.49 28.41 -13.77
C GLY C 856 21.74 27.61 -14.80
N TYR C 857 22.06 26.32 -14.93
CA TYR C 857 21.40 25.46 -15.91
C TYR C 857 21.42 23.98 -15.50
N ASP C 858 20.55 23.17 -16.12
CA ASP C 858 20.51 21.73 -15.87
C ASP C 858 19.84 20.98 -17.01
N TRP C 859 20.27 19.74 -17.26
CA TRP C 859 19.67 18.93 -18.31
C TRP C 859 18.56 18.05 -17.72
N THR C 860 17.37 18.08 -18.33
CA THR C 860 16.23 17.33 -17.84
C THR C 860 15.70 16.32 -18.88
N GLY C 861 14.86 15.39 -18.42
CA GLY C 861 14.23 14.39 -19.28
C GLY C 861 15.18 13.58 -20.13
N MET C 862 15.07 13.74 -21.45
CA MET C 862 15.89 13.01 -22.41
C MET C 862 17.38 13.34 -22.25
N SER C 863 17.71 14.62 -22.05
CA SER C 863 19.10 15.04 -21.88
C SER C 863 19.70 14.66 -20.53
N TYR C 864 18.85 14.37 -19.53
CA TYR C 864 19.31 13.93 -18.22
C TYR C 864 19.83 12.49 -18.36
N GLN C 865 19.08 11.64 -19.10
CA GLN C 865 19.46 10.24 -19.33
C GLN C 865 20.68 10.14 -20.26
N GLU C 866 20.79 11.06 -21.23
CA GLU C 866 21.92 11.09 -22.16
C GLU C 866 23.20 11.45 -21.43
N ARG C 867 23.13 12.43 -20.51
CA ARG C 867 24.26 12.87 -19.72
C ARG C 867 24.70 11.75 -18.77
N LEU C 868 23.72 11.09 -18.13
CA LEU C 868 23.98 9.99 -17.21
C LEU C 868 24.60 8.79 -17.94
N SER C 869 24.14 8.53 -19.18
CA SER C 869 24.64 7.44 -20.00
C SER C 869 26.14 7.59 -20.32
N GLY C 870 26.57 8.82 -20.52
CA GLY C 870 27.96 9.12 -20.84
C GLY C 870 28.86 9.16 -19.63
N ASN C 871 28.31 9.56 -18.47
CA ASN C 871 29.09 9.64 -17.25
C ASN C 871 29.40 8.24 -16.71
N GLN C 872 28.42 7.34 -16.77
CA GLN C 872 28.61 5.98 -16.29
C GLN C 872 29.39 5.10 -17.28
N ALA C 873 29.46 5.51 -18.57
CA ALA C 873 30.15 4.75 -19.62
C ALA C 873 31.60 4.34 -19.28
N PRO C 874 32.52 5.26 -18.86
CA PRO C 874 33.89 4.83 -18.55
C PRO C 874 33.95 3.82 -17.41
N SER C 875 33.15 4.05 -16.35
CA SER C 875 33.09 3.12 -15.22
C SER C 875 32.57 1.74 -15.64
N LEU C 876 31.66 1.71 -16.63
CA LEU C 876 31.08 0.48 -17.17
C LEU C 876 32.14 -0.35 -17.89
N TYR C 877 32.96 0.29 -18.74
CA TYR C 877 34.02 -0.41 -19.45
C TYR C 877 35.11 -0.88 -18.48
N ALA C 878 35.41 -0.06 -17.46
CA ALA C 878 36.45 -0.38 -16.48
C ALA C 878 36.14 -1.63 -15.67
N ILE C 879 34.90 -1.78 -15.18
CA ILE C 879 34.53 -2.95 -14.40
C ILE C 879 34.38 -4.19 -15.29
N SER C 880 33.92 -4.02 -16.54
CA SER C 880 33.76 -5.14 -17.46
C SER C 880 35.11 -5.76 -17.80
N LEU C 881 36.14 -4.92 -18.01
CA LEU C 881 37.49 -5.39 -18.31
C LEU C 881 38.06 -6.19 -17.13
N ILE C 882 37.84 -5.69 -15.90
CA ILE C 882 38.33 -6.34 -14.68
C ILE C 882 37.63 -7.68 -14.44
N VAL C 883 36.30 -7.74 -14.61
CA VAL C 883 35.55 -8.97 -14.42
C VAL C 883 36.00 -10.07 -15.40
N VAL C 884 36.18 -9.71 -16.69
CA VAL C 884 36.64 -10.66 -17.70
C VAL C 884 38.05 -11.16 -17.36
N PHE C 885 38.94 -10.24 -16.98
CA PHE C 885 40.32 -10.56 -16.60
C PHE C 885 40.35 -11.54 -15.42
N LEU C 886 39.59 -11.25 -14.34
CA LEU C 886 39.54 -12.09 -13.15
C LEU C 886 38.92 -13.45 -13.44
N CYS C 887 37.91 -13.49 -14.33
CA CYS C 887 37.26 -14.75 -14.71
C CYS C 887 38.23 -15.66 -15.45
N LEU C 888 39.07 -15.08 -16.30
CA LEU C 888 40.07 -15.84 -17.05
C LEU C 888 41.20 -16.34 -16.14
N ALA C 889 41.56 -15.55 -15.12
CA ALA C 889 42.60 -15.93 -14.17
C ALA C 889 42.14 -17.10 -13.29
N ALA C 890 40.85 -17.11 -12.92
CA ALA C 890 40.30 -18.17 -12.08
C ALA C 890 40.06 -19.46 -12.87
N LEU C 891 39.52 -19.35 -14.10
CA LEU C 891 39.22 -20.49 -14.94
C LEU C 891 40.50 -21.17 -15.47
N TYR C 892 41.45 -20.38 -15.99
CA TYR C 892 42.66 -20.95 -16.57
C TYR C 892 43.86 -21.03 -15.60
N GLU C 893 43.64 -20.68 -14.31
CA GLU C 893 44.66 -20.77 -13.26
C GLU C 893 46.01 -20.16 -13.65
N SER C 894 46.01 -18.88 -14.03
CA SER C 894 47.24 -18.20 -14.45
C SER C 894 47.07 -16.68 -14.45
N TRP C 895 48.19 -15.95 -14.50
CA TRP C 895 48.18 -14.49 -14.61
C TRP C 895 48.61 -14.04 -16.01
N SER C 896 49.47 -14.83 -16.68
CA SER C 896 49.94 -14.54 -18.02
C SER C 896 48.84 -14.78 -19.06
N ILE C 897 48.05 -15.85 -18.86
CA ILE C 897 46.95 -16.20 -19.76
C ILE C 897 45.90 -15.07 -19.88
N PRO C 898 45.31 -14.56 -18.76
CA PRO C 898 44.32 -13.47 -18.91
C PRO C 898 44.94 -12.17 -19.40
N PHE C 899 46.17 -11.86 -19.00
CA PHE C 899 46.83 -10.63 -19.41
C PHE C 899 47.10 -10.58 -20.92
N SER C 900 47.50 -11.72 -21.50
CA SER C 900 47.75 -11.78 -22.95
C SER C 900 46.44 -11.70 -23.75
N VAL C 901 45.35 -12.27 -23.20
CA VAL C 901 44.05 -12.24 -23.85
C VAL C 901 43.43 -10.82 -23.78
N MET C 902 43.66 -10.09 -22.66
CA MET C 902 43.14 -8.74 -22.51
C MET C 902 43.80 -7.72 -23.45
N LEU C 903 45.02 -8.02 -23.91
CA LEU C 903 45.72 -7.14 -24.89
C LEU C 903 45.03 -7.14 -26.27
N VAL C 904 44.04 -8.03 -26.48
CA VAL C 904 43.31 -8.12 -27.75
C VAL C 904 42.11 -7.15 -27.80
N VAL C 905 41.66 -6.63 -26.63
CA VAL C 905 40.56 -5.66 -26.57
C VAL C 905 40.79 -4.44 -27.51
N PRO C 906 41.98 -3.78 -27.52
CA PRO C 906 42.16 -2.64 -28.45
C PRO C 906 42.09 -3.01 -29.93
N LEU C 907 42.41 -4.28 -30.27
CA LEU C 907 42.31 -4.75 -31.65
C LEU C 907 40.87 -4.78 -32.16
N GLY C 908 39.91 -4.98 -31.26
CA GLY C 908 38.51 -4.99 -31.61
C GLY C 908 37.90 -3.60 -31.57
N VAL C 909 38.22 -2.83 -30.52
CA VAL C 909 37.69 -1.48 -30.35
C VAL C 909 38.10 -0.54 -31.50
N ILE C 910 39.30 -0.76 -32.09
CA ILE C 910 39.73 0.06 -33.23
C ILE C 910 38.78 -0.12 -34.42
N GLY C 911 38.33 -1.35 -34.64
CA GLY C 911 37.41 -1.67 -35.73
C GLY C 911 36.01 -1.17 -35.47
N ALA C 912 35.57 -1.24 -34.22
CA ALA C 912 34.25 -0.74 -33.84
C ALA C 912 34.18 0.77 -34.04
N LEU C 913 35.27 1.49 -33.69
CA LEU C 913 35.34 2.93 -33.85
C LEU C 913 35.49 3.33 -35.33
N LEU C 914 36.18 2.49 -36.13
CA LEU C 914 36.34 2.75 -37.55
C LEU C 914 35.00 2.56 -38.27
N ALA C 915 34.26 1.51 -37.91
CA ALA C 915 32.96 1.24 -38.51
C ALA C 915 31.97 2.32 -38.16
N ALA C 916 32.00 2.82 -36.92
CA ALA C 916 31.09 3.88 -36.49
C ALA C 916 31.43 5.21 -37.13
N THR C 917 32.73 5.54 -37.26
CA THR C 917 33.18 6.80 -37.84
C THR C 917 32.84 6.91 -39.33
N PHE C 918 33.25 5.90 -40.12
CA PHE C 918 32.99 5.92 -41.56
C PHE C 918 31.51 5.75 -41.90
N ARG C 919 30.76 5.04 -41.05
CA ARG C 919 29.32 4.86 -41.25
C ARG C 919 28.53 6.16 -40.92
N GLY C 920 29.08 6.99 -40.05
CA GLY C 920 28.43 8.23 -39.64
C GLY C 920 27.62 8.10 -38.36
N LEU C 921 27.77 6.97 -37.65
CA LEU C 921 27.05 6.74 -36.41
C LEU C 921 27.80 7.33 -35.21
N THR C 922 27.09 7.54 -34.09
CA THR C 922 27.68 8.13 -32.90
C THR C 922 27.82 7.12 -31.73
N ASN C 923 28.47 7.53 -30.64
CA ASN C 923 28.65 6.71 -29.45
C ASN C 923 27.36 6.70 -28.61
N ASP C 924 26.29 6.07 -29.12
CA ASP C 924 25.02 6.00 -28.40
C ASP C 924 24.96 4.77 -27.44
N VAL C 925 23.81 4.55 -26.76
CA VAL C 925 23.63 3.42 -25.84
C VAL C 925 23.90 2.08 -26.54
N TYR C 926 23.47 1.96 -27.81
CA TYR C 926 23.69 0.75 -28.59
C TYR C 926 25.18 0.55 -28.89
N PHE C 927 25.92 1.63 -29.15
CA PHE C 927 27.35 1.55 -29.39
C PHE C 927 28.11 1.17 -28.11
N GLN C 928 27.61 1.58 -26.94
CA GLN C 928 28.21 1.23 -25.66
C GLN C 928 28.04 -0.28 -25.42
N VAL C 929 26.84 -0.82 -25.75
CA VAL C 929 26.56 -2.26 -25.67
C VAL C 929 27.44 -3.02 -26.67
N GLY C 930 27.63 -2.44 -27.86
CA GLY C 930 28.48 -3.00 -28.91
C GLY C 930 29.94 -3.05 -28.53
N LEU C 931 30.40 -2.06 -27.74
CA LEU C 931 31.78 -2.04 -27.27
C LEU C 931 32.00 -3.14 -26.22
N LEU C 932 31.00 -3.40 -25.37
CA LEU C 932 31.09 -4.47 -24.38
C LEU C 932 31.11 -5.83 -25.08
N THR C 933 30.31 -5.99 -26.15
CA THR C 933 30.29 -7.22 -26.94
C THR C 933 31.64 -7.43 -27.58
N THR C 934 32.24 -6.35 -28.13
CA THR C 934 33.56 -6.33 -28.76
C THR C 934 34.65 -6.86 -27.83
N ILE C 935 34.53 -6.58 -26.52
CA ILE C 935 35.48 -7.07 -25.51
C ILE C 935 35.42 -8.61 -25.47
N GLY C 936 34.21 -9.15 -25.45
CA GLY C 936 33.98 -10.58 -25.41
C GLY C 936 34.37 -11.29 -26.71
N LEU C 937 34.20 -10.60 -27.85
CA LEU C 937 34.56 -11.16 -29.16
C LEU C 937 36.07 -11.24 -29.29
N SER C 938 36.78 -10.19 -28.86
CA SER C 938 38.23 -10.15 -28.91
C SER C 938 38.82 -11.22 -27.98
N ALA C 939 38.23 -11.38 -26.78
CA ALA C 939 38.68 -12.37 -25.83
C ALA C 939 38.38 -13.79 -26.30
N LYS C 940 37.26 -13.99 -27.02
CA LYS C 940 36.86 -15.28 -27.57
C LYS C 940 37.89 -15.76 -28.61
N ASN C 941 38.29 -14.89 -29.55
CA ASN C 941 39.28 -15.24 -30.56
C ASN C 941 40.67 -15.44 -29.95
N ALA C 942 40.99 -14.70 -28.86
CA ALA C 942 42.27 -14.83 -28.19
C ALA C 942 42.37 -16.13 -27.43
N ILE C 943 41.27 -16.56 -26.77
CA ILE C 943 41.24 -17.81 -26.00
C ILE C 943 41.53 -19.01 -26.90
N LEU C 944 40.96 -19.02 -28.12
CA LEU C 944 41.16 -20.11 -29.05
C LEU C 944 42.63 -20.37 -29.38
N ILE C 945 43.45 -19.31 -29.41
CA ILE C 945 44.88 -19.46 -29.65
C ILE C 945 45.66 -19.69 -28.34
N VAL C 946 45.45 -18.80 -27.35
CA VAL C 946 46.16 -18.80 -26.06
C VAL C 946 45.95 -20.11 -25.25
N GLU C 947 44.70 -20.54 -25.05
CA GLU C 947 44.42 -21.75 -24.28
C GLU C 947 45.04 -22.98 -24.94
N PHE C 948 44.91 -23.11 -26.26
CA PHE C 948 45.46 -24.25 -26.98
C PHE C 948 46.98 -24.27 -26.92
N ALA C 949 47.62 -23.09 -27.00
CA ALA C 949 49.08 -23.01 -26.91
C ALA C 949 49.55 -23.37 -25.50
N LYS C 950 48.80 -22.96 -24.48
CA LYS C 950 49.10 -23.28 -23.09
C LYS C 950 48.98 -24.80 -22.87
N ASP C 951 47.92 -25.40 -23.44
CA ASP C 951 47.66 -26.84 -23.34
C ASP C 951 48.73 -27.68 -24.02
N LEU C 952 49.25 -27.22 -25.18
CA LEU C 952 50.29 -27.96 -25.89
C LEU C 952 51.64 -27.93 -25.16
N MET C 953 51.88 -26.88 -24.36
CA MET C 953 53.13 -26.76 -23.61
C MET C 953 53.11 -27.63 -22.36
N ASP C 954 51.94 -27.77 -21.72
CA ASP C 954 51.83 -28.55 -20.50
C ASP C 954 51.51 -30.02 -20.74
N LYS C 955 50.46 -30.32 -21.52
CA LYS C 955 50.06 -31.71 -21.79
C LYS C 955 51.01 -32.41 -22.77
N GLU C 956 51.36 -31.76 -23.88
CA GLU C 956 52.22 -32.39 -24.89
C GLU C 956 53.73 -32.10 -24.72
N GLY C 957 54.07 -31.11 -23.89
CA GLY C 957 55.46 -30.75 -23.63
C GLY C 957 56.17 -30.14 -24.84
N LYS C 958 55.59 -29.09 -25.42
CA LYS C 958 56.18 -28.43 -26.59
C LYS C 958 56.78 -27.06 -26.22
N GLY C 959 57.66 -26.55 -27.07
CA GLY C 959 58.29 -25.25 -26.88
C GLY C 959 57.30 -24.10 -27.04
N LEU C 960 57.70 -22.88 -26.62
CA LEU C 960 56.81 -21.72 -26.70
C LEU C 960 56.43 -21.37 -28.15
N ILE C 961 57.42 -21.28 -29.05
CA ILE C 961 57.15 -20.96 -30.45
C ILE C 961 56.52 -22.14 -31.19
N GLU C 962 56.87 -23.38 -30.80
CA GLU C 962 56.31 -24.58 -31.41
C GLU C 962 54.83 -24.73 -31.09
N ALA C 963 54.44 -24.55 -29.81
CA ALA C 963 53.04 -24.66 -29.40
C ALA C 963 52.21 -23.50 -29.92
N THR C 964 52.80 -22.30 -30.02
CA THR C 964 52.08 -21.14 -30.53
C THR C 964 51.77 -21.34 -32.01
N LEU C 965 52.74 -21.88 -32.77
CA LEU C 965 52.56 -22.13 -34.21
C LEU C 965 51.60 -23.30 -34.48
N ASP C 966 51.51 -24.26 -33.56
CA ASP C 966 50.60 -25.39 -33.73
C ASP C 966 49.18 -24.96 -33.38
N ALA C 967 49.01 -24.15 -32.31
CA ALA C 967 47.69 -23.67 -31.89
C ALA C 967 47.04 -22.81 -32.97
N VAL C 968 47.80 -21.94 -33.63
CA VAL C 968 47.25 -21.09 -34.69
C VAL C 968 46.94 -21.88 -35.97
N ARG C 969 47.64 -23.00 -36.19
CA ARG C 969 47.42 -23.84 -37.36
C ARG C 969 46.12 -24.63 -37.20
N MET C 970 45.92 -25.22 -36.02
CA MET C 970 44.73 -26.02 -35.76
C MET C 970 43.49 -25.19 -35.37
N ARG C 971 43.67 -23.91 -35.04
CA ARG C 971 42.54 -23.06 -34.63
C ARG C 971 42.21 -21.91 -35.58
N LEU C 972 42.88 -21.82 -36.74
CA LEU C 972 42.54 -20.77 -37.71
C LEU C 972 41.17 -21.03 -38.32
N ARG C 973 40.90 -22.31 -38.66
CA ARG C 973 39.62 -22.73 -39.22
C ARG C 973 38.44 -22.45 -38.26
N PRO C 974 38.48 -22.88 -36.98
CA PRO C 974 37.34 -22.55 -36.08
C PRO C 974 37.23 -21.07 -35.76
N ILE C 975 38.36 -20.33 -35.74
CA ILE C 975 38.31 -18.87 -35.50
C ILE C 975 37.57 -18.20 -36.66
N LEU C 976 37.92 -18.55 -37.90
CA LEU C 976 37.28 -17.97 -39.08
C LEU C 976 35.84 -18.44 -39.27
N MET C 977 35.49 -19.61 -38.74
CA MET C 977 34.12 -20.12 -38.85
C MET C 977 33.23 -19.34 -37.90
N THR C 978 33.67 -19.18 -36.64
CA THR C 978 32.93 -18.49 -35.60
C THR C 978 32.88 -16.99 -35.82
N SER C 979 33.94 -16.41 -36.41
CA SER C 979 33.99 -14.98 -36.66
C SER C 979 33.11 -14.62 -37.83
N LEU C 980 33.13 -15.43 -38.89
CA LEU C 980 32.29 -15.19 -40.07
C LEU C 980 30.82 -15.41 -39.75
N ALA C 981 30.51 -16.33 -38.82
CA ALA C 981 29.13 -16.57 -38.40
C ALA C 981 28.59 -15.33 -37.69
N PHE C 982 29.40 -14.69 -36.84
CA PHE C 982 28.99 -13.48 -36.15
C PHE C 982 28.91 -12.29 -37.11
N ILE C 983 29.93 -12.12 -37.98
CA ILE C 983 29.95 -11.03 -38.95
C ILE C 983 28.74 -11.08 -39.88
N LEU C 984 28.43 -12.26 -40.44
CA LEU C 984 27.27 -12.39 -41.32
C LEU C 984 25.93 -12.47 -40.56
N GLY C 985 25.98 -12.83 -39.28
CA GLY C 985 24.80 -12.87 -38.42
C GLY C 985 24.32 -11.48 -38.06
N VAL C 986 25.26 -10.56 -37.80
CA VAL C 986 24.89 -9.17 -37.50
C VAL C 986 24.79 -8.29 -38.76
N MET C 987 25.02 -8.86 -39.96
CA MET C 987 24.94 -8.11 -41.21
C MET C 987 23.53 -7.63 -41.55
N PRO C 988 22.46 -8.45 -41.39
CA PRO C 988 21.10 -7.93 -41.68
C PRO C 988 20.73 -6.72 -40.82
N LEU C 989 21.38 -6.54 -39.66
CA LEU C 989 21.16 -5.39 -38.78
C LEU C 989 21.78 -4.14 -39.43
N VAL C 990 23.00 -4.28 -39.98
CA VAL C 990 23.72 -3.18 -40.63
C VAL C 990 23.05 -2.74 -41.92
N ILE C 991 22.69 -3.69 -42.78
CA ILE C 991 22.08 -3.37 -44.08
C ILE C 991 20.55 -3.17 -44.00
N SER C 992 20.00 -3.01 -42.78
CA SER C 992 18.56 -2.80 -42.61
C SER C 992 18.13 -1.40 -43.05
N THR C 993 17.01 -1.32 -43.80
CA THR C 993 16.49 -0.04 -44.29
C THR C 993 15.02 0.23 -43.93
N GLY C 994 14.34 -0.76 -43.35
CA GLY C 994 12.93 -0.66 -42.99
C GLY C 994 12.66 0.20 -41.77
N ALA C 995 11.45 0.07 -41.21
CA ALA C 995 11.07 0.85 -40.02
C ALA C 995 11.81 0.34 -38.80
N GLY C 996 12.34 1.25 -38.01
CA GLY C 996 13.14 0.89 -36.84
C GLY C 996 14.56 0.48 -37.18
N SER C 997 15.04 0.88 -38.37
CA SER C 997 16.40 0.56 -38.81
C SER C 997 17.48 1.38 -38.10
N GLY C 998 17.11 2.50 -37.50
CA GLY C 998 18.06 3.34 -36.78
C GLY C 998 18.69 2.61 -35.61
N ALA C 999 17.89 1.78 -34.92
CA ALA C 999 18.35 0.99 -33.79
C ALA C 999 19.14 -0.21 -34.29
N GLN C 1000 18.66 -0.86 -35.37
CA GLN C 1000 19.32 -2.02 -35.95
C GLN C 1000 20.71 -1.68 -36.46
N ASN C 1001 20.85 -0.54 -37.16
CA ASN C 1001 22.13 -0.09 -37.70
C ASN C 1001 23.12 0.26 -36.60
N ALA C 1002 22.63 0.84 -35.48
CA ALA C 1002 23.48 1.21 -34.36
C ALA C 1002 24.03 -0.02 -33.64
N VAL C 1003 23.22 -1.09 -33.53
CA VAL C 1003 23.65 -2.31 -32.87
C VAL C 1003 24.65 -3.10 -33.71
N GLY C 1004 24.30 -3.34 -34.97
CA GLY C 1004 25.10 -4.15 -35.88
C GLY C 1004 26.44 -3.57 -36.33
N THR C 1005 26.47 -2.29 -36.71
CA THR C 1005 27.69 -1.66 -37.23
C THR C 1005 28.88 -1.77 -36.28
N GLY C 1006 28.68 -1.44 -35.02
CA GLY C 1006 29.73 -1.48 -34.01
C GLY C 1006 30.34 -2.86 -33.83
N VAL C 1007 29.50 -3.89 -33.66
CA VAL C 1007 30.00 -5.24 -33.45
C VAL C 1007 30.50 -5.91 -34.72
N MET C 1008 30.02 -5.50 -35.90
CA MET C 1008 30.49 -6.09 -37.16
C MET C 1008 31.91 -5.64 -37.41
N GLY C 1009 32.15 -4.34 -37.31
CA GLY C 1009 33.49 -3.77 -37.48
C GLY C 1009 34.45 -4.23 -36.40
N GLY C 1010 33.93 -4.39 -35.18
CA GLY C 1010 34.70 -4.88 -34.07
C GLY C 1010 35.17 -6.31 -34.27
N MET C 1011 34.27 -7.17 -34.75
CA MET C 1011 34.60 -8.58 -35.01
C MET C 1011 35.56 -8.72 -36.18
N VAL C 1012 35.46 -7.84 -37.20
CA VAL C 1012 36.35 -7.87 -38.35
C VAL C 1012 37.80 -7.66 -37.91
N THR C 1013 38.08 -6.57 -37.19
CA THR C 1013 39.44 -6.29 -36.74
C THR C 1013 39.88 -7.23 -35.61
N ALA C 1014 38.93 -7.69 -34.77
CA ALA C 1014 39.28 -8.67 -33.72
C ALA C 1014 39.40 -10.10 -34.29
N THR C 1015 39.64 -10.23 -35.60
CA THR C 1015 39.83 -11.50 -36.28
C THR C 1015 40.99 -11.32 -37.26
N VAL C 1016 40.93 -10.26 -38.09
CA VAL C 1016 41.99 -9.98 -39.05
C VAL C 1016 43.26 -9.55 -38.31
N LEU C 1017 43.15 -8.65 -37.33
CA LEU C 1017 44.33 -8.22 -36.56
C LEU C 1017 44.69 -9.24 -35.49
N ALA C 1018 43.68 -9.87 -34.86
CA ALA C 1018 43.91 -10.82 -33.79
C ALA C 1018 44.72 -12.05 -34.19
N ILE C 1019 44.42 -12.67 -35.34
CA ILE C 1019 45.15 -13.86 -35.78
C ILE C 1019 46.67 -13.62 -35.89
N PHE C 1020 47.11 -12.36 -36.05
CA PHE C 1020 48.53 -12.06 -36.14
C PHE C 1020 49.11 -11.45 -34.86
N PHE C 1021 48.27 -10.77 -34.05
CA PHE C 1021 48.75 -10.13 -32.82
C PHE C 1021 48.65 -11.01 -31.58
N VAL C 1022 47.62 -11.88 -31.50
CA VAL C 1022 47.48 -12.81 -30.36
C VAL C 1022 48.75 -13.68 -30.17
N PRO C 1023 49.33 -14.31 -31.24
CA PRO C 1023 50.57 -15.07 -31.05
C PRO C 1023 51.70 -14.23 -30.47
N VAL C 1024 51.76 -12.94 -30.85
CA VAL C 1024 52.78 -12.02 -30.34
C VAL C 1024 52.58 -11.79 -28.85
N PHE C 1025 51.34 -11.46 -28.41
CA PHE C 1025 51.05 -11.22 -27.00
C PHE C 1025 51.40 -12.42 -26.14
N PHE C 1026 51.05 -13.64 -26.58
CA PHE C 1026 51.32 -14.85 -25.83
C PHE C 1026 52.83 -15.12 -25.68
N VAL C 1027 53.58 -15.04 -26.79
CA VAL C 1027 55.02 -15.29 -26.77
C VAL C 1027 55.78 -14.21 -25.95
N VAL C 1028 55.39 -12.94 -26.12
CA VAL C 1028 56.02 -11.83 -25.41
C VAL C 1028 55.72 -11.89 -23.89
N VAL C 1029 54.46 -12.10 -23.50
CA VAL C 1029 54.08 -12.16 -22.09
C VAL C 1029 54.72 -13.40 -21.38
N ARG C 1030 54.76 -14.55 -22.06
CA ARG C 1030 55.36 -15.76 -21.46
C ARG C 1030 56.87 -15.64 -21.27
N ARG C 1031 57.58 -14.97 -22.19
CA ARG C 1031 59.01 -14.78 -22.06
C ARG C 1031 59.37 -13.69 -21.05
N ARG C 1032 58.48 -12.71 -20.85
CA ARG C 1032 58.68 -11.63 -19.89
C ARG C 1032 58.40 -12.13 -18.47
N PHE C 1033 57.35 -12.95 -18.31
CA PHE C 1033 56.96 -13.45 -16.99
C PHE C 1033 57.26 -14.94 -16.83
N SER C 1034 58.54 -15.29 -16.65
CA SER C 1034 58.96 -16.67 -16.42
C SER C 1034 60.37 -16.71 -15.82
N GLY D 11 2.67 33.79 49.44
CA GLY D 11 2.03 32.80 50.30
C GLY D 11 3.01 32.09 51.22
N SER D 12 2.59 30.96 51.79
CA SER D 12 3.44 30.19 52.70
C SER D 12 3.68 28.76 52.17
N ASP D 13 4.76 28.10 52.66
CA ASP D 13 5.09 26.73 52.26
C ASP D 13 4.01 25.76 52.75
N LEU D 14 3.54 25.96 53.99
CA LEU D 14 2.51 25.10 54.56
C LEU D 14 1.10 25.46 54.07
N GLY D 15 0.88 26.74 53.75
CA GLY D 15 -0.40 27.21 53.26
C GLY D 15 -0.75 26.68 51.89
N LYS D 16 0.25 26.62 50.99
CA LYS D 16 0.05 26.08 49.64
C LYS D 16 -0.08 24.54 49.66
N LYS D 17 0.59 23.88 50.62
CA LYS D 17 0.50 22.43 50.79
C LYS D 17 -0.90 22.02 51.26
N LEU D 18 -1.52 22.85 52.12
CA LEU D 18 -2.87 22.63 52.64
C LEU D 18 -3.92 22.70 51.53
N LEU D 19 -3.70 23.57 50.53
CA LEU D 19 -4.61 23.69 49.40
C LEU D 19 -4.62 22.39 48.58
N GLU D 20 -3.44 21.78 48.39
CA GLU D 20 -3.32 20.54 47.65
C GLU D 20 -3.88 19.35 48.45
N ALA D 21 -3.70 19.37 49.78
CA ALA D 21 -4.19 18.30 50.65
C ALA D 21 -5.71 18.31 50.76
N ALA D 22 -6.32 19.50 50.85
CA ALA D 22 -7.78 19.61 50.94
C ALA D 22 -8.46 19.33 49.59
N ARG D 23 -7.75 19.54 48.47
CA ARG D 23 -8.29 19.29 47.15
C ARG D 23 -8.26 17.80 46.84
N ALA D 24 -7.18 17.11 47.20
CA ALA D 24 -7.04 15.67 46.95
C ALA D 24 -7.86 14.83 47.92
N GLY D 25 -7.93 15.26 49.17
CA GLY D 25 -8.68 14.55 50.19
C GLY D 25 -7.81 13.78 51.17
N ARG D 26 -6.52 14.14 51.27
CA ARG D 26 -5.60 13.48 52.18
C ARG D 26 -5.86 13.90 53.62
N ASP D 27 -6.76 13.18 54.31
CA ASP D 27 -7.17 13.45 55.70
C ASP D 27 -5.99 13.49 56.67
N ASP D 28 -5.02 12.59 56.50
CA ASP D 28 -3.87 12.53 57.39
C ASP D 28 -2.93 13.70 57.16
N GLU D 29 -2.78 14.15 55.90
CA GLU D 29 -1.91 15.29 55.61
C GLU D 29 -2.52 16.58 56.16
N VAL D 30 -3.85 16.73 56.05
CA VAL D 30 -4.56 17.89 56.58
C VAL D 30 -4.39 17.94 58.09
N ARG D 31 -4.57 16.80 58.76
CA ARG D 31 -4.42 16.67 60.22
C ARG D 31 -3.01 17.10 60.68
N ILE D 32 -1.97 16.63 59.98
CA ILE D 32 -0.59 16.98 60.32
C ILE D 32 -0.32 18.48 60.06
N LEU D 33 -0.90 19.02 58.98
CA LEU D 33 -0.76 20.44 58.65
C LEU D 33 -1.44 21.34 59.68
N MET D 34 -2.56 20.88 60.25
CA MET D 34 -3.26 21.64 61.28
C MET D 34 -2.42 21.73 62.53
N ALA D 35 -1.76 20.62 62.90
CA ALA D 35 -0.87 20.57 64.07
C ALA D 35 0.37 21.44 63.89
N ASN D 36 0.87 21.54 62.65
CA ASN D 36 2.05 22.35 62.35
C ASN D 36 1.74 23.85 62.12
N GLY D 37 0.47 24.21 62.02
CA GLY D 37 0.07 25.60 61.86
C GLY D 37 -0.02 26.10 60.44
N ALA D 38 -0.62 25.29 59.55
CA ALA D 38 -0.81 25.71 58.16
C ALA D 38 -1.95 26.73 58.09
N ASP D 39 -1.81 27.77 57.26
CA ASP D 39 -2.81 28.82 57.17
C ASP D 39 -4.14 28.34 56.62
N VAL D 40 -5.19 28.37 57.44
CA VAL D 40 -6.54 27.96 57.03
C VAL D 40 -7.19 29.00 56.10
N ASN D 41 -6.75 30.27 56.15
CA ASN D 41 -7.29 31.30 55.28
C ASN D 41 -6.40 31.55 54.05
N ALA D 42 -5.62 30.54 53.63
CA ALA D 42 -4.76 30.68 52.46
C ALA D 42 -5.60 30.45 51.23
N ALA D 43 -5.53 31.35 50.25
CA ALA D 43 -6.31 31.22 49.02
C ALA D 43 -5.43 31.12 47.79
N ASP D 44 -5.95 30.51 46.72
CA ASP D 44 -5.20 30.38 45.47
C ASP D 44 -5.45 31.61 44.54
N VAL D 45 -5.03 31.52 43.26
CA VAL D 45 -5.18 32.62 42.30
C VAL D 45 -6.64 33.06 42.12
N VAL D 46 -7.59 32.10 42.09
CA VAL D 46 -9.00 32.43 41.91
C VAL D 46 -9.72 32.81 43.24
N GLY D 47 -9.04 32.73 44.37
CA GLY D 47 -9.59 33.10 45.67
C GLY D 47 -10.23 31.96 46.43
N TRP D 48 -9.81 30.72 46.14
CA TRP D 48 -10.37 29.55 46.81
C TRP D 48 -9.54 29.11 48.01
N THR D 49 -10.14 29.12 49.20
CA THR D 49 -9.48 28.68 50.43
C THR D 49 -9.56 27.13 50.56
N PRO D 50 -8.84 26.49 51.52
CA PRO D 50 -8.94 25.03 51.64
C PRO D 50 -10.36 24.54 51.92
N LEU D 51 -11.21 25.39 52.53
CA LEU D 51 -12.60 25.03 52.79
C LEU D 51 -13.39 24.99 51.48
N HIS D 52 -13.10 25.91 50.54
CA HIS D 52 -13.74 25.96 49.22
C HIS D 52 -13.46 24.65 48.47
N LEU D 53 -12.20 24.20 48.47
CA LEU D 53 -11.78 22.99 47.77
C LEU D 53 -12.37 21.74 48.40
N ALA D 54 -12.51 21.72 49.72
CA ALA D 54 -13.09 20.58 50.41
C ALA D 54 -14.61 20.51 50.16
N ALA D 55 -15.27 21.67 50.08
CA ALA D 55 -16.71 21.72 49.79
C ALA D 55 -17.01 21.42 48.32
N TYR D 56 -16.08 21.76 47.42
CA TYR D 56 -16.24 21.49 46.00
C TYR D 56 -16.03 20.00 45.73
N TRP D 57 -14.94 19.42 46.25
CA TRP D 57 -14.64 18.01 45.99
C TRP D 57 -15.34 17.01 46.95
N GLY D 58 -16.13 17.52 47.89
CA GLY D 58 -16.92 16.70 48.80
C GLY D 58 -16.14 15.92 49.85
N HIS D 59 -15.19 16.58 50.51
CA HIS D 59 -14.41 15.93 51.56
C HIS D 59 -14.94 16.37 52.94
N LEU D 60 -16.00 15.70 53.41
CA LEU D 60 -16.70 15.99 54.67
C LEU D 60 -15.80 16.10 55.90
N GLU D 61 -14.94 15.09 56.15
CA GLU D 61 -14.07 15.11 57.33
C GLU D 61 -13.11 16.30 57.31
N ILE D 62 -12.61 16.67 56.12
CA ILE D 62 -11.69 17.80 55.97
C ILE D 62 -12.41 19.13 56.25
N VAL D 63 -13.70 19.24 55.88
CA VAL D 63 -14.49 20.43 56.17
C VAL D 63 -14.62 20.61 57.68
N GLU D 64 -14.91 19.52 58.39
CA GLU D 64 -15.06 19.53 59.84
C GLU D 64 -13.73 19.87 60.53
N VAL D 65 -12.62 19.35 60.02
CA VAL D 65 -11.29 19.62 60.58
C VAL D 65 -10.89 21.08 60.35
N LEU D 66 -11.21 21.62 59.17
CA LEU D 66 -10.89 23.00 58.83
C LEU D 66 -11.72 23.98 59.66
N LEU D 67 -13.04 23.72 59.78
CA LEU D 67 -13.92 24.60 60.57
C LEU D 67 -13.52 24.60 62.05
N LYS D 68 -13.03 23.46 62.57
CA LYS D 68 -12.56 23.34 63.95
C LYS D 68 -11.31 24.21 64.18
N ASN D 69 -10.46 24.35 63.15
CA ASN D 69 -9.26 25.15 63.21
C ASN D 69 -9.48 26.59 62.71
N GLY D 70 -10.64 27.14 63.06
CA GLY D 70 -11.01 28.52 62.74
C GLY D 70 -10.91 28.94 61.28
N ALA D 71 -11.56 28.20 60.37
CA ALA D 71 -11.56 28.58 58.96
C ALA D 71 -12.79 29.44 58.65
N ASP D 72 -12.63 30.44 57.77
CA ASP D 72 -13.73 31.32 57.42
C ASP D 72 -14.82 30.56 56.68
N VAL D 73 -15.96 30.32 57.34
CA VAL D 73 -17.08 29.61 56.74
C VAL D 73 -17.76 30.45 55.63
N ASN D 74 -17.70 31.79 55.76
CA ASN D 74 -18.27 32.71 54.77
C ASN D 74 -17.19 33.31 53.87
N ALA D 75 -16.12 32.55 53.60
CA ALA D 75 -15.03 33.04 52.74
C ALA D 75 -15.53 33.09 51.31
N TYR D 76 -15.28 34.19 50.61
CA TYR D 76 -15.74 34.33 49.23
C TYR D 76 -14.58 34.52 48.26
N ASP D 77 -14.68 33.92 47.07
CA ASP D 77 -13.62 34.02 46.07
C ASP D 77 -13.71 35.34 45.27
N THR D 78 -12.89 35.50 44.20
CA THR D 78 -12.91 36.69 43.36
C THR D 78 -14.29 36.94 42.70
N LEU D 79 -15.15 35.91 42.64
CA LEU D 79 -16.48 36.05 42.06
C LEU D 79 -17.63 36.01 43.10
N GLY D 80 -17.30 36.15 44.38
CA GLY D 80 -18.29 36.18 45.46
C GLY D 80 -18.84 34.84 45.91
N SER D 81 -18.33 33.74 45.36
CA SER D 81 -18.80 32.40 45.72
C SER D 81 -18.20 31.90 47.04
N THR D 82 -19.05 31.39 47.92
CA THR D 82 -18.64 30.86 49.23
C THR D 82 -18.62 29.31 49.22
N PRO D 83 -18.04 28.64 50.25
CA PRO D 83 -18.04 27.17 50.24
C PRO D 83 -19.44 26.57 50.26
N LEU D 84 -20.43 27.28 50.84
CA LEU D 84 -21.82 26.81 50.86
C LEU D 84 -22.38 26.74 49.44
N HIS D 85 -21.99 27.70 48.57
CA HIS D 85 -22.40 27.72 47.16
C HIS D 85 -21.93 26.43 46.47
N LEU D 86 -20.67 26.05 46.71
CA LEU D 86 -20.06 24.86 46.11
C LEU D 86 -20.64 23.57 46.68
N ALA D 87 -20.94 23.53 47.98
CA ALA D 87 -21.52 22.36 48.61
C ALA D 87 -22.96 22.12 48.14
N ALA D 88 -23.73 23.21 47.93
CA ALA D 88 -25.10 23.09 47.47
C ALA D 88 -25.19 22.81 45.97
N HIS D 89 -24.24 23.35 45.19
CA HIS D 89 -24.20 23.16 43.74
C HIS D 89 -23.78 21.74 43.36
N PHE D 90 -22.99 21.07 44.20
CA PHE D 90 -22.50 19.72 43.87
C PHE D 90 -23.11 18.60 44.75
N GLY D 91 -24.27 18.89 45.36
CA GLY D 91 -25.06 17.93 46.14
C GLY D 91 -24.38 17.26 47.31
N HIS D 92 -23.55 17.99 48.05
CA HIS D 92 -22.88 17.43 49.22
C HIS D 92 -23.67 17.74 50.50
N LEU D 93 -24.84 17.09 50.64
CA LEU D 93 -25.78 17.25 51.75
C LEU D 93 -25.14 17.30 53.14
N GLU D 94 -24.20 16.38 53.42
CA GLU D 94 -23.54 16.34 54.72
C GLU D 94 -22.70 17.59 54.98
N ILE D 95 -22.05 18.11 53.94
CA ILE D 95 -21.24 19.32 54.06
C ILE D 95 -22.13 20.57 54.17
N VAL D 96 -23.28 20.59 53.48
CA VAL D 96 -24.22 21.71 53.55
C VAL D 96 -24.71 21.90 55.00
N GLU D 97 -25.02 20.79 55.70
CA GLU D 97 -25.46 20.84 57.08
C GLU D 97 -24.34 21.26 58.02
N VAL D 98 -23.12 20.72 57.82
CA VAL D 98 -21.95 21.05 58.64
C VAL D 98 -21.63 22.55 58.52
N LEU D 99 -21.66 23.09 57.29
CA LEU D 99 -21.38 24.50 57.06
C LEU D 99 -22.47 25.38 57.64
N LEU D 100 -23.75 25.02 57.45
CA LEU D 100 -24.87 25.79 57.99
C LEU D 100 -24.87 25.81 59.52
N LYS D 101 -24.42 24.71 60.15
CA LYS D 101 -24.29 24.62 61.61
C LYS D 101 -23.20 25.58 62.10
N ASN D 102 -22.12 25.74 61.32
CA ASN D 102 -21.00 26.59 61.67
C ASN D 102 -21.16 28.07 61.24
N GLY D 103 -22.39 28.48 60.95
CA GLY D 103 -22.69 29.88 60.63
C GLY D 103 -22.49 30.31 59.19
N ALA D 104 -22.80 29.43 58.22
CA ALA D 104 -22.70 29.81 56.81
C ALA D 104 -23.89 30.66 56.41
N ASP D 105 -23.64 31.76 55.67
CA ASP D 105 -24.72 32.64 55.24
C ASP D 105 -25.57 31.93 54.21
N VAL D 106 -26.79 31.56 54.59
CA VAL D 106 -27.71 30.84 53.70
C VAL D 106 -28.20 31.72 52.53
N ASN D 107 -28.16 33.05 52.68
CA ASN D 107 -28.58 33.96 51.61
C ASN D 107 -27.39 34.65 50.94
N ALA D 108 -26.21 34.00 50.95
CA ALA D 108 -25.00 34.58 50.36
C ALA D 108 -25.15 34.77 48.87
N LYS D 109 -24.90 35.99 48.39
CA LYS D 109 -25.02 36.30 46.98
C LYS D 109 -23.66 36.53 46.36
N ASP D 110 -23.36 35.84 45.26
CA ASP D 110 -22.09 36.04 44.56
C ASP D 110 -22.16 37.32 43.67
N ASP D 111 -21.12 37.57 42.83
CA ASP D 111 -21.13 38.75 41.96
C ASP D 111 -22.29 38.77 40.93
N ASN D 112 -22.99 37.63 40.78
CA ASN D 112 -24.15 37.52 39.87
C ASN D 112 -25.51 37.51 40.61
N GLY D 113 -25.49 37.66 41.94
CA GLY D 113 -26.71 37.63 42.75
C GLY D 113 -27.29 36.24 42.93
N ILE D 114 -26.46 35.21 42.73
CA ILE D 114 -26.89 33.81 42.85
C ILE D 114 -26.70 33.28 44.27
N THR D 115 -27.78 32.85 44.92
CA THR D 115 -27.73 32.29 46.27
C THR D 115 -27.48 30.76 46.20
N PRO D 116 -27.05 30.12 47.30
CA PRO D 116 -26.85 28.65 47.25
C PRO D 116 -28.14 27.88 46.90
N LEU D 117 -29.31 28.49 47.15
CA LEU D 117 -30.60 27.88 46.82
C LEU D 117 -30.77 27.79 45.30
N HIS D 118 -30.32 28.81 44.55
CA HIS D 118 -30.42 28.83 43.09
C HIS D 118 -29.61 27.69 42.48
N LEU D 119 -28.41 27.44 43.04
CA LEU D 119 -27.50 26.41 42.56
C LEU D 119 -28.04 25.01 42.86
N ALA D 120 -28.65 24.84 44.03
CA ALA D 120 -29.23 23.56 44.40
C ALA D 120 -30.51 23.28 43.59
N ALA D 121 -31.29 24.33 43.29
CA ALA D 121 -32.50 24.18 42.49
C ALA D 121 -32.18 23.87 41.04
N ASN D 122 -31.09 24.45 40.50
CA ASN D 122 -30.69 24.20 39.12
C ASN D 122 -30.20 22.77 38.94
N ARG D 123 -29.49 22.23 39.93
CA ARG D 123 -28.98 20.87 39.86
C ARG D 123 -29.98 19.79 40.33
N GLY D 124 -31.10 20.22 40.92
CA GLY D 124 -32.14 19.30 41.38
C GLY D 124 -31.79 18.51 42.62
N HIS D 125 -31.29 19.19 43.65
CA HIS D 125 -30.94 18.54 44.92
C HIS D 125 -32.01 18.81 45.96
N LEU D 126 -33.09 18.00 45.96
CA LEU D 126 -34.23 18.16 46.88
C LEU D 126 -33.82 18.19 48.35
N GLU D 127 -32.93 17.27 48.77
CA GLU D 127 -32.49 17.16 50.15
C GLU D 127 -31.72 18.41 50.57
N ILE D 128 -30.88 18.93 49.67
CA ILE D 128 -30.09 20.14 49.95
C ILE D 128 -31.00 21.37 50.02
N VAL D 129 -31.97 21.48 49.08
CA VAL D 129 -32.93 22.60 49.07
C VAL D 129 -33.74 22.61 50.37
N GLU D 130 -34.15 21.42 50.85
CA GLU D 130 -34.92 21.31 52.08
C GLU D 130 -34.14 21.77 53.30
N VAL D 131 -32.83 21.48 53.35
CA VAL D 131 -31.99 21.91 54.46
C VAL D 131 -31.79 23.43 54.38
N LEU D 132 -31.53 23.95 53.17
CA LEU D 132 -31.36 25.38 52.95
C LEU D 132 -32.59 26.18 53.40
N LEU D 133 -33.79 25.74 52.97
CA LEU D 133 -35.05 26.40 53.35
C LEU D 133 -35.28 26.34 54.86
N LYS D 134 -34.89 25.21 55.49
CA LYS D 134 -35.00 25.01 56.93
C LYS D 134 -34.11 26.02 57.68
N TYR D 135 -32.91 26.30 57.14
CA TYR D 135 -32.01 27.28 57.74
C TYR D 135 -32.37 28.76 57.44
N GLY D 136 -33.47 28.99 56.75
CA GLY D 136 -33.96 30.34 56.46
C GLY D 136 -33.54 30.94 55.13
N ALA D 137 -33.49 30.11 54.07
CA ALA D 137 -33.13 30.63 52.74
C ALA D 137 -34.31 31.39 52.14
N ASP D 138 -34.06 32.59 51.61
CA ASP D 138 -35.12 33.39 51.00
C ASP D 138 -35.56 32.74 49.69
N VAL D 139 -36.80 32.26 49.65
CA VAL D 139 -37.34 31.62 48.45
C VAL D 139 -37.60 32.65 47.33
N ASN D 140 -37.85 33.93 47.69
CA ASN D 140 -38.09 34.99 46.71
C ASN D 140 -36.80 35.73 46.31
N ALA D 141 -35.63 35.09 46.47
CA ALA D 141 -34.36 35.72 46.11
C ALA D 141 -34.17 35.72 44.59
N GLN D 142 -33.82 36.86 44.01
CA GLN D 142 -33.63 36.96 42.57
C GLN D 142 -32.16 37.15 42.21
N ASP D 143 -31.72 36.52 41.11
CA ASP D 143 -30.34 36.69 40.64
C ASP D 143 -30.22 38.03 39.83
N LYS D 144 -29.15 38.20 39.01
CA LYS D 144 -29.01 39.41 38.21
C LYS D 144 -30.09 39.54 37.12
N PHE D 145 -30.68 38.40 36.69
CA PHE D 145 -31.73 38.39 35.69
C PHE D 145 -33.17 38.36 36.30
N GLY D 146 -33.28 38.47 37.62
CA GLY D 146 -34.57 38.45 38.31
C GLY D 146 -35.21 37.08 38.38
N LYS D 147 -34.40 36.02 38.33
CA LYS D 147 -34.89 34.65 38.36
C LYS D 147 -34.80 34.05 39.76
N THR D 148 -35.94 33.64 40.34
CA THR D 148 -35.96 32.99 41.64
C THR D 148 -35.73 31.47 41.49
N ALA D 149 -35.49 30.76 42.60
CA ALA D 149 -35.30 29.31 42.57
C ALA D 149 -36.52 28.58 41.97
N PHE D 150 -37.74 29.15 42.14
CA PHE D 150 -38.96 28.58 41.59
C PHE D 150 -38.99 28.74 40.07
N ASP D 151 -38.51 29.88 39.56
CA ASP D 151 -38.44 30.14 38.12
C ASP D 151 -37.45 29.17 37.44
N ILE D 152 -36.41 28.72 38.17
CA ILE D 152 -35.44 27.78 37.65
C ILE D 152 -36.05 26.38 37.63
N SER D 153 -36.78 26.00 38.69
CA SER D 153 -37.40 24.68 38.79
C SER D 153 -38.46 24.43 37.70
N ILE D 154 -39.23 25.47 37.35
CA ILE D 154 -40.25 25.32 36.30
C ILE D 154 -39.62 25.29 34.90
N ASN D 155 -38.48 25.97 34.72
CA ASN D 155 -37.78 25.98 33.43
C ASN D 155 -37.11 24.62 33.19
N ASN D 156 -36.60 23.98 34.25
CA ASN D 156 -35.97 22.66 34.14
C ASN D 156 -37.04 21.57 33.99
N GLY D 157 -38.15 21.72 34.69
CA GLY D 157 -39.24 20.76 34.66
C GLY D 157 -39.26 19.84 35.86
N ASN D 158 -38.72 20.31 37.00
CA ASN D 158 -38.69 19.52 38.22
C ASN D 158 -40.00 19.68 38.98
N GLU D 159 -40.91 18.72 38.83
CA GLU D 159 -42.22 18.75 39.46
C GLU D 159 -42.12 18.64 40.98
N ASP D 160 -41.24 17.77 41.48
CA ASP D 160 -41.07 17.57 42.91
C ASP D 160 -40.49 18.81 43.60
N LEU D 161 -39.60 19.52 42.91
CA LEU D 161 -38.97 20.72 43.46
C LEU D 161 -39.93 21.92 43.45
N ALA D 162 -40.80 22.00 42.42
CA ALA D 162 -41.76 23.09 42.31
C ALA D 162 -42.79 23.08 43.46
N GLU D 163 -43.09 21.89 44.01
CA GLU D 163 -44.03 21.75 45.11
C GLU D 163 -43.44 22.33 46.40
N ILE D 164 -42.13 22.11 46.63
CA ILE D 164 -41.45 22.61 47.82
C ILE D 164 -41.37 24.14 47.77
N LEU D 165 -40.96 24.67 46.63
CA LEU D 165 -40.84 26.12 46.45
C LEU D 165 -42.20 26.74 46.16
N ASP E 13 -58.99 -10.37 -2.94
CA ASP E 13 -57.93 -11.22 -3.46
C ASP E 13 -57.86 -11.15 -4.99
N LEU E 14 -59.01 -11.32 -5.67
CA LEU E 14 -59.07 -11.27 -7.13
C LEU E 14 -58.82 -9.87 -7.68
N GLY E 15 -59.24 -8.84 -6.94
CA GLY E 15 -59.03 -7.46 -7.33
C GLY E 15 -57.57 -7.04 -7.26
N LYS E 16 -56.78 -7.70 -6.41
CA LYS E 16 -55.35 -7.42 -6.28
C LYS E 16 -54.59 -8.00 -7.48
N LYS E 17 -54.99 -9.21 -7.93
CA LYS E 17 -54.37 -9.84 -9.10
C LYS E 17 -54.72 -9.06 -10.38
N LEU E 18 -55.91 -8.46 -10.43
CA LEU E 18 -56.34 -7.65 -11.57
C LEU E 18 -55.54 -6.34 -11.67
N LEU E 19 -55.13 -5.78 -10.53
CA LEU E 19 -54.32 -4.57 -10.48
C LEU E 19 -52.93 -4.81 -11.09
N GLU E 20 -52.36 -5.99 -10.82
CA GLU E 20 -51.05 -6.35 -11.35
C GLU E 20 -51.13 -6.75 -12.83
N ALA E 21 -52.26 -7.36 -13.25
CA ALA E 21 -52.45 -7.77 -14.64
C ALA E 21 -52.64 -6.56 -15.55
N ALA E 22 -53.33 -5.52 -15.06
CA ALA E 22 -53.55 -4.28 -15.82
C ALA E 22 -52.29 -3.41 -15.89
N ARG E 23 -51.40 -3.51 -14.88
CA ARG E 23 -50.18 -2.74 -14.85
C ARG E 23 -49.11 -3.35 -15.76
N ALA E 24 -48.91 -4.68 -15.68
CA ALA E 24 -47.91 -5.37 -16.49
C ALA E 24 -48.30 -5.56 -17.97
N GLY E 25 -49.53 -5.21 -18.32
CA GLY E 25 -50.00 -5.34 -19.70
C GLY E 25 -50.36 -6.75 -20.10
N ARG E 26 -50.64 -7.62 -19.11
CA ARG E 26 -51.01 -9.00 -19.40
C ARG E 26 -52.46 -9.07 -19.83
N ASP E 27 -52.72 -8.82 -21.13
CA ASP E 27 -54.05 -8.81 -21.73
C ASP E 27 -54.81 -10.11 -21.58
N ASP E 28 -54.10 -11.24 -21.63
CA ASP E 28 -54.72 -12.55 -21.51
C ASP E 28 -55.15 -12.82 -20.06
N GLU E 29 -54.34 -12.37 -19.08
CA GLU E 29 -54.62 -12.56 -17.67
C GLU E 29 -55.83 -11.75 -17.20
N VAL E 30 -56.01 -10.53 -17.75
CA VAL E 30 -57.14 -9.67 -17.39
C VAL E 30 -58.48 -10.36 -17.68
N ARG E 31 -58.63 -10.89 -18.90
CA ARG E 31 -59.87 -11.57 -19.32
C ARG E 31 -60.16 -12.83 -18.50
N ILE E 32 -59.13 -13.52 -18.02
CA ILE E 32 -59.30 -14.71 -17.18
C ILE E 32 -59.79 -14.29 -15.79
N LEU E 33 -59.24 -13.19 -15.25
CA LEU E 33 -59.64 -12.66 -13.95
C LEU E 33 -61.05 -12.08 -14.00
N MET E 34 -61.45 -11.50 -15.15
CA MET E 34 -62.79 -10.95 -15.33
C MET E 34 -63.84 -12.06 -15.31
N ALA E 35 -63.51 -13.24 -15.88
CA ALA E 35 -64.41 -14.39 -15.89
C ALA E 35 -64.63 -14.93 -14.47
N ASN E 36 -63.62 -14.83 -13.60
CA ASN E 36 -63.73 -15.26 -12.21
C ASN E 36 -64.43 -14.23 -11.27
N GLY E 37 -64.91 -13.12 -11.83
CA GLY E 37 -65.62 -12.11 -11.08
C GLY E 37 -64.75 -11.18 -10.26
N ALA E 38 -63.64 -10.70 -10.83
CA ALA E 38 -62.76 -9.76 -10.13
C ALA E 38 -63.39 -8.37 -10.07
N ASP E 39 -63.08 -7.59 -9.02
CA ASP E 39 -63.63 -6.25 -8.89
C ASP E 39 -62.99 -5.31 -9.90
N VAL E 40 -63.80 -4.75 -10.81
CA VAL E 40 -63.31 -3.83 -11.84
C VAL E 40 -62.92 -2.45 -11.27
N ASN E 41 -63.41 -2.10 -10.08
CA ASN E 41 -63.10 -0.82 -9.44
C ASN E 41 -62.21 -1.00 -8.21
N ALA E 42 -61.43 -2.10 -8.15
CA ALA E 42 -60.55 -2.39 -7.02
C ALA E 42 -59.42 -1.39 -6.97
N ALA E 43 -59.32 -0.65 -5.87
CA ALA E 43 -58.28 0.37 -5.73
C ALA E 43 -57.13 -0.11 -4.85
N ASP E 44 -55.92 0.36 -5.14
CA ASP E 44 -54.75 0.01 -4.34
C ASP E 44 -54.57 1.01 -3.15
N VAL E 45 -53.36 1.13 -2.59
CA VAL E 45 -53.12 2.02 -1.44
C VAL E 45 -53.28 3.49 -1.82
N VAL E 46 -52.90 3.87 -3.03
CA VAL E 46 -53.00 5.26 -3.48
C VAL E 46 -54.33 5.61 -4.16
N GLY E 47 -55.27 4.66 -4.21
CA GLY E 47 -56.58 4.89 -4.80
C GLY E 47 -56.67 4.63 -6.30
N TRP E 48 -55.61 4.04 -6.88
CA TRP E 48 -55.59 3.75 -8.32
C TRP E 48 -56.32 2.45 -8.63
N THR E 49 -57.34 2.52 -9.48
CA THR E 49 -58.07 1.34 -9.93
C THR E 49 -57.30 0.67 -11.11
N PRO E 50 -57.73 -0.51 -11.61
CA PRO E 50 -57.01 -1.11 -12.76
C PRO E 50 -57.03 -0.21 -14.01
N LEU E 51 -58.05 0.66 -14.13
CA LEU E 51 -58.17 1.61 -15.24
C LEU E 51 -57.12 2.73 -15.13
N HIS E 52 -56.75 3.12 -13.91
CA HIS E 52 -55.72 4.13 -13.68
C HIS E 52 -54.36 3.60 -14.14
N LEU E 53 -54.07 2.33 -13.83
CA LEU E 53 -52.81 1.70 -14.20
C LEU E 53 -52.71 1.43 -15.70
N ALA E 54 -53.84 1.10 -16.33
CA ALA E 54 -53.86 0.85 -17.77
C ALA E 54 -53.62 2.14 -18.56
N ALA E 55 -54.20 3.26 -18.09
CA ALA E 55 -54.03 4.55 -18.74
C ALA E 55 -52.66 5.17 -18.46
N TYR E 56 -52.07 4.88 -17.29
CA TYR E 56 -50.76 5.42 -16.94
C TYR E 56 -49.66 4.75 -17.77
N TRP E 57 -49.62 3.42 -17.80
CA TRP E 57 -48.58 2.70 -18.53
C TRP E 57 -48.78 2.67 -20.04
N GLY E 58 -50.03 2.80 -20.49
CA GLY E 58 -50.34 2.85 -21.91
C GLY E 58 -50.76 1.52 -22.51
N HIS E 59 -51.71 0.84 -21.87
CA HIS E 59 -52.22 -0.42 -22.39
C HIS E 59 -53.63 -0.23 -22.93
N LEU E 60 -53.73 0.32 -24.15
CA LEU E 60 -55.00 0.61 -24.83
C LEU E 60 -55.97 -0.56 -24.83
N GLU E 61 -55.48 -1.76 -25.19
CA GLU E 61 -56.32 -2.95 -25.25
C GLU E 61 -56.90 -3.34 -23.89
N ILE E 62 -56.16 -3.07 -22.79
CA ILE E 62 -56.66 -3.37 -21.44
C ILE E 62 -57.73 -2.33 -21.01
N VAL E 63 -57.57 -1.07 -21.46
CA VAL E 63 -58.56 -0.01 -21.18
C VAL E 63 -59.91 -0.39 -21.78
N GLU E 64 -59.91 -0.96 -22.99
CA GLU E 64 -61.13 -1.39 -23.67
C GLU E 64 -61.79 -2.59 -22.96
N VAL E 65 -60.99 -3.54 -22.46
CA VAL E 65 -61.51 -4.70 -21.75
C VAL E 65 -62.12 -4.30 -20.40
N LEU E 66 -61.45 -3.38 -19.68
CA LEU E 66 -61.93 -2.90 -18.39
C LEU E 66 -63.25 -2.14 -18.54
N LEU E 67 -63.31 -1.18 -19.48
CA LEU E 67 -64.52 -0.38 -19.71
C LEU E 67 -65.69 -1.24 -20.20
N LYS E 68 -65.40 -2.32 -20.94
CA LYS E 68 -66.42 -3.26 -21.42
C LYS E 68 -67.07 -3.99 -20.23
N ASN E 69 -66.27 -4.33 -19.21
CA ASN E 69 -66.76 -5.01 -18.02
C ASN E 69 -67.27 -4.04 -16.93
N GLY E 70 -67.73 -2.87 -17.35
CA GLY E 70 -68.33 -1.88 -16.45
C GLY E 70 -67.42 -1.23 -15.43
N ALA E 71 -66.21 -0.81 -15.84
CA ALA E 71 -65.30 -0.11 -14.94
C ALA E 71 -65.69 1.36 -14.83
N ASP E 72 -65.39 1.99 -13.69
CA ASP E 72 -65.71 3.40 -13.49
C ASP E 72 -64.74 4.29 -14.25
N VAL E 73 -65.23 4.96 -15.30
CA VAL E 73 -64.39 5.84 -16.11
C VAL E 73 -64.04 7.15 -15.38
N ASN E 74 -64.90 7.59 -14.45
CA ASN E 74 -64.66 8.80 -13.67
C ASN E 74 -64.14 8.48 -12.27
N ALA E 75 -63.45 7.35 -12.10
CA ALA E 75 -62.92 6.96 -10.80
C ALA E 75 -61.75 7.87 -10.42
N TYR E 76 -61.65 8.22 -9.14
CA TYR E 76 -60.59 9.11 -8.69
C TYR E 76 -59.75 8.49 -7.58
N ASP E 77 -58.45 8.81 -7.55
CA ASP E 77 -57.55 8.29 -6.52
C ASP E 77 -57.59 9.14 -5.23
N THR E 78 -56.66 8.91 -4.28
CA THR E 78 -56.61 9.67 -3.03
C THR E 78 -56.35 11.19 -3.23
N LEU E 79 -56.07 11.61 -4.46
CA LEU E 79 -55.83 13.03 -4.77
C LEU E 79 -56.76 13.58 -5.87
N GLY E 80 -57.86 12.89 -6.15
CA GLY E 80 -58.85 13.33 -7.13
C GLY E 80 -58.47 13.15 -8.59
N SER E 81 -57.38 12.43 -8.86
CA SER E 81 -56.93 12.22 -10.24
C SER E 81 -57.67 11.07 -10.89
N THR E 82 -58.16 11.27 -12.11
CA THR E 82 -58.94 10.27 -12.84
C THR E 82 -58.11 9.59 -13.95
N PRO E 83 -58.56 8.45 -14.53
CA PRO E 83 -57.78 7.81 -15.60
C PRO E 83 -57.58 8.72 -16.83
N LEU E 84 -58.46 9.73 -17.02
CA LEU E 84 -58.32 10.68 -18.12
C LEU E 84 -57.15 11.65 -17.85
N HIS E 85 -56.89 11.98 -16.58
CA HIS E 85 -55.77 12.84 -16.21
C HIS E 85 -54.46 12.13 -16.55
N LEU E 86 -54.37 10.82 -16.26
CA LEU E 86 -53.17 10.03 -16.51
C LEU E 86 -52.93 9.78 -18.00
N ALA E 87 -54.00 9.64 -18.77
CA ALA E 87 -53.88 9.39 -20.22
C ALA E 87 -53.49 10.66 -20.98
N ALA E 88 -53.90 11.84 -20.50
CA ALA E 88 -53.58 13.10 -21.16
C ALA E 88 -52.20 13.61 -20.77
N HIS E 89 -51.78 13.38 -19.53
CA HIS E 89 -50.48 13.84 -19.05
C HIS E 89 -49.31 13.05 -19.63
N PHE E 90 -49.53 11.78 -19.98
CA PHE E 90 -48.44 10.94 -20.48
C PHE E 90 -48.51 10.62 -21.99
N GLY E 91 -49.23 11.43 -22.75
CA GLY E 91 -49.29 11.30 -24.19
C GLY E 91 -49.88 10.02 -24.75
N HIS E 92 -51.02 9.57 -24.21
CA HIS E 92 -51.67 8.37 -24.71
C HIS E 92 -52.93 8.75 -25.50
N LEU E 93 -52.73 9.32 -26.69
CA LEU E 93 -53.80 9.81 -27.57
C LEU E 93 -54.93 8.78 -27.82
N GLU E 94 -54.57 7.53 -28.05
CA GLU E 94 -55.56 6.48 -28.31
C GLU E 94 -56.41 6.20 -27.06
N ILE E 95 -55.80 6.27 -25.87
CA ILE E 95 -56.51 6.02 -24.62
C ILE E 95 -57.43 7.20 -24.26
N VAL E 96 -57.03 8.43 -24.59
CA VAL E 96 -57.86 9.61 -24.34
C VAL E 96 -59.17 9.52 -25.17
N GLU E 97 -59.06 9.05 -26.42
CA GLU E 97 -60.22 8.89 -27.29
C GLU E 97 -61.18 7.83 -26.75
N VAL E 98 -60.64 6.69 -26.27
CA VAL E 98 -61.43 5.59 -25.72
C VAL E 98 -62.12 6.01 -24.41
N LEU E 99 -61.40 6.73 -23.54
CA LEU E 99 -61.96 7.19 -22.27
C LEU E 99 -63.08 8.21 -22.51
N LEU E 100 -62.84 9.21 -23.36
CA LEU E 100 -63.84 10.23 -23.68
C LEU E 100 -65.08 9.62 -24.36
N LYS E 101 -64.88 8.54 -25.13
CA LYS E 101 -65.98 7.82 -25.79
C LYS E 101 -66.88 7.14 -24.75
N ASN E 102 -66.28 6.60 -23.68
CA ASN E 102 -67.02 5.92 -22.62
C ASN E 102 -67.58 6.86 -21.53
N GLY E 103 -67.70 8.14 -21.85
CA GLY E 103 -68.30 9.12 -20.95
C GLY E 103 -67.41 9.64 -19.83
N ALA E 104 -66.13 9.90 -20.13
CA ALA E 104 -65.22 10.46 -19.12
C ALA E 104 -65.46 11.97 -18.96
N ASP E 105 -65.20 12.49 -17.78
CA ASP E 105 -65.38 13.91 -17.51
C ASP E 105 -64.18 14.67 -18.02
N VAL E 106 -64.34 15.38 -19.14
CA VAL E 106 -63.25 16.15 -19.74
C VAL E 106 -62.83 17.34 -18.84
N ASN E 107 -63.73 17.82 -17.97
CA ASN E 107 -63.43 18.91 -17.05
C ASN E 107 -63.23 18.39 -15.61
N ALA E 108 -62.72 17.16 -15.45
CA ALA E 108 -62.50 16.58 -14.13
C ALA E 108 -61.39 17.32 -13.43
N LYS E 109 -61.57 17.61 -12.14
CA LYS E 109 -60.55 18.34 -11.38
C LYS E 109 -60.03 17.50 -10.23
N ASP E 110 -58.70 17.50 -10.04
CA ASP E 110 -58.11 16.79 -8.90
C ASP E 110 -58.09 17.74 -7.66
N ASP E 111 -57.49 17.32 -6.53
CA ASP E 111 -57.45 18.15 -5.33
C ASP E 111 -56.74 19.51 -5.51
N ASN E 112 -56.11 19.73 -6.68
CA ASN E 112 -55.43 21.00 -6.98
C ASN E 112 -56.14 21.84 -8.05
N GLY E 113 -57.31 21.39 -8.51
CA GLY E 113 -58.06 22.08 -9.55
C GLY E 113 -57.49 21.87 -10.95
N ILE E 114 -56.59 20.90 -11.12
CA ILE E 114 -55.97 20.63 -12.40
C ILE E 114 -56.82 19.68 -13.25
N THR E 115 -57.19 20.12 -14.45
CA THR E 115 -58.00 19.33 -15.38
C THR E 115 -57.10 18.57 -16.37
N PRO E 116 -57.63 17.52 -17.07
CA PRO E 116 -56.78 16.82 -18.05
C PRO E 116 -56.23 17.75 -19.15
N LEU E 117 -56.92 18.87 -19.43
CA LEU E 117 -56.48 19.86 -20.41
C LEU E 117 -55.20 20.56 -19.94
N HIS E 118 -55.09 20.83 -18.62
CA HIS E 118 -53.90 21.46 -18.04
C HIS E 118 -52.69 20.53 -18.18
N LEU E 119 -52.91 19.23 -17.94
CA LEU E 119 -51.87 18.22 -18.00
C LEU E 119 -51.38 17.97 -19.43
N ALA E 120 -52.30 18.04 -20.40
CA ALA E 120 -51.92 17.87 -21.80
C ALA E 120 -51.22 19.12 -22.36
N ALA E 121 -51.52 20.30 -21.80
CA ALA E 121 -50.91 21.55 -22.24
C ALA E 121 -49.48 21.70 -21.75
N ASN E 122 -49.21 21.26 -20.52
CA ASN E 122 -47.87 21.38 -19.94
C ASN E 122 -46.86 20.45 -20.59
N ARG E 123 -47.33 19.30 -21.10
CA ARG E 123 -46.44 18.34 -21.75
C ARG E 123 -46.39 18.48 -23.29
N GLY E 124 -47.01 19.52 -23.84
CA GLY E 124 -47.01 19.81 -25.27
C GLY E 124 -47.66 18.78 -26.16
N HIS E 125 -48.66 18.06 -25.64
CA HIS E 125 -49.37 17.05 -26.42
C HIS E 125 -50.46 17.72 -27.24
N LEU E 126 -50.09 18.27 -28.40
CA LEU E 126 -51.01 19.00 -29.28
C LEU E 126 -52.14 18.13 -29.82
N GLU E 127 -51.90 16.82 -29.97
CA GLU E 127 -52.92 15.91 -30.47
C GLU E 127 -54.00 15.67 -29.41
N ILE E 128 -53.59 15.51 -28.14
CA ILE E 128 -54.51 15.27 -27.04
C ILE E 128 -55.34 16.51 -26.71
N VAL E 129 -54.73 17.70 -26.77
CA VAL E 129 -55.43 18.96 -26.52
C VAL E 129 -56.59 19.14 -27.52
N GLU E 130 -56.36 18.77 -28.79
CA GLU E 130 -57.39 18.86 -29.83
C GLU E 130 -58.56 17.93 -29.55
N VAL E 131 -58.27 16.69 -29.10
CA VAL E 131 -59.30 15.72 -28.78
C VAL E 131 -60.10 16.16 -27.55
N LEU E 132 -59.40 16.64 -26.51
CA LEU E 132 -60.05 17.12 -25.29
C LEU E 132 -60.97 18.30 -25.58
N LEU E 133 -60.49 19.28 -26.37
CA LEU E 133 -61.30 20.46 -26.70
C LEU E 133 -62.50 20.10 -27.56
N LYS E 134 -62.37 19.08 -28.43
CA LYS E 134 -63.47 18.60 -29.27
C LYS E 134 -64.61 18.02 -28.40
N TYR E 135 -64.26 17.41 -27.25
CA TYR E 135 -65.25 16.83 -26.34
C TYR E 135 -65.86 17.83 -25.33
N GLY E 136 -65.46 19.10 -25.42
CA GLY E 136 -66.00 20.15 -24.56
C GLY E 136 -65.15 20.52 -23.36
N ALA E 137 -63.84 20.65 -23.56
CA ALA E 137 -62.94 21.05 -22.46
C ALA E 137 -63.04 22.54 -22.22
N ASP E 138 -63.02 22.96 -20.95
CA ASP E 138 -63.12 24.37 -20.61
C ASP E 138 -61.77 25.05 -20.78
N VAL E 139 -61.66 26.00 -21.71
CA VAL E 139 -60.42 26.73 -21.95
C VAL E 139 -60.10 27.70 -20.81
N ASN E 140 -61.14 28.27 -20.19
CA ASN E 140 -60.96 29.24 -19.11
C ASN E 140 -60.89 28.57 -17.72
N ALA E 141 -60.75 27.22 -17.66
CA ALA E 141 -60.67 26.50 -16.40
C ALA E 141 -59.40 26.85 -15.66
N GLN E 142 -59.50 27.17 -14.37
CA GLN E 142 -58.35 27.56 -13.58
C GLN E 142 -58.08 26.54 -12.48
N ASP E 143 -56.80 26.34 -12.13
CA ASP E 143 -56.43 25.46 -11.03
C ASP E 143 -56.44 26.25 -9.68
N LYS E 144 -55.76 25.76 -8.62
CA LYS E 144 -55.71 26.49 -7.34
C LYS E 144 -54.90 27.80 -7.43
N PHE E 145 -54.05 27.94 -8.46
CA PHE E 145 -53.25 29.15 -8.67
C PHE E 145 -53.85 30.12 -9.73
N GLY E 146 -55.01 29.78 -10.27
CA GLY E 146 -55.69 30.61 -11.27
C GLY E 146 -55.09 30.55 -12.66
N LYS E 147 -54.37 29.45 -12.95
CA LYS E 147 -53.75 29.29 -14.27
C LYS E 147 -54.62 28.49 -15.23
N THR E 148 -54.87 29.04 -16.43
CA THR E 148 -55.63 28.35 -17.46
C THR E 148 -54.68 27.59 -18.41
N ALA E 149 -55.24 26.77 -19.34
CA ALA E 149 -54.41 26.05 -20.30
C ALA E 149 -53.61 27.00 -21.20
N PHE E 150 -54.15 28.21 -21.46
CA PHE E 150 -53.46 29.21 -22.27
C PHE E 150 -52.31 29.85 -21.48
N ASP E 151 -52.47 30.03 -20.17
CA ASP E 151 -51.43 30.58 -19.31
C ASP E 151 -50.20 29.66 -19.24
N ILE E 152 -50.41 28.34 -19.41
CA ILE E 152 -49.35 27.36 -19.40
C ILE E 152 -48.58 27.40 -20.73
N SER E 153 -49.30 27.55 -21.85
CA SER E 153 -48.68 27.62 -23.18
C SER E 153 -47.76 28.82 -23.34
N ILE E 154 -48.18 29.99 -22.83
CA ILE E 154 -47.36 31.20 -22.93
C ILE E 154 -46.16 31.17 -21.98
N ASN E 155 -46.26 30.44 -20.87
CA ASN E 155 -45.16 30.33 -19.92
C ASN E 155 -44.14 29.30 -20.40
N ASN E 156 -44.60 28.19 -20.97
CA ASN E 156 -43.71 27.16 -21.50
C ASN E 156 -43.02 27.59 -22.81
N GLY E 157 -43.71 28.41 -23.60
CA GLY E 157 -43.19 28.89 -24.87
C GLY E 157 -43.72 28.15 -26.08
N ASN E 158 -44.83 27.41 -25.91
CA ASN E 158 -45.42 26.67 -27.02
C ASN E 158 -46.32 27.57 -27.86
N GLU E 159 -45.79 28.05 -29.00
CA GLU E 159 -46.56 28.92 -29.90
C GLU E 159 -47.66 28.15 -30.64
N ASP E 160 -47.41 26.85 -30.92
CA ASP E 160 -48.37 26.00 -31.62
C ASP E 160 -49.60 25.73 -30.74
N LEU E 161 -49.39 25.58 -29.42
CA LEU E 161 -50.46 25.31 -28.47
C LEU E 161 -51.28 26.57 -28.18
N ALA E 162 -50.60 27.71 -27.99
CA ALA E 162 -51.29 28.99 -27.74
C ALA E 162 -52.19 29.39 -28.93
N GLU E 163 -51.85 28.93 -30.14
CA GLU E 163 -52.61 29.16 -31.36
C GLU E 163 -53.97 28.43 -31.26
N ILE E 164 -53.96 27.16 -30.81
CA ILE E 164 -55.17 26.35 -30.66
C ILE E 164 -56.07 26.90 -29.55
N LEU E 165 -55.47 27.43 -28.48
CA LEU E 165 -56.24 27.98 -27.35
C LEU E 165 -56.73 29.43 -27.57
N GLN E 166 -56.47 30.02 -28.76
CA GLN E 166 -56.88 31.39 -29.11
C GLN E 166 -56.33 32.43 -28.13
#